data_7EOT
#
_entry.id   7EOT
#
_cell.length_a   1.00
_cell.length_b   1.00
_cell.length_c   1.00
_cell.angle_alpha   90.00
_cell.angle_beta   90.00
_cell.angle_gamma   90.00
#
_symmetry.space_group_name_H-M   'P 1'
#
loop_
_entity.id
_entity.type
_entity.pdbx_description
1 polymer 'Glutamate receptor ionotropic, NMDA 2A'
2 polymer 'Glutamate receptor ionotropic, NMDA 1'
3 non-polymer 2-acetamido-2-deoxy-beta-D-glucopyranose
4 non-polymer '[(1S)-1-[[7-bromanyl-2,3-bis(oxidanylidene)-1,4-dihydroquinoxalin-5-yl]methylamino]ethyl]phosphonic acid'
#
loop_
_entity_poly.entity_id
_entity_poly.type
_entity_poly.pdbx_seq_one_letter_code
_entity_poly.pdbx_strand_id
1 'polypeptide(L)'
;MGRVGYWTLLVLPALLVWRGPAPSAAAEKGPPALNIAVMLGHSHDVTERELRTLWGPEQAAGLPLDVNVVALLMNRTDPK
SLITHVCDLMSGARIHGLVFGDDTDQEAVAQMLDFISSHTFVPILGIHGGASMIMADKDPTSTFFQFGASIQQQATVMLK
IMQDYDWHVFSLVTTIFPGYREFISFVKTTVDNSFVGWDMQNVITLDTSFEDAKTQVQLKKIHSSVILLYCSKDEAVLIL
SEARSLGLTGYDFFWIVPSLVSGNTELIPKEFPSGLISVSYDDWDYSLEARVRDGIGILTTAASSMLEKFSYIPEAKASC
YGQMERPEVPMHTLHPFMVNVTWDGKDLSFTEEGYQVHPRLVVIVLNKDREWEKVGKWENHTLSLRHAVWPRYKSFSDCE
PDDNHLSIVTLEEAPFVIVEDIDPLTETCVRNTVPCRKFVKINNSTNEGMNVKKCCKGFCIDILKKLSRTVKFTYDLYLV
TNGKHGKKVNNVWNGMIGEVVYQRAVMAVGSLTINEERSEVVDFSVPFVETGISVMVSRSNGTVSPSAFLEPFSASVWVM
MFVMLLIVSAIAVFVFEYFSPVGYNRNLAKGKAPHGPSFTIGKAIWLLWGLVFNNSVPVQNPKGTTSKIMVSVWAFFAVI
FLASYTANLAAFMIQEEFVDQVTGLSDKKFQRPHDYSPPFRFGTVPNGSTERNIRNNYPYMHQYMTKFNQKGVEDALVSL
KTGKLDAFIYDAAVLNYKAGRDEGCKLVTIGSGYIFATTGYGIALQKGSPWKRQIDLALLQFVGDGEMEELETCWLTGIC
HNEKNEVMSSQLDIDNMAGVFYMLAAAMALSLITFIWEHLFYKSRAEAKRMKG
;
A,C
2 'polypeptide(L)'
;MSTMRLLTLALLFSCSVARAACDPKIVNIGAVLSTRKHEQMFREAVNQANKRHGSWKIQLNATSVTHKPNAIQMALSVCE
DLISSQVYAILVSHPPTPNDHFTPTPVSYTAGFYRIPVLGLTTRMSIYSDKSIHLSFLRTVPPYSHQSSVWFEMMRVYSW
NHIILLVSDDHEGRAAQKRLETLLEERESKAEKVLQFDPGTKNVTALLMEAKELEARVIILSASEDDAATVYRAAAMLNM
TGSGYVWLVGEREISGNALRYAPDGILGLQLINGKNESAHISDAVGVVAQAVHELLEKENITDPPRGCVGNTNIWKTGPL
FKRVLMSSKYADGVTGRVEFNEDGDRKFANYSIMNLQNRKLVQVGIYNGTHVIPNDRKIIWPGGETEKPRGYQMSTRLKI
VTIHQEPFVYVKPTLSDGTCKEEFTVNGDPVKKVICTGPNDTSPGSPRHTVPQCCYGFCIDLLIKLARTMNFTYEVHLVA
DGKFGTQERVNNSNKKEWNGMMGELLSGQADMIVAPLTINNERAQYIEFSKPFKYQGLTILVKKEIPRSTLDSFMQPFQS
TLWLLVGLSVHVVAVMLYLLDRFSPFGRFKVNSEEEEEDALTLSSAMWFSWGVLLNSGIGEGAPRSFSARILGMVWAGFA
MIIVASYTANLAAFLVLDRPEERITGINDPRLRNPSDKFIYATVKQSSVDIYFRRQVCLSTMYRHMEKHNYESAAEAIQA
VRDNKLHAFIWDSAVLEFEASQKCDLVTTGELFFRSGFGIGMRKDSPWKQNVSLSILKSHENGFMEDLDKTWVRYQECDS
RSNAPATLTFENMAGVFMLVAGGIVAGIFLIFIEIAYKRHKDARRKQ
;
B,D
#
# COMPACT_ATOMS: atom_id res chain seq x y z
N LEU A 34 -29.02 35.51 52.16
CA LEU A 34 -30.06 36.45 52.56
C LEU A 34 -30.00 37.72 51.72
N ASN A 35 -28.79 38.11 51.33
CA ASN A 35 -28.58 39.31 50.52
C ASN A 35 -27.67 38.96 49.35
N ILE A 36 -28.00 39.47 48.17
CA ILE A 36 -27.24 39.21 46.95
C ILE A 36 -26.78 40.54 46.37
N ALA A 37 -25.50 40.62 46.02
CA ALA A 37 -24.93 41.81 45.41
C ALA A 37 -24.44 41.48 44.01
N VAL A 38 -24.86 42.29 43.04
CA VAL A 38 -24.48 42.11 41.64
C VAL A 38 -23.79 43.37 41.16
N MET A 39 -22.60 43.21 40.57
CA MET A 39 -21.82 44.33 40.05
C MET A 39 -21.89 44.33 38.53
N LEU A 40 -22.20 45.50 37.96
CA LEU A 40 -22.30 45.64 36.51
C LEU A 40 -21.41 46.79 36.02
N GLY A 41 -21.53 47.12 34.74
CA GLY A 41 -20.72 48.19 34.17
C GLY A 41 -21.54 49.24 33.44
N HIS A 42 -20.91 49.92 32.49
CA HIS A 42 -21.57 50.96 31.70
C HIS A 42 -22.13 50.44 30.38
N SER A 43 -22.12 49.11 30.18
CA SER A 43 -22.61 48.56 28.91
C SER A 43 -24.11 48.82 28.73
N HIS A 44 -24.88 48.71 29.80
CA HIS A 44 -26.33 48.91 29.74
C HIS A 44 -26.70 49.97 30.77
N ASP A 45 -28.01 50.16 30.95
CA ASP A 45 -28.52 51.17 31.87
C ASP A 45 -28.67 50.59 33.27
N VAL A 46 -28.44 51.43 34.27
CA VAL A 46 -28.43 50.96 35.66
C VAL A 46 -29.85 50.63 36.12
N THR A 47 -30.83 51.46 35.78
CA THR A 47 -32.18 51.28 36.31
C THR A 47 -32.81 49.99 35.78
N GLU A 48 -32.67 49.71 34.48
CA GLU A 48 -33.24 48.48 33.92
C GLU A 48 -32.54 47.25 34.49
N ARG A 49 -31.22 47.34 34.71
CA ARG A 49 -30.51 46.23 35.34
C ARG A 49 -31.01 45.98 36.75
N GLU A 50 -31.23 47.06 37.52
CA GLU A 50 -31.76 46.90 38.87
C GLU A 50 -33.15 46.28 38.86
N LEU A 51 -34.00 46.73 37.93
CA LEU A 51 -35.35 46.18 37.85
C LEU A 51 -35.32 44.70 37.48
N ARG A 52 -34.45 44.33 36.53
CA ARG A 52 -34.37 42.93 36.13
C ARG A 52 -33.81 42.07 37.26
N THR A 53 -32.82 42.57 38.00
CA THR A 53 -32.29 41.82 39.14
C THR A 53 -33.34 41.67 40.23
N LEU A 54 -34.16 42.69 40.44
CA LEU A 54 -35.27 42.56 41.39
C LEU A 54 -36.27 41.52 40.92
N TRP A 55 -36.59 41.50 39.62
CA TRP A 55 -37.57 40.57 39.10
C TRP A 55 -37.05 39.14 39.03
N GLY A 56 -35.72 38.96 39.01
CA GLY A 56 -35.11 37.66 38.91
C GLY A 56 -35.66 36.62 39.87
N PRO A 57 -35.42 36.81 41.18
CA PRO A 57 -35.95 35.85 42.16
C PRO A 57 -37.46 35.79 42.22
N GLU A 58 -38.16 36.81 41.71
CA GLU A 58 -39.62 36.83 41.74
C GLU A 58 -40.25 36.09 40.57
N GLN A 59 -39.44 35.53 39.66
CA GLN A 59 -39.99 34.80 38.52
C GLN A 59 -40.67 33.50 38.97
N ALA A 60 -39.90 32.61 39.60
CA ALA A 60 -40.42 31.33 40.05
C ALA A 60 -39.56 30.81 41.19
N ALA A 61 -40.10 29.83 41.91
CA ALA A 61 -39.42 29.19 43.03
C ALA A 61 -39.02 30.22 44.10
N GLY A 62 -40.05 30.85 44.67
CA GLY A 62 -39.79 31.84 45.71
C GLY A 62 -39.10 31.23 46.91
N LEU A 63 -38.02 31.88 47.35
CA LEU A 63 -37.26 31.39 48.49
C LEU A 63 -38.05 31.59 49.78
N PRO A 64 -37.87 30.72 50.77
CA PRO A 64 -38.46 30.98 52.10
C PRO A 64 -37.96 32.27 52.71
N LEU A 65 -36.70 32.64 52.46
CA LEU A 65 -36.13 33.91 52.89
C LEU A 65 -35.79 34.69 51.62
N ASP A 66 -36.53 35.76 51.37
CA ASP A 66 -36.33 36.54 50.15
C ASP A 66 -34.96 37.21 50.16
N VAL A 67 -34.32 37.23 49.00
CA VAL A 67 -33.00 37.82 48.82
C VAL A 67 -33.13 39.08 47.98
N ASN A 68 -32.44 40.13 48.40
CA ASN A 68 -32.45 41.41 47.68
C ASN A 68 -31.23 41.51 46.77
N VAL A 69 -31.28 42.50 45.87
CA VAL A 69 -30.22 42.73 44.90
C VAL A 69 -29.77 44.18 45.02
N VAL A 70 -28.46 44.39 44.99
CA VAL A 70 -27.87 45.73 45.04
C VAL A 70 -26.97 45.86 43.82
N ALA A 71 -27.50 46.46 42.76
CA ALA A 71 -26.77 46.64 41.51
C ALA A 71 -26.21 48.06 41.46
N LEU A 72 -24.89 48.18 41.34
CA LEU A 72 -24.21 49.46 41.28
C LEU A 72 -23.50 49.57 39.94
N LEU A 73 -23.83 50.62 39.18
CA LEU A 73 -23.17 50.88 37.90
C LEU A 73 -21.79 51.46 38.16
N MET A 74 -20.76 50.63 38.01
CA MET A 74 -19.39 51.03 38.30
C MET A 74 -18.45 50.34 37.33
N ASN A 75 -17.61 51.14 36.66
CA ASN A 75 -16.63 50.62 35.72
C ASN A 75 -15.21 50.68 36.27
N ARG A 76 -15.02 51.00 37.55
CA ARG A 76 -13.69 51.16 38.13
C ARG A 76 -13.17 49.79 38.55
N THR A 77 -12.47 49.14 37.62
CA THR A 77 -11.89 47.82 37.87
C THR A 77 -10.58 47.88 38.63
N ASP A 78 -10.24 49.03 39.22
CA ASP A 78 -9.02 49.13 40.00
C ASP A 78 -9.13 48.25 41.24
N PRO A 79 -8.04 47.56 41.63
CA PRO A 79 -8.14 46.63 42.77
C PRO A 79 -8.57 47.30 44.06
N LYS A 80 -8.09 48.53 44.32
CA LYS A 80 -8.45 49.20 45.57
C LYS A 80 -9.93 49.58 45.58
N SER A 81 -10.44 50.10 44.47
CA SER A 81 -11.87 50.39 44.39
C SER A 81 -12.69 49.12 44.55
N LEU A 82 -12.25 48.02 43.92
CA LEU A 82 -12.98 46.76 44.02
C LEU A 82 -13.02 46.26 45.45
N ILE A 83 -11.89 46.30 46.16
CA ILE A 83 -11.86 45.79 47.53
C ILE A 83 -12.67 46.69 48.46
N THR A 84 -12.62 48.01 48.24
CA THR A 84 -13.44 48.91 49.05
C THR A 84 -14.92 48.66 48.83
N HIS A 85 -15.33 48.43 47.57
CA HIS A 85 -16.72 48.12 47.29
C HIS A 85 -17.12 46.79 47.90
N VAL A 86 -16.22 45.80 47.86
CA VAL A 86 -16.51 44.50 48.46
C VAL A 86 -16.70 44.64 49.97
N CYS A 87 -15.85 45.42 50.62
CA CYS A 87 -15.99 45.72 52.04
C CYS A 87 -17.30 46.43 52.35
N ASP A 88 -17.68 47.44 51.56
CA ASP A 88 -18.94 48.13 51.79
C ASP A 88 -20.14 47.19 51.64
N LEU A 89 -20.10 46.32 50.62
CA LEU A 89 -21.18 45.36 50.44
C LEU A 89 -21.23 44.37 51.59
N MET A 90 -20.08 43.90 52.06
CA MET A 90 -20.04 42.97 53.18
C MET A 90 -20.60 43.62 54.44
N SER A 91 -20.28 44.89 54.66
CA SER A 91 -20.86 45.62 55.79
C SER A 91 -22.34 45.91 55.59
N GLY A 92 -22.87 45.68 54.39
CA GLY A 92 -24.26 45.98 54.10
C GLY A 92 -25.22 44.89 54.56
N ALA A 93 -25.43 44.79 55.87
CA ALA A 93 -26.34 43.83 56.48
C ALA A 93 -25.97 42.39 56.13
N ARG A 94 -24.65 42.14 56.05
CA ARG A 94 -24.11 40.80 55.86
C ARG A 94 -24.62 40.16 54.57
N ILE A 95 -24.12 40.69 53.46
CA ILE A 95 -24.42 40.11 52.15
C ILE A 95 -23.78 38.73 52.06
N HIS A 96 -24.60 37.72 51.77
CA HIS A 96 -24.13 36.34 51.71
C HIS A 96 -23.84 35.87 50.29
N GLY A 97 -23.97 36.75 49.29
CA GLY A 97 -23.67 36.37 47.92
C GLY A 97 -23.32 37.55 47.05
N LEU A 98 -22.20 37.46 46.33
CA LEU A 98 -21.69 38.56 45.51
C LEU A 98 -21.56 38.07 44.08
N VAL A 99 -22.20 38.75 43.15
CA VAL A 99 -22.08 38.46 41.73
C VAL A 99 -21.16 39.50 41.11
N PHE A 100 -20.08 39.05 40.48
CA PHE A 100 -19.05 39.93 39.95
C PHE A 100 -19.16 39.97 38.43
N GLY A 101 -19.36 41.17 37.88
CA GLY A 101 -19.39 41.39 36.46
C GLY A 101 -18.34 42.39 36.02
N ASP A 102 -18.05 42.36 34.73
CA ASP A 102 -17.03 43.24 34.16
C ASP A 102 -17.30 43.40 32.67
N ASP A 103 -16.68 44.42 32.08
CA ASP A 103 -16.79 44.69 30.66
C ASP A 103 -15.45 44.79 29.94
N THR A 104 -14.33 44.78 30.67
CA THR A 104 -13.01 44.86 30.06
C THR A 104 -12.47 43.46 29.79
N ASP A 105 -11.23 43.39 29.34
CA ASP A 105 -10.57 42.12 29.03
C ASP A 105 -9.43 41.80 29.99
N GLN A 106 -9.26 42.58 31.06
CA GLN A 106 -8.18 42.32 32.01
C GLN A 106 -8.56 41.15 32.91
N GLU A 107 -7.65 40.19 33.03
CA GLU A 107 -7.90 39.01 33.87
C GLU A 107 -7.54 39.23 35.33
N ALA A 108 -6.95 40.39 35.67
CA ALA A 108 -6.56 40.65 37.05
C ALA A 108 -7.74 40.85 37.97
N VAL A 109 -8.94 41.12 37.43
CA VAL A 109 -10.12 41.24 38.28
C VAL A 109 -10.41 39.92 38.97
N ALA A 110 -10.32 38.81 38.23
CA ALA A 110 -10.46 37.49 38.85
C ALA A 110 -9.31 37.21 39.81
N GLN A 111 -8.12 37.73 39.52
CA GLN A 111 -6.99 37.54 40.43
C GLN A 111 -7.24 38.20 41.78
N MET A 112 -7.79 39.41 41.78
CA MET A 112 -8.16 40.05 43.04
C MET A 112 -9.36 39.36 43.68
N LEU A 113 -10.28 38.86 42.85
CA LEU A 113 -11.44 38.13 43.36
C LEU A 113 -11.01 36.87 44.11
N ASP A 114 -9.91 36.25 43.69
CA ASP A 114 -9.38 35.10 44.41
C ASP A 114 -9.08 35.45 45.86
N PHE A 115 -8.32 36.52 46.08
CA PHE A 115 -7.98 36.95 47.43
C PHE A 115 -9.22 37.41 48.18
N ILE A 116 -10.14 38.08 47.48
CA ILE A 116 -11.38 38.53 48.12
C ILE A 116 -12.18 37.35 48.66
N SER A 117 -12.32 36.30 47.84
CA SER A 117 -13.08 35.13 48.28
C SER A 117 -12.33 34.36 49.38
N SER A 118 -10.99 34.35 49.31
CA SER A 118 -10.22 33.68 50.34
C SER A 118 -10.33 34.37 51.69
N HIS A 119 -10.38 35.71 51.70
CA HIS A 119 -10.45 36.46 52.96
C HIS A 119 -11.85 36.81 53.39
N THR A 120 -12.87 36.55 52.56
CA THR A 120 -14.25 36.83 52.95
C THR A 120 -15.10 35.58 53.10
N PHE A 121 -14.73 34.48 52.45
CA PHE A 121 -15.45 33.21 52.53
C PHE A 121 -16.92 33.37 52.12
N VAL A 122 -17.14 34.00 50.96
CA VAL A 122 -18.48 34.20 50.44
C VAL A 122 -18.55 33.62 49.03
N PRO A 123 -19.60 32.86 48.68
CA PRO A 123 -19.70 32.32 47.32
C PRO A 123 -19.85 33.44 46.30
N ILE A 124 -19.03 33.37 45.24
CA ILE A 124 -19.00 34.39 44.20
C ILE A 124 -19.11 33.69 42.85
N LEU A 125 -19.97 34.22 41.98
CA LEU A 125 -20.20 33.67 40.66
C LEU A 125 -19.60 34.59 39.60
N GLY A 126 -19.00 33.99 38.58
CA GLY A 126 -18.35 34.72 37.51
C GLY A 126 -19.27 34.88 36.32
N ILE A 127 -19.28 36.09 35.75
CA ILE A 127 -20.12 36.41 34.60
C ILE A 127 -19.21 36.86 33.46
N HIS A 128 -19.81 37.18 32.31
CA HIS A 128 -19.03 37.61 31.16
C HIS A 128 -18.26 38.90 31.48
N GLY A 129 -17.03 38.97 30.99
CA GLY A 129 -16.19 40.13 31.23
C GLY A 129 -14.72 39.79 31.39
N GLY A 130 -14.01 40.55 32.22
CA GLY A 130 -12.60 40.28 32.44
C GLY A 130 -12.35 38.95 33.12
N ALA A 131 -13.27 38.53 33.98
CA ALA A 131 -13.13 37.27 34.72
C ALA A 131 -13.64 36.07 33.94
N SER A 132 -14.03 36.24 32.67
CA SER A 132 -14.54 35.12 31.89
C SER A 132 -13.47 34.06 31.68
N MET A 133 -12.25 34.47 31.36
CA MET A 133 -11.16 33.51 31.15
C MET A 133 -10.64 33.03 32.50
N ILE A 134 -10.52 31.71 32.64
CA ILE A 134 -10.02 31.07 33.85
C ILE A 134 -8.74 30.34 33.52
N MET A 135 -7.66 30.68 34.24
CA MET A 135 -6.38 30.02 34.04
C MET A 135 -5.66 29.64 35.32
N ALA A 136 -6.14 30.07 36.48
CA ALA A 136 -5.47 29.74 37.74
C ALA A 136 -6.21 28.63 38.45
N ASP A 137 -5.46 27.72 39.08
CA ASP A 137 -6.06 26.63 39.82
C ASP A 137 -6.83 27.18 41.02
N LYS A 138 -7.98 26.59 41.32
CA LYS A 138 -8.82 27.07 42.40
C LYS A 138 -8.15 26.79 43.74
N ASP A 139 -8.10 27.82 44.59
CA ASP A 139 -7.54 27.65 45.92
C ASP A 139 -8.48 26.80 46.78
N PRO A 140 -7.95 25.96 47.67
CA PRO A 140 -8.83 25.15 48.53
C PRO A 140 -9.77 25.98 49.38
N THR A 141 -9.37 27.18 49.79
CA THR A 141 -10.21 28.05 50.60
C THR A 141 -11.14 28.92 49.76
N SER A 142 -11.08 28.83 48.44
CA SER A 142 -11.93 29.61 47.57
C SER A 142 -13.24 28.87 47.30
N THR A 143 -14.29 29.64 47.03
CA THR A 143 -15.62 29.09 46.79
C THR A 143 -16.10 29.47 45.40
N PHE A 144 -15.24 29.31 44.40
CA PHE A 144 -15.52 29.77 43.04
C PHE A 144 -16.21 28.67 42.25
N PHE A 145 -17.28 29.06 41.52
CA PHE A 145 -17.97 28.18 40.58
C PHE A 145 -18.35 29.07 39.38
N GLN A 146 -17.46 29.12 38.40
CA GLN A 146 -17.60 30.02 37.26
C GLN A 146 -18.23 29.29 36.08
N PHE A 147 -18.69 30.07 35.11
CA PHE A 147 -19.29 29.52 33.89
C PHE A 147 -18.26 29.16 32.84
N GLY A 148 -17.02 29.60 32.99
CA GLY A 148 -16.00 29.28 31.99
C GLY A 148 -15.61 27.82 32.03
N ALA A 149 -15.13 27.33 30.88
CA ALA A 149 -14.66 25.96 30.75
C ALA A 149 -13.14 25.92 30.73
N SER A 150 -12.57 24.94 31.43
CA SER A 150 -11.13 24.82 31.48
C SER A 150 -10.59 24.20 30.19
N ILE A 151 -9.26 24.14 30.09
CA ILE A 151 -8.61 23.57 28.92
C ILE A 151 -8.93 22.08 28.80
N GLN A 152 -8.92 21.35 29.91
CA GLN A 152 -9.27 19.93 29.87
C GLN A 152 -10.71 19.73 29.42
N GLN A 153 -11.60 20.67 29.79
CA GLN A 153 -13.00 20.59 29.42
C GLN A 153 -13.25 20.92 27.95
N GLN A 154 -12.31 21.59 27.29
CA GLN A 154 -12.41 21.85 25.86
C GLN A 154 -11.68 20.83 25.02
N ALA A 155 -10.77 20.06 25.62
CA ALA A 155 -10.07 19.00 24.89
C ALA A 155 -11.04 17.94 24.41
N THR A 156 -12.01 17.55 25.24
CA THR A 156 -13.00 16.58 24.80
C THR A 156 -13.85 17.11 23.65
N VAL A 157 -14.20 18.40 23.70
CA VAL A 157 -14.96 19.01 22.62
C VAL A 157 -14.14 19.01 21.33
N MET A 158 -12.86 19.34 21.42
CA MET A 158 -11.99 19.32 20.25
C MET A 158 -11.87 17.90 19.68
N LEU A 159 -11.75 16.90 20.57
CA LEU A 159 -11.68 15.52 20.12
C LEU A 159 -12.98 15.09 19.44
N LYS A 160 -14.13 15.50 19.97
CA LYS A 160 -15.40 15.20 19.31
C LYS A 160 -15.49 15.87 17.95
N ILE A 161 -14.99 17.10 17.83
CA ILE A 161 -14.97 17.78 16.54
C ILE A 161 -14.09 17.00 15.56
N MET A 162 -12.94 16.52 16.02
CA MET A 162 -12.06 15.72 15.16
C MET A 162 -12.74 14.42 14.75
N GLN A 163 -13.48 13.80 15.67
CA GLN A 163 -14.24 12.59 15.32
C GLN A 163 -15.27 12.89 14.25
N ASP A 164 -15.99 14.00 14.39
CA ASP A 164 -17.00 14.37 13.40
C ASP A 164 -16.38 14.67 12.04
N TYR A 165 -15.22 15.34 12.02
CA TYR A 165 -14.56 15.68 10.77
C TYR A 165 -13.73 14.54 10.19
N ASP A 166 -13.58 13.43 10.93
CA ASP A 166 -12.83 12.27 10.47
C ASP A 166 -11.39 12.62 10.10
N TRP A 167 -10.78 13.48 10.90
CA TRP A 167 -9.38 13.86 10.72
C TRP A 167 -8.57 13.13 11.80
N HIS A 168 -7.72 12.19 11.37
CA HIS A 168 -7.00 11.31 12.28
C HIS A 168 -5.53 11.67 12.43
N VAL A 169 -5.14 12.89 12.05
CA VAL A 169 -3.76 13.33 12.15
C VAL A 169 -3.71 14.57 13.04
N PHE A 170 -2.81 14.57 14.02
CA PHE A 170 -2.66 15.66 14.96
C PHE A 170 -1.30 16.33 14.78
N SER A 171 -1.27 17.65 15.01
CA SER A 171 -0.02 18.42 14.95
C SER A 171 -0.16 19.56 15.96
N LEU A 172 0.35 19.33 17.17
CA LEU A 172 0.22 20.29 18.26
C LEU A 172 1.44 21.22 18.24
N VAL A 173 1.19 22.47 17.86
CA VAL A 173 2.21 23.51 17.88
C VAL A 173 1.91 24.40 19.08
N THR A 174 2.76 24.35 20.09
CA THR A 174 2.57 25.07 21.35
C THR A 174 3.76 25.98 21.61
N THR A 175 3.75 26.59 22.80
CA THR A 175 4.82 27.45 23.27
C THR A 175 4.98 27.26 24.77
N ILE A 176 6.17 27.58 25.28
CA ILE A 176 6.42 27.44 26.71
C ILE A 176 5.58 28.47 27.45
N PHE A 177 4.53 28.02 28.11
CA PHE A 177 3.65 28.84 28.91
C PHE A 177 3.31 28.11 30.20
N PRO A 178 2.97 28.84 31.27
CA PRO A 178 2.59 28.19 32.52
C PRO A 178 1.36 27.33 32.39
N GLY A 179 1.41 26.11 32.93
CA GLY A 179 0.26 25.22 32.95
C GLY A 179 0.02 24.45 31.67
N TYR A 180 0.84 24.63 30.64
CA TYR A 180 0.61 23.93 29.38
C TYR A 180 1.22 22.54 29.36
N ARG A 181 2.22 22.27 30.20
CA ARG A 181 2.82 20.94 30.24
C ARG A 181 1.80 19.89 30.69
N GLU A 182 1.03 20.20 31.73
CA GLU A 182 -0.02 19.29 32.16
C GLU A 182 -1.14 19.18 31.13
N PHE A 183 -1.45 20.25 30.40
CA PHE A 183 -2.43 20.15 29.32
C PHE A 183 -1.95 19.20 28.23
N ILE A 184 -0.66 19.29 27.87
CA ILE A 184 -0.11 18.38 26.86
C ILE A 184 -0.13 16.95 27.36
N SER A 185 0.22 16.74 28.64
CA SER A 185 0.17 15.40 29.20
C SER A 185 -1.26 14.85 29.19
N PHE A 186 -2.24 15.69 29.53
CA PHE A 186 -3.63 15.26 29.53
C PHE A 186 -4.10 14.90 28.13
N VAL A 187 -3.76 15.72 27.13
CA VAL A 187 -4.21 15.41 25.78
C VAL A 187 -3.51 14.17 25.25
N LYS A 188 -2.24 13.95 25.61
CA LYS A 188 -1.56 12.72 25.22
C LYS A 188 -2.20 11.50 25.86
N THR A 189 -2.57 11.59 27.15
CA THR A 189 -3.26 10.48 27.78
C THR A 189 -4.63 10.23 27.14
N THR A 190 -5.34 11.31 26.79
CA THR A 190 -6.64 11.15 26.16
C THR A 190 -6.53 10.48 24.80
N VAL A 191 -5.56 10.91 23.97
CA VAL A 191 -5.41 10.31 22.65
C VAL A 191 -4.90 8.88 22.76
N ASP A 192 -4.06 8.59 23.75
CA ASP A 192 -3.65 7.21 23.98
C ASP A 192 -4.82 6.34 24.42
N ASN A 193 -5.70 6.87 25.26
CA ASN A 193 -6.87 6.14 25.71
C ASN A 193 -8.03 6.18 24.71
N SER A 194 -7.90 6.96 23.64
CA SER A 194 -8.93 7.01 22.62
C SER A 194 -8.92 5.71 21.82
N PHE A 195 -10.10 5.15 21.58
CA PHE A 195 -10.24 3.90 20.86
C PHE A 195 -10.10 4.06 19.34
N VAL A 196 -10.12 5.29 18.84
CA VAL A 196 -9.99 5.51 17.41
C VAL A 196 -8.58 5.20 16.94
N GLY A 197 -7.57 5.60 17.71
CA GLY A 197 -6.19 5.37 17.32
C GLY A 197 -5.63 6.50 16.48
N TRP A 198 -5.73 7.72 16.99
CA TRP A 198 -5.25 8.89 16.24
C TRP A 198 -3.73 8.90 16.16
N ASP A 199 -3.22 9.38 15.02
CA ASP A 199 -1.79 9.61 14.90
C ASP A 199 -1.38 10.81 15.75
N MET A 200 -0.31 10.64 16.53
CA MET A 200 0.14 11.66 17.47
C MET A 200 1.62 11.92 17.23
N GLN A 201 1.92 12.93 16.43
CA GLN A 201 3.30 13.34 16.20
C GLN A 201 3.82 14.10 17.42
N ASN A 202 5.14 14.25 17.49
CA ASN A 202 5.74 14.99 18.60
C ASN A 202 5.30 16.45 18.56
N VAL A 203 5.08 17.02 19.75
CA VAL A 203 4.64 18.40 19.87
C VAL A 203 5.83 19.32 19.59
N ILE A 204 5.63 20.29 18.71
CA ILE A 204 6.67 21.25 18.36
C ILE A 204 6.38 22.52 19.17
N THR A 205 7.21 22.78 20.16
CA THR A 205 7.06 23.95 21.00
C THR A 205 8.07 25.03 20.61
N LEU A 206 7.65 26.29 20.73
CA LEU A 206 8.51 27.42 20.40
C LEU A 206 9.36 27.76 21.64
N ASP A 207 10.65 27.47 21.55
CA ASP A 207 11.53 27.67 22.70
C ASP A 207 11.63 29.13 23.09
N THR A 208 12.16 29.97 22.19
CA THR A 208 12.35 31.38 22.45
C THR A 208 11.76 32.20 21.31
N SER A 209 11.08 33.29 21.65
CA SER A 209 10.50 34.16 20.65
C SER A 209 11.57 35.03 20.01
N PHE A 210 11.31 35.45 18.76
CA PHE A 210 12.20 36.34 18.01
C PHE A 210 13.58 35.73 17.82
N GLU A 211 13.65 34.41 17.70
CA GLU A 211 14.92 33.75 17.39
C GLU A 211 15.35 34.04 15.96
N ASP A 212 14.41 33.91 15.01
CA ASP A 212 14.62 34.20 13.59
C ASP A 212 15.59 33.22 12.95
N ALA A 213 16.20 32.35 13.76
CA ALA A 213 17.11 31.32 13.26
C ALA A 213 16.61 29.93 13.56
N LYS A 214 16.19 29.65 14.79
CA LYS A 214 15.68 28.33 15.15
C LYS A 214 14.20 28.17 14.82
N THR A 215 13.50 29.26 14.50
CA THR A 215 12.07 29.16 14.21
C THR A 215 11.82 28.30 12.97
N GLN A 216 12.62 28.50 11.92
CA GLN A 216 12.47 27.67 10.72
C GLN A 216 12.78 26.21 11.00
N VAL A 217 13.80 25.94 11.82
CA VAL A 217 14.13 24.56 12.17
C VAL A 217 12.98 23.91 12.93
N GLN A 218 12.37 24.66 13.85
CA GLN A 218 11.22 24.13 14.58
C GLN A 218 10.04 23.87 13.65
N LEU A 219 9.78 24.81 12.73
CA LEU A 219 8.61 24.69 11.85
C LEU A 219 8.81 23.64 10.76
N LYS A 220 10.05 23.25 10.46
CA LYS A 220 10.28 22.26 9.42
C LYS A 220 9.71 20.89 9.80
N LYS A 221 9.48 20.64 11.08
CA LYS A 221 9.00 19.33 11.53
C LYS A 221 7.49 19.19 11.41
N ILE A 222 6.77 20.26 11.09
CA ILE A 222 5.31 20.22 10.97
C ILE A 222 4.98 19.75 9.56
N HIS A 223 4.50 18.52 9.44
CA HIS A 223 4.02 17.95 8.18
C HIS A 223 2.72 17.22 8.47
N SER A 224 1.61 17.95 8.41
CA SER A 224 0.29 17.40 8.73
C SER A 224 -0.76 18.28 8.07
N SER A 225 -2.03 18.03 8.40
CA SER A 225 -3.14 18.81 7.86
C SER A 225 -3.94 19.55 8.91
N VAL A 226 -3.98 19.05 10.15
CA VAL A 226 -4.69 19.72 11.24
C VAL A 226 -3.66 20.14 12.28
N ILE A 227 -3.69 21.42 12.64
CA ILE A 227 -2.71 22.00 13.56
C ILE A 227 -3.46 22.63 14.73
N LEU A 228 -3.03 22.32 15.94
CA LEU A 228 -3.60 22.86 17.17
C LEU A 228 -2.67 23.94 17.72
N LEU A 229 -3.25 25.07 18.12
CA LEU A 229 -2.49 26.23 18.59
C LEU A 229 -2.82 26.49 20.07
N TYR A 230 -2.04 25.88 20.95
CA TYR A 230 -2.12 26.17 22.39
C TYR A 230 -1.12 27.28 22.72
N CYS A 231 -1.50 28.50 22.38
CA CYS A 231 -0.65 29.67 22.56
C CYS A 231 -1.52 30.85 22.97
N SER A 232 -0.95 32.04 22.96
CA SER A 232 -1.66 33.28 23.22
C SER A 232 -1.95 33.99 21.90
N LYS A 233 -2.74 35.05 21.98
CA LYS A 233 -3.14 35.79 20.78
C LYS A 233 -1.95 36.46 20.12
N ASP A 234 -1.13 37.16 20.90
CA ASP A 234 -0.04 37.96 20.34
C ASP A 234 0.99 37.07 19.65
N GLU A 235 1.38 35.96 20.29
CA GLU A 235 2.35 35.07 19.67
C GLU A 235 1.70 34.20 18.59
N ALA A 236 0.40 33.93 18.70
CA ALA A 236 -0.28 33.17 17.66
C ALA A 236 -0.38 33.96 16.36
N VAL A 237 -0.51 35.28 16.45
CA VAL A 237 -0.49 36.10 15.25
C VAL A 237 0.84 35.93 14.52
N LEU A 238 1.95 35.99 15.26
CA LEU A 238 3.26 35.81 14.63
C LEU A 238 3.45 34.39 14.10
N ILE A 239 2.93 33.39 14.83
CA ILE A 239 3.05 32.01 14.38
C ILE A 239 2.31 31.82 13.06
N LEU A 240 1.09 32.37 12.96
CA LEU A 240 0.34 32.25 11.72
C LEU A 240 0.96 33.08 10.60
N SER A 241 1.58 34.22 10.90
CA SER A 241 2.31 34.97 9.88
C SER A 241 3.47 34.15 9.34
N GLU A 242 4.21 33.49 10.23
CA GLU A 242 5.30 32.62 9.81
C GLU A 242 4.79 31.44 8.99
N ALA A 243 3.65 30.87 9.38
CA ALA A 243 3.06 29.79 8.60
C ALA A 243 2.66 30.26 7.21
N ARG A 244 2.09 31.46 7.12
CA ARG A 244 1.75 32.03 5.81
C ARG A 244 3.00 32.23 4.97
N SER A 245 4.08 32.74 5.58
CA SER A 245 5.34 32.87 4.87
C SER A 245 5.86 31.51 4.41
N LEU A 246 5.61 30.46 5.19
CA LEU A 246 5.96 29.09 4.83
C LEU A 246 4.86 28.38 4.05
N GLY A 247 3.73 29.06 3.82
CA GLY A 247 2.64 28.47 3.06
C GLY A 247 1.97 27.29 3.73
N LEU A 248 1.67 27.39 5.02
CA LEU A 248 1.01 26.33 5.77
C LEU A 248 -0.49 26.55 5.88
N THR A 249 -1.05 27.46 5.08
CA THR A 249 -2.49 27.77 5.11
C THR A 249 -3.17 27.32 3.83
N GLY A 250 -2.80 26.14 3.32
CA GLY A 250 -3.34 25.63 2.07
C GLY A 250 -4.73 25.04 2.23
N TYR A 251 -5.22 24.47 1.13
CA TYR A 251 -6.56 23.88 1.12
C TYR A 251 -6.65 22.70 2.10
N ASP A 252 -5.64 21.83 2.09
CA ASP A 252 -5.67 20.66 2.96
C ASP A 252 -5.33 20.99 4.41
N PHE A 253 -4.77 22.16 4.67
CA PHE A 253 -4.40 22.53 6.03
C PHE A 253 -5.63 23.01 6.79
N PHE A 254 -5.74 22.60 8.06
CA PHE A 254 -6.81 23.02 8.94
C PHE A 254 -6.24 23.46 10.28
N TRP A 255 -6.96 24.35 10.96
CA TRP A 255 -6.52 24.89 12.23
C TRP A 255 -7.66 24.85 13.24
N ILE A 256 -7.31 24.64 14.51
CA ILE A 256 -8.26 24.67 15.61
C ILE A 256 -7.79 25.71 16.61
N VAL A 257 -8.70 26.59 17.03
CA VAL A 257 -8.36 27.70 17.91
C VAL A 257 -9.09 27.53 19.24
N PRO A 258 -8.39 27.62 20.38
CA PRO A 258 -9.09 27.53 21.67
C PRO A 258 -9.85 28.79 22.02
N SER A 259 -10.49 28.81 23.19
CA SER A 259 -11.31 29.96 23.57
C SER A 259 -10.45 31.18 23.87
N LEU A 260 -9.30 30.98 24.51
CA LEU A 260 -8.46 32.10 24.93
C LEU A 260 -7.91 32.89 23.74
N VAL A 261 -7.50 32.21 22.67
CA VAL A 261 -6.96 32.92 21.50
C VAL A 261 -8.07 33.71 20.80
N SER A 262 -9.24 33.09 20.65
CA SER A 262 -10.38 33.71 19.99
C SER A 262 -11.33 34.40 20.96
N GLY A 263 -10.83 34.86 22.11
CA GLY A 263 -11.69 35.54 23.06
C GLY A 263 -12.22 36.85 22.52
N ASN A 264 -11.38 37.62 21.84
CA ASN A 264 -11.78 38.90 21.27
C ASN A 264 -12.32 38.65 19.86
N THR A 265 -13.63 38.47 19.77
CA THR A 265 -14.27 38.21 18.48
C THR A 265 -14.23 39.42 17.56
N GLU A 266 -14.20 40.63 18.10
CA GLU A 266 -14.19 41.85 17.30
C GLU A 266 -12.77 42.33 17.00
N LEU A 267 -11.75 41.59 17.43
CA LEU A 267 -10.35 41.90 17.12
C LEU A 267 -9.82 40.77 16.24
N ILE A 268 -10.01 40.92 14.93
CA ILE A 268 -9.57 39.93 13.95
C ILE A 268 -8.40 40.53 13.17
N PRO A 269 -7.17 40.08 13.40
CA PRO A 269 -6.04 40.61 12.65
C PRO A 269 -6.09 40.18 11.20
N LYS A 270 -5.46 41.00 10.35
CA LYS A 270 -5.42 40.72 8.92
C LYS A 270 -4.59 39.48 8.58
N GLU A 271 -3.76 39.02 9.51
CA GLU A 271 -2.89 37.87 9.29
C GLU A 271 -3.53 36.56 9.73
N PHE A 272 -4.80 36.58 10.15
CA PHE A 272 -5.48 35.36 10.58
C PHE A 272 -6.22 34.75 9.40
N PRO A 273 -5.83 33.57 8.92
CA PRO A 273 -6.63 32.90 7.90
C PRO A 273 -7.96 32.42 8.45
N SER A 274 -8.94 32.31 7.57
CA SER A 274 -10.27 31.87 7.97
C SER A 274 -10.27 30.35 8.18
N GLY A 275 -11.46 29.81 8.44
CA GLY A 275 -11.59 28.39 8.70
C GLY A 275 -11.14 27.96 10.07
N LEU A 276 -11.06 28.87 11.03
CA LEU A 276 -10.61 28.57 12.39
C LEU A 276 -11.79 28.07 13.19
N ILE A 277 -11.92 26.74 13.29
CA ILE A 277 -12.96 26.14 14.11
C ILE A 277 -12.57 26.36 15.57
N SER A 278 -13.42 27.08 16.31
CA SER A 278 -13.13 27.44 17.69
C SER A 278 -14.34 27.15 18.56
N VAL A 279 -14.08 26.97 19.85
CA VAL A 279 -15.12 26.73 20.85
C VAL A 279 -15.04 27.85 21.89
N SER A 280 -16.20 28.43 22.20
CA SER A 280 -16.26 29.55 23.13
C SER A 280 -17.67 29.61 23.72
N TYR A 281 -17.88 30.57 24.61
CA TYR A 281 -19.17 30.78 25.27
C TYR A 281 -19.53 32.27 25.23
N ASP A 282 -19.42 32.86 24.05
CA ASP A 282 -19.67 34.28 23.88
C ASP A 282 -21.16 34.59 24.11
N ASP A 283 -21.48 35.89 24.10
CA ASP A 283 -22.83 36.36 24.38
C ASP A 283 -23.72 36.38 23.14
N TRP A 284 -23.41 35.58 22.13
CA TRP A 284 -24.26 35.53 20.93
C TRP A 284 -25.53 34.74 21.18
N ASP A 285 -25.48 33.76 22.10
CA ASP A 285 -26.66 32.96 22.43
C ASP A 285 -27.13 33.18 23.86
N TYR A 286 -26.44 34.03 24.62
CA TYR A 286 -26.82 34.31 26.00
C TYR A 286 -26.55 35.79 26.28
N SER A 287 -27.12 36.27 27.38
CA SER A 287 -26.97 37.66 27.78
C SER A 287 -26.51 37.71 29.23
N LEU A 288 -26.12 38.91 29.66
CA LEU A 288 -25.75 39.11 31.06
C LEU A 288 -26.92 38.81 31.98
N GLU A 289 -28.13 39.23 31.60
CA GLU A 289 -29.31 38.91 32.38
C GLU A 289 -29.54 37.40 32.43
N ALA A 290 -29.38 36.73 31.30
CA ALA A 290 -29.54 35.27 31.28
C ALA A 290 -28.54 34.57 32.17
N ARG A 291 -27.28 35.04 32.19
CA ARG A 291 -26.27 34.44 33.05
C ARG A 291 -26.50 34.73 34.53
N VAL A 292 -26.92 35.95 34.88
CA VAL A 292 -27.20 36.23 36.29
C VAL A 292 -28.44 35.49 36.75
N ARG A 293 -29.37 35.18 35.84
CA ARG A 293 -30.49 34.31 36.20
C ARG A 293 -30.01 32.94 36.62
N ASP A 294 -29.09 32.36 35.84
CA ASP A 294 -28.52 31.06 36.21
C ASP A 294 -27.73 31.16 37.52
N GLY A 295 -27.00 32.26 37.71
CA GLY A 295 -26.26 32.43 38.95
C GLY A 295 -27.16 32.52 40.17
N ILE A 296 -28.25 33.29 40.08
CA ILE A 296 -29.16 33.39 41.21
C ILE A 296 -29.91 32.08 41.41
N GLY A 297 -30.17 31.33 40.34
CA GLY A 297 -30.76 30.00 40.51
C GLY A 297 -29.83 29.05 41.25
N ILE A 298 -28.55 29.08 40.90
CA ILE A 298 -27.57 28.26 41.61
C ILE A 298 -27.48 28.68 43.08
N LEU A 299 -27.53 29.99 43.34
CA LEU A 299 -27.52 30.48 44.71
C LEU A 299 -28.75 29.99 45.48
N THR A 300 -29.92 30.02 44.84
CA THR A 300 -31.13 29.52 45.50
C THR A 300 -31.03 28.03 45.79
N THR A 301 -30.48 27.25 44.85
CA THR A 301 -30.30 25.83 45.09
C THR A 301 -29.34 25.58 46.24
N ALA A 302 -28.24 26.35 46.31
CA ALA A 302 -27.30 26.21 47.41
C ALA A 302 -27.94 26.56 48.74
N ALA A 303 -28.74 27.63 48.76
CA ALA A 303 -29.44 28.01 49.99
C ALA A 303 -30.42 26.93 50.42
N SER A 304 -31.14 26.34 49.46
CA SER A 304 -32.07 25.27 49.79
C SER A 304 -31.33 24.06 50.34
N SER A 305 -30.18 23.71 49.76
CA SER A 305 -29.39 22.61 50.28
C SER A 305 -28.90 22.90 51.69
N MET A 306 -28.44 24.12 51.94
CA MET A 306 -27.98 24.49 53.28
C MET A 306 -29.11 24.41 54.29
N LEU A 307 -30.31 24.88 53.92
CA LEU A 307 -31.45 24.78 54.81
C LEU A 307 -31.87 23.33 55.05
N GLU A 308 -31.75 22.48 54.03
CA GLU A 308 -32.04 21.06 54.20
C GLU A 308 -31.06 20.41 55.16
N LYS A 309 -29.77 20.76 55.05
CA LYS A 309 -28.75 20.16 55.92
C LYS A 309 -28.64 20.87 57.26
N PHE A 310 -28.33 22.16 57.25
CA PHE A 310 -28.16 22.95 58.45
C PHE A 310 -29.41 23.80 58.70
N SER A 311 -29.41 24.51 59.84
CA SER A 311 -30.55 25.35 60.19
C SER A 311 -30.10 26.71 60.72
N TYR A 312 -28.83 27.08 60.54
CA TYR A 312 -28.31 28.36 61.01
C TYR A 312 -27.89 29.19 59.81
N ILE A 313 -28.34 30.44 59.78
CA ILE A 313 -28.02 31.37 58.70
C ILE A 313 -26.54 31.72 58.77
N PRO A 314 -25.77 31.54 57.70
CA PRO A 314 -24.34 31.85 57.75
C PRO A 314 -24.10 33.34 57.96
N GLU A 315 -23.02 33.63 58.68
CA GLU A 315 -22.62 34.99 58.97
C GLU A 315 -21.16 35.19 58.58
N ALA A 316 -20.83 36.42 58.21
CA ALA A 316 -19.49 36.78 57.79
C ALA A 316 -18.64 37.16 59.01
N LYS A 317 -17.42 37.58 58.76
CA LYS A 317 -16.52 38.00 59.83
C LYS A 317 -17.01 39.32 60.43
N ALA A 318 -16.55 39.61 61.65
CA ALA A 318 -16.93 40.85 62.31
C ALA A 318 -16.46 42.06 61.50
N SER A 319 -15.23 42.01 61.00
CA SER A 319 -14.74 43.05 60.11
C SER A 319 -14.97 42.63 58.66
N CYS A 320 -14.88 43.61 57.75
CA CYS A 320 -15.06 43.34 56.33
C CYS A 320 -13.80 42.83 55.65
N TYR A 321 -12.64 43.37 56.00
CA TYR A 321 -11.39 42.96 55.37
C TYR A 321 -10.25 42.83 56.38
N GLY A 322 -10.53 42.98 57.67
CA GLY A 322 -9.52 42.93 58.70
C GLY A 322 -9.25 41.51 59.17
N GLN A 323 -8.12 41.35 59.85
CA GLN A 323 -7.69 40.06 60.39
C GLN A 323 -7.17 40.23 61.81
N MET A 324 -7.88 41.02 62.61
CA MET A 324 -7.51 41.17 64.02
C MET A 324 -7.64 39.84 64.76
N GLU A 325 -8.70 39.09 64.48
CA GLU A 325 -8.91 37.77 65.06
C GLU A 325 -8.38 36.71 64.10
N ARG A 326 -8.28 35.49 64.59
CA ARG A 326 -7.76 34.39 63.79
C ARG A 326 -8.73 34.06 62.66
N PRO A 327 -8.25 33.78 61.45
CA PRO A 327 -9.14 33.39 60.34
C PRO A 327 -9.58 31.95 60.47
N GLU A 328 -10.84 31.73 60.85
CA GLU A 328 -11.38 30.40 60.98
C GLU A 328 -12.81 30.39 60.45
N VAL A 329 -13.22 29.23 59.95
CA VAL A 329 -14.57 29.04 59.42
C VAL A 329 -15.18 27.82 60.10
N PRO A 330 -15.79 27.97 61.28
CA PRO A 330 -16.39 26.81 61.95
C PRO A 330 -17.49 26.15 61.13
N MET A 331 -18.26 26.92 60.38
CA MET A 331 -19.32 26.35 59.54
C MET A 331 -18.70 25.63 58.34
N HIS A 332 -19.34 24.53 57.95
CA HIS A 332 -18.87 23.76 56.80
C HIS A 332 -18.98 24.58 55.52
N THR A 333 -18.03 24.37 54.61
CA THR A 333 -18.00 25.11 53.37
C THR A 333 -19.17 24.70 52.47
N LEU A 334 -19.46 25.55 51.49
CA LEU A 334 -20.60 25.34 50.59
C LEU A 334 -20.26 24.44 49.41
N HIS A 335 -19.02 23.97 49.29
CA HIS A 335 -18.65 23.10 48.17
C HIS A 335 -19.49 21.84 48.09
N PRO A 336 -19.67 21.05 49.17
CA PRO A 336 -20.53 19.86 49.06
C PRO A 336 -21.98 20.18 48.75
N PHE A 337 -22.47 21.35 49.14
CA PHE A 337 -23.87 21.70 48.92
C PHE A 337 -24.16 22.19 47.51
N MET A 338 -23.12 22.50 46.73
CA MET A 338 -23.27 23.00 45.36
C MET A 338 -22.84 21.99 44.32
N VAL A 339 -23.04 20.69 44.60
CA VAL A 339 -22.67 19.63 43.68
C VAL A 339 -23.85 19.21 42.81
N ASN A 340 -25.00 18.92 43.43
CA ASN A 340 -26.17 18.49 42.69
C ASN A 340 -27.08 19.69 42.38
N VAL A 341 -26.56 20.67 41.67
CA VAL A 341 -27.30 21.90 41.36
C VAL A 341 -28.13 21.63 40.11
N THR A 342 -29.45 21.62 40.26
CA THR A 342 -30.38 21.46 39.15
C THR A 342 -31.38 22.60 39.18
N TRP A 343 -31.58 23.26 38.05
CA TRP A 343 -32.47 24.42 37.94
C TRP A 343 -33.33 24.25 36.70
N ASP A 344 -34.62 23.96 36.90
CA ASP A 344 -35.59 23.84 35.82
C ASP A 344 -35.16 22.83 34.77
N GLY A 345 -34.57 21.72 35.22
CA GLY A 345 -34.11 20.66 34.35
C GLY A 345 -32.72 20.86 33.79
N LYS A 346 -32.09 22.01 34.05
CA LYS A 346 -30.75 22.30 33.57
C LYS A 346 -29.76 21.93 34.68
N ASP A 347 -28.99 20.87 34.45
CA ASP A 347 -28.05 20.40 35.45
C ASP A 347 -26.80 21.29 35.49
N LEU A 348 -26.84 22.33 36.33
CA LEU A 348 -25.70 23.23 36.50
C LEU A 348 -24.76 22.73 37.59
N SER A 349 -24.32 21.49 37.46
CA SER A 349 -23.45 20.88 38.46
C SER A 349 -22.02 21.36 38.28
N PHE A 350 -21.20 21.12 39.30
CA PHE A 350 -19.80 21.52 39.30
C PHE A 350 -18.95 20.38 39.81
N THR A 351 -17.69 20.36 39.38
CA THR A 351 -16.74 19.36 39.82
C THR A 351 -16.14 19.75 41.18
N GLU A 352 -15.20 18.95 41.65
CA GLU A 352 -14.56 19.25 42.93
C GLU A 352 -13.72 20.52 42.85
N GLU A 353 -13.04 20.75 41.72
CA GLU A 353 -12.27 21.98 41.57
C GLU A 353 -13.19 23.20 41.53
N GLY A 354 -14.31 23.10 40.83
CA GLY A 354 -15.24 24.21 40.71
C GLY A 354 -15.69 24.46 39.29
N TYR A 355 -15.09 23.75 38.35
CA TYR A 355 -15.45 23.91 36.95
C TYR A 355 -16.81 23.30 36.66
N GLN A 356 -17.45 23.80 35.61
CA GLN A 356 -18.76 23.30 35.22
C GLN A 356 -18.66 21.90 34.65
N VAL A 357 -19.79 21.19 34.68
CA VAL A 357 -19.89 19.85 34.12
C VAL A 357 -20.58 19.91 32.77
N HIS A 358 -21.52 20.84 32.62
CA HIS A 358 -22.29 21.01 31.39
C HIS A 358 -22.24 22.49 30.99
N PRO A 359 -21.12 22.91 30.40
CA PRO A 359 -20.99 24.32 29.97
C PRO A 359 -21.62 24.52 28.60
N ARG A 360 -21.45 25.73 28.06
CA ARG A 360 -21.99 26.04 26.74
C ARG A 360 -21.09 25.51 25.63
N LEU A 361 -19.93 26.12 25.44
CA LEU A 361 -18.91 25.71 24.48
C LEU A 361 -19.51 25.50 23.09
N VAL A 362 -20.06 26.58 22.53
CA VAL A 362 -20.57 26.53 21.17
C VAL A 362 -19.41 26.54 20.18
N VAL A 363 -19.66 26.00 18.98
CA VAL A 363 -18.64 25.88 17.95
C VAL A 363 -18.77 27.06 17.00
N ILE A 364 -17.67 27.78 16.79
CA ILE A 364 -17.62 28.91 15.89
C ILE A 364 -16.50 28.70 14.88
N VAL A 365 -16.62 29.34 13.74
CA VAL A 365 -15.65 29.23 12.67
C VAL A 365 -15.60 30.55 11.91
N LEU A 366 -14.40 30.97 11.54
CA LEU A 366 -14.23 32.22 10.81
C LEU A 366 -14.75 32.06 9.38
N ASN A 367 -15.58 33.00 8.94
CA ASN A 367 -16.20 32.94 7.64
C ASN A 367 -15.26 33.49 6.57
N LYS A 368 -15.74 33.52 5.32
CA LYS A 368 -14.93 34.01 4.22
C LYS A 368 -14.57 35.49 4.41
N ASP A 369 -15.54 36.30 4.85
CA ASP A 369 -15.32 37.72 5.04
C ASP A 369 -14.86 38.07 6.45
N ARG A 370 -14.22 37.13 7.14
CA ARG A 370 -13.68 37.33 8.49
C ARG A 370 -14.77 37.69 9.49
N GLU A 371 -15.71 36.75 9.65
CA GLU A 371 -16.72 36.82 10.70
C GLU A 371 -16.86 35.45 11.34
N TRP A 372 -17.28 35.45 12.61
CA TRP A 372 -17.47 34.22 13.36
C TRP A 372 -18.96 33.92 13.48
N GLU A 373 -19.34 32.67 13.19
CA GLU A 373 -20.72 32.23 13.25
C GLU A 373 -20.81 30.94 14.04
N LYS A 374 -21.90 30.80 14.79
CA LYS A 374 -22.14 29.63 15.63
C LYS A 374 -22.60 28.48 14.75
N VAL A 375 -21.82 27.42 14.68
CA VAL A 375 -22.12 26.27 13.84
C VAL A 375 -22.20 24.97 14.65
N GLY A 376 -22.34 25.07 15.97
CA GLY A 376 -22.42 23.89 16.80
C GLY A 376 -22.65 24.24 18.25
N LYS A 377 -23.04 23.21 19.00
CA LYS A 377 -23.32 23.34 20.43
C LYS A 377 -22.77 22.12 21.14
N TRP A 378 -22.67 22.21 22.48
CA TRP A 378 -22.14 21.10 23.27
C TRP A 378 -22.94 20.88 24.55
N GLU A 379 -24.05 21.59 24.76
CA GLU A 379 -24.82 21.44 25.99
C GLU A 379 -25.61 20.14 26.03
N ASN A 380 -25.82 19.49 24.89
CA ASN A 380 -26.65 18.29 24.82
C ASN A 380 -25.87 17.09 25.34
N HIS A 381 -25.95 16.85 26.65
CA HIS A 381 -25.36 15.68 27.29
C HIS A 381 -23.87 15.57 27.00
N THR A 382 -23.17 16.70 27.02
CA THR A 382 -21.73 16.76 26.78
C THR A 382 -21.35 16.12 25.45
N LEU A 383 -22.19 16.35 24.44
CA LEU A 383 -21.98 15.82 23.11
C LEU A 383 -21.93 16.97 22.11
N SER A 384 -21.05 16.84 21.12
CA SER A 384 -20.81 17.88 20.14
C SER A 384 -21.58 17.56 18.87
N LEU A 385 -22.46 18.47 18.47
CA LEU A 385 -23.19 18.37 17.21
C LEU A 385 -22.90 19.60 16.36
N ARG A 386 -22.89 19.41 15.05
CA ARG A 386 -22.55 20.51 14.14
C ARG A 386 -23.70 20.83 13.20
N HIS A 387 -23.48 21.79 12.30
CA HIS A 387 -24.46 22.17 11.30
C HIS A 387 -24.32 21.40 10.00
N ALA A 388 -23.37 20.46 9.93
CA ALA A 388 -23.13 19.64 8.74
C ALA A 388 -22.82 20.51 7.52
N VAL A 389 -22.03 21.57 7.74
CA VAL A 389 -21.65 22.51 6.69
C VAL A 389 -20.18 22.85 6.89
N TRP A 390 -19.32 22.39 5.96
CA TRP A 390 -17.90 22.73 6.05
C TRP A 390 -17.28 22.89 4.66
N PRO A 391 -17.71 23.88 3.87
CA PRO A 391 -17.14 24.07 2.52
C PRO A 391 -15.98 25.04 2.45
N ARG A 392 -15.51 25.57 3.58
CA ARG A 392 -14.47 26.60 3.60
C ARG A 392 -13.13 25.97 3.24
N TYR A 393 -12.72 26.11 1.98
CA TYR A 393 -11.44 25.58 1.51
C TYR A 393 -10.59 26.60 0.77
N LYS A 394 -11.15 27.74 0.37
CA LYS A 394 -10.37 28.73 -0.38
C LYS A 394 -9.24 29.28 0.48
N SER A 395 -8.11 29.52 -0.16
CA SER A 395 -6.95 30.10 0.52
C SER A 395 -7.28 31.50 1.01
N PHE A 396 -6.97 31.78 2.28
CA PHE A 396 -7.27 33.07 2.89
C PHE A 396 -6.04 33.95 3.04
N SER A 397 -4.93 33.38 3.52
CA SER A 397 -3.71 34.16 3.69
C SER A 397 -3.18 34.65 2.34
N ASP A 398 -3.20 33.79 1.33
CA ASP A 398 -2.76 34.12 -0.01
C ASP A 398 -3.91 33.90 -0.99
N CYS A 399 -3.63 34.10 -2.27
CA CYS A 399 -4.61 33.94 -3.35
C CYS A 399 -4.10 32.85 -4.29
N GLU A 400 -4.62 31.64 -4.13
CA GLU A 400 -4.23 30.52 -4.98
C GLU A 400 -5.37 29.51 -5.05
N PRO A 401 -6.19 29.55 -6.10
CA PRO A 401 -7.28 28.57 -6.21
C PRO A 401 -6.76 27.16 -6.41
N ASP A 402 -7.52 26.19 -5.90
CA ASP A 402 -7.17 24.79 -6.01
C ASP A 402 -8.44 23.95 -6.05
N ASP A 403 -8.32 22.75 -6.59
CA ASP A 403 -9.43 21.81 -6.72
C ASP A 403 -8.96 20.44 -6.22
N ASN A 404 -9.17 20.18 -4.93
CA ASN A 404 -8.77 18.94 -4.31
C ASN A 404 -9.94 18.03 -3.95
N HIS A 405 -11.01 18.58 -3.37
CA HIS A 405 -12.15 17.78 -2.93
C HIS A 405 -13.05 17.51 -4.13
N LEU A 406 -12.81 16.37 -4.79
CA LEU A 406 -13.59 15.95 -5.94
C LEU A 406 -14.78 15.13 -5.47
N SER A 407 -15.97 15.72 -5.52
CA SER A 407 -17.18 15.03 -5.09
C SER A 407 -17.48 13.85 -6.01
N ILE A 408 -17.87 12.73 -5.41
CA ILE A 408 -18.14 11.49 -6.14
C ILE A 408 -19.55 11.03 -5.81
N VAL A 409 -20.33 10.74 -6.85
CA VAL A 409 -21.69 10.24 -6.72
C VAL A 409 -21.68 8.72 -6.87
N THR A 410 -22.35 8.04 -5.93
CA THR A 410 -22.37 6.58 -5.92
C THR A 410 -23.76 6.11 -5.52
N LEU A 411 -24.22 5.06 -6.19
CA LEU A 411 -25.49 4.41 -5.89
C LEU A 411 -25.22 2.98 -5.40
N GLU A 412 -26.06 2.53 -4.47
CA GLU A 412 -25.91 1.20 -3.86
C GLU A 412 -27.02 0.30 -4.39
N GLU A 413 -26.79 -0.30 -5.55
CA GLU A 413 -27.73 -1.26 -6.11
C GLU A 413 -27.09 -2.53 -6.65
N ALA A 414 -25.76 -2.58 -6.77
CA ALA A 414 -25.06 -3.73 -7.33
C ALA A 414 -24.04 -4.25 -6.33
N PRO A 415 -23.56 -5.50 -6.46
CA PRO A 415 -22.55 -5.99 -5.53
C PRO A 415 -21.17 -5.39 -5.76
N PHE A 416 -21.12 -4.06 -5.89
CA PHE A 416 -19.86 -3.33 -5.94
C PHE A 416 -19.72 -2.31 -4.82
N VAL A 417 -20.79 -2.02 -4.07
CA VAL A 417 -20.74 -1.13 -2.92
C VAL A 417 -21.57 -1.73 -1.80
N ILE A 418 -20.92 -2.03 -0.66
CA ILE A 418 -21.58 -2.69 0.45
C ILE A 418 -21.62 -1.77 1.66
N VAL A 419 -21.81 -0.47 1.42
CA VAL A 419 -21.85 0.50 2.50
C VAL A 419 -22.95 0.14 3.48
N GLU A 420 -22.61 0.14 4.77
CA GLU A 420 -23.54 -0.15 5.85
C GLU A 420 -23.40 0.90 6.94
N ASP A 421 -24.06 0.66 8.06
CA ASP A 421 -24.01 1.57 9.19
C ASP A 421 -22.66 1.42 9.89
N ILE A 422 -22.43 2.24 10.92
CA ILE A 422 -21.18 2.24 11.66
C ILE A 422 -21.44 1.64 13.05
N ASP A 423 -20.38 1.10 13.64
CA ASP A 423 -20.49 0.49 14.96
C ASP A 423 -20.35 1.55 16.03
N PRO A 424 -21.35 1.73 16.91
CA PRO A 424 -21.25 2.76 17.98
C PRO A 424 -20.31 2.33 19.09
N LEU A 425 -19.01 2.35 18.80
CA LEU A 425 -17.98 1.96 19.76
C LEU A 425 -16.94 3.05 19.95
N THR A 426 -17.37 4.31 20.02
CA THR A 426 -16.48 5.47 20.18
C THR A 426 -15.42 5.56 19.09
N GLU A 427 -15.72 5.02 17.90
CA GLU A 427 -14.81 5.08 16.77
C GLU A 427 -15.62 5.37 15.52
N THR A 428 -14.96 5.90 14.49
CA THR A 428 -15.66 6.24 13.25
C THR A 428 -16.29 5.01 12.62
N CYS A 429 -15.47 4.04 12.23
CA CYS A 429 -15.95 2.82 11.61
C CYS A 429 -14.81 1.81 11.55
N VAL A 430 -14.98 0.80 10.70
CA VAL A 430 -13.97 -0.24 10.49
C VAL A 430 -12.68 0.39 9.96
N ARG A 431 -11.57 -0.33 10.12
CA ARG A 431 -10.28 0.16 9.65
C ARG A 431 -10.23 0.14 8.13
N ASN A 432 -9.28 0.90 7.58
CA ASN A 432 -8.98 0.98 6.14
C ASN A 432 -10.23 1.14 5.30
N THR A 433 -11.10 2.07 5.68
CA THR A 433 -12.30 2.36 4.90
C THR A 433 -12.55 3.86 4.92
N VAL A 434 -12.84 4.42 3.75
CA VAL A 434 -13.08 5.86 3.63
C VAL A 434 -14.52 6.17 4.02
N PRO A 435 -14.79 7.31 4.63
CA PRO A 435 -16.16 7.64 5.02
C PRO A 435 -16.94 8.27 3.87
N CYS A 436 -18.26 8.20 3.98
CA CYS A 436 -19.18 8.81 3.04
C CYS A 436 -20.38 9.36 3.79
N ARG A 437 -21.41 9.75 3.05
CA ARG A 437 -22.60 10.33 3.65
C ARG A 437 -23.81 10.04 2.77
N LYS A 438 -25.00 10.12 3.36
CA LYS A 438 -26.23 9.85 2.63
C LYS A 438 -27.39 10.57 3.31
N PHE A 439 -28.25 11.18 2.50
CA PHE A 439 -29.45 11.81 3.03
C PHE A 439 -30.45 10.74 3.49
N VAL A 440 -31.09 11.00 4.62
CA VAL A 440 -32.10 10.10 5.18
C VAL A 440 -33.42 10.86 5.27
N LYS A 441 -34.47 10.25 4.72
CA LYS A 441 -35.78 10.89 4.71
C LYS A 441 -36.54 10.57 5.99
N ILE A 442 -37.10 11.61 6.60
CA ILE A 442 -37.85 11.45 7.85
C ILE A 442 -39.32 11.15 7.58
N ASN A 443 -39.97 11.98 6.79
CA ASN A 443 -41.38 11.81 6.47
C ASN A 443 -41.57 11.88 4.96
N ASN A 444 -42.66 11.29 4.49
CA ASN A 444 -42.93 11.27 3.05
C ASN A 444 -43.13 12.67 2.49
N SER A 445 -43.55 13.62 3.32
CA SER A 445 -43.77 15.00 2.90
C SER A 445 -42.56 15.89 3.12
N THR A 446 -41.90 15.79 4.28
CA THR A 446 -40.74 16.61 4.55
C THR A 446 -39.54 16.12 3.76
N ASN A 447 -38.82 17.06 3.14
CA ASN A 447 -37.63 16.74 2.36
C ASN A 447 -36.34 16.94 3.13
N GLU A 448 -36.43 17.29 4.41
CA GLU A 448 -35.23 17.51 5.22
C GLU A 448 -34.52 16.19 5.48
N GLY A 449 -33.21 16.16 5.23
CA GLY A 449 -32.43 14.96 5.46
C GLY A 449 -31.09 15.24 6.11
N MET A 450 -30.85 14.62 7.26
CA MET A 450 -29.58 14.80 7.95
C MET A 450 -28.46 14.07 7.22
N ASN A 451 -27.27 14.67 7.22
CA ASN A 451 -26.10 14.10 6.56
C ASN A 451 -25.40 13.13 7.51
N VAL A 452 -26.02 11.96 7.68
CA VAL A 452 -25.44 10.93 8.53
C VAL A 452 -24.19 10.37 7.87
N LYS A 453 -23.09 10.33 8.62
CA LYS A 453 -21.82 9.89 8.06
C LYS A 453 -21.63 8.40 8.26
N LYS A 454 -21.39 7.68 7.17
CA LYS A 454 -21.10 6.26 7.17
C LYS A 454 -19.83 6.01 6.35
N CYS A 455 -19.30 4.80 6.45
CA CYS A 455 -18.11 4.42 5.71
C CYS A 455 -18.52 3.48 4.57
N CYS A 456 -18.22 3.89 3.35
CA CYS A 456 -18.63 3.13 2.16
C CYS A 456 -17.58 2.06 1.86
N LYS A 457 -18.05 0.83 1.68
CA LYS A 457 -17.19 -0.30 1.36
C LYS A 457 -17.63 -0.93 0.05
N GLY A 458 -16.70 -1.57 -0.65
CA GLY A 458 -17.03 -2.26 -1.88
C GLY A 458 -15.92 -2.28 -2.91
N PHE A 459 -16.20 -2.86 -4.08
CA PHE A 459 -15.22 -2.92 -5.15
C PHE A 459 -14.87 -1.53 -5.66
N CYS A 460 -15.88 -0.67 -5.83
CA CYS A 460 -15.62 0.69 -6.27
C CYS A 460 -14.78 1.46 -5.27
N ILE A 461 -14.98 1.20 -3.98
CA ILE A 461 -14.18 1.86 -2.94
C ILE A 461 -12.71 1.45 -3.08
N ASP A 462 -12.46 0.17 -3.31
CA ASP A 462 -11.09 -0.29 -3.52
C ASP A 462 -10.48 0.30 -4.79
N ILE A 463 -11.28 0.42 -5.86
CA ILE A 463 -10.79 1.04 -7.08
C ILE A 463 -10.40 2.49 -6.82
N LEU A 464 -11.24 3.22 -6.09
CA LEU A 464 -10.94 4.62 -5.78
C LEU A 464 -9.70 4.73 -4.89
N LYS A 465 -9.55 3.81 -3.94
CA LYS A 465 -8.35 3.82 -3.10
C LYS A 465 -7.10 3.58 -3.92
N LYS A 466 -7.16 2.63 -4.87
CA LYS A 466 -6.01 2.39 -5.74
C LYS A 466 -5.71 3.59 -6.63
N LEU A 467 -6.76 4.25 -7.14
CA LEU A 467 -6.56 5.44 -7.96
C LEU A 467 -5.92 6.57 -7.16
N SER A 468 -6.34 6.75 -5.89
CA SER A 468 -5.79 7.81 -5.06
C SER A 468 -4.30 7.63 -4.78
N ARG A 469 -3.78 6.41 -4.96
CA ARG A 469 -2.34 6.20 -4.77
C ARG A 469 -1.52 6.98 -5.79
N THR A 470 -1.98 7.06 -7.04
CA THR A 470 -1.28 7.79 -8.09
C THR A 470 -1.79 9.21 -8.22
N VAL A 471 -3.11 9.41 -8.15
CA VAL A 471 -3.68 10.74 -8.27
C VAL A 471 -3.27 11.61 -7.07
N LYS A 472 -3.32 11.04 -5.87
CA LYS A 472 -2.95 11.74 -4.63
C LYS A 472 -3.84 12.95 -4.39
N PHE A 473 -5.16 12.73 -4.50
CA PHE A 473 -6.15 13.76 -4.22
C PHE A 473 -7.22 13.19 -3.29
N THR A 474 -7.79 14.07 -2.48
CA THR A 474 -8.81 13.67 -1.51
C THR A 474 -10.15 13.49 -2.21
N TYR A 475 -10.80 12.35 -1.96
CA TYR A 475 -12.08 12.04 -2.57
C TYR A 475 -13.14 11.98 -1.48
N ASP A 476 -14.21 12.76 -1.64
CA ASP A 476 -15.36 12.71 -0.75
C ASP A 476 -16.55 12.13 -1.51
N LEU A 477 -17.19 11.14 -0.90
CA LEU A 477 -18.27 10.40 -1.54
C LEU A 477 -19.59 10.63 -0.82
N TYR A 478 -20.68 10.60 -1.59
CA TYR A 478 -22.01 10.69 -1.03
C TYR A 478 -22.97 9.89 -1.90
N LEU A 479 -24.00 9.35 -1.26
CA LEU A 479 -24.99 8.52 -1.94
C LEU A 479 -25.99 9.39 -2.69
N VAL A 480 -26.74 8.76 -3.59
CA VAL A 480 -27.72 9.46 -4.39
C VAL A 480 -29.02 9.56 -3.61
N THR A 481 -29.90 10.47 -4.06
CA THR A 481 -31.23 10.62 -3.49
C THR A 481 -32.35 10.52 -4.50
N ASN A 482 -32.07 10.61 -5.80
CA ASN A 482 -33.10 10.59 -6.84
C ASN A 482 -33.28 9.16 -7.36
N GLY A 483 -33.61 8.26 -6.44
CA GLY A 483 -33.91 6.89 -6.83
C GLY A 483 -32.72 6.19 -7.45
N LYS A 484 -32.95 5.57 -8.61
CA LYS A 484 -31.95 4.77 -9.30
C LYS A 484 -31.00 5.63 -10.14
N HIS A 485 -30.26 4.99 -11.04
CA HIS A 485 -29.30 5.71 -11.87
C HIS A 485 -29.97 6.81 -12.71
N GLY A 486 -31.22 6.59 -13.09
CA GLY A 486 -31.98 7.59 -13.83
C GLY A 486 -31.72 7.51 -15.33
N LYS A 487 -32.44 8.37 -16.05
CA LYS A 487 -32.35 8.43 -17.50
C LYS A 487 -32.83 9.81 -17.95
N LYS A 488 -32.73 10.04 -19.26
CA LYS A 488 -33.19 11.30 -19.85
C LYS A 488 -34.71 11.34 -19.82
N VAL A 489 -35.26 12.13 -18.91
CA VAL A 489 -36.71 12.31 -18.78
C VAL A 489 -37.00 13.79 -19.01
N ASN A 490 -37.78 14.09 -20.04
CA ASN A 490 -38.15 15.45 -20.40
C ASN A 490 -36.92 16.34 -20.55
N ASN A 491 -35.90 15.81 -21.23
CA ASN A 491 -34.63 16.48 -21.47
C ASN A 491 -33.92 16.86 -20.18
N VAL A 492 -34.25 16.20 -19.07
CA VAL A 492 -33.62 16.44 -17.78
C VAL A 492 -33.03 15.12 -17.29
N TRP A 493 -31.74 15.13 -16.98
CA TRP A 493 -31.07 13.93 -16.50
C TRP A 493 -31.38 13.70 -15.03
N ASN A 494 -31.16 12.46 -14.60
CA ASN A 494 -31.47 12.03 -13.24
C ASN A 494 -30.35 11.13 -12.72
N GLY A 495 -30.28 11.04 -11.39
CA GLY A 495 -29.32 10.14 -10.77
C GLY A 495 -27.90 10.61 -10.96
N MET A 496 -27.02 9.65 -11.32
CA MET A 496 -25.61 9.98 -11.51
C MET A 496 -25.42 11.00 -12.62
N ILE A 497 -26.10 10.80 -13.74
CA ILE A 497 -26.00 11.75 -14.84
C ILE A 497 -26.60 13.10 -14.43
N GLY A 498 -27.73 13.07 -13.73
CA GLY A 498 -28.35 14.29 -13.25
C GLY A 498 -27.53 15.06 -12.25
N GLU A 499 -26.60 14.40 -11.56
CA GLU A 499 -25.70 15.09 -10.64
C GLU A 499 -24.35 15.41 -11.26
N VAL A 500 -23.98 14.78 -12.37
CA VAL A 500 -22.73 15.11 -13.05
C VAL A 500 -22.91 16.24 -14.05
N VAL A 501 -24.03 16.25 -14.78
CA VAL A 501 -24.26 17.29 -15.78
C VAL A 501 -24.37 18.66 -15.11
N TYR A 502 -25.08 18.74 -13.98
CA TYR A 502 -25.31 20.00 -13.29
C TYR A 502 -24.18 20.37 -12.33
N GLN A 503 -22.98 19.82 -12.55
CA GLN A 503 -21.78 20.15 -11.78
C GLN A 503 -21.92 19.84 -10.29
N ARG A 504 -22.87 18.99 -9.91
CA ARG A 504 -23.00 18.58 -8.53
C ARG A 504 -22.02 17.46 -8.15
N ALA A 505 -21.40 16.83 -9.13
CA ALA A 505 -20.43 15.76 -8.87
C ALA A 505 -19.51 15.66 -10.07
N VAL A 506 -18.22 15.96 -9.86
CA VAL A 506 -17.25 15.90 -10.96
C VAL A 506 -17.03 14.47 -11.44
N MET A 507 -16.97 13.49 -10.54
CA MET A 507 -16.71 12.11 -10.91
C MET A 507 -17.90 11.25 -10.50
N ALA A 508 -18.28 10.32 -11.38
CA ALA A 508 -19.35 9.37 -11.13
C ALA A 508 -18.76 7.97 -11.07
N VAL A 509 -18.76 7.38 -9.88
CA VAL A 509 -18.23 6.05 -9.65
C VAL A 509 -19.35 5.16 -9.14
N GLY A 510 -19.57 4.04 -9.82
CA GLY A 510 -20.63 3.13 -9.44
C GLY A 510 -20.88 2.12 -10.55
N SER A 511 -22.04 1.46 -10.46
CA SER A 511 -22.43 0.45 -11.44
C SER A 511 -23.31 1.07 -12.53
N LEU A 512 -22.75 2.06 -13.22
CA LEU A 512 -23.43 2.73 -14.32
C LEU A 512 -23.14 2.00 -15.62
N THR A 513 -24.19 1.75 -16.38
CA THR A 513 -24.07 1.02 -17.64
C THR A 513 -23.83 1.98 -18.79
N ILE A 514 -22.80 1.70 -19.59
CA ILE A 514 -22.49 2.54 -20.74
C ILE A 514 -23.57 2.35 -21.79
N ASN A 515 -24.14 3.46 -22.27
CA ASN A 515 -25.22 3.41 -23.22
C ASN A 515 -25.04 4.56 -24.22
N GLU A 516 -25.89 4.57 -25.24
CA GLU A 516 -25.82 5.59 -26.28
C GLU A 516 -26.17 6.97 -25.77
N GLU A 517 -26.82 7.08 -24.61
CA GLU A 517 -27.26 8.36 -24.08
C GLU A 517 -26.25 8.99 -23.12
N ARG A 518 -25.16 8.30 -22.79
CA ARG A 518 -24.20 8.83 -21.83
C ARG A 518 -22.94 9.37 -22.49
N SER A 519 -22.50 8.77 -23.60
CA SER A 519 -21.25 9.15 -24.22
C SER A 519 -21.26 10.57 -24.77
N GLU A 520 -22.37 11.00 -25.37
CA GLU A 520 -22.45 12.33 -25.98
C GLU A 520 -22.70 13.44 -24.97
N VAL A 521 -23.14 13.11 -23.76
CA VAL A 521 -23.40 14.14 -22.77
C VAL A 521 -22.23 14.31 -21.82
N VAL A 522 -21.68 13.19 -21.33
CA VAL A 522 -20.54 13.22 -20.41
C VAL A 522 -19.46 12.29 -20.96
N ASP A 523 -18.24 12.53 -20.51
CA ASP A 523 -17.08 11.75 -20.93
C ASP A 523 -16.62 10.86 -19.79
N PHE A 524 -16.45 9.58 -20.08
CA PHE A 524 -16.06 8.59 -19.09
C PHE A 524 -14.72 7.98 -19.49
N SER A 525 -14.07 7.35 -18.51
CA SER A 525 -12.75 6.77 -18.71
C SER A 525 -12.88 5.39 -19.34
N VAL A 526 -11.76 4.69 -19.46
CA VAL A 526 -11.76 3.35 -20.06
C VAL A 526 -12.52 2.39 -19.14
N PRO A 527 -13.47 1.62 -19.66
CA PRO A 527 -14.20 0.68 -18.80
C PRO A 527 -13.27 -0.38 -18.23
N PHE A 528 -13.59 -0.81 -17.00
CA PHE A 528 -12.77 -1.79 -16.29
C PHE A 528 -13.54 -3.01 -15.80
N VAL A 529 -14.86 -2.97 -15.75
CA VAL A 529 -15.67 -4.12 -15.33
C VAL A 529 -16.58 -4.51 -16.50
N GLU A 530 -16.50 -5.77 -16.90
CA GLU A 530 -17.31 -6.25 -18.01
C GLU A 530 -18.78 -6.37 -17.59
N THR A 531 -19.67 -6.03 -18.52
CA THR A 531 -21.11 -6.09 -18.27
C THR A 531 -21.83 -6.22 -19.60
N GLY A 532 -23.13 -6.03 -19.58
CA GLY A 532 -23.94 -6.11 -20.77
C GLY A 532 -25.33 -6.61 -20.44
N ILE A 533 -25.98 -7.19 -21.45
CA ILE A 533 -27.32 -7.73 -21.31
C ILE A 533 -27.23 -9.24 -21.13
N SER A 534 -27.69 -9.73 -19.99
CA SER A 534 -27.63 -11.15 -19.66
C SER A 534 -29.02 -11.61 -19.23
N VAL A 535 -29.24 -12.93 -19.35
CA VAL A 535 -30.50 -13.56 -19.01
C VAL A 535 -30.26 -14.58 -17.91
N MET A 536 -31.09 -14.55 -16.87
CA MET A 536 -30.99 -15.48 -15.76
C MET A 536 -32.09 -16.53 -15.87
N VAL A 537 -31.70 -17.80 -15.79
CA VAL A 537 -32.64 -18.91 -15.90
C VAL A 537 -32.30 -19.94 -14.84
N SER A 538 -33.34 -20.48 -14.22
CA SER A 538 -33.15 -21.49 -13.18
C SER A 538 -32.72 -22.82 -13.80
N ARG A 539 -32.06 -23.64 -13.00
CA ARG A 539 -31.60 -24.93 -13.46
C ARG A 539 -32.78 -25.86 -13.75
N SER A 540 -32.64 -26.65 -14.80
CA SER A 540 -33.70 -27.58 -15.21
C SER A 540 -33.65 -28.85 -14.38
N LEU A 550 -27.37 -48.43 -24.17
CA LEU A 550 -27.47 -47.88 -25.52
C LEU A 550 -26.09 -47.68 -26.13
N GLU A 551 -26.05 -47.00 -27.27
CA GLU A 551 -24.77 -46.73 -27.94
C GLU A 551 -23.83 -45.89 -27.08
N PRO A 552 -24.24 -44.79 -26.45
CA PRO A 552 -23.32 -44.05 -25.58
C PRO A 552 -22.81 -44.86 -24.39
N PHE A 553 -23.58 -45.83 -23.90
CA PHE A 553 -23.16 -46.64 -22.75
C PHE A 553 -22.30 -47.82 -23.13
N SER A 554 -22.47 -48.38 -24.34
CA SER A 554 -21.66 -49.50 -24.80
C SER A 554 -21.76 -49.56 -26.32
N ALA A 555 -20.72 -50.10 -26.94
CA ALA A 555 -20.64 -50.25 -28.40
C ALA A 555 -20.79 -48.89 -29.08
N SER A 556 -19.80 -48.03 -28.83
CA SER A 556 -19.84 -46.68 -29.38
C SER A 556 -19.86 -46.69 -30.91
N VAL A 557 -19.04 -47.55 -31.52
CA VAL A 557 -19.09 -47.69 -32.97
C VAL A 557 -20.42 -48.29 -33.42
N TRP A 558 -20.99 -49.20 -32.63
CA TRP A 558 -22.28 -49.82 -32.83
C TRP A 558 -22.33 -50.73 -34.05
N VAL A 559 -21.21 -50.91 -34.76
CA VAL A 559 -21.18 -51.71 -35.97
C VAL A 559 -20.12 -52.81 -35.94
N MET A 560 -19.19 -52.79 -34.99
CA MET A 560 -18.10 -53.76 -34.97
C MET A 560 -18.45 -54.99 -34.14
N MET A 561 -18.74 -54.80 -32.85
CA MET A 561 -18.99 -55.94 -31.97
C MET A 561 -20.31 -56.63 -32.29
N PHE A 562 -21.31 -55.87 -32.73
CA PHE A 562 -22.62 -56.46 -33.04
C PHE A 562 -22.58 -57.38 -34.25
N VAL A 563 -21.63 -57.19 -35.18
CA VAL A 563 -21.42 -58.13 -36.25
C VAL A 563 -20.34 -59.16 -35.92
N MET A 564 -19.40 -58.83 -35.02
CA MET A 564 -18.44 -59.83 -34.56
C MET A 564 -19.14 -60.96 -33.82
N LEU A 565 -20.14 -60.61 -32.99
CA LEU A 565 -20.91 -61.65 -32.31
C LEU A 565 -21.63 -62.55 -33.30
N LEU A 566 -22.23 -61.94 -34.34
CA LEU A 566 -22.94 -62.74 -35.34
C LEU A 566 -21.98 -63.67 -36.08
N ILE A 567 -20.82 -63.17 -36.49
CA ILE A 567 -19.90 -64.00 -37.26
C ILE A 567 -19.30 -65.10 -36.39
N VAL A 568 -19.01 -64.79 -35.11
CA VAL A 568 -18.47 -65.83 -34.24
C VAL A 568 -19.52 -66.88 -33.94
N SER A 569 -20.80 -66.49 -33.79
CA SER A 569 -21.86 -67.48 -33.64
C SER A 569 -21.98 -68.34 -34.89
N ALA A 570 -21.88 -67.72 -36.07
CA ALA A 570 -21.97 -68.47 -37.31
C ALA A 570 -20.85 -69.49 -37.44
N ILE A 571 -19.61 -69.08 -37.12
CA ILE A 571 -18.50 -70.02 -37.24
C ILE A 571 -18.58 -71.09 -36.16
N ALA A 572 -19.11 -70.76 -34.97
CA ALA A 572 -19.33 -71.77 -33.96
C ALA A 572 -20.34 -72.81 -34.43
N VAL A 573 -21.43 -72.36 -35.06
CA VAL A 573 -22.40 -73.30 -35.62
C VAL A 573 -21.76 -74.15 -36.71
N PHE A 574 -20.93 -73.53 -37.56
CA PHE A 574 -20.28 -74.27 -38.63
C PHE A 574 -19.35 -75.35 -38.09
N VAL A 575 -18.55 -75.02 -37.08
CA VAL A 575 -17.63 -76.01 -36.53
C VAL A 575 -18.39 -77.09 -35.76
N PHE A 576 -19.50 -76.71 -35.11
CA PHE A 576 -20.33 -77.72 -34.46
C PHE A 576 -20.92 -78.70 -35.47
N GLU A 577 -21.36 -78.20 -36.62
CA GLU A 577 -21.81 -79.09 -37.68
C GLU A 577 -20.67 -79.96 -38.20
N TYR A 578 -19.47 -79.38 -38.35
CA TYR A 578 -18.32 -80.12 -38.81
C TYR A 578 -17.87 -81.19 -37.82
N PHE A 579 -18.19 -81.03 -36.54
CA PHE A 579 -17.81 -82.00 -35.52
C PHE A 579 -18.72 -83.23 -35.49
N SER A 580 -19.53 -83.44 -36.52
CA SER A 580 -20.41 -84.62 -36.55
C SER A 580 -19.63 -85.93 -36.52
N PRO A 581 -18.57 -86.14 -37.33
CA PRO A 581 -17.86 -87.41 -37.20
C PRO A 581 -16.96 -87.46 -35.96
N SER A 598 -26.88 -81.45 -29.60
CA SER A 598 -27.04 -82.50 -30.58
C SER A 598 -27.32 -81.93 -31.96
N PHE A 599 -28.54 -81.40 -32.14
CA PHE A 599 -28.92 -80.82 -33.42
C PHE A 599 -28.16 -79.53 -33.66
N THR A 600 -27.60 -79.39 -34.86
CA THR A 600 -26.84 -78.19 -35.19
C THR A 600 -27.76 -76.97 -35.36
N ILE A 601 -28.90 -77.16 -36.03
CA ILE A 601 -29.78 -76.03 -36.31
C ILE A 601 -30.45 -75.49 -35.05
N GLY A 602 -30.95 -76.37 -34.19
CA GLY A 602 -31.71 -75.91 -33.03
C GLY A 602 -30.95 -75.86 -31.72
N LYS A 603 -30.22 -76.94 -31.40
CA LYS A 603 -29.58 -77.04 -30.09
C LYS A 603 -28.37 -76.12 -29.97
N ALA A 604 -27.61 -75.94 -31.05
CA ALA A 604 -26.39 -75.15 -30.97
C ALA A 604 -26.69 -73.69 -30.63
N ILE A 605 -27.71 -73.12 -31.29
CA ILE A 605 -28.06 -71.73 -31.02
C ILE A 605 -28.55 -71.57 -29.58
N TRP A 606 -29.39 -72.50 -29.12
CA TRP A 606 -29.90 -72.43 -27.76
C TRP A 606 -28.78 -72.52 -26.73
N LEU A 607 -27.85 -73.45 -26.93
CA LEU A 607 -26.75 -73.58 -25.97
C LEU A 607 -25.82 -72.38 -26.02
N LEU A 608 -25.57 -71.82 -27.21
CA LEU A 608 -24.73 -70.64 -27.32
C LEU A 608 -25.36 -69.45 -26.61
N TRP A 609 -26.67 -69.26 -26.77
CA TRP A 609 -27.34 -68.13 -26.13
C TRP A 609 -27.67 -68.36 -24.67
N GLY A 610 -27.61 -69.61 -24.19
CA GLY A 610 -27.84 -69.87 -22.78
C GLY A 610 -26.54 -70.03 -22.02
N LEU A 611 -25.42 -70.10 -22.74
CA LEU A 611 -24.11 -70.17 -22.12
C LEU A 611 -23.50 -68.80 -21.86
N VAL A 612 -23.64 -67.87 -22.81
CA VAL A 612 -23.12 -66.51 -22.62
C VAL A 612 -23.91 -65.77 -21.55
N PHE A 613 -25.23 -65.98 -21.49
CA PHE A 613 -26.11 -65.27 -20.59
C PHE A 613 -26.65 -66.20 -19.53
N ASN A 614 -26.96 -65.64 -18.36
CA ASN A 614 -27.54 -66.44 -17.28
C ASN A 614 -28.92 -66.98 -17.67
N ASN A 615 -29.70 -66.16 -18.37
CA ASN A 615 -31.03 -66.60 -18.80
C ASN A 615 -30.94 -67.75 -19.79
N SER A 616 -31.80 -68.74 -19.61
CA SER A 616 -31.81 -69.91 -20.49
C SER A 616 -33.21 -70.54 -20.53
N THR A 625 -21.76 -84.72 -26.53
CA THR A 625 -21.37 -84.46 -25.15
C THR A 625 -19.91 -84.06 -25.06
N THR A 626 -19.02 -84.90 -25.60
CA THR A 626 -17.60 -84.59 -25.59
C THR A 626 -17.30 -83.35 -26.43
N SER A 627 -17.97 -83.21 -27.58
CA SER A 627 -17.76 -82.04 -28.42
C SER A 627 -18.18 -80.76 -27.72
N LYS A 628 -19.26 -80.81 -26.95
CA LYS A 628 -19.71 -79.62 -26.23
C LYS A 628 -18.70 -79.19 -25.18
N ILE A 629 -18.08 -80.16 -24.49
CA ILE A 629 -17.13 -79.84 -23.43
C ILE A 629 -15.90 -79.12 -24.00
N MET A 630 -15.37 -79.61 -25.13
CA MET A 630 -14.17 -79.02 -25.70
C MET A 630 -14.44 -77.64 -26.31
N VAL A 631 -15.69 -77.35 -26.69
CA VAL A 631 -16.04 -76.03 -27.20
C VAL A 631 -16.63 -75.13 -26.14
N SER A 632 -16.79 -75.62 -24.91
CA SER A 632 -17.27 -74.80 -23.81
C SER A 632 -16.25 -73.77 -23.34
N VAL A 633 -15.07 -73.70 -23.96
CA VAL A 633 -14.06 -72.72 -23.60
C VAL A 633 -14.50 -71.30 -23.92
N TRP A 634 -15.56 -71.14 -24.71
CA TRP A 634 -16.12 -69.83 -25.02
C TRP A 634 -16.72 -69.13 -23.80
N ALA A 635 -16.92 -69.85 -22.70
CA ALA A 635 -17.44 -69.25 -21.47
C ALA A 635 -16.50 -68.20 -20.91
N PHE A 636 -15.19 -68.33 -21.12
CA PHE A 636 -14.27 -67.28 -20.70
C PHE A 636 -14.58 -65.96 -21.39
N PHE A 637 -14.69 -65.98 -22.72
CA PHE A 637 -15.04 -64.78 -23.46
C PHE A 637 -16.44 -64.29 -23.06
N ALA A 638 -17.35 -65.22 -22.81
CA ALA A 638 -18.70 -64.84 -22.40
C ALA A 638 -18.70 -64.05 -21.10
N VAL A 639 -18.01 -64.58 -20.08
CA VAL A 639 -17.99 -63.91 -18.78
C VAL A 639 -17.20 -62.60 -18.86
N ILE A 640 -16.14 -62.57 -19.68
CA ILE A 640 -15.40 -61.32 -19.86
C ILE A 640 -16.29 -60.25 -20.49
N PHE A 641 -17.06 -60.64 -21.51
CA PHE A 641 -17.97 -59.69 -22.16
C PHE A 641 -19.04 -59.21 -21.19
N LEU A 642 -19.60 -60.13 -20.40
CA LEU A 642 -20.63 -59.73 -19.43
C LEU A 642 -20.07 -58.77 -18.39
N ALA A 643 -18.86 -59.05 -17.89
CA ALA A 643 -18.24 -58.16 -16.91
C ALA A 643 -17.96 -56.79 -17.51
N SER A 644 -17.46 -56.76 -18.75
CA SER A 644 -17.20 -55.49 -19.41
C SER A 644 -18.50 -54.71 -19.61
N TYR A 645 -19.57 -55.40 -20.02
CA TYR A 645 -20.85 -54.72 -20.23
C TYR A 645 -21.39 -54.14 -18.94
N THR A 646 -21.38 -54.91 -17.85
CA THR A 646 -21.93 -54.40 -16.60
C THR A 646 -21.06 -53.28 -16.03
N ALA A 647 -19.73 -53.39 -16.18
CA ALA A 647 -18.86 -52.30 -15.73
C ALA A 647 -19.11 -51.03 -16.52
N ASN A 648 -19.28 -51.16 -17.84
CA ASN A 648 -19.54 -49.98 -18.67
C ASN A 648 -20.88 -49.34 -18.31
N LEU A 649 -21.91 -50.17 -18.09
CA LEU A 649 -23.21 -49.65 -17.69
C LEU A 649 -23.17 -49.00 -16.32
N ALA A 650 -22.34 -49.49 -15.41
CA ALA A 650 -22.25 -48.88 -14.08
C ALA A 650 -21.37 -47.64 -14.07
N ALA A 651 -20.43 -47.52 -15.02
CA ALA A 651 -19.47 -46.42 -15.01
C ALA A 651 -19.81 -45.31 -16.00
N PHE A 652 -20.79 -45.53 -16.89
CA PHE A 652 -21.17 -44.50 -17.85
C PHE A 652 -22.47 -43.79 -17.45
N MET A 653 -22.67 -43.55 -16.16
CA MET A 653 -23.84 -42.81 -15.68
C MET A 653 -23.45 -41.81 -14.62
N ILE A 654 -22.19 -41.40 -14.58
CA ILE A 654 -21.72 -40.43 -13.59
C ILE A 654 -21.94 -39.03 -14.15
N GLN A 655 -22.59 -38.17 -13.38
CA GLN A 655 -22.84 -36.80 -13.80
C GLN A 655 -22.99 -35.87 -12.59
N ASP A 660 -27.98 -22.80 -23.77
CA ASP A 660 -28.51 -23.98 -23.08
C ASP A 660 -29.89 -24.33 -23.61
N GLN A 661 -30.83 -23.40 -23.45
CA GLN A 661 -32.18 -23.57 -23.97
C GLN A 661 -32.61 -22.45 -24.92
N VAL A 662 -32.22 -21.21 -24.64
CA VAL A 662 -32.62 -20.07 -25.46
C VAL A 662 -31.42 -19.58 -26.25
N THR A 663 -30.24 -19.61 -25.63
CA THR A 663 -28.98 -19.21 -26.26
C THR A 663 -29.04 -17.75 -26.74
N GLY A 664 -29.24 -16.85 -25.79
CA GLY A 664 -29.20 -15.43 -26.08
C GLY A 664 -30.54 -14.88 -26.53
N LEU A 665 -30.53 -13.55 -26.77
CA LEU A 665 -31.72 -12.85 -27.21
C LEU A 665 -32.05 -13.09 -28.68
N SER A 666 -31.16 -13.74 -29.43
CA SER A 666 -31.36 -13.97 -30.86
C SER A 666 -32.32 -15.12 -31.14
N ASP A 667 -33.07 -15.59 -30.15
CA ASP A 667 -34.03 -16.66 -30.32
C ASP A 667 -35.44 -16.10 -30.44
N LYS A 668 -36.31 -16.90 -31.07
CA LYS A 668 -37.69 -16.47 -31.28
C LYS A 668 -38.52 -16.51 -30.01
N LYS A 669 -37.99 -17.08 -28.93
CA LYS A 669 -38.76 -17.18 -27.69
C LYS A 669 -39.08 -15.80 -27.13
N PHE A 670 -38.12 -14.88 -27.14
CA PHE A 670 -38.37 -13.54 -26.64
C PHE A 670 -39.39 -12.80 -27.51
N GLN A 671 -39.28 -12.94 -28.83
CA GLN A 671 -40.13 -12.20 -29.74
C GLN A 671 -41.48 -12.87 -30.00
N ARG A 672 -41.64 -14.13 -29.61
CA ARG A 672 -42.89 -14.87 -29.84
C ARG A 672 -43.31 -15.54 -28.54
N PRO A 673 -43.91 -14.78 -27.61
CA PRO A 673 -44.38 -15.38 -26.36
C PRO A 673 -45.66 -16.19 -26.49
N HIS A 674 -46.37 -16.07 -27.61
CA HIS A 674 -47.64 -16.77 -27.80
C HIS A 674 -47.50 -18.12 -28.47
N ASP A 675 -46.29 -18.52 -28.86
CA ASP A 675 -46.09 -19.82 -29.50
C ASP A 675 -45.97 -20.96 -28.50
N TYR A 676 -45.97 -20.68 -27.21
CA TYR A 676 -45.88 -21.69 -26.17
C TYR A 676 -47.04 -21.54 -25.21
N SER A 677 -47.56 -22.66 -24.72
CA SER A 677 -48.67 -22.61 -23.79
C SER A 677 -48.36 -21.84 -22.50
N PRO A 678 -47.23 -22.03 -21.83
CA PRO A 678 -46.93 -21.19 -20.66
C PRO A 678 -46.42 -19.83 -21.10
N PRO A 679 -47.14 -18.76 -20.75
CA PRO A 679 -46.68 -17.41 -21.13
C PRO A 679 -45.34 -17.07 -20.49
N PHE A 680 -44.51 -16.37 -21.24
CA PHE A 680 -43.21 -15.95 -20.70
C PHE A 680 -43.38 -14.75 -19.78
N ARG A 681 -42.61 -14.75 -18.69
CA ARG A 681 -42.64 -13.69 -17.68
C ARG A 681 -41.21 -13.21 -17.46
N PHE A 682 -40.77 -12.25 -18.27
CA PHE A 682 -39.45 -11.68 -18.14
C PHE A 682 -39.46 -10.57 -17.09
N GLY A 683 -38.27 -10.22 -16.61
CA GLY A 683 -38.14 -9.22 -15.56
C GLY A 683 -37.11 -8.17 -15.91
N THR A 684 -37.36 -6.94 -15.46
CA THR A 684 -36.44 -5.83 -15.66
C THR A 684 -36.70 -4.79 -14.59
N VAL A 685 -35.72 -3.92 -14.38
CA VAL A 685 -35.79 -2.84 -13.41
C VAL A 685 -35.96 -1.53 -14.18
N PRO A 686 -37.07 -0.82 -14.00
CA PRO A 686 -37.26 0.45 -14.71
C PRO A 686 -36.24 1.49 -14.28
N ASN A 687 -36.23 2.61 -15.03
CA ASN A 687 -35.30 3.71 -14.81
C ASN A 687 -33.85 3.24 -14.88
N GLY A 688 -33.58 2.32 -15.82
CA GLY A 688 -32.25 1.81 -16.05
C GLY A 688 -31.82 1.97 -17.50
N SER A 689 -30.59 1.54 -17.76
CA SER A 689 -30.04 1.63 -19.11
C SER A 689 -30.46 0.46 -19.99
N THR A 690 -31.09 -0.56 -19.43
CA THR A 690 -31.52 -1.72 -20.21
C THR A 690 -32.85 -1.49 -20.92
N GLU A 691 -33.79 -0.78 -20.28
CA GLU A 691 -35.09 -0.55 -20.90
C GLU A 691 -34.95 0.31 -22.16
N ARG A 692 -34.14 1.37 -22.10
CA ARG A 692 -33.93 2.17 -23.30
C ARG A 692 -33.15 1.42 -24.36
N ASN A 693 -32.20 0.58 -23.95
CA ASN A 693 -31.44 -0.22 -24.90
C ASN A 693 -32.34 -1.18 -25.66
N ILE A 694 -33.28 -1.83 -24.95
CA ILE A 694 -34.20 -2.73 -25.64
C ILE A 694 -35.29 -1.96 -26.39
N ARG A 695 -35.58 -0.72 -25.99
CA ARG A 695 -36.46 0.12 -26.80
C ARG A 695 -35.81 0.44 -28.14
N ASN A 696 -34.52 0.76 -28.14
CA ASN A 696 -33.82 1.14 -29.36
C ASN A 696 -33.61 -0.03 -30.31
N ASN A 697 -33.77 -1.26 -29.86
CA ASN A 697 -33.57 -2.43 -30.71
C ASN A 697 -34.83 -3.26 -30.90
N TYR A 698 -35.67 -3.39 -29.87
CA TYR A 698 -36.92 -4.13 -29.95
C TYR A 698 -38.06 -3.26 -29.43
N PRO A 699 -38.49 -2.28 -30.22
CA PRO A 699 -39.59 -1.41 -29.76
C PRO A 699 -40.88 -2.16 -29.48
N TYR A 700 -41.18 -3.20 -30.24
CA TYR A 700 -42.42 -3.95 -30.04
C TYR A 700 -42.35 -4.83 -28.80
N MET A 701 -41.16 -5.34 -28.46
CA MET A 701 -41.02 -6.21 -27.30
C MET A 701 -41.18 -5.47 -25.99
N HIS A 702 -40.87 -4.16 -25.96
CA HIS A 702 -40.97 -3.40 -24.73
C HIS A 702 -42.41 -3.31 -24.23
N GLN A 703 -43.37 -3.33 -25.13
CA GLN A 703 -44.78 -3.27 -24.72
C GLN A 703 -45.15 -4.47 -23.86
N TYR A 704 -44.71 -5.66 -24.26
CA TYR A 704 -44.94 -6.85 -23.44
C TYR A 704 -44.01 -6.88 -22.24
N MET A 705 -42.80 -6.31 -22.36
CA MET A 705 -41.85 -6.29 -21.25
C MET A 705 -42.38 -5.45 -20.09
N THR A 706 -43.03 -4.33 -20.37
CA THR A 706 -43.53 -3.46 -19.32
C THR A 706 -44.62 -4.12 -18.48
N LYS A 707 -45.22 -5.21 -18.95
CA LYS A 707 -46.27 -5.90 -18.19
C LYS A 707 -45.75 -6.48 -16.89
N PHE A 708 -44.44 -6.71 -16.77
CA PHE A 708 -43.83 -7.26 -15.56
C PHE A 708 -42.71 -6.32 -15.13
N ASN A 709 -42.96 -5.55 -14.08
CA ASN A 709 -42.00 -4.61 -13.54
C ASN A 709 -41.55 -5.05 -12.15
N GLN A 710 -40.43 -4.48 -11.71
CA GLN A 710 -39.83 -4.85 -10.43
C GLN A 710 -39.43 -3.58 -9.69
N LYS A 711 -38.91 -3.78 -8.48
CA LYS A 711 -38.38 -2.69 -7.66
C LYS A 711 -36.92 -2.85 -7.30
N GLY A 712 -36.37 -4.05 -7.43
CA GLY A 712 -34.96 -4.28 -7.09
C GLY A 712 -34.51 -5.64 -7.56
N VAL A 713 -33.21 -5.87 -7.42
CA VAL A 713 -32.63 -7.15 -7.83
C VAL A 713 -33.11 -8.27 -6.93
N GLU A 714 -33.28 -8.00 -5.64
CA GLU A 714 -33.74 -9.03 -4.71
C GLU A 714 -35.14 -9.53 -5.06
N ASP A 715 -35.99 -8.65 -5.57
CA ASP A 715 -37.32 -9.09 -6.01
C ASP A 715 -37.21 -10.08 -7.16
N ALA A 716 -36.33 -9.81 -8.13
CA ALA A 716 -36.12 -10.76 -9.22
C ALA A 716 -35.55 -12.07 -8.70
N LEU A 717 -34.63 -12.00 -7.74
CA LEU A 717 -34.03 -13.21 -7.19
C LEU A 717 -35.07 -14.08 -6.49
N VAL A 718 -35.92 -13.46 -5.67
CA VAL A 718 -36.93 -14.24 -4.95
C VAL A 718 -38.00 -14.76 -5.92
N SER A 719 -38.30 -13.99 -6.98
CA SER A 719 -39.24 -14.46 -7.99
C SER A 719 -38.68 -15.68 -8.72
N LEU A 720 -37.40 -15.66 -9.08
CA LEU A 720 -36.79 -16.81 -9.73
C LEU A 720 -36.71 -18.00 -8.80
N LYS A 721 -36.42 -17.78 -7.51
CA LYS A 721 -36.38 -18.88 -6.56
C LYS A 721 -37.76 -19.50 -6.38
N THR A 722 -38.80 -18.68 -6.32
CA THR A 722 -40.16 -19.16 -6.18
C THR A 722 -40.80 -19.54 -7.52
N GLY A 723 -40.14 -19.26 -8.63
CA GLY A 723 -40.67 -19.60 -9.93
C GLY A 723 -41.71 -18.64 -10.48
N LYS A 724 -41.89 -17.47 -9.85
CA LYS A 724 -42.87 -16.52 -10.34
C LYS A 724 -42.53 -15.97 -11.73
N LEU A 725 -41.25 -15.69 -12.00
CA LEU A 725 -40.82 -15.17 -13.28
C LEU A 725 -39.93 -16.18 -13.98
N ASP A 726 -40.22 -16.44 -15.26
CA ASP A 726 -39.46 -17.43 -16.01
C ASP A 726 -38.01 -17.03 -16.22
N ALA A 727 -37.76 -15.76 -16.53
CA ALA A 727 -36.41 -15.29 -16.79
C ALA A 727 -36.28 -13.85 -16.34
N PHE A 728 -35.03 -13.42 -16.15
CA PHE A 728 -34.73 -12.08 -15.69
C PHE A 728 -33.60 -11.50 -16.53
N ILE A 729 -33.77 -10.25 -16.96
CA ILE A 729 -32.79 -9.56 -17.79
C ILE A 729 -32.35 -8.30 -17.06
N TYR A 730 -31.05 -8.16 -16.86
CA TYR A 730 -30.49 -7.03 -16.14
C TYR A 730 -29.00 -6.94 -16.46
N ASP A 731 -28.27 -6.14 -15.69
CA ASP A 731 -26.84 -5.99 -15.87
C ASP A 731 -26.15 -7.34 -15.76
N ALA A 732 -25.18 -7.58 -16.65
CA ALA A 732 -24.54 -8.89 -16.73
C ALA A 732 -23.67 -9.15 -15.50
N ALA A 733 -23.01 -8.12 -14.97
CA ALA A 733 -22.07 -8.33 -13.87
C ALA A 733 -22.79 -8.80 -12.61
N VAL A 734 -23.90 -8.14 -12.25
CA VAL A 734 -24.62 -8.53 -11.04
C VAL A 734 -25.25 -9.91 -11.21
N LEU A 735 -25.79 -10.21 -12.40
CA LEU A 735 -26.36 -11.53 -12.64
C LEU A 735 -25.29 -12.62 -12.52
N ASN A 736 -24.10 -12.38 -13.08
CA ASN A 736 -23.02 -13.36 -12.98
C ASN A 736 -22.58 -13.53 -11.53
N TYR A 737 -22.49 -12.42 -10.78
CA TYR A 737 -22.08 -12.52 -9.38
C TYR A 737 -23.09 -13.32 -8.57
N LYS A 738 -24.38 -13.04 -8.77
CA LYS A 738 -25.40 -13.74 -8.00
C LYS A 738 -25.58 -15.18 -8.46
N ALA A 739 -25.22 -15.50 -9.71
CA ALA A 739 -25.22 -16.89 -10.14
C ALA A 739 -24.04 -17.65 -9.55
N GLY A 740 -22.88 -16.99 -9.42
CA GLY A 740 -21.74 -17.62 -8.80
C GLY A 740 -21.75 -17.65 -7.29
N ARG A 741 -22.61 -16.84 -6.66
CA ARG A 741 -22.72 -16.80 -5.20
C ARG A 741 -24.09 -17.27 -4.72
N ASP A 742 -24.84 -17.98 -5.55
CA ASP A 742 -26.17 -18.45 -5.17
C ASP A 742 -26.08 -19.65 -4.24
N GLU A 743 -27.19 -19.94 -3.58
CA GLU A 743 -27.30 -21.08 -2.69
C GLU A 743 -27.97 -22.23 -3.43
N GLY A 744 -27.35 -23.41 -3.39
CA GLY A 744 -27.88 -24.59 -4.04
C GLY A 744 -27.53 -24.75 -5.50
N CYS A 745 -26.79 -23.78 -6.08
CA CYS A 745 -26.41 -23.82 -7.49
C CYS A 745 -27.63 -23.97 -8.40
N LYS A 746 -28.71 -23.27 -8.05
CA LYS A 746 -29.95 -23.35 -8.80
C LYS A 746 -30.08 -22.29 -9.89
N LEU A 747 -29.16 -21.34 -9.98
CA LEU A 747 -29.20 -20.29 -10.98
C LEU A 747 -27.88 -20.22 -11.73
N VAL A 748 -27.95 -20.30 -13.06
CA VAL A 748 -26.78 -20.20 -13.92
C VAL A 748 -27.13 -19.36 -15.13
N THR A 749 -26.11 -18.81 -15.79
CA THR A 749 -26.30 -18.05 -17.00
C THR A 749 -26.34 -18.99 -18.20
N ILE A 750 -26.34 -18.43 -19.41
CA ILE A 750 -26.39 -19.22 -20.64
C ILE A 750 -25.05 -19.02 -21.34
N GLY A 751 -24.09 -19.91 -21.05
CA GLY A 751 -22.82 -19.92 -21.73
C GLY A 751 -22.01 -18.65 -21.60
N SER A 752 -21.08 -18.43 -22.53
CA SER A 752 -20.27 -17.22 -22.57
C SER A 752 -20.24 -16.70 -24.00
N GLY A 753 -20.17 -15.38 -24.13
CA GLY A 753 -20.16 -14.72 -25.42
C GLY A 753 -21.53 -14.44 -26.00
N TYR A 754 -22.60 -14.85 -25.32
CA TYR A 754 -23.96 -14.62 -25.79
C TYR A 754 -24.54 -13.29 -25.32
N ILE A 755 -23.72 -12.45 -24.65
CA ILE A 755 -24.20 -11.15 -24.20
C ILE A 755 -24.60 -10.31 -25.40
N PHE A 756 -25.75 -9.64 -25.30
CA PHE A 756 -26.25 -8.85 -26.41
C PHE A 756 -25.32 -7.69 -26.75
N ALA A 757 -24.78 -7.02 -25.73
CA ALA A 757 -23.89 -5.89 -25.96
C ALA A 757 -22.89 -5.84 -24.79
N THR A 758 -21.72 -6.43 -25.01
CA THR A 758 -20.66 -6.43 -24.01
C THR A 758 -20.13 -5.01 -23.83
N THR A 759 -20.51 -4.38 -22.72
CA THR A 759 -20.10 -3.02 -22.41
C THR A 759 -19.32 -3.01 -21.09
N GLY A 760 -19.03 -1.81 -20.59
CA GLY A 760 -18.34 -1.66 -19.34
C GLY A 760 -19.05 -0.72 -18.38
N TYR A 761 -18.33 -0.23 -17.38
CA TYR A 761 -18.87 0.72 -16.41
C TYR A 761 -18.23 2.10 -16.55
N GLY A 762 -16.91 2.18 -16.50
CA GLY A 762 -16.22 3.45 -16.62
C GLY A 762 -16.47 4.36 -15.43
N ILE A 763 -15.92 5.56 -15.52
CA ILE A 763 -16.12 6.60 -14.51
C ILE A 763 -16.50 7.87 -15.25
N ALA A 764 -17.77 8.26 -15.15
CA ALA A 764 -18.29 9.42 -15.87
C ALA A 764 -17.68 10.69 -15.28
N LEU A 765 -16.78 11.32 -16.03
CA LEU A 765 -16.12 12.54 -15.58
C LEU A 765 -16.87 13.76 -16.09
N GLN A 766 -16.28 14.93 -15.94
CA GLN A 766 -16.85 16.19 -16.41
C GLN A 766 -16.25 16.55 -17.76
N LYS A 767 -17.04 17.22 -18.59
CA LYS A 767 -16.59 17.65 -19.91
C LYS A 767 -15.44 18.65 -19.78
N GLY A 768 -14.28 18.30 -20.33
CA GLY A 768 -13.12 19.16 -20.23
C GLY A 768 -12.41 19.12 -18.91
N SER A 769 -12.77 18.17 -18.04
CA SER A 769 -12.12 18.07 -16.74
C SER A 769 -10.67 17.62 -16.91
N PRO A 770 -9.73 18.17 -16.13
CA PRO A 770 -8.31 17.81 -16.23
C PRO A 770 -7.95 16.51 -15.52
N TRP A 771 -8.74 15.47 -15.76
CA TRP A 771 -8.47 14.15 -15.18
C TRP A 771 -8.56 13.01 -16.19
N LYS A 772 -9.03 13.26 -17.41
CA LYS A 772 -9.13 12.21 -18.42
C LYS A 772 -7.78 11.68 -18.86
N ARG A 773 -6.73 12.50 -18.82
CA ARG A 773 -5.39 12.08 -19.23
C ARG A 773 -4.63 11.34 -18.14
N GLN A 774 -5.21 11.22 -16.95
CA GLN A 774 -4.56 10.51 -15.85
C GLN A 774 -5.38 9.33 -15.34
N ILE A 775 -6.70 9.47 -15.24
CA ILE A 775 -7.53 8.38 -14.73
C ILE A 775 -7.49 7.18 -15.66
N ASP A 776 -7.57 7.43 -16.97
CA ASP A 776 -7.52 6.32 -17.92
C ASP A 776 -6.17 5.61 -17.87
N LEU A 777 -5.08 6.37 -17.76
CA LEU A 777 -3.76 5.77 -17.67
C LEU A 777 -3.63 4.93 -16.39
N ALA A 778 -4.14 5.45 -15.26
CA ALA A 778 -4.07 4.70 -14.02
C ALA A 778 -4.88 3.41 -14.10
N LEU A 779 -6.08 3.48 -14.69
CA LEU A 779 -6.91 2.28 -14.82
C LEU A 779 -6.26 1.25 -15.73
N LEU A 780 -5.69 1.70 -16.85
CA LEU A 780 -5.04 0.76 -17.76
C LEU A 780 -3.80 0.15 -17.12
N GLN A 781 -3.03 0.94 -16.37
CA GLN A 781 -1.87 0.41 -15.67
C GLN A 781 -2.30 -0.63 -14.63
N PHE A 782 -3.37 -0.36 -13.90
CA PHE A 782 -3.86 -1.32 -12.92
C PHE A 782 -4.33 -2.61 -13.59
N VAL A 783 -5.00 -2.49 -14.73
CA VAL A 783 -5.51 -3.68 -15.42
C VAL A 783 -4.36 -4.51 -15.99
N GLY A 784 -3.41 -3.85 -16.65
CA GLY A 784 -2.36 -4.56 -17.37
C GLY A 784 -1.09 -4.83 -16.61
N ASP A 785 -0.95 -4.34 -15.38
CA ASP A 785 0.26 -4.55 -14.60
C ASP A 785 0.08 -5.48 -13.41
N GLY A 786 -1.13 -5.98 -13.18
CA GLY A 786 -1.38 -6.91 -12.10
C GLY A 786 -1.87 -6.24 -10.83
N GLU A 787 -2.88 -5.39 -10.95
CA GLU A 787 -3.50 -4.74 -9.80
C GLU A 787 -5.02 -4.97 -9.76
N MET A 788 -5.53 -5.97 -10.48
CA MET A 788 -6.96 -6.23 -10.52
C MET A 788 -7.31 -7.67 -10.15
N GLU A 789 -6.40 -8.63 -10.33
CA GLU A 789 -6.71 -10.03 -10.09
C GLU A 789 -7.04 -10.31 -8.63
N GLU A 790 -6.34 -9.65 -7.70
CA GLU A 790 -6.63 -9.88 -6.28
C GLU A 790 -8.03 -9.41 -5.92
N LEU A 791 -8.47 -8.30 -6.50
CA LEU A 791 -9.84 -7.85 -6.27
C LEU A 791 -10.85 -8.75 -6.95
N GLU A 792 -10.54 -9.22 -8.16
CA GLU A 792 -11.46 -10.08 -8.89
C GLU A 792 -11.65 -11.42 -8.19
N THR A 793 -10.60 -11.96 -7.58
CA THR A 793 -10.69 -13.28 -6.96
C THR A 793 -11.67 -13.28 -5.79
N CYS A 794 -11.70 -12.21 -5.00
CA CYS A 794 -12.51 -12.19 -3.79
C CYS A 794 -13.80 -11.40 -3.96
N TRP A 795 -13.94 -10.61 -5.01
CA TRP A 795 -15.13 -9.79 -5.21
C TRP A 795 -16.03 -10.26 -6.34
N LEU A 796 -15.52 -11.02 -7.30
CA LEU A 796 -16.31 -11.43 -8.46
C LEU A 796 -16.36 -12.93 -8.70
N THR A 797 -15.31 -13.69 -8.36
CA THR A 797 -15.32 -15.12 -8.63
C THR A 797 -16.36 -15.83 -7.76
N GLY A 798 -16.93 -16.89 -8.31
CA GLY A 798 -17.98 -17.62 -7.62
C GLY A 798 -17.81 -19.12 -7.66
N ILE A 799 -18.91 -19.84 -7.49
CA ILE A 799 -18.89 -21.31 -7.46
C ILE A 799 -19.93 -21.84 -8.44
N CYS A 800 -20.13 -23.16 -8.43
CA CYS A 800 -21.08 -23.88 -9.28
C CYS A 800 -20.62 -23.98 -10.73
N HIS A 801 -19.32 -23.87 -10.98
CA HIS A 801 -18.80 -24.03 -12.33
C HIS A 801 -18.78 -25.51 -12.72
N ASN A 802 -18.89 -25.76 -14.02
CA ASN A 802 -18.87 -27.12 -14.53
C ASN A 802 -17.49 -27.49 -15.07
N ASP A 813 -34.37 -44.14 -15.85
CA ASP A 813 -34.01 -43.03 -16.73
C ASP A 813 -34.93 -43.00 -17.96
N ILE A 814 -34.93 -41.87 -18.67
CA ILE A 814 -35.79 -41.73 -19.84
C ILE A 814 -35.34 -42.69 -20.94
N ASP A 815 -34.02 -42.88 -21.09
CA ASP A 815 -33.51 -43.76 -22.14
C ASP A 815 -33.93 -45.21 -21.96
N ASN A 816 -34.20 -45.64 -20.71
CA ASN A 816 -34.61 -47.01 -20.48
C ASN A 816 -35.94 -47.32 -21.16
N MET A 817 -36.90 -46.39 -21.05
CA MET A 817 -38.20 -46.59 -21.71
C MET A 817 -38.05 -46.65 -23.22
N ALA A 818 -37.22 -45.77 -23.79
CA ALA A 818 -36.99 -45.79 -25.23
C ALA A 818 -36.36 -47.10 -25.66
N GLY A 819 -35.38 -47.59 -24.90
CA GLY A 819 -34.73 -48.84 -25.24
C GLY A 819 -35.68 -50.03 -25.16
N VAL A 820 -36.49 -50.10 -24.10
CA VAL A 820 -37.40 -51.21 -23.95
C VAL A 820 -38.50 -51.16 -25.02
N PHE A 821 -38.94 -49.95 -25.39
CA PHE A 821 -39.91 -49.83 -26.48
C PHE A 821 -39.30 -50.27 -27.80
N TYR A 822 -38.05 -49.89 -28.07
CA TYR A 822 -37.38 -50.34 -29.29
C TYR A 822 -37.21 -51.85 -29.33
N MET A 823 -36.86 -52.46 -28.21
CA MET A 823 -36.77 -53.92 -28.14
C MET A 823 -38.12 -54.60 -28.35
N LEU A 824 -39.18 -54.06 -27.72
CA LEU A 824 -40.50 -54.66 -27.88
C LEU A 824 -41.01 -54.52 -29.31
N ALA A 825 -40.69 -53.40 -29.97
CA ALA A 825 -41.10 -53.25 -31.37
C ALA A 825 -40.44 -54.30 -32.26
N ALA A 826 -39.15 -54.54 -32.05
CA ALA A 826 -38.46 -55.57 -32.83
C ALA A 826 -39.02 -56.95 -32.51
N ALA A 827 -39.32 -57.21 -31.23
CA ALA A 827 -39.89 -58.50 -30.86
C ALA A 827 -41.24 -58.72 -31.53
N MET A 828 -42.09 -57.69 -31.54
CA MET A 828 -43.39 -57.80 -32.19
C MET A 828 -43.24 -57.98 -33.70
N ALA A 829 -42.29 -57.27 -34.31
CA ALA A 829 -42.06 -57.43 -35.74
C ALA A 829 -41.62 -58.86 -36.07
N LEU A 830 -40.70 -59.40 -35.29
CA LEU A 830 -40.25 -60.78 -35.51
C LEU A 830 -41.39 -61.78 -35.29
N SER A 831 -42.21 -61.55 -34.27
CA SER A 831 -43.35 -62.43 -34.04
C SER A 831 -44.34 -62.39 -35.21
N LEU A 832 -44.62 -61.20 -35.72
CA LEU A 832 -45.50 -61.07 -36.87
C LEU A 832 -44.91 -61.76 -38.10
N ILE A 833 -43.61 -61.61 -38.32
CA ILE A 833 -42.97 -62.23 -39.47
C ILE A 833 -43.04 -63.75 -39.37
N THR A 834 -42.70 -64.30 -38.20
CA THR A 834 -42.73 -65.76 -38.05
C THR A 834 -44.15 -66.30 -38.03
N PHE A 835 -45.15 -65.48 -37.68
CA PHE A 835 -46.53 -65.93 -37.77
C PHE A 835 -47.02 -65.93 -39.21
N ILE A 836 -46.64 -64.90 -39.99
CA ILE A 836 -47.08 -64.84 -41.37
C ILE A 836 -46.30 -65.80 -42.26
N TRP A 837 -45.14 -66.27 -41.81
CA TRP A 837 -44.40 -67.29 -42.55
C TRP A 837 -45.15 -68.61 -42.57
N LYS B 25 34.76 62.21 -8.26
CA LYS B 25 33.51 61.70 -8.83
C LYS B 25 33.40 62.11 -10.29
N ILE B 26 34.42 61.79 -11.08
CA ILE B 26 34.46 62.14 -12.49
C ILE B 26 34.29 60.87 -13.31
N VAL B 27 33.24 60.82 -14.12
CA VAL B 27 32.94 59.68 -14.98
C VAL B 27 33.10 60.10 -16.43
N ASN B 28 33.72 59.24 -17.23
CA ASN B 28 33.93 59.49 -18.65
C ASN B 28 33.25 58.37 -19.43
N ILE B 29 31.98 58.58 -19.77
CA ILE B 29 31.19 57.58 -20.48
C ILE B 29 31.57 57.61 -21.96
N GLY B 30 31.97 56.46 -22.49
CA GLY B 30 32.31 56.34 -23.89
C GLY B 30 31.13 55.94 -24.75
N ALA B 31 31.36 55.92 -26.06
CA ALA B 31 30.35 55.54 -27.03
C ALA B 31 31.01 55.04 -28.30
N VAL B 32 30.26 54.29 -29.09
CA VAL B 32 30.72 53.76 -30.37
C VAL B 32 29.65 54.13 -31.39
N LEU B 33 29.92 55.16 -32.18
CA LEU B 33 28.95 55.70 -33.14
C LEU B 33 29.44 55.45 -34.56
N SER B 34 28.55 55.69 -35.53
CA SER B 34 28.82 55.33 -36.91
C SER B 34 29.67 56.38 -37.63
N THR B 35 29.15 57.60 -37.76
CA THR B 35 29.80 58.63 -38.55
C THR B 35 30.04 59.88 -37.71
N ARG B 36 30.82 60.80 -38.28
CA ARG B 36 31.17 62.04 -37.57
C ARG B 36 29.94 62.89 -37.31
N LYS B 37 28.99 62.93 -38.25
CA LYS B 37 27.75 63.66 -38.02
C LYS B 37 26.99 63.08 -36.84
N HIS B 38 26.93 61.75 -36.75
CA HIS B 38 26.35 61.11 -35.57
C HIS B 38 27.14 61.46 -34.31
N GLU B 39 28.47 61.43 -34.40
CA GLU B 39 29.31 61.78 -33.26
C GLU B 39 29.06 63.19 -32.76
N GLN B 40 28.67 64.11 -33.65
CA GLN B 40 28.37 65.47 -33.25
C GLN B 40 26.95 65.60 -32.71
N MET B 41 25.96 65.04 -33.42
CA MET B 41 24.58 65.19 -32.98
C MET B 41 24.34 64.50 -31.64
N PHE B 42 24.89 63.30 -31.45
CA PHE B 42 24.70 62.59 -30.19
C PHE B 42 25.50 63.23 -29.06
N ARG B 43 26.66 63.82 -29.36
CA ARG B 43 27.38 64.57 -28.35
C ARG B 43 26.58 65.80 -27.91
N GLU B 44 25.95 66.49 -28.85
CA GLU B 44 25.08 67.61 -28.50
C GLU B 44 23.89 67.12 -27.67
N ALA B 45 23.34 65.95 -28.03
CA ALA B 45 22.21 65.40 -27.28
C ALA B 45 22.60 65.08 -25.84
N VAL B 46 23.76 64.46 -25.65
CA VAL B 46 24.19 64.13 -24.28
C VAL B 46 24.54 65.39 -23.50
N ASN B 47 25.12 66.40 -24.17
CA ASN B 47 25.38 67.66 -23.49
C ASN B 47 24.10 68.31 -23.03
N GLN B 48 23.06 68.28 -23.87
CA GLN B 48 21.75 68.81 -23.47
C GLN B 48 21.17 68.01 -22.31
N ALA B 49 21.27 66.67 -22.37
CA ALA B 49 20.72 65.82 -21.33
C ALA B 49 21.49 65.94 -20.01
N ASN B 50 22.72 66.44 -20.06
CA ASN B 50 23.49 66.63 -18.82
C ASN B 50 22.75 67.51 -17.83
N LYS B 51 22.06 68.54 -18.33
CA LYS B 51 21.33 69.48 -17.48
C LYS B 51 19.85 69.15 -17.36
N ARG B 52 19.40 68.06 -17.97
CA ARG B 52 17.99 67.65 -17.89
C ARG B 52 17.76 66.78 -16.66
N HIS B 53 17.93 67.40 -15.49
CA HIS B 53 17.74 66.76 -14.18
C HIS B 53 18.71 65.57 -14.13
N GLY B 54 18.27 64.38 -13.73
CA GLY B 54 19.15 63.23 -13.68
C GLY B 54 20.17 63.29 -12.57
N SER B 55 21.43 63.46 -12.93
CA SER B 55 22.51 63.48 -11.95
C SER B 55 22.58 64.85 -11.26
N TRP B 56 23.60 65.01 -10.42
CA TRP B 56 23.79 66.23 -9.65
C TRP B 56 25.26 66.63 -9.70
N LYS B 57 25.51 67.93 -9.50
CA LYS B 57 26.85 68.51 -9.46
C LYS B 57 27.48 68.34 -10.84
N ILE B 58 28.63 67.70 -10.97
CA ILE B 58 29.28 67.55 -12.27
C ILE B 58 28.64 66.38 -13.03
N GLN B 59 28.95 66.32 -14.33
CA GLN B 59 28.38 65.30 -15.20
C GLN B 59 29.51 64.55 -15.90
N LEU B 60 29.13 63.73 -16.88
CA LEU B 60 30.06 62.85 -17.55
C LEU B 60 30.72 63.53 -18.74
N ASN B 61 31.96 63.12 -19.02
CA ASN B 61 32.68 63.55 -20.21
C ASN B 61 32.50 62.50 -21.30
N ALA B 62 31.80 62.87 -22.37
CA ALA B 62 31.48 61.91 -23.41
C ALA B 62 32.59 61.83 -24.46
N THR B 63 32.65 60.69 -25.13
CA THR B 63 33.58 60.46 -26.23
C THR B 63 32.98 59.39 -27.13
N SER B 64 33.46 59.33 -28.37
CA SER B 64 32.89 58.43 -29.36
C SER B 64 34.00 57.85 -30.22
N VAL B 65 33.72 56.67 -30.77
CA VAL B 65 34.61 55.99 -31.70
C VAL B 65 33.83 55.66 -32.96
N THR B 66 34.39 56.04 -34.12
CA THR B 66 33.71 55.81 -35.38
C THR B 66 33.68 54.32 -35.72
N HIS B 67 32.63 53.93 -36.44
CA HIS B 67 32.50 52.54 -36.88
C HIS B 67 33.48 52.26 -38.01
N LYS B 68 34.17 51.13 -37.90
CA LYS B 68 35.14 50.73 -38.91
C LYS B 68 34.93 49.27 -39.32
N PRO B 69 34.97 48.96 -40.61
CA PRO B 69 34.82 47.57 -41.04
C PRO B 69 35.99 46.66 -40.71
N ASN B 70 37.03 47.17 -40.06
CA ASN B 70 38.18 46.38 -39.66
C ASN B 70 38.11 46.13 -38.16
N ALA B 71 38.83 45.10 -37.70
CA ALA B 71 38.77 44.66 -36.31
C ALA B 71 39.91 45.18 -35.45
N ILE B 72 41.15 45.06 -35.91
CA ILE B 72 42.30 45.39 -35.06
C ILE B 72 42.32 46.88 -34.75
N GLN B 73 42.18 47.73 -35.77
CA GLN B 73 42.21 49.17 -35.53
C GLN B 73 41.01 49.63 -34.73
N MET B 74 39.84 49.04 -34.96
CA MET B 74 38.66 49.38 -34.17
C MET B 74 38.87 49.02 -32.70
N ALA B 75 39.43 47.84 -32.44
CA ALA B 75 39.69 47.44 -31.06
C ALA B 75 40.72 48.34 -30.40
N LEU B 76 41.78 48.72 -31.14
CA LEU B 76 42.78 49.63 -30.58
C LEU B 76 42.17 50.99 -30.26
N SER B 77 41.32 51.50 -31.16
CA SER B 77 40.66 52.78 -30.90
C SER B 77 39.74 52.69 -29.69
N VAL B 78 38.99 51.59 -29.57
CA VAL B 78 38.11 51.42 -28.41
C VAL B 78 38.93 51.39 -27.13
N CYS B 79 40.05 50.65 -27.14
CA CYS B 79 40.90 50.58 -25.95
C CYS B 79 41.47 51.95 -25.59
N GLU B 80 41.93 52.71 -26.58
CA GLU B 80 42.55 54.00 -26.33
C GLU B 80 41.54 55.11 -26.04
N ASP B 81 40.26 54.90 -26.32
CA ASP B 81 39.25 55.93 -26.10
C ASP B 81 38.29 55.64 -24.97
N LEU B 82 38.13 54.39 -24.54
CA LEU B 82 37.18 54.04 -23.48
C LEU B 82 37.88 53.48 -22.25
N ILE B 83 38.76 52.49 -22.43
CA ILE B 83 39.41 51.84 -21.30
C ILE B 83 40.25 52.84 -20.51
N SER B 84 40.99 53.70 -21.21
CA SER B 84 41.78 54.71 -20.52
C SER B 84 40.92 55.70 -19.76
N SER B 85 39.65 55.84 -20.15
CA SER B 85 38.72 56.75 -19.50
C SER B 85 37.90 55.99 -18.44
N GLN B 86 37.04 56.72 -17.74
CA GLN B 86 36.22 56.14 -16.68
C GLN B 86 34.86 55.76 -17.26
N VAL B 87 34.86 54.65 -18.01
CA VAL B 87 33.66 54.20 -18.70
C VAL B 87 32.84 53.31 -17.77
N TYR B 88 31.56 53.64 -17.62
CA TYR B 88 30.61 52.79 -16.91
C TYR B 88 29.54 52.22 -17.83
N ALA B 89 29.42 52.73 -19.04
CA ALA B 89 28.45 52.22 -20.01
C ALA B 89 28.97 52.54 -21.41
N ILE B 90 28.58 51.70 -22.37
CA ILE B 90 29.03 51.82 -23.75
C ILE B 90 27.81 51.90 -24.65
N LEU B 91 27.82 52.89 -25.55
CA LEU B 91 26.75 53.07 -26.54
C LEU B 91 27.25 52.50 -27.87
N VAL B 92 26.67 51.38 -28.29
CA VAL B 92 27.02 50.72 -29.55
C VAL B 92 25.87 50.89 -30.53
N SER B 93 26.19 51.37 -31.73
CA SER B 93 25.21 51.66 -32.76
C SER B 93 25.25 50.60 -33.85
N HIS B 94 24.26 50.65 -34.74
CA HIS B 94 24.18 49.73 -35.86
C HIS B 94 25.25 50.07 -36.90
N PRO B 95 25.66 49.09 -37.68
CA PRO B 95 26.64 49.35 -38.76
C PRO B 95 26.10 50.35 -39.76
N PRO B 96 26.96 51.21 -40.31
CA PRO B 96 26.47 52.21 -41.27
C PRO B 96 25.82 51.61 -42.51
N THR B 97 26.29 50.45 -42.97
CA THR B 97 25.76 49.83 -44.17
C THR B 97 24.87 48.65 -43.78
N PRO B 98 23.55 48.75 -43.97
CA PRO B 98 22.66 47.64 -43.59
C PRO B 98 22.85 46.38 -44.42
N ASN B 99 23.49 46.47 -45.59
CA ASN B 99 23.63 45.30 -46.45
C ASN B 99 24.41 44.18 -45.78
N ASP B 100 25.52 44.53 -45.12
CA ASP B 100 26.29 43.55 -44.37
C ASP B 100 25.69 43.33 -42.99
N HIS B 101 26.05 42.21 -42.38
CA HIS B 101 25.54 41.89 -41.05
C HIS B 101 26.30 42.65 -39.98
N PHE B 102 27.61 42.40 -39.89
CA PHE B 102 28.53 43.12 -38.98
C PHE B 102 27.95 43.21 -37.57
N THR B 103 27.75 42.04 -36.99
CA THR B 103 27.19 41.96 -35.65
C THR B 103 28.14 42.62 -34.64
N PRO B 104 27.62 43.37 -33.68
CA PRO B 104 28.49 44.00 -32.68
C PRO B 104 29.00 43.03 -31.63
N THR B 105 29.52 41.89 -32.07
CA THR B 105 30.13 40.94 -31.14
C THR B 105 31.38 41.47 -30.45
N PRO B 106 32.36 42.07 -31.13
CA PRO B 106 33.63 42.40 -30.44
C PRO B 106 33.47 43.36 -29.27
N VAL B 107 32.57 44.33 -29.36
CA VAL B 107 32.40 45.28 -28.25
C VAL B 107 31.89 44.56 -27.01
N SER B 108 30.90 43.67 -27.19
CA SER B 108 30.41 42.89 -26.06
C SER B 108 31.49 41.95 -25.52
N TYR B 109 32.28 41.35 -26.40
CA TYR B 109 33.35 40.47 -25.97
C TYR B 109 34.37 41.21 -25.13
N THR B 110 34.75 42.42 -25.56
CA THR B 110 35.68 43.23 -24.78
C THR B 110 35.05 43.67 -23.46
N ALA B 111 33.77 44.03 -23.47
CA ALA B 111 33.10 44.43 -22.24
C ALA B 111 32.89 43.27 -21.27
N GLY B 112 33.00 42.03 -21.76
CA GLY B 112 32.80 40.89 -20.88
C GLY B 112 33.88 40.74 -19.84
N PHE B 113 35.06 41.30 -20.08
CA PHE B 113 36.16 41.21 -19.11
C PHE B 113 35.81 41.90 -17.81
N TYR B 114 35.22 43.09 -17.88
CA TYR B 114 34.88 43.88 -16.70
C TYR B 114 33.38 44.01 -16.49
N ARG B 115 32.57 43.19 -17.18
CA ARG B 115 31.11 43.25 -17.08
C ARG B 115 30.57 44.63 -17.39
N ILE B 116 31.17 45.29 -18.38
CA ILE B 116 30.77 46.64 -18.76
C ILE B 116 29.42 46.57 -19.47
N PRO B 117 28.39 47.25 -18.97
CA PRO B 117 27.08 47.19 -19.63
C PRO B 117 27.02 48.01 -20.91
N VAL B 118 27.00 47.33 -22.05
CA VAL B 118 26.87 47.98 -23.35
C VAL B 118 25.39 48.19 -23.64
N LEU B 119 25.09 49.18 -24.46
CA LEU B 119 23.71 49.56 -24.79
C LEU B 119 23.51 49.45 -26.30
N GLY B 120 22.98 48.31 -26.73
CA GLY B 120 22.63 48.15 -28.13
C GLY B 120 21.42 48.98 -28.50
N LEU B 121 21.41 49.47 -29.74
CA LEU B 121 20.35 50.35 -30.23
C LEU B 121 19.34 49.61 -31.08
N THR B 122 19.79 48.99 -32.17
CA THR B 122 18.88 48.30 -33.09
C THR B 122 19.36 46.88 -33.42
N THR B 123 20.28 46.33 -32.63
CA THR B 123 20.74 44.95 -32.87
C THR B 123 19.63 43.99 -32.48
N ARG B 124 18.89 43.51 -33.48
CA ARG B 124 17.71 42.67 -33.25
C ARG B 124 18.02 41.18 -33.31
N MET B 125 19.29 40.80 -33.50
CA MET B 125 19.64 39.39 -33.57
C MET B 125 19.39 38.71 -32.24
N SER B 126 18.99 37.43 -32.31
CA SER B 126 18.68 36.67 -31.11
C SER B 126 19.92 36.06 -30.46
N ILE B 127 21.10 36.25 -31.04
CA ILE B 127 22.33 35.78 -30.42
C ILE B 127 22.54 36.48 -29.07
N TYR B 128 22.18 37.76 -29.00
CA TYR B 128 22.40 38.58 -27.81
C TYR B 128 21.29 38.43 -26.78
N SER B 129 20.40 37.45 -26.93
CA SER B 129 19.33 37.26 -25.96
C SER B 129 19.88 36.69 -24.64
N ASP B 130 20.46 35.50 -24.70
CA ASP B 130 21.07 34.91 -23.52
C ASP B 130 22.37 35.61 -23.17
N LYS B 131 22.65 35.72 -21.88
CA LYS B 131 23.88 36.35 -21.40
C LYS B 131 25.05 35.38 -21.38
N SER B 132 24.84 34.10 -21.71
CA SER B 132 25.96 33.17 -21.80
C SER B 132 26.89 33.51 -22.97
N ILE B 133 26.32 33.87 -24.11
CA ILE B 133 27.14 34.25 -25.27
C ILE B 133 27.86 35.56 -25.00
N HIS B 134 27.14 36.55 -24.50
CA HIS B 134 27.68 37.87 -24.19
C HIS B 134 27.42 38.13 -22.70
N LEU B 135 28.51 38.24 -21.93
CA LEU B 135 28.38 38.32 -20.47
C LEU B 135 27.58 39.54 -20.04
N SER B 136 27.83 40.69 -20.68
CA SER B 136 27.14 41.94 -20.33
C SER B 136 26.72 42.63 -21.63
N PHE B 137 25.48 42.33 -22.06
CA PHE B 137 24.92 42.98 -23.25
C PHE B 137 23.47 43.35 -22.96
N LEU B 138 23.16 44.63 -23.06
CA LEU B 138 21.81 45.13 -22.87
C LEU B 138 21.42 45.98 -24.08
N ARG B 139 20.19 45.80 -24.55
CA ARG B 139 19.71 46.51 -25.72
C ARG B 139 18.28 47.00 -25.49
N THR B 140 17.94 48.09 -26.17
CA THR B 140 16.60 48.66 -26.11
C THR B 140 15.71 48.18 -27.25
N VAL B 141 16.18 47.27 -28.08
CA VAL B 141 15.44 46.74 -29.22
C VAL B 141 15.00 45.32 -28.88
N PRO B 142 13.72 45.00 -29.03
CA PRO B 142 13.26 43.64 -28.72
C PRO B 142 13.88 42.63 -29.68
N PRO B 143 14.15 41.41 -29.21
CA PRO B 143 14.75 40.39 -30.08
C PRO B 143 13.75 39.91 -31.13
N TYR B 144 14.29 39.22 -32.14
CA TYR B 144 13.45 38.61 -33.16
C TYR B 144 12.53 37.55 -32.58
N SER B 145 13.01 36.79 -31.59
CA SER B 145 12.20 35.74 -30.98
C SER B 145 10.99 36.30 -30.24
N HIS B 146 11.01 37.58 -29.87
CA HIS B 146 9.87 38.18 -29.18
C HIS B 146 8.66 38.36 -30.09
N GLN B 147 8.81 38.20 -31.41
CA GLN B 147 7.66 38.21 -32.30
C GLN B 147 6.74 37.01 -32.04
N SER B 148 7.24 35.99 -31.35
CA SER B 148 6.38 34.86 -30.98
C SER B 148 5.25 35.31 -30.09
N SER B 149 5.49 36.29 -29.21
CA SER B 149 4.42 36.84 -28.39
C SER B 149 3.34 37.49 -29.24
N VAL B 150 3.76 38.25 -30.26
CA VAL B 150 2.79 38.88 -31.16
C VAL B 150 1.99 37.82 -31.91
N TRP B 151 2.68 36.77 -32.38
CA TRP B 151 1.97 35.70 -33.08
C TRP B 151 0.98 35.00 -32.17
N PHE B 152 1.36 34.76 -30.91
CA PHE B 152 0.46 34.13 -29.96
C PHE B 152 -0.75 35.01 -29.67
N GLU B 153 -0.53 36.32 -29.54
CA GLU B 153 -1.65 37.23 -29.34
C GLU B 153 -2.59 37.23 -30.53
N MET B 154 -2.03 37.23 -31.75
CA MET B 154 -2.88 37.19 -32.94
C MET B 154 -3.67 35.89 -33.00
N MET B 155 -3.03 34.76 -32.67
CA MET B 155 -3.75 33.49 -32.67
C MET B 155 -4.85 33.47 -31.63
N ARG B 156 -4.60 34.01 -30.43
CA ARG B 156 -5.61 33.99 -29.38
C ARG B 156 -6.74 34.96 -29.64
N VAL B 157 -6.51 36.04 -30.39
CA VAL B 157 -7.59 36.97 -30.72
C VAL B 157 -8.30 36.60 -32.02
N TYR B 158 -7.71 35.73 -32.86
CA TYR B 158 -8.34 35.30 -34.09
C TYR B 158 -8.73 33.82 -34.05
N SER B 159 -8.65 33.17 -32.89
CA SER B 159 -9.06 31.79 -32.70
C SER B 159 -8.31 30.84 -33.64
N TRP B 160 -6.99 30.76 -33.46
CA TRP B 160 -6.15 29.85 -34.21
C TRP B 160 -5.71 28.72 -33.28
N ASN B 161 -5.89 27.48 -33.72
CA ASN B 161 -5.54 26.31 -32.91
C ASN B 161 -4.40 25.50 -33.49
N HIS B 162 -4.40 25.20 -34.79
CA HIS B 162 -3.37 24.41 -35.43
C HIS B 162 -2.43 25.34 -36.20
N ILE B 163 -1.15 25.32 -35.84
CA ILE B 163 -0.15 26.19 -36.45
C ILE B 163 1.12 25.38 -36.69
N ILE B 164 1.71 25.55 -37.86
CA ILE B 164 2.99 24.95 -38.21
C ILE B 164 4.04 26.04 -38.27
N LEU B 165 5.27 25.70 -37.86
CA LEU B 165 6.35 26.66 -37.76
C LEU B 165 7.45 26.29 -38.75
N LEU B 166 7.98 27.30 -39.44
CA LEU B 166 9.06 27.14 -40.40
C LEU B 166 10.22 28.04 -39.98
N VAL B 167 11.26 27.45 -39.40
CA VAL B 167 12.42 28.19 -38.93
C VAL B 167 13.67 27.53 -39.47
N SER B 168 14.67 28.34 -39.82
CA SER B 168 15.92 27.83 -40.36
C SER B 168 16.78 27.24 -39.25
N ASP B 169 17.83 26.52 -39.65
CA ASP B 169 18.76 25.90 -38.72
C ASP B 169 19.80 26.91 -38.23
N ASP B 170 19.30 27.98 -37.63
CA ASP B 170 20.13 29.02 -37.04
C ASP B 170 19.79 29.14 -35.57
N HIS B 171 20.69 29.78 -34.82
CA HIS B 171 20.47 29.97 -33.40
C HIS B 171 19.23 30.84 -33.14
N GLU B 172 19.05 31.88 -33.95
CA GLU B 172 17.87 32.73 -33.79
C GLU B 172 16.59 31.94 -34.09
N GLY B 173 16.62 31.10 -35.12
CA GLY B 173 15.44 30.28 -35.42
C GLY B 173 15.13 29.29 -34.32
N ARG B 174 16.17 28.64 -33.78
CA ARG B 174 15.96 27.71 -32.67
C ARG B 174 15.41 28.42 -31.45
N ALA B 175 15.93 29.61 -31.14
CA ALA B 175 15.42 30.38 -30.01
C ALA B 175 13.97 30.78 -30.22
N ALA B 176 13.62 31.20 -31.43
CA ALA B 176 12.23 31.55 -31.73
C ALA B 176 11.32 30.35 -31.59
N GLN B 177 11.76 29.18 -32.07
CA GLN B 177 10.96 27.97 -31.95
C GLN B 177 10.76 27.58 -30.48
N LYS B 178 11.83 27.67 -29.69
CA LYS B 178 11.72 27.36 -28.26
C LYS B 178 10.77 28.32 -27.56
N ARG B 179 10.87 29.62 -27.88
CA ARG B 179 9.97 30.60 -27.28
C ARG B 179 8.52 30.33 -27.66
N LEU B 180 8.28 30.00 -28.93
CA LEU B 180 6.93 29.70 -29.38
C LEU B 180 6.37 28.47 -28.67
N GLU B 181 7.18 27.42 -28.54
CA GLU B 181 6.72 26.22 -27.85
C GLU B 181 6.42 26.52 -26.38
N THR B 182 7.30 27.25 -25.71
CA THR B 182 7.09 27.56 -24.30
C THR B 182 5.83 28.42 -24.10
N LEU B 183 5.61 29.39 -24.98
CA LEU B 183 4.43 30.25 -24.86
C LEU B 183 3.16 29.51 -25.24
N LEU B 184 3.25 28.52 -26.13
CA LEU B 184 2.07 27.75 -26.52
C LEU B 184 1.76 26.63 -25.54
N GLU B 185 2.70 26.28 -24.65
CA GLU B 185 2.43 25.26 -23.65
C GLU B 185 1.35 25.70 -22.66
N GLU B 186 1.04 26.99 -22.58
CA GLU B 186 0.00 27.46 -21.66
C GLU B 186 -1.36 26.90 -22.05
N ARG B 187 -1.66 26.85 -23.35
CA ARG B 187 -2.92 26.31 -23.83
C ARG B 187 -2.91 24.80 -23.97
N GLU B 188 -1.78 24.15 -23.68
CA GLU B 188 -1.64 22.69 -23.78
C GLU B 188 -1.94 22.19 -25.20
N SER B 189 -1.58 22.97 -26.21
CA SER B 189 -1.72 22.56 -27.59
C SER B 189 -0.39 22.00 -28.09
N LYS B 190 -0.29 21.73 -29.38
CA LYS B 190 0.94 21.19 -29.95
C LYS B 190 0.99 21.53 -31.43
N ALA B 191 2.14 22.01 -31.89
CA ALA B 191 2.34 22.29 -33.31
C ALA B 191 2.37 21.00 -34.10
N GLU B 192 1.86 21.05 -35.33
CA GLU B 192 1.78 19.84 -36.16
C GLU B 192 3.17 19.42 -36.64
N LYS B 193 3.84 20.28 -37.40
CA LYS B 193 5.16 19.96 -37.95
C LYS B 193 6.05 21.19 -37.88
N VAL B 194 7.35 20.96 -37.77
CA VAL B 194 8.36 22.02 -37.77
C VAL B 194 9.31 21.72 -38.92
N LEU B 195 9.52 22.71 -39.78
CA LEU B 195 10.37 22.57 -40.95
C LEU B 195 11.67 23.35 -40.75
N GLN B 196 12.79 22.73 -41.09
CA GLN B 196 14.11 23.33 -40.93
C GLN B 196 14.71 23.69 -42.27
N PHE B 197 15.32 24.88 -42.33
CA PHE B 197 15.98 25.39 -43.53
C PHE B 197 17.49 25.37 -43.32
N ASP B 198 18.22 25.87 -44.31
CA ASP B 198 19.67 25.96 -44.26
C ASP B 198 20.11 27.36 -44.65
N PRO B 199 21.25 27.83 -44.14
CA PRO B 199 21.72 29.17 -44.52
C PRO B 199 22.30 29.19 -45.92
N GLY B 200 21.44 29.13 -46.93
CA GLY B 200 21.89 29.15 -48.31
C GLY B 200 21.16 28.15 -49.19
N THR B 201 20.21 27.42 -48.61
CA THR B 201 19.46 26.43 -49.38
C THR B 201 18.58 27.12 -50.42
N LYS B 202 18.36 26.41 -51.53
CA LYS B 202 17.55 26.91 -52.64
C LYS B 202 16.37 26.00 -52.95
N ASN B 203 16.56 24.68 -52.88
CA ASN B 203 15.50 23.73 -53.21
C ASN B 203 14.77 23.32 -51.94
N VAL B 204 13.60 23.92 -51.74
CA VAL B 204 12.75 23.63 -50.58
C VAL B 204 11.46 22.92 -50.98
N THR B 205 11.44 22.25 -52.13
CA THR B 205 10.21 21.61 -52.59
C THR B 205 9.78 20.48 -51.67
N ALA B 206 10.73 19.72 -51.13
CA ALA B 206 10.37 18.60 -50.25
C ALA B 206 9.65 19.10 -48.99
N LEU B 207 10.22 20.09 -48.31
CA LEU B 207 9.59 20.62 -47.11
C LEU B 207 8.30 21.36 -47.46
N LEU B 208 8.24 22.01 -48.61
CA LEU B 208 7.00 22.67 -49.02
C LEU B 208 5.88 21.66 -49.22
N MET B 209 6.18 20.53 -49.86
CA MET B 209 5.16 19.49 -50.05
C MET B 209 4.79 18.86 -48.70
N GLU B 210 5.77 18.71 -47.81
CA GLU B 210 5.46 18.20 -46.47
C GLU B 210 4.51 19.13 -45.74
N ALA B 211 4.72 20.45 -45.84
CA ALA B 211 3.79 21.40 -45.23
C ALA B 211 2.43 21.35 -45.91
N LYS B 212 2.40 21.20 -47.23
CA LYS B 212 1.13 21.12 -47.95
C LYS B 212 0.31 19.92 -47.49
N GLU B 213 0.97 18.78 -47.31
CA GLU B 213 0.29 17.58 -46.85
C GLU B 213 0.03 17.65 -45.34
N LEU B 214 -0.69 18.67 -44.90
CA LEU B 214 -1.01 18.86 -43.49
C LEU B 214 -2.37 19.51 -43.38
N GLU B 215 -2.99 19.36 -42.21
CA GLU B 215 -4.32 19.93 -41.97
C GLU B 215 -4.26 21.44 -41.85
N ALA B 216 -3.29 21.95 -41.09
CA ALA B 216 -3.17 23.38 -40.89
C ALA B 216 -2.77 24.08 -42.19
N ARG B 217 -3.29 25.29 -42.37
CA ARG B 217 -3.02 26.10 -43.57
C ARG B 217 -2.55 27.50 -43.19
N VAL B 218 -1.87 27.62 -42.05
CA VAL B 218 -1.27 28.87 -41.60
C VAL B 218 0.20 28.64 -41.37
N ILE B 219 1.04 29.48 -41.95
CA ILE B 219 2.49 29.29 -41.96
C ILE B 219 3.16 30.51 -41.34
N ILE B 220 4.09 30.29 -40.43
CA ILE B 220 4.90 31.33 -39.83
C ILE B 220 6.33 31.18 -40.33
N LEU B 221 6.89 32.26 -40.87
CA LEU B 221 8.21 32.25 -41.45
C LEU B 221 9.16 33.09 -40.61
N SER B 222 10.34 32.53 -40.31
CA SER B 222 11.36 33.24 -39.54
C SER B 222 12.72 32.70 -39.96
N ALA B 223 13.40 33.43 -40.83
CA ALA B 223 14.71 33.03 -41.33
C ALA B 223 15.39 34.27 -41.90
N SER B 224 16.51 34.05 -42.59
CA SER B 224 17.22 35.16 -43.23
C SER B 224 16.42 35.69 -44.41
N GLU B 225 16.79 36.88 -44.87
CA GLU B 225 16.05 37.54 -45.94
C GLU B 225 16.13 36.74 -47.24
N ASP B 226 17.32 36.28 -47.60
CA ASP B 226 17.49 35.55 -48.85
C ASP B 226 16.75 34.21 -48.82
N ASP B 227 16.87 33.48 -47.70
CA ASP B 227 16.16 32.20 -47.58
C ASP B 227 14.65 32.41 -47.60
N ALA B 228 14.16 33.45 -46.92
CA ALA B 228 12.74 33.74 -46.94
C ALA B 228 12.26 34.08 -48.34
N ALA B 229 13.03 34.89 -49.07
CA ALA B 229 12.66 35.22 -50.44
C ALA B 229 12.63 33.98 -51.32
N THR B 230 13.63 33.10 -51.18
CA THR B 230 13.67 31.89 -51.99
C THR B 230 12.49 30.97 -51.70
N VAL B 231 12.19 30.76 -50.41
CA VAL B 231 11.08 29.87 -50.06
C VAL B 231 9.75 30.48 -50.47
N TYR B 232 9.63 31.82 -50.40
CA TYR B 232 8.40 32.46 -50.85
C TYR B 232 8.22 32.34 -52.36
N ARG B 233 9.32 32.48 -53.12
CA ARG B 233 9.24 32.27 -54.56
C ARG B 233 8.85 30.83 -54.88
N ALA B 234 9.41 29.87 -54.16
CA ALA B 234 9.04 28.48 -54.38
C ALA B 234 7.58 28.24 -54.05
N ALA B 235 7.09 28.84 -52.96
CA ALA B 235 5.69 28.69 -52.59
C ALA B 235 4.77 29.31 -53.65
N ALA B 236 5.12 30.48 -54.16
CA ALA B 236 4.34 31.10 -55.21
C ALA B 236 4.34 30.25 -56.47
N MET B 237 5.48 29.65 -56.80
CA MET B 237 5.56 28.79 -57.98
C MET B 237 4.74 27.52 -57.80
N LEU B 238 4.63 27.01 -56.58
CA LEU B 238 3.91 25.77 -56.30
C LEU B 238 2.54 26.00 -55.69
N ASN B 239 1.85 27.08 -56.11
CA ASN B 239 0.46 27.34 -55.77
C ASN B 239 0.20 27.41 -54.27
N MET B 240 1.10 28.02 -53.50
CA MET B 240 0.88 28.20 -52.08
C MET B 240 0.36 29.60 -51.74
N THR B 241 0.14 30.45 -52.73
CA THR B 241 -0.39 31.79 -52.51
C THR B 241 -1.87 31.89 -52.86
N GLY B 242 -2.57 30.76 -52.91
CA GLY B 242 -3.97 30.74 -53.27
C GLY B 242 -4.88 31.01 -52.09
N SER B 243 -6.17 30.78 -52.32
CA SER B 243 -7.17 31.02 -51.29
C SER B 243 -7.02 30.03 -50.14
N GLY B 244 -7.33 30.48 -48.93
CA GLY B 244 -7.25 29.63 -47.76
C GLY B 244 -5.87 29.39 -47.22
N TYR B 245 -4.90 30.23 -47.60
CA TYR B 245 -3.51 30.11 -47.14
C TYR B 245 -3.11 31.44 -46.49
N VAL B 246 -3.32 31.53 -45.18
CA VAL B 246 -2.93 32.71 -44.41
C VAL B 246 -1.47 32.59 -44.04
N TRP B 247 -0.69 33.63 -44.34
CA TRP B 247 0.74 33.65 -44.10
C TRP B 247 1.10 34.66 -43.03
N LEU B 248 1.98 34.26 -42.12
CA LEU B 248 2.51 35.14 -41.08
C LEU B 248 4.01 35.28 -41.31
N VAL B 249 4.47 36.51 -41.50
CA VAL B 249 5.83 36.80 -41.89
C VAL B 249 6.44 37.78 -40.89
N GLY B 250 7.71 37.58 -40.56
CA GLY B 250 8.40 38.42 -39.60
C GLY B 250 8.80 39.75 -40.19
N GLU B 251 9.48 40.55 -39.36
CA GLU B 251 9.86 41.91 -39.74
C GLU B 251 10.92 41.91 -40.83
N ARG B 252 11.99 41.12 -40.65
CA ARG B 252 13.11 41.14 -41.58
C ARG B 252 12.86 40.32 -42.84
N GLU B 253 11.74 39.60 -42.91
CA GLU B 253 11.42 38.77 -44.06
C GLU B 253 10.43 39.42 -45.02
N ILE B 254 10.16 40.72 -44.84
CA ILE B 254 9.27 41.45 -45.74
C ILE B 254 10.00 42.51 -46.54
N SER B 255 11.24 42.86 -46.19
CA SER B 255 12.00 43.88 -46.89
C SER B 255 12.91 43.23 -47.93
N GLY B 256 13.75 44.04 -48.55
CA GLY B 256 14.64 43.52 -49.59
C GLY B 256 13.85 43.10 -50.81
N ASN B 257 14.09 41.87 -51.25
CA ASN B 257 13.40 41.33 -52.42
C ASN B 257 12.02 40.77 -52.10
N ALA B 258 11.67 40.66 -50.82
CA ALA B 258 10.35 40.14 -50.45
C ALA B 258 9.25 41.10 -50.88
N LEU B 259 9.43 42.40 -50.66
CA LEU B 259 8.42 43.37 -51.06
C LEU B 259 8.30 43.47 -52.58
N ARG B 260 9.30 42.99 -53.32
CA ARG B 260 9.26 43.01 -54.77
C ARG B 260 8.69 41.73 -55.38
N TYR B 261 8.96 40.58 -54.78
CA TYR B 261 8.52 39.29 -55.30
C TYR B 261 7.43 38.66 -54.41
N ALA B 262 6.74 39.49 -53.63
CA ALA B 262 5.68 38.97 -52.77
C ALA B 262 4.36 39.68 -53.05
N PRO B 263 3.33 38.94 -53.46
CA PRO B 263 2.02 39.57 -53.68
C PRO B 263 1.30 39.91 -52.39
N ASP B 264 0.04 40.34 -52.48
CA ASP B 264 -0.72 40.74 -51.32
C ASP B 264 -1.03 39.53 -50.43
N GLY B 265 -1.64 39.80 -49.28
CA GLY B 265 -2.00 38.77 -48.33
C GLY B 265 -0.95 38.45 -47.30
N ILE B 266 0.02 39.34 -47.07
CA ILE B 266 1.09 39.12 -46.12
C ILE B 266 0.83 39.99 -44.89
N LEU B 267 0.85 39.35 -43.71
CA LEU B 267 0.65 40.05 -42.44
C LEU B 267 2.01 40.17 -41.77
N GLY B 268 2.74 41.23 -42.12
CA GLY B 268 4.04 41.48 -41.56
C GLY B 268 3.97 42.24 -40.24
N LEU B 269 5.14 42.46 -39.67
CA LEU B 269 5.27 43.18 -38.40
C LEU B 269 6.39 44.19 -38.51
N GLN B 270 6.23 45.33 -37.82
CA GLN B 270 7.24 46.37 -37.79
C GLN B 270 7.22 47.03 -36.42
N LEU B 271 8.42 47.38 -35.93
CA LEU B 271 8.54 48.06 -34.65
C LEU B 271 8.25 49.55 -34.81
N ILE B 272 7.42 50.09 -33.93
CA ILE B 272 7.10 51.51 -33.97
C ILE B 272 8.25 52.31 -33.38
N ASN B 273 8.78 53.25 -34.16
CA ASN B 273 9.89 54.11 -33.74
C ASN B 273 11.14 53.29 -33.37
N GLY B 274 11.23 52.07 -33.91
CA GLY B 274 12.35 51.20 -33.61
C GLY B 274 13.63 51.55 -34.34
N LYS B 275 13.49 52.15 -35.52
CA LYS B 275 14.62 52.50 -36.36
C LYS B 275 15.16 53.90 -36.08
N ASN B 276 14.58 54.61 -35.11
CA ASN B 276 14.99 55.97 -34.79
C ASN B 276 16.18 55.90 -33.82
N GLU B 277 17.38 55.89 -34.38
CA GLU B 277 18.59 55.81 -33.56
C GLU B 277 18.71 57.01 -32.63
N SER B 278 18.40 58.21 -33.12
CA SER B 278 18.47 59.39 -32.29
C SER B 278 17.48 59.32 -31.13
N ALA B 279 16.25 58.87 -31.40
CA ALA B 279 15.26 58.73 -30.34
C ALA B 279 15.67 57.69 -29.31
N HIS B 280 16.21 56.56 -29.76
CA HIS B 280 16.69 55.55 -28.82
C HIS B 280 17.85 56.06 -27.97
N ILE B 281 18.79 56.80 -28.58
CA ILE B 281 19.93 57.31 -27.82
C ILE B 281 19.49 58.37 -26.83
N SER B 282 18.53 59.22 -27.22
CA SER B 282 18.05 60.27 -26.32
C SER B 282 17.47 59.71 -25.03
N ASP B 283 17.02 58.45 -25.04
CA ASP B 283 16.55 57.80 -23.82
C ASP B 283 17.64 56.99 -23.16
N ALA B 284 18.48 56.31 -23.95
CA ALA B 284 19.53 55.47 -23.38
C ALA B 284 20.54 56.29 -22.60
N VAL B 285 20.93 57.46 -23.11
CA VAL B 285 21.92 58.28 -22.43
C VAL B 285 21.36 58.81 -21.12
N GLY B 286 20.07 59.20 -21.10
CA GLY B 286 19.46 59.60 -19.85
C GLY B 286 19.38 58.46 -18.85
N VAL B 287 19.04 57.26 -19.33
CA VAL B 287 18.97 56.09 -18.45
C VAL B 287 20.32 55.81 -17.81
N VAL B 288 21.39 55.80 -18.62
CA VAL B 288 22.71 55.49 -18.08
C VAL B 288 23.19 56.62 -17.17
N ALA B 289 22.87 57.88 -17.51
CA ALA B 289 23.27 58.99 -16.66
C ALA B 289 22.60 58.90 -15.29
N GLN B 290 21.32 58.56 -15.25
CA GLN B 290 20.65 58.39 -13.96
C GLN B 290 21.17 57.17 -13.22
N ALA B 291 21.48 56.08 -13.94
CA ALA B 291 21.99 54.88 -13.30
C ALA B 291 23.37 55.11 -12.68
N VAL B 292 24.18 55.98 -13.29
CA VAL B 292 25.48 56.28 -12.72
C VAL B 292 25.34 56.85 -11.31
N HIS B 293 24.45 57.85 -11.15
CA HIS B 293 24.24 58.42 -9.83
C HIS B 293 23.50 57.47 -8.90
N GLU B 294 22.63 56.62 -9.46
CA GLU B 294 21.99 55.60 -8.63
C GLU B 294 23.02 54.66 -8.02
N LEU B 295 24.02 54.26 -8.80
CA LEU B 295 25.10 53.42 -8.27
C LEU B 295 26.00 54.21 -7.33
N LEU B 296 26.22 55.49 -7.62
CA LEU B 296 27.03 56.33 -6.73
C LEU B 296 26.40 56.47 -5.36
N GLU B 297 25.07 56.49 -5.31
CA GLU B 297 24.37 56.55 -4.02
C GLU B 297 24.63 55.30 -3.18
N LYS B 298 25.08 54.21 -3.80
CA LYS B 298 25.38 52.96 -3.12
C LYS B 298 26.79 53.03 -2.55
N GLU B 299 27.37 51.88 -2.20
CA GLU B 299 28.70 51.83 -1.60
C GLU B 299 29.76 52.09 -2.67
N ASN B 300 31.03 51.99 -2.29
CA ASN B 300 32.12 52.35 -3.19
C ASN B 300 32.16 51.43 -4.40
N ILE B 301 32.63 51.98 -5.51
CA ILE B 301 32.67 51.29 -6.78
C ILE B 301 34.11 51.14 -7.24
N THR B 302 34.33 50.33 -8.27
CA THR B 302 35.65 50.06 -8.80
C THR B 302 35.81 50.75 -10.14
N ASP B 303 36.90 51.52 -10.29
CA ASP B 303 37.24 52.26 -11.51
C ASP B 303 37.87 51.32 -12.54
N PRO B 304 37.67 51.59 -13.83
CA PRO B 304 38.31 50.77 -14.85
C PRO B 304 39.81 50.99 -14.86
N PRO B 305 40.59 49.99 -15.29
CA PRO B 305 42.04 50.17 -15.34
C PRO B 305 42.43 51.24 -16.35
N ARG B 306 43.53 51.94 -16.05
CA ARG B 306 44.00 53.00 -16.93
C ARG B 306 44.56 52.42 -18.23
N GLY B 307 45.59 51.58 -18.13
CA GLY B 307 46.16 50.97 -19.31
C GLY B 307 45.36 49.74 -19.75
N CYS B 308 45.24 49.59 -21.08
CA CYS B 308 44.54 48.45 -21.63
C CYS B 308 45.21 47.12 -21.31
N VAL B 309 46.53 47.10 -21.14
CA VAL B 309 47.26 45.93 -20.71
C VAL B 309 48.03 46.27 -19.43
N GLY B 310 47.84 45.47 -18.39
CA GLY B 310 48.49 45.73 -17.13
C GLY B 310 47.61 45.48 -15.92
N ASN B 311 46.36 45.10 -16.15
CA ASN B 311 45.43 44.83 -15.06
C ASN B 311 44.44 43.77 -15.53
N THR B 312 44.57 42.55 -14.98
CA THR B 312 43.74 41.43 -15.37
C THR B 312 42.60 41.17 -14.38
N ASN B 313 42.35 42.09 -13.47
CA ASN B 313 41.31 41.91 -12.46
C ASN B 313 39.93 42.08 -13.09
N ILE B 314 38.88 41.85 -12.31
CA ILE B 314 37.51 41.95 -12.78
C ILE B 314 36.74 42.88 -11.87
N TRP B 315 35.74 43.56 -12.43
CA TRP B 315 34.94 44.49 -11.66
C TRP B 315 34.09 43.75 -10.64
N LYS B 316 33.87 44.39 -9.49
CA LYS B 316 32.96 43.90 -8.47
C LYS B 316 31.58 44.53 -8.55
N THR B 317 31.45 45.64 -9.28
CA THR B 317 30.16 46.31 -9.46
C THR B 317 29.45 45.87 -10.73
N GLY B 318 30.00 44.90 -11.47
CA GLY B 318 29.38 44.39 -12.67
C GLY B 318 27.99 43.82 -12.42
N PRO B 319 27.87 42.88 -11.48
CA PRO B 319 26.53 42.42 -11.08
C PRO B 319 25.67 43.53 -10.51
N LEU B 320 26.27 44.51 -9.83
CA LEU B 320 25.50 45.62 -9.29
C LEU B 320 24.83 46.43 -10.40
N PHE B 321 25.54 46.63 -11.51
CA PHE B 321 24.94 47.34 -12.64
C PHE B 321 23.68 46.63 -13.13
N LYS B 322 23.76 45.32 -13.31
CA LYS B 322 22.59 44.55 -13.75
C LYS B 322 21.48 44.62 -12.71
N ARG B 323 21.84 44.52 -11.42
CA ARG B 323 20.82 44.56 -10.38
C ARG B 323 20.09 45.90 -10.36
N VAL B 324 20.80 47.00 -10.57
CA VAL B 324 20.18 48.32 -10.47
C VAL B 324 19.53 48.71 -11.81
N LEU B 325 19.86 47.98 -12.87
CA LEU B 325 19.27 48.28 -14.17
C LEU B 325 18.03 47.45 -14.49
N MET B 326 17.98 46.19 -14.02
CA MET B 326 16.83 45.35 -14.32
C MET B 326 15.56 45.90 -13.68
N SER B 327 15.64 46.38 -12.44
CA SER B 327 14.49 46.93 -11.74
C SER B 327 14.27 48.41 -12.03
N SER B 328 15.16 49.03 -12.78
CA SER B 328 15.00 50.45 -13.10
C SER B 328 13.85 50.67 -14.08
N LYS B 329 13.12 51.76 -13.88
CA LYS B 329 12.00 52.11 -14.73
C LYS B 329 12.11 53.58 -15.11
N TYR B 330 11.97 53.87 -16.40
CA TYR B 330 12.10 55.23 -16.93
C TYR B 330 10.90 55.52 -17.82
N ALA B 331 10.02 56.40 -17.35
CA ALA B 331 8.84 56.80 -18.10
C ALA B 331 9.06 58.07 -18.92
N ASP B 332 10.27 58.63 -18.89
CA ASP B 332 10.57 59.85 -19.64
C ASP B 332 11.02 59.59 -21.07
N GLY B 333 11.08 58.32 -21.49
CA GLY B 333 11.53 58.01 -22.82
C GLY B 333 10.52 58.40 -23.89
N VAL B 334 11.02 58.47 -25.12
CA VAL B 334 10.16 58.81 -26.26
C VAL B 334 9.12 57.71 -26.48
N THR B 335 9.53 56.46 -26.41
CA THR B 335 8.64 55.33 -26.62
C THR B 335 7.91 54.89 -25.34
N GLY B 336 7.82 55.78 -24.35
CA GLY B 336 7.16 55.46 -23.11
C GLY B 336 8.09 54.78 -22.12
N ARG B 337 7.54 53.89 -21.30
CA ARG B 337 8.35 53.19 -20.30
C ARG B 337 9.34 52.26 -20.98
N VAL B 338 10.54 52.19 -20.42
CA VAL B 338 11.61 51.34 -20.93
C VAL B 338 11.92 50.32 -19.83
N GLU B 339 11.42 49.10 -20.01
CA GLU B 339 11.62 48.03 -19.04
C GLU B 339 12.50 46.94 -19.63
N PHE B 340 13.33 46.35 -18.76
CA PHE B 340 14.23 45.27 -19.15
C PHE B 340 13.75 43.95 -18.58
N ASN B 341 13.70 42.93 -19.43
CA ASN B 341 13.24 41.61 -19.01
C ASN B 341 14.39 40.85 -18.34
N GLU B 342 14.17 39.56 -18.10
CA GLU B 342 15.20 38.74 -17.47
C GLU B 342 16.45 38.62 -18.34
N ASP B 343 16.30 38.72 -19.66
CA ASP B 343 17.45 38.68 -20.56
C ASP B 343 18.09 40.05 -20.78
N GLY B 344 17.54 41.10 -20.19
CA GLY B 344 18.10 42.43 -20.34
C GLY B 344 17.68 43.15 -21.60
N ASP B 345 16.73 42.62 -22.35
CA ASP B 345 16.27 43.24 -23.59
C ASP B 345 15.01 44.06 -23.34
N ARG B 346 14.51 44.69 -24.41
CA ARG B 346 13.34 45.55 -24.30
C ARG B 346 12.10 44.73 -23.98
N LYS B 347 11.29 45.25 -23.05
CA LYS B 347 10.04 44.64 -22.65
C LYS B 347 8.87 45.52 -23.05
N PHE B 348 7.82 44.91 -23.61
CA PHE B 348 6.61 45.61 -24.02
C PHE B 348 6.93 46.69 -25.06
N ALA B 349 7.52 46.24 -26.16
CA ALA B 349 7.88 47.14 -27.26
C ALA B 349 6.68 47.34 -28.19
N ASN B 350 6.59 48.55 -28.76
CA ASN B 350 5.48 48.89 -29.63
C ASN B 350 5.64 48.21 -30.99
N TYR B 351 4.84 47.19 -31.25
CA TYR B 351 4.81 46.52 -32.54
C TYR B 351 3.66 47.05 -33.38
N SER B 352 3.79 46.90 -34.69
CA SER B 352 2.79 47.36 -35.65
C SER B 352 2.57 46.26 -36.67
N ILE B 353 1.35 45.72 -36.72
CA ILE B 353 1.03 44.67 -37.67
C ILE B 353 0.89 45.27 -39.06
N MET B 354 1.63 44.72 -40.02
CA MET B 354 1.62 45.21 -41.39
C MET B 354 0.67 44.38 -42.26
N ASN B 355 0.27 44.96 -43.37
CA ASN B 355 -0.57 44.29 -44.35
C ASN B 355 -0.23 44.83 -45.73
N LEU B 356 -0.09 43.94 -46.70
CA LEU B 356 0.31 44.30 -48.05
C LEU B 356 -0.93 44.37 -48.93
N GLN B 357 -1.18 45.56 -49.48
CA GLN B 357 -2.32 45.79 -50.37
C GLN B 357 -1.81 46.50 -51.61
N ASN B 358 -1.88 45.82 -52.76
CA ASN B 358 -1.37 46.36 -54.03
C ASN B 358 0.09 46.78 -53.90
N ARG B 359 0.89 45.90 -53.29
CA ARG B 359 2.32 46.14 -53.06
C ARG B 359 2.58 47.37 -52.19
N LYS B 360 1.65 47.70 -51.30
CA LYS B 360 1.79 48.81 -50.38
C LYS B 360 1.53 48.33 -48.96
N LEU B 361 2.36 48.78 -48.02
CA LEU B 361 2.22 48.39 -46.63
C LEU B 361 1.15 49.24 -45.96
N VAL B 362 0.18 48.58 -45.32
CA VAL B 362 -0.92 49.25 -44.64
C VAL B 362 -0.91 48.84 -43.18
N GLN B 363 -0.91 49.82 -42.28
CA GLN B 363 -0.95 49.55 -40.85
C GLN B 363 -2.34 49.11 -40.44
N VAL B 364 -2.43 47.98 -39.73
CA VAL B 364 -3.71 47.44 -39.30
C VAL B 364 -3.72 47.28 -37.79
N GLY B 365 -2.82 46.46 -37.27
CA GLY B 365 -2.76 46.15 -35.84
C GLY B 365 -1.66 46.91 -35.14
N ILE B 366 -1.97 47.38 -33.93
CA ILE B 366 -1.02 48.08 -33.09
C ILE B 366 -0.82 47.26 -31.83
N TYR B 367 0.43 46.89 -31.55
CA TYR B 367 0.78 46.04 -30.42
C TYR B 367 1.79 46.78 -29.55
N ASN B 368 1.30 47.45 -28.50
CA ASN B 368 2.21 48.11 -27.57
C ASN B 368 2.73 47.12 -26.53
N GLY B 369 1.83 46.49 -25.78
CA GLY B 369 2.21 45.40 -24.90
C GLY B 369 1.05 44.46 -24.63
N THR B 370 1.26 43.17 -24.91
CA THR B 370 0.29 42.11 -24.66
C THR B 370 -1.11 42.44 -25.14
N HIS B 371 -1.24 43.33 -26.12
CA HIS B 371 -2.54 43.76 -26.62
C HIS B 371 -2.41 44.17 -28.08
N VAL B 372 -3.33 43.68 -28.91
CA VAL B 372 -3.36 44.03 -30.33
C VAL B 372 -4.56 44.93 -30.59
N ILE B 373 -4.34 46.02 -31.31
CA ILE B 373 -5.39 46.99 -31.59
C ILE B 373 -5.68 47.01 -33.09
N PRO B 374 -6.76 46.38 -33.54
CA PRO B 374 -7.10 46.43 -34.97
C PRO B 374 -7.58 47.82 -35.38
N ASN B 375 -7.48 48.09 -36.67
CA ASN B 375 -7.88 49.37 -37.25
C ASN B 375 -9.08 49.17 -38.16
N ASP B 376 -9.59 50.29 -38.68
CA ASP B 376 -10.80 50.25 -39.51
C ASP B 376 -10.56 49.60 -40.87
N ARG B 377 -9.32 49.54 -41.33
CA ARG B 377 -9.03 48.93 -42.62
C ARG B 377 -9.30 47.43 -42.58
N LYS B 378 -9.88 46.91 -43.66
CA LYS B 378 -10.20 45.50 -43.74
C LYS B 378 -8.93 44.68 -43.94
N ILE B 379 -8.87 43.51 -43.29
CA ILE B 379 -7.72 42.62 -43.40
C ILE B 379 -7.97 41.69 -44.58
N ILE B 380 -7.27 41.92 -45.68
CA ILE B 380 -7.42 41.07 -46.86
C ILE B 380 -6.66 39.77 -46.65
N TRP B 381 -6.99 38.77 -47.46
CA TRP B 381 -6.37 37.45 -47.41
C TRP B 381 -5.97 37.04 -48.82
N PRO B 382 -4.98 36.16 -48.95
CA PRO B 382 -4.59 35.68 -50.28
C PRO B 382 -5.74 34.96 -50.97
N GLY B 383 -5.81 35.12 -52.29
CA GLY B 383 -6.90 34.56 -53.06
C GLY B 383 -8.15 35.41 -53.11
N GLY B 384 -8.08 36.68 -52.74
CA GLY B 384 -9.24 37.55 -52.75
C GLY B 384 -10.31 37.17 -51.75
N GLU B 385 -9.92 36.80 -50.54
CA GLU B 385 -10.87 36.45 -49.50
C GLU B 385 -11.12 37.64 -48.57
N THR B 386 -12.40 37.92 -48.34
CA THR B 386 -12.81 39.00 -47.45
C THR B 386 -13.21 38.50 -46.07
N GLU B 387 -13.01 37.22 -45.78
CA GLU B 387 -13.35 36.62 -44.50
C GLU B 387 -12.19 35.77 -44.01
N LYS B 388 -12.12 35.59 -42.70
CA LYS B 388 -11.04 34.83 -42.10
C LYS B 388 -11.21 33.35 -42.39
N PRO B 389 -10.25 32.70 -43.04
CA PRO B 389 -10.37 31.25 -43.28
C PRO B 389 -9.92 30.44 -42.08
N ARG B 390 -9.91 29.11 -42.22
CA ARG B 390 -9.45 28.24 -41.15
C ARG B 390 -8.91 26.95 -41.76
N GLY B 391 -7.95 26.34 -41.07
CA GLY B 391 -7.36 25.09 -41.53
C GLY B 391 -7.71 23.92 -40.64
N TYR B 392 -8.95 23.86 -40.16
CA TYR B 392 -9.41 22.80 -39.28
C TYR B 392 -10.05 21.64 -40.02
N GLN B 393 -10.10 21.69 -41.35
CA GLN B 393 -10.72 20.62 -42.12
C GLN B 393 -9.76 19.43 -42.26
N MET B 394 -10.31 18.23 -42.13
CA MET B 394 -9.53 17.00 -42.24
C MET B 394 -9.34 16.54 -43.67
N SER B 395 -10.09 17.08 -44.62
CA SER B 395 -10.03 16.78 -46.06
C SER B 395 -10.37 15.33 -46.39
N THR B 396 -10.77 14.52 -45.39
CA THR B 396 -11.12 13.11 -45.60
C THR B 396 -10.01 12.36 -46.33
N ARG B 397 -8.77 12.60 -45.90
CA ARG B 397 -7.59 11.98 -46.49
C ARG B 397 -6.76 11.29 -45.41
N LEU B 398 -7.44 10.50 -44.58
CA LEU B 398 -6.77 9.80 -43.48
C LEU B 398 -6.20 8.49 -43.98
N LYS B 399 -4.88 8.36 -43.96
CA LYS B 399 -4.23 7.12 -44.35
C LYS B 399 -4.39 6.09 -43.24
N ILE B 400 -4.73 4.86 -43.63
CA ILE B 400 -5.04 3.79 -42.69
C ILE B 400 -4.10 2.61 -42.96
N VAL B 401 -3.49 2.08 -41.90
CA VAL B 401 -2.59 0.94 -41.99
C VAL B 401 -3.17 -0.22 -41.19
N THR B 402 -3.09 -1.42 -41.76
CA THR B 402 -3.61 -2.61 -41.12
C THR B 402 -2.58 -3.72 -41.22
N ILE B 403 -2.61 -4.63 -40.26
CA ILE B 403 -1.68 -5.76 -40.20
C ILE B 403 -2.43 -7.02 -40.63
N HIS B 404 -1.69 -7.92 -41.29
CA HIS B 404 -2.27 -9.17 -41.77
C HIS B 404 -2.55 -10.08 -40.57
N GLN B 405 -3.80 -10.11 -40.13
CA GLN B 405 -4.24 -10.98 -39.04
C GLN B 405 -5.29 -11.92 -39.59
N GLU B 406 -4.97 -13.21 -39.66
CA GLU B 406 -5.83 -14.18 -40.34
C GLU B 406 -7.27 -14.18 -39.80
N PRO B 407 -7.53 -14.21 -38.49
CA PRO B 407 -8.93 -14.21 -38.03
C PRO B 407 -9.70 -12.95 -38.39
N PHE B 408 -9.03 -11.84 -38.67
CA PHE B 408 -9.72 -10.57 -38.91
C PHE B 408 -9.37 -9.94 -40.26
N VAL B 409 -8.15 -10.11 -40.75
CA VAL B 409 -7.70 -9.49 -42.00
C VAL B 409 -7.30 -10.62 -42.94
N TYR B 410 -8.03 -10.78 -44.04
CA TYR B 410 -7.72 -11.80 -45.04
C TYR B 410 -7.01 -11.14 -46.21
N VAL B 411 -5.69 -11.02 -46.10
CA VAL B 411 -4.88 -10.43 -47.16
C VAL B 411 -4.61 -11.51 -48.21
N LYS B 412 -5.11 -11.28 -49.43
CA LYS B 412 -4.92 -12.20 -50.54
C LYS B 412 -4.48 -11.42 -51.76
N PRO B 413 -3.67 -12.03 -52.63
CA PRO B 413 -3.23 -11.34 -53.84
C PRO B 413 -4.38 -11.12 -54.82
N THR B 414 -4.27 -10.07 -55.61
CA THR B 414 -5.27 -9.75 -56.61
C THR B 414 -5.09 -10.64 -57.85
N LEU B 415 -6.01 -10.51 -58.80
CA LEU B 415 -5.95 -11.28 -60.03
C LEU B 415 -5.10 -10.53 -61.06
N SER B 416 -5.11 -10.99 -62.31
CA SER B 416 -4.31 -10.36 -63.35
C SER B 416 -4.87 -9.01 -63.77
N ASP B 417 -6.13 -8.72 -63.45
CA ASP B 417 -6.75 -7.45 -63.80
C ASP B 417 -6.52 -6.36 -62.77
N GLY B 418 -5.86 -6.67 -61.66
CA GLY B 418 -5.61 -5.73 -60.60
C GLY B 418 -6.59 -5.78 -59.45
N THR B 419 -7.74 -6.43 -59.65
CA THR B 419 -8.75 -6.59 -58.61
C THR B 419 -8.88 -8.05 -58.21
N CYS B 420 -9.52 -8.26 -57.07
CA CYS B 420 -9.72 -9.61 -56.55
C CYS B 420 -11.11 -10.12 -56.89
N LYS B 421 -11.23 -11.45 -56.95
CA LYS B 421 -12.50 -12.08 -57.25
C LYS B 421 -13.48 -11.87 -56.10
N GLU B 422 -14.77 -11.81 -56.46
CA GLU B 422 -15.84 -11.56 -55.50
C GLU B 422 -16.47 -12.89 -55.10
N GLU B 423 -16.45 -13.18 -53.80
CA GLU B 423 -17.05 -14.39 -53.25
C GLU B 423 -18.33 -14.04 -52.51
N PHE B 424 -18.96 -15.07 -51.94
CA PHE B 424 -20.19 -14.90 -51.18
C PHE B 424 -20.10 -15.70 -49.89
N THR B 425 -20.82 -15.25 -48.88
CA THR B 425 -20.83 -15.90 -47.58
C THR B 425 -21.86 -17.02 -47.58
N VAL B 426 -22.10 -17.61 -46.41
CA VAL B 426 -23.09 -18.68 -46.30
C VAL B 426 -24.51 -18.16 -46.55
N ASN B 427 -24.75 -16.90 -46.23
CA ASN B 427 -26.06 -16.28 -46.45
C ASN B 427 -26.22 -15.72 -47.86
N GLY B 428 -25.20 -15.81 -48.69
CA GLY B 428 -25.27 -15.30 -50.05
C GLY B 428 -24.94 -13.83 -50.21
N ASP B 429 -24.69 -13.12 -49.11
CA ASP B 429 -24.35 -11.71 -49.22
C ASP B 429 -22.94 -11.55 -49.81
N PRO B 430 -22.73 -10.55 -50.67
CA PRO B 430 -21.39 -10.35 -51.23
C PRO B 430 -20.38 -9.96 -50.16
N VAL B 431 -19.14 -10.36 -50.38
CA VAL B 431 -18.05 -10.09 -49.44
C VAL B 431 -17.42 -8.76 -49.82
N LYS B 432 -17.48 -7.80 -48.91
CA LYS B 432 -16.90 -6.48 -49.16
C LYS B 432 -15.38 -6.56 -49.16
N LYS B 433 -14.74 -5.95 -50.16
CA LYS B 433 -13.30 -5.97 -50.29
C LYS B 433 -12.80 -4.57 -50.60
N VAL B 434 -11.60 -4.26 -50.11
CA VAL B 434 -10.94 -2.99 -50.32
C VAL B 434 -9.54 -3.26 -50.85
N ILE B 435 -9.11 -2.45 -51.83
CA ILE B 435 -7.79 -2.62 -52.41
C ILE B 435 -6.73 -2.39 -51.34
N CYS B 436 -5.86 -3.38 -51.15
CA CYS B 436 -4.85 -3.35 -50.09
C CYS B 436 -3.50 -3.00 -50.70
N THR B 437 -2.76 -2.11 -50.02
CA THR B 437 -1.43 -1.70 -50.44
C THR B 437 -0.42 -2.10 -49.38
N GLY B 438 0.65 -2.77 -49.80
CA GLY B 438 1.68 -3.18 -48.89
C GLY B 438 2.83 -3.89 -49.58
N PRO B 439 3.87 -4.22 -48.82
CA PRO B 439 5.03 -4.90 -49.41
C PRO B 439 4.67 -6.30 -49.89
N ASN B 440 5.35 -6.72 -50.96
CA ASN B 440 5.10 -8.04 -51.52
C ASN B 440 5.65 -9.15 -50.61
N ASP B 441 6.82 -8.92 -50.02
CA ASP B 441 7.47 -9.90 -49.15
C ASP B 441 7.50 -9.36 -47.73
N THR B 442 6.96 -10.13 -46.78
CA THR B 442 6.96 -9.70 -45.39
C THR B 442 8.33 -9.85 -44.75
N SER B 443 9.07 -10.89 -45.12
CA SER B 443 10.36 -11.14 -44.50
C SER B 443 11.37 -10.07 -44.91
N PRO B 444 12.30 -9.71 -44.02
CA PRO B 444 13.31 -8.70 -44.38
C PRO B 444 14.37 -9.24 -45.32
N GLY B 445 15.22 -8.36 -45.83
CA GLY B 445 16.26 -8.77 -46.76
C GLY B 445 15.72 -9.28 -48.08
N SER B 446 14.67 -8.66 -48.59
CA SER B 446 14.03 -9.05 -49.84
C SER B 446 13.77 -7.80 -50.66
N PRO B 447 13.71 -7.94 -51.99
CA PRO B 447 13.36 -6.77 -52.82
C PRO B 447 11.92 -6.35 -52.63
N ARG B 448 11.66 -5.57 -51.58
CA ARG B 448 10.31 -5.16 -51.24
C ARG B 448 9.70 -4.34 -52.36
N HIS B 449 8.45 -4.67 -52.72
CA HIS B 449 7.70 -3.94 -53.73
C HIS B 449 6.29 -3.70 -53.19
N THR B 450 5.79 -2.48 -53.37
CA THR B 450 4.46 -2.10 -52.87
C THR B 450 3.40 -2.49 -53.90
N VAL B 451 3.28 -3.79 -54.11
CA VAL B 451 2.28 -4.34 -55.03
C VAL B 451 0.91 -4.20 -54.40
N PRO B 452 -0.16 -4.06 -55.18
CA PRO B 452 -1.51 -3.94 -54.61
C PRO B 452 -2.06 -5.29 -54.21
N GLN B 453 -2.29 -5.46 -52.90
CA GLN B 453 -2.91 -6.66 -52.37
C GLN B 453 -4.43 -6.46 -52.30
N CYS B 454 -5.12 -7.37 -51.61
CA CYS B 454 -6.56 -7.29 -51.44
C CYS B 454 -6.93 -7.91 -50.10
N CYS B 455 -7.29 -7.07 -49.14
CA CYS B 455 -7.60 -7.50 -47.79
C CYS B 455 -9.08 -7.27 -47.49
N TYR B 456 -9.64 -8.17 -46.68
CA TYR B 456 -11.03 -8.05 -46.25
C TYR B 456 -11.21 -8.79 -44.93
N GLY B 457 -12.28 -8.48 -44.23
CA GLY B 457 -12.57 -9.17 -42.98
C GLY B 457 -13.50 -8.33 -42.11
N PHE B 458 -13.55 -8.72 -40.83
CA PHE B 458 -14.45 -8.09 -39.86
C PHE B 458 -14.04 -6.64 -39.60
N CYS B 459 -12.76 -6.40 -39.36
CA CYS B 459 -12.29 -5.04 -39.09
C CYS B 459 -12.49 -4.14 -40.31
N ILE B 460 -12.25 -4.67 -41.51
CA ILE B 460 -12.45 -3.88 -42.72
C ILE B 460 -13.94 -3.60 -42.93
N ASP B 461 -14.79 -4.56 -42.59
CA ASP B 461 -16.23 -4.31 -42.67
C ASP B 461 -16.65 -3.21 -41.69
N LEU B 462 -16.10 -3.22 -40.48
CA LEU B 462 -16.36 -2.16 -39.53
C LEU B 462 -15.86 -0.82 -40.04
N LEU B 463 -14.70 -0.81 -40.68
CA LEU B 463 -14.18 0.41 -41.28
C LEU B 463 -15.09 0.92 -42.39
N ILE B 464 -15.64 0.01 -43.20
CA ILE B 464 -16.57 0.40 -44.25
C ILE B 464 -17.82 1.03 -43.64
N LYS B 465 -18.33 0.43 -42.56
CA LYS B 465 -19.51 0.99 -41.89
C LYS B 465 -19.20 2.38 -41.34
N LEU B 466 -18.02 2.54 -40.73
CA LEU B 466 -17.65 3.86 -40.21
C LEU B 466 -17.51 4.88 -41.32
N ALA B 467 -16.92 4.49 -42.44
CA ALA B 467 -16.78 5.41 -43.57
C ALA B 467 -18.12 5.81 -44.13
N ARG B 468 -19.05 4.85 -44.25
CA ARG B 468 -20.38 5.18 -44.75
C ARG B 468 -21.14 6.09 -43.80
N THR B 469 -20.98 5.90 -42.48
CA THR B 469 -21.73 6.67 -41.51
C THR B 469 -21.01 7.93 -41.03
N MET B 470 -19.79 8.19 -41.51
CA MET B 470 -19.02 9.31 -40.99
C MET B 470 -18.29 10.11 -42.07
N ASN B 471 -18.62 9.91 -43.35
CA ASN B 471 -18.05 10.67 -44.46
C ASN B 471 -16.52 10.52 -44.50
N PHE B 472 -16.09 9.30 -44.78
CA PHE B 472 -14.67 8.97 -44.86
C PHE B 472 -14.32 8.41 -46.22
N THR B 473 -13.14 8.80 -46.71
CA THR B 473 -12.56 8.24 -47.93
C THR B 473 -11.14 7.80 -47.58
N TYR B 474 -10.89 6.50 -47.63
CA TYR B 474 -9.68 5.92 -47.07
C TYR B 474 -8.96 5.04 -48.09
N GLU B 475 -7.66 4.88 -47.88
CA GLU B 475 -6.84 3.93 -48.62
C GLU B 475 -6.07 3.11 -47.58
N VAL B 476 -6.38 1.83 -47.48
CA VAL B 476 -5.80 0.98 -46.45
C VAL B 476 -4.38 0.59 -46.86
N HIS B 477 -3.49 0.54 -45.88
CA HIS B 477 -2.09 0.18 -46.08
C HIS B 477 -1.76 -1.06 -45.27
N LEU B 478 -0.48 -1.47 -45.34
CA LEU B 478 0.01 -2.60 -44.59
C LEU B 478 1.27 -2.21 -43.81
N VAL B 479 1.48 -2.88 -42.68
CA VAL B 479 2.63 -2.56 -41.83
C VAL B 479 3.90 -3.09 -42.49
N ALA B 480 4.89 -2.21 -42.66
CA ALA B 480 6.15 -2.64 -43.23
C ALA B 480 6.94 -3.51 -42.26
N ASP B 481 6.94 -3.18 -40.97
CA ASP B 481 7.65 -3.95 -39.97
C ASP B 481 6.97 -5.28 -39.67
N GLY B 482 5.64 -5.29 -39.70
CA GLY B 482 4.89 -6.50 -39.41
C GLY B 482 4.57 -6.72 -37.95
N LYS B 483 4.78 -5.74 -37.09
CA LYS B 483 4.53 -5.86 -35.66
C LYS B 483 3.60 -4.74 -35.21
N PHE B 484 2.94 -4.97 -34.07
CA PHE B 484 2.05 -3.95 -33.52
C PHE B 484 2.82 -2.70 -33.12
N GLY B 485 4.01 -2.86 -32.56
CA GLY B 485 4.85 -1.73 -32.20
C GLY B 485 5.22 -1.68 -30.74
N THR B 486 6.52 -1.75 -30.45
CA THR B 486 7.04 -1.69 -29.09
C THR B 486 8.27 -0.79 -29.11
N GLN B 487 9.10 -0.91 -28.09
CA GLN B 487 10.34 -0.16 -28.00
C GLN B 487 11.51 -1.02 -28.43
N GLU B 488 12.25 -0.55 -29.43
CA GLU B 488 13.43 -1.24 -29.92
C GLU B 488 14.69 -0.49 -29.49
N ARG B 489 15.83 -1.11 -29.75
CA ARG B 489 17.12 -0.54 -29.38
C ARG B 489 17.89 -0.19 -30.65
N VAL B 490 18.31 1.07 -30.75
CA VAL B 490 19.06 1.57 -31.89
C VAL B 490 20.23 2.39 -31.37
N ASN B 491 21.04 2.94 -32.27
CA ASN B 491 22.15 3.78 -31.86
C ASN B 491 21.65 4.93 -31.01
N ASN B 492 22.35 5.20 -29.91
CA ASN B 492 21.81 6.00 -28.80
C ASN B 492 20.51 5.37 -28.29
N SER B 493 20.70 4.25 -27.60
CA SER B 493 19.59 3.41 -27.15
C SER B 493 18.76 4.08 -26.07
N ASN B 494 19.25 5.21 -25.53
CA ASN B 494 18.54 5.90 -24.47
C ASN B 494 17.33 6.70 -24.99
N LYS B 495 16.96 6.51 -26.25
CA LYS B 495 15.83 7.21 -26.85
C LYS B 495 14.73 6.22 -27.16
N LYS B 496 13.51 6.54 -26.74
CA LYS B 496 12.35 5.67 -26.97
C LYS B 496 11.76 5.98 -28.33
N GLU B 497 11.97 5.07 -29.27
CA GLU B 497 11.44 5.19 -30.63
C GLU B 497 10.46 4.06 -30.89
N TRP B 498 9.30 4.40 -31.46
CA TRP B 498 8.27 3.41 -31.73
C TRP B 498 8.44 2.80 -33.11
N ASN B 499 7.91 1.60 -33.28
CA ASN B 499 7.89 0.91 -34.56
C ASN B 499 6.46 0.51 -34.90
N GLY B 500 6.32 -0.20 -36.02
CA GLY B 500 5.03 -0.75 -36.41
C GLY B 500 3.95 0.30 -36.56
N MET B 501 2.73 -0.08 -36.16
CA MET B 501 1.58 0.81 -36.31
C MET B 501 1.74 2.08 -35.50
N MET B 502 2.20 1.95 -34.25
CA MET B 502 2.35 3.12 -33.38
C MET B 502 3.39 4.08 -33.94
N GLY B 503 4.51 3.54 -34.42
CA GLY B 503 5.53 4.40 -35.01
C GLY B 503 5.05 5.09 -36.27
N GLU B 504 4.33 4.36 -37.12
CA GLU B 504 3.79 4.97 -38.33
C GLU B 504 2.78 6.05 -38.01
N LEU B 505 1.93 5.83 -37.00
CA LEU B 505 0.96 6.83 -36.60
C LEU B 505 1.65 8.08 -36.03
N LEU B 506 2.67 7.88 -35.20
CA LEU B 506 3.39 9.02 -34.62
C LEU B 506 4.24 9.75 -35.66
N SER B 507 4.67 9.08 -36.71
CA SER B 507 5.47 9.71 -37.76
C SER B 507 4.63 10.40 -38.82
N GLY B 508 3.30 10.32 -38.73
CA GLY B 508 2.43 10.94 -39.70
C GLY B 508 2.13 10.11 -40.92
N GLN B 509 2.68 8.90 -41.03
CA GLN B 509 2.41 8.06 -42.19
C GLN B 509 0.96 7.62 -42.22
N ALA B 510 0.36 7.36 -41.07
CA ALA B 510 -1.03 6.94 -40.97
C ALA B 510 -1.79 7.89 -40.06
N ASP B 511 -3.13 7.85 -40.19
CA ASP B 511 -4.00 8.69 -39.38
C ASP B 511 -5.05 7.92 -38.60
N MET B 512 -5.41 6.70 -39.02
CA MET B 512 -6.38 5.89 -38.31
C MET B 512 -5.96 4.43 -38.41
N ILE B 513 -6.09 3.70 -37.31
CA ILE B 513 -5.67 2.30 -37.23
C ILE B 513 -6.90 1.49 -36.82
N VAL B 514 -7.52 0.82 -37.78
CA VAL B 514 -8.64 -0.06 -37.49
C VAL B 514 -8.19 -1.51 -37.61
N ALA B 515 -7.67 -2.04 -36.51
CA ALA B 515 -7.17 -3.41 -36.46
C ALA B 515 -7.22 -3.93 -35.03
N PRO B 516 -6.68 -5.14 -34.82
CA PRO B 516 -6.65 -5.77 -33.50
C PRO B 516 -5.57 -5.39 -32.51
N LEU B 517 -5.37 -4.10 -32.30
CA LEU B 517 -4.37 -3.62 -31.36
C LEU B 517 -4.78 -3.51 -29.89
N THR B 518 -4.17 -4.34 -29.04
CA THR B 518 -4.47 -4.38 -27.62
C THR B 518 -4.32 -3.04 -26.91
N ILE B 519 -5.15 -2.81 -25.90
CA ILE B 519 -5.12 -1.57 -25.14
C ILE B 519 -4.30 -1.71 -23.85
N ASN B 520 -3.11 -1.13 -23.88
CA ASN B 520 -2.18 -1.15 -22.76
C ASN B 520 -1.89 0.28 -22.32
N ASN B 521 -1.50 0.43 -21.05
CA ASN B 521 -1.18 1.75 -20.52
C ASN B 521 0.01 2.36 -21.24
N GLU B 522 1.04 1.55 -21.51
CA GLU B 522 2.23 2.06 -22.18
C GLU B 522 1.89 2.56 -23.58
N ARG B 523 1.06 1.83 -24.31
CA ARG B 523 0.61 2.29 -25.62
C ARG B 523 -0.24 3.55 -25.50
N ALA B 524 -1.13 3.59 -24.50
CA ALA B 524 -2.04 4.72 -24.33
C ALA B 524 -1.36 5.97 -23.80
N GLN B 525 -0.12 5.87 -23.32
CA GLN B 525 0.58 7.05 -22.84
C GLN B 525 0.78 8.07 -23.96
N TYR B 526 1.10 7.60 -25.17
CA TYR B 526 1.37 8.49 -26.28
C TYR B 526 0.32 8.46 -27.39
N ILE B 527 -0.47 7.39 -27.48
CA ILE B 527 -1.47 7.24 -28.52
C ILE B 527 -2.83 7.02 -27.88
N GLU B 528 -3.80 7.84 -28.27
CA GLU B 528 -5.16 7.71 -27.74
C GLU B 528 -5.85 6.50 -28.34
N PHE B 529 -6.68 5.84 -27.52
CA PHE B 529 -7.45 4.68 -27.93
C PHE B 529 -8.94 4.96 -27.79
N SER B 530 -9.73 4.34 -28.66
CA SER B 530 -11.17 4.52 -28.67
C SER B 530 -11.85 3.39 -27.89
N LYS B 531 -13.17 3.36 -27.97
CA LYS B 531 -13.93 2.35 -27.25
C LYS B 531 -13.70 0.98 -27.87
N PRO B 532 -13.51 -0.06 -27.06
CA PRO B 532 -13.23 -1.39 -27.61
C PRO B 532 -14.42 -1.96 -28.37
N PHE B 533 -14.11 -2.79 -29.37
CA PHE B 533 -15.15 -3.48 -30.13
C PHE B 533 -15.65 -4.70 -29.37
N LYS B 534 -14.73 -5.53 -28.89
CA LYS B 534 -15.07 -6.76 -28.18
C LYS B 534 -13.94 -7.09 -27.22
N TYR B 535 -14.29 -7.72 -26.11
CA TYR B 535 -13.33 -8.01 -25.04
C TYR B 535 -12.99 -9.49 -25.04
N GLN B 536 -11.72 -9.80 -25.34
CA GLN B 536 -11.22 -11.17 -25.36
C GLN B 536 -9.89 -11.21 -24.61
N GLY B 537 -9.83 -12.01 -23.56
CA GLY B 537 -8.61 -12.22 -22.80
C GLY B 537 -7.95 -13.52 -23.15
N LEU B 538 -6.65 -13.61 -22.88
CA LEU B 538 -5.89 -14.81 -23.22
C LEU B 538 -6.39 -16.00 -22.41
N THR B 539 -6.45 -17.17 -23.06
CA THR B 539 -6.96 -18.38 -22.43
C THR B 539 -5.96 -19.52 -22.56
N ILE B 540 -6.40 -20.73 -22.22
CA ILE B 540 -5.56 -21.93 -22.27
C ILE B 540 -6.04 -22.80 -23.43
N LEU B 541 -5.11 -23.19 -24.30
CA LEU B 541 -5.40 -24.04 -25.44
C LEU B 541 -4.74 -25.40 -25.22
N VAL B 542 -5.54 -26.47 -25.30
CA VAL B 542 -5.05 -27.83 -25.19
C VAL B 542 -5.65 -28.66 -26.31
N LYS B 543 -5.03 -29.81 -26.58
CA LYS B 543 -5.48 -30.73 -27.61
C LYS B 543 -6.50 -31.69 -27.02
N LYS B 544 -7.65 -31.82 -27.69
CA LYS B 544 -8.71 -32.73 -27.27
C LYS B 544 -8.67 -33.97 -28.16
N GLU B 545 -8.56 -35.13 -27.55
CA GLU B 545 -8.48 -36.40 -28.26
C GLU B 545 -9.67 -37.27 -27.90
N ILE B 546 -10.04 -38.14 -28.83
CA ILE B 546 -11.22 -39.01 -28.63
C ILE B 546 -10.97 -39.92 -27.44
N PRO B 547 -11.89 -39.98 -26.47
CA PRO B 547 -11.65 -40.83 -25.30
C PRO B 547 -11.52 -42.30 -25.68
N ARG B 548 -10.64 -43.00 -24.97
CA ARG B 548 -10.40 -44.42 -25.20
C ARG B 548 -9.98 -45.06 -23.89
N SER B 549 -10.30 -46.34 -23.73
CA SER B 549 -9.94 -47.05 -22.51
C SER B 549 -8.43 -47.25 -22.42
N THR B 550 -7.89 -47.04 -21.21
CA THR B 550 -6.47 -47.20 -20.96
C THR B 550 -6.14 -48.53 -20.28
N LEU B 551 -7.09 -49.46 -20.23
CA LEU B 551 -6.91 -50.74 -19.56
C LEU B 551 -6.39 -51.83 -20.50
N ASP B 552 -5.64 -51.46 -21.53
CA ASP B 552 -5.11 -52.43 -22.49
C ASP B 552 -4.03 -53.25 -21.82
N SER B 553 -4.40 -54.46 -21.38
CA SER B 553 -3.46 -55.35 -20.72
C SER B 553 -3.88 -56.79 -20.96
N PHE B 554 -2.93 -57.70 -20.81
CA PHE B 554 -3.14 -59.12 -20.98
C PHE B 554 -2.55 -59.87 -19.79
N MET B 555 -3.10 -61.06 -19.53
CA MET B 555 -2.69 -61.91 -18.41
C MET B 555 -2.81 -61.16 -17.09
N GLN B 556 -4.06 -60.80 -16.76
CA GLN B 556 -4.45 -60.09 -15.54
C GLN B 556 -3.94 -58.66 -15.56
N PRO B 557 -4.56 -57.75 -14.80
CA PRO B 557 -4.09 -56.35 -14.82
C PRO B 557 -2.67 -56.17 -14.29
N PHE B 558 -2.39 -56.65 -13.09
CA PHE B 558 -1.08 -56.46 -12.48
C PHE B 558 -0.46 -57.72 -11.89
N GLN B 559 -1.23 -58.76 -11.59
CA GLN B 559 -0.70 -60.01 -11.05
C GLN B 559 -0.84 -61.09 -12.13
N SER B 560 0.16 -61.18 -12.99
CA SER B 560 0.13 -62.17 -14.06
C SER B 560 0.17 -63.59 -13.52
N THR B 561 0.66 -63.78 -12.30
CA THR B 561 0.70 -65.10 -11.68
C THR B 561 -0.67 -65.59 -11.24
N LEU B 562 -1.70 -64.73 -11.30
CA LEU B 562 -3.04 -65.14 -10.88
C LEU B 562 -3.60 -66.26 -11.75
N TRP B 563 -3.36 -66.19 -13.06
CA TRP B 563 -3.84 -67.25 -13.95
C TRP B 563 -3.17 -68.58 -13.63
N LEU B 564 -1.86 -68.56 -13.40
CA LEU B 564 -1.17 -69.78 -13.01
C LEU B 564 -1.67 -70.30 -11.68
N LEU B 565 -1.93 -69.40 -10.73
CA LEU B 565 -2.44 -69.80 -9.43
C LEU B 565 -3.80 -70.47 -9.54
N VAL B 566 -4.71 -69.89 -10.33
CA VAL B 566 -6.02 -70.50 -10.47
C VAL B 566 -5.95 -71.79 -11.26
N GLY B 567 -5.02 -71.90 -12.22
CA GLY B 567 -4.83 -73.16 -12.92
C GLY B 567 -4.36 -74.26 -12.01
N LEU B 568 -3.34 -73.98 -11.18
CA LEU B 568 -2.88 -75.00 -10.25
C LEU B 568 -3.94 -75.32 -9.20
N SER B 569 -4.75 -74.32 -8.81
CA SER B 569 -5.83 -74.59 -7.87
C SER B 569 -6.88 -75.52 -8.47
N VAL B 570 -7.27 -75.28 -9.73
CA VAL B 570 -8.27 -76.13 -10.37
C VAL B 570 -7.69 -77.51 -10.66
N HIS B 571 -6.37 -77.61 -10.83
CA HIS B 571 -5.76 -78.93 -10.98
C HIS B 571 -5.76 -79.70 -9.66
N VAL B 572 -5.36 -79.04 -8.56
CA VAL B 572 -5.26 -79.74 -7.28
C VAL B 572 -6.64 -80.09 -6.75
N VAL B 573 -7.64 -79.22 -6.94
CA VAL B 573 -8.99 -79.55 -6.48
C VAL B 573 -9.54 -80.74 -7.26
N ALA B 574 -9.24 -80.80 -8.56
CA ALA B 574 -9.69 -81.93 -9.37
C ALA B 574 -9.00 -83.23 -8.94
N VAL B 575 -7.69 -83.18 -8.68
CA VAL B 575 -7.00 -84.40 -8.30
C VAL B 575 -7.43 -84.86 -6.90
N MET B 576 -7.71 -83.92 -5.99
CA MET B 576 -8.19 -84.33 -4.68
C MET B 576 -9.63 -84.83 -4.73
N LEU B 577 -10.46 -84.29 -5.63
CA LEU B 577 -11.79 -84.85 -5.85
C LEU B 577 -11.69 -86.28 -6.38
N TYR B 578 -10.77 -86.52 -7.32
CA TYR B 578 -10.56 -87.88 -7.81
C TYR B 578 -10.08 -88.81 -6.70
N LEU B 579 -9.19 -88.32 -5.84
CA LEU B 579 -8.73 -89.13 -4.72
C LEU B 579 -9.87 -89.46 -3.76
N LEU B 580 -10.72 -88.48 -3.46
CA LEU B 580 -11.82 -88.69 -2.53
C LEU B 580 -12.98 -89.45 -3.13
N ASP B 581 -13.04 -89.59 -4.46
CA ASP B 581 -14.10 -90.38 -5.08
C ASP B 581 -14.06 -91.83 -4.62
N ARG B 582 -12.86 -92.40 -4.44
CA ARG B 582 -12.71 -93.77 -3.98
C ARG B 582 -12.88 -93.83 -2.46
N PHE B 583 -14.13 -93.61 -2.03
CA PHE B 583 -14.47 -93.64 -0.62
C PHE B 583 -15.88 -94.17 -0.46
N SER B 584 -16.12 -94.78 0.71
CA SER B 584 -17.44 -95.35 1.01
C SER B 584 -18.43 -94.25 1.38
N LEU B 601 -15.77 -91.01 -13.91
CA LEU B 601 -15.07 -90.53 -12.74
C LEU B 601 -13.64 -91.08 -12.67
N THR B 602 -13.06 -91.35 -13.84
CA THR B 602 -11.76 -91.99 -13.89
C THR B 602 -10.72 -91.22 -14.68
N LEU B 603 -11.12 -90.52 -15.75
CA LEU B 603 -10.16 -89.86 -16.64
C LEU B 603 -10.25 -88.35 -16.60
N SER B 604 -11.39 -87.76 -16.95
CA SER B 604 -11.48 -86.31 -17.09
C SER B 604 -12.79 -85.71 -16.58
N SER B 605 -13.67 -86.51 -15.98
CA SER B 605 -14.97 -85.97 -15.55
C SER B 605 -14.79 -84.93 -14.46
N ALA B 606 -13.84 -85.14 -13.54
CA ALA B 606 -13.61 -84.16 -12.47
C ALA B 606 -13.15 -82.83 -13.05
N MET B 607 -12.22 -82.85 -14.00
CA MET B 607 -11.76 -81.61 -14.61
C MET B 607 -12.88 -80.93 -15.39
N TRP B 608 -13.68 -81.72 -16.11
CA TRP B 608 -14.80 -81.15 -16.86
C TRP B 608 -15.80 -80.47 -15.93
N PHE B 609 -16.14 -81.14 -14.82
CA PHE B 609 -17.06 -80.56 -13.85
C PHE B 609 -16.47 -79.31 -13.20
N SER B 610 -15.17 -79.34 -12.89
CA SER B 610 -14.53 -78.17 -12.31
C SER B 610 -14.58 -76.98 -13.27
N TRP B 611 -14.30 -77.22 -14.55
CA TRP B 611 -14.39 -76.15 -15.54
C TRP B 611 -15.81 -75.64 -15.68
N GLY B 612 -16.79 -76.55 -15.73
CA GLY B 612 -18.18 -76.16 -15.89
C GLY B 612 -18.79 -75.47 -14.69
N VAL B 613 -18.23 -75.67 -13.50
CA VAL B 613 -18.69 -74.95 -12.31
C VAL B 613 -17.90 -73.66 -12.09
N LEU B 614 -16.65 -73.59 -12.53
CA LEU B 614 -15.91 -72.33 -12.46
C LEU B 614 -16.43 -71.34 -13.48
N LEU B 615 -16.81 -71.80 -14.66
CA LEU B 615 -17.34 -70.96 -15.72
C LEU B 615 -18.85 -71.13 -15.81
N ASN B 616 -19.46 -70.34 -16.69
CA ASN B 616 -20.91 -70.41 -16.91
C ASN B 616 -21.15 -71.34 -18.09
N SER B 617 -21.19 -72.64 -17.80
CA SER B 617 -21.40 -73.65 -18.83
C SER B 617 -21.98 -74.89 -18.18
N GLY B 618 -22.57 -75.75 -19.02
CA GLY B 618 -23.16 -76.99 -18.55
C GLY B 618 -22.16 -78.11 -18.40
N SER B 626 -19.86 -88.75 -0.95
CA SER B 626 -21.15 -88.39 -0.37
C SER B 626 -21.15 -86.96 0.12
N PHE B 627 -20.90 -86.77 1.42
CA PHE B 627 -20.87 -85.44 1.99
C PHE B 627 -19.66 -84.63 1.53
N SER B 628 -18.57 -85.29 1.13
CA SER B 628 -17.39 -84.59 0.68
C SER B 628 -17.67 -83.81 -0.61
N ALA B 629 -18.48 -84.39 -1.51
CA ALA B 629 -18.78 -83.72 -2.78
C ALA B 629 -19.54 -82.42 -2.55
N ARG B 630 -20.48 -82.42 -1.60
CA ARG B 630 -21.28 -81.22 -1.35
C ARG B 630 -20.41 -80.06 -0.86
N ILE B 631 -19.59 -80.31 0.17
CA ILE B 631 -18.72 -79.26 0.69
C ILE B 631 -17.67 -78.86 -0.33
N LEU B 632 -17.17 -79.81 -1.13
CA LEU B 632 -16.22 -79.48 -2.17
C LEU B 632 -16.84 -78.52 -3.18
N GLY B 633 -18.07 -78.82 -3.63
CA GLY B 633 -18.76 -77.92 -4.53
C GLY B 633 -19.07 -76.57 -3.93
N MET B 634 -19.38 -76.53 -2.63
CA MET B 634 -19.64 -75.26 -1.97
C MET B 634 -18.37 -74.40 -1.93
N VAL B 635 -17.25 -74.99 -1.51
CA VAL B 635 -16.02 -74.21 -1.38
C VAL B 635 -15.50 -73.81 -2.75
N TRP B 636 -15.65 -74.67 -3.77
CA TRP B 636 -15.19 -74.29 -5.10
C TRP B 636 -16.09 -73.23 -5.71
N ALA B 637 -17.40 -73.28 -5.41
CA ALA B 637 -18.29 -72.21 -5.85
C ALA B 637 -17.91 -70.89 -5.19
N GLY B 638 -17.57 -70.93 -3.90
CA GLY B 638 -17.10 -69.72 -3.23
C GLY B 638 -15.81 -69.19 -3.83
N PHE B 639 -14.89 -70.09 -4.19
CA PHE B 639 -13.65 -69.68 -4.85
C PHE B 639 -13.94 -69.06 -6.21
N ALA B 640 -14.90 -69.62 -6.95
CA ALA B 640 -15.25 -69.08 -8.25
C ALA B 640 -15.92 -67.72 -8.15
N MET B 641 -16.74 -67.49 -7.13
CA MET B 641 -17.45 -66.22 -7.01
C MET B 641 -16.50 -65.06 -6.82
N ILE B 642 -15.49 -65.21 -5.97
CA ILE B 642 -14.57 -64.11 -5.69
C ILE B 642 -13.72 -63.77 -6.92
N ILE B 643 -13.42 -64.75 -7.77
CA ILE B 643 -12.63 -64.48 -8.98
C ILE B 643 -13.39 -63.53 -9.89
N VAL B 644 -14.66 -63.84 -10.18
CA VAL B 644 -15.44 -62.97 -11.06
C VAL B 644 -15.75 -61.65 -10.37
N ALA B 645 -15.91 -61.66 -9.05
CA ALA B 645 -16.13 -60.40 -8.32
C ALA B 645 -14.93 -59.47 -8.47
N SER B 646 -13.72 -60.01 -8.30
CA SER B 646 -12.52 -59.21 -8.48
C SER B 646 -12.34 -58.78 -9.93
N TYR B 647 -12.67 -59.65 -10.89
CA TYR B 647 -12.56 -59.29 -12.30
C TYR B 647 -13.49 -58.13 -12.65
N THR B 648 -14.70 -58.11 -12.08
CA THR B 648 -15.60 -56.99 -12.29
C THR B 648 -15.11 -55.74 -11.56
N ALA B 649 -14.60 -55.92 -10.33
CA ALA B 649 -14.20 -54.78 -9.51
C ALA B 649 -13.01 -54.03 -10.12
N ASN B 650 -12.01 -54.77 -10.59
CA ASN B 650 -10.84 -54.10 -11.18
C ASN B 650 -11.22 -53.37 -12.47
N LEU B 651 -12.08 -53.97 -13.29
CA LEU B 651 -12.54 -53.27 -14.49
C LEU B 651 -13.33 -52.02 -14.14
N ALA B 652 -14.20 -52.10 -13.13
CA ALA B 652 -14.95 -50.91 -12.71
C ALA B 652 -14.02 -49.81 -12.21
N ALA B 653 -13.00 -50.19 -11.43
CA ALA B 653 -12.05 -49.20 -10.92
C ALA B 653 -11.28 -48.56 -12.07
N PHE B 654 -10.83 -49.37 -13.03
CA PHE B 654 -10.11 -48.83 -14.18
C PHE B 654 -10.99 -47.90 -14.99
N LEU B 655 -12.27 -48.26 -15.15
CA LEU B 655 -13.18 -47.40 -15.91
C LEU B 655 -13.44 -46.09 -15.19
N VAL B 656 -13.60 -46.11 -13.86
CA VAL B 656 -13.84 -44.87 -13.14
C VAL B 656 -12.57 -44.04 -12.97
N LEU B 657 -11.39 -44.63 -13.15
CA LEU B 657 -10.14 -43.87 -13.21
C LEU B 657 -9.65 -43.68 -14.64
N ASP B 658 -10.46 -44.07 -15.63
CA ASP B 658 -10.06 -44.01 -17.03
C ASP B 658 -9.98 -42.58 -17.57
N ARG B 659 -10.45 -41.60 -16.81
CA ARG B 659 -10.38 -40.21 -17.27
C ARG B 659 -8.93 -39.78 -17.40
N PRO B 660 -8.49 -39.32 -18.58
CA PRO B 660 -7.09 -38.93 -18.74
C PRO B 660 -6.71 -37.71 -17.92
N GLU B 661 -7.45 -36.62 -18.09
CA GLU B 661 -7.18 -35.38 -17.38
C GLU B 661 -8.43 -34.51 -17.40
N GLU B 662 -8.45 -33.52 -16.52
CA GLU B 662 -9.55 -32.57 -16.41
C GLU B 662 -9.12 -31.24 -17.00
N ARG B 663 -9.98 -30.66 -17.83
CA ARG B 663 -9.62 -29.42 -18.53
C ARG B 663 -9.38 -28.28 -17.55
N ILE B 664 -8.38 -27.47 -17.85
CA ILE B 664 -8.01 -26.36 -16.98
C ILE B 664 -9.12 -25.32 -16.97
N THR B 665 -9.56 -24.94 -15.77
CA THR B 665 -10.62 -23.96 -15.62
C THR B 665 -10.12 -22.53 -15.55
N GLY B 666 -8.81 -22.32 -15.50
CA GLY B 666 -8.27 -20.98 -15.44
C GLY B 666 -6.90 -20.98 -14.79
N ILE B 667 -6.43 -19.78 -14.45
CA ILE B 667 -5.13 -19.61 -13.82
C ILE B 667 -5.10 -20.12 -12.39
N ASN B 668 -6.26 -20.35 -11.78
CA ASN B 668 -6.35 -20.83 -10.41
C ASN B 668 -6.32 -22.34 -10.31
N ASP B 669 -6.17 -23.04 -11.43
CA ASP B 669 -6.12 -24.50 -11.41
C ASP B 669 -4.84 -24.95 -10.70
N PRO B 670 -4.95 -25.85 -9.71
CA PRO B 670 -3.73 -26.30 -9.01
C PRO B 670 -2.73 -27.01 -9.92
N ARG B 671 -3.20 -27.59 -11.02
CA ARG B 671 -2.28 -28.25 -11.95
C ARG B 671 -1.30 -27.26 -12.56
N LEU B 672 -1.78 -26.08 -12.93
CA LEU B 672 -0.90 -25.07 -13.52
C LEU B 672 0.06 -24.50 -12.48
N ARG B 673 -0.41 -24.38 -11.23
CA ARG B 673 0.41 -23.77 -10.19
C ARG B 673 1.69 -24.56 -9.90
N ASN B 674 1.72 -25.85 -10.24
CA ASN B 674 2.89 -26.70 -10.06
C ASN B 674 3.18 -27.42 -11.36
N PRO B 675 3.78 -26.71 -12.33
CA PRO B 675 4.13 -27.36 -13.61
C PRO B 675 5.18 -28.44 -13.40
N SER B 676 5.03 -29.54 -14.13
CA SER B 676 5.96 -30.66 -14.08
C SER B 676 6.29 -31.13 -15.49
N ASP B 677 7.13 -32.16 -15.57
CA ASP B 677 7.49 -32.75 -16.86
C ASP B 677 6.32 -33.47 -17.53
N LYS B 678 5.34 -33.93 -16.77
CA LYS B 678 4.19 -34.60 -17.35
C LYS B 678 3.24 -33.64 -18.05
N PHE B 679 3.24 -32.36 -17.66
CA PHE B 679 2.35 -31.36 -18.25
C PHE B 679 3.15 -30.07 -18.37
N ILE B 680 3.65 -29.78 -19.57
CA ILE B 680 4.51 -28.63 -19.82
C ILE B 680 3.74 -27.59 -20.61
N TYR B 681 3.89 -26.32 -20.21
CA TYR B 681 3.26 -25.20 -20.89
C TYR B 681 4.11 -23.96 -20.66
N ALA B 682 4.20 -23.11 -21.67
CA ALA B 682 5.04 -21.91 -21.57
C ALA B 682 4.61 -20.91 -22.63
N THR B 683 5.12 -19.69 -22.48
CA THR B 683 4.90 -18.63 -23.45
C THR B 683 5.93 -18.76 -24.58
N VAL B 684 5.90 -17.78 -25.48
CA VAL B 684 6.80 -17.74 -26.62
C VAL B 684 8.16 -17.17 -26.22
N LYS B 685 8.22 -15.85 -26.08
CA LYS B 685 9.45 -15.18 -25.70
C LYS B 685 9.19 -13.99 -24.79
N GLN B 686 8.80 -12.87 -25.39
CA GLN B 686 8.50 -11.66 -24.64
C GLN B 686 7.16 -11.04 -25.02
N SER B 687 6.09 -11.83 -24.95
CA SER B 687 4.76 -11.35 -25.28
C SER B 687 4.23 -10.50 -24.12
N SER B 688 3.24 -9.65 -24.40
CA SER B 688 2.69 -8.80 -23.36
C SER B 688 2.39 -9.77 -22.23
N VAL B 689 2.49 -11.06 -22.53
CA VAL B 689 2.24 -12.12 -21.55
C VAL B 689 3.44 -12.27 -20.63
N ASP B 690 4.65 -12.30 -21.21
CA ASP B 690 5.85 -12.41 -20.40
C ASP B 690 6.04 -11.19 -19.50
N ILE B 691 5.73 -10.00 -20.02
CA ILE B 691 5.84 -8.78 -19.22
C ILE B 691 4.88 -8.83 -18.04
N TYR B 692 3.64 -9.29 -18.28
CA TYR B 692 2.68 -9.41 -17.20
C TYR B 692 3.13 -10.44 -16.17
N PHE B 693 3.68 -11.57 -16.62
CA PHE B 693 4.14 -12.59 -15.69
C PHE B 693 5.38 -12.15 -14.92
N ARG B 694 6.17 -11.23 -15.47
CA ARG B 694 7.35 -10.74 -14.76
C ARG B 694 6.97 -10.04 -13.45
N ARG B 695 5.93 -9.21 -13.50
CA ARG B 695 5.52 -8.46 -12.31
C ARG B 695 4.80 -9.31 -11.28
N GLN B 696 4.40 -10.52 -11.62
CA GLN B 696 3.70 -11.41 -10.69
C GLN B 696 4.73 -12.17 -9.88
N VAL B 697 4.98 -11.70 -8.66
CA VAL B 697 5.96 -12.35 -7.79
C VAL B 697 5.48 -13.71 -7.31
N CYS B 698 4.16 -13.95 -7.31
CA CYS B 698 3.61 -15.22 -6.87
C CYS B 698 3.77 -16.33 -7.90
N LEU B 699 4.23 -16.01 -9.12
CA LEU B 699 4.41 -16.99 -10.17
C LEU B 699 5.86 -17.45 -10.29
N SER B 700 6.57 -17.54 -9.16
CA SER B 700 7.93 -18.04 -9.17
C SER B 700 7.99 -19.49 -9.64
N THR B 701 7.04 -20.33 -9.20
CA THR B 701 6.97 -21.70 -9.70
C THR B 701 6.68 -21.73 -11.20
N MET B 702 5.85 -20.80 -11.68
CA MET B 702 5.61 -20.70 -13.12
C MET B 702 6.89 -20.38 -13.88
N TYR B 703 7.66 -19.40 -13.39
CA TYR B 703 8.87 -18.99 -14.09
C TYR B 703 10.00 -20.01 -13.95
N ARG B 704 9.99 -20.83 -12.91
CA ARG B 704 11.02 -21.85 -12.77
C ARG B 704 10.89 -22.98 -13.79
N HIS B 705 9.79 -23.03 -14.54
CA HIS B 705 9.56 -24.09 -15.51
C HIS B 705 9.25 -23.57 -16.91
N MET B 706 8.57 -22.42 -17.02
CA MET B 706 8.16 -21.94 -18.34
C MET B 706 9.34 -21.37 -19.12
N GLU B 707 10.37 -20.88 -18.43
CA GLU B 707 11.53 -20.30 -19.10
C GLU B 707 12.31 -21.32 -19.92
N LYS B 708 12.18 -22.61 -19.62
CA LYS B 708 12.91 -23.65 -20.35
C LYS B 708 12.10 -24.25 -21.49
N HIS B 709 10.89 -23.75 -21.75
CA HIS B 709 10.05 -24.30 -22.81
C HIS B 709 9.57 -23.24 -23.80
N ASN B 710 10.18 -22.05 -23.79
CA ASN B 710 9.79 -21.01 -24.72
C ASN B 710 10.21 -21.35 -26.15
N TYR B 711 9.37 -20.99 -27.11
CA TYR B 711 9.63 -21.24 -28.52
C TYR B 711 9.71 -19.93 -29.27
N GLU B 712 10.39 -19.97 -30.42
CA GLU B 712 10.70 -18.74 -31.15
C GLU B 712 9.45 -18.05 -31.66
N SER B 713 8.47 -18.80 -32.18
CA SER B 713 7.31 -18.19 -32.79
C SER B 713 6.04 -18.92 -32.34
N ALA B 714 4.92 -18.19 -32.38
CA ALA B 714 3.64 -18.79 -32.03
C ALA B 714 3.24 -19.88 -33.00
N ALA B 715 3.58 -19.74 -34.28
CA ALA B 715 3.32 -20.81 -35.24
C ALA B 715 4.09 -22.07 -34.89
N GLU B 716 5.37 -21.92 -34.51
CA GLU B 716 6.14 -23.08 -34.07
C GLU B 716 5.55 -23.68 -32.81
N ALA B 717 5.11 -22.84 -31.88
CA ALA B 717 4.53 -23.35 -30.63
C ALA B 717 3.26 -24.15 -30.90
N ILE B 718 2.38 -23.63 -31.76
CA ILE B 718 1.13 -24.33 -32.03
C ILE B 718 1.39 -25.59 -32.84
N GLN B 719 2.40 -25.57 -33.72
CA GLN B 719 2.79 -26.78 -34.43
C GLN B 719 3.29 -27.85 -33.47
N ALA B 720 4.08 -27.44 -32.47
CA ALA B 720 4.55 -28.39 -31.46
C ALA B 720 3.39 -28.93 -30.64
N VAL B 721 2.42 -28.07 -30.30
CA VAL B 721 1.25 -28.52 -29.57
C VAL B 721 0.48 -29.55 -30.38
N ARG B 722 0.31 -29.30 -31.69
CA ARG B 722 -0.35 -30.27 -32.55
C ARG B 722 0.46 -31.55 -32.66
N ASP B 723 1.78 -31.47 -32.58
CA ASP B 723 2.65 -32.64 -32.63
C ASP B 723 2.87 -33.28 -31.27
N ASN B 724 1.99 -33.01 -30.30
CA ASN B 724 2.07 -33.60 -28.96
C ASN B 724 3.39 -33.30 -28.26
N LYS B 725 3.92 -32.10 -28.47
CA LYS B 725 5.14 -31.67 -27.78
C LYS B 725 4.81 -30.87 -26.53
N LEU B 726 3.99 -29.82 -26.67
CA LEU B 726 3.57 -29.01 -25.54
C LEU B 726 2.13 -29.37 -25.18
N HIS B 727 1.91 -29.70 -23.91
CA HIS B 727 0.57 -30.08 -23.45
C HIS B 727 -0.41 -28.92 -23.54
N ALA B 728 -0.01 -27.72 -23.18
CA ALA B 728 -0.90 -26.57 -23.20
C ALA B 728 -0.16 -25.36 -23.78
N PHE B 729 -0.93 -24.46 -24.38
CA PHE B 729 -0.40 -23.24 -24.98
C PHE B 729 -1.24 -22.06 -24.52
N ILE B 730 -0.57 -20.97 -24.18
CA ILE B 730 -1.23 -19.77 -23.69
C ILE B 730 -1.07 -18.60 -24.66
N TRP B 731 -2.18 -18.14 -25.22
CA TRP B 731 -2.16 -17.03 -26.17
C TRP B 731 -3.49 -16.30 -26.13
N ASP B 732 -3.55 -15.14 -26.78
CA ASP B 732 -4.78 -14.37 -26.82
C ASP B 732 -5.91 -15.19 -27.42
N SER B 733 -7.13 -14.96 -26.93
CA SER B 733 -8.27 -15.74 -27.40
C SER B 733 -8.59 -15.45 -28.86
N ALA B 734 -8.29 -14.24 -29.34
CA ALA B 734 -8.62 -13.88 -30.72
C ALA B 734 -7.92 -14.78 -31.74
N VAL B 735 -6.83 -15.43 -31.35
CA VAL B 735 -6.12 -16.36 -32.23
C VAL B 735 -6.42 -17.80 -31.88
N LEU B 736 -6.41 -18.13 -30.59
CA LEU B 736 -6.64 -19.51 -30.17
C LEU B 736 -8.05 -19.98 -30.52
N GLU B 737 -9.06 -19.13 -30.30
CA GLU B 737 -10.43 -19.51 -30.65
C GLU B 737 -10.59 -19.70 -32.15
N PHE B 738 -9.96 -18.83 -32.95
CA PHE B 738 -10.02 -18.98 -34.40
C PHE B 738 -9.35 -20.27 -34.84
N GLU B 739 -8.20 -20.59 -34.25
CA GLU B 739 -7.52 -21.84 -34.60
C GLU B 739 -8.35 -23.05 -34.21
N ALA B 740 -9.00 -22.99 -33.04
CA ALA B 740 -9.87 -24.09 -32.62
C ALA B 740 -11.06 -24.24 -33.54
N SER B 741 -11.64 -23.14 -34.00
CA SER B 741 -12.75 -23.20 -34.93
C SER B 741 -12.31 -23.79 -36.27
N GLN B 742 -11.12 -23.39 -36.75
CA GLN B 742 -10.65 -23.88 -38.05
C GLN B 742 -10.29 -25.36 -37.98
N LYS B 743 -9.58 -25.78 -36.94
CA LYS B 743 -9.15 -27.16 -36.77
C LYS B 743 -9.71 -27.70 -35.47
N CYS B 744 -10.47 -28.78 -35.55
CA CYS B 744 -11.10 -29.36 -34.38
C CYS B 744 -10.13 -30.15 -33.52
N ASP B 745 -8.88 -30.34 -33.97
CA ASP B 745 -7.90 -31.06 -33.17
C ASP B 745 -7.52 -30.31 -31.90
N LEU B 746 -7.78 -29.01 -31.83
CA LEU B 746 -7.48 -28.19 -30.66
C LEU B 746 -8.76 -27.54 -30.15
N VAL B 747 -8.94 -27.56 -28.84
CA VAL B 747 -10.10 -26.97 -28.18
C VAL B 747 -9.60 -26.02 -27.10
N THR B 748 -10.13 -24.80 -27.09
CA THR B 748 -9.74 -23.78 -26.12
C THR B 748 -10.39 -24.07 -24.78
N THR B 749 -9.60 -24.00 -23.71
CA THR B 749 -10.11 -24.23 -22.36
C THR B 749 -9.88 -23.00 -21.49
N GLY B 750 -10.26 -23.08 -20.22
CA GLY B 750 -10.15 -21.95 -19.32
C GLY B 750 -11.29 -20.97 -19.49
N GLU B 751 -11.80 -20.44 -18.37
CA GLU B 751 -12.92 -19.51 -18.44
C GLU B 751 -12.48 -18.15 -18.98
N LEU B 752 -11.58 -17.48 -18.26
CA LEU B 752 -11.00 -16.20 -18.64
C LEU B 752 -10.01 -15.78 -17.56
N PHE B 753 -8.99 -15.02 -17.96
CA PHE B 753 -8.03 -14.45 -17.04
C PHE B 753 -7.22 -13.39 -17.76
N PHE B 754 -6.98 -12.27 -17.06
CA PHE B 754 -6.28 -11.12 -17.61
C PHE B 754 -6.94 -10.67 -18.93
N ARG B 755 -8.20 -10.27 -18.82
CA ARG B 755 -8.98 -9.89 -19.97
C ARG B 755 -8.55 -8.52 -20.48
N SER B 756 -8.63 -8.33 -21.80
CA SER B 756 -8.31 -7.06 -22.43
C SER B 756 -9.25 -6.85 -23.61
N GLY B 757 -9.15 -5.68 -24.24
CA GLY B 757 -9.99 -5.34 -25.36
C GLY B 757 -9.19 -4.69 -26.47
N PHE B 758 -9.82 -4.61 -27.64
CA PHE B 758 -9.21 -4.01 -28.82
C PHE B 758 -9.54 -2.51 -28.86
N GLY B 759 -9.21 -1.86 -29.97
CA GLY B 759 -9.48 -0.44 -30.09
C GLY B 759 -8.94 0.10 -31.39
N ILE B 760 -9.04 1.42 -31.54
CA ILE B 760 -8.58 2.14 -32.71
C ILE B 760 -7.46 3.07 -32.29
N GLY B 761 -6.31 2.95 -32.95
CA GLY B 761 -5.17 3.82 -32.67
C GLY B 761 -5.26 5.14 -33.39
N MET B 762 -5.44 6.23 -32.64
CA MET B 762 -5.54 7.56 -33.20
C MET B 762 -4.62 8.51 -32.45
N ARG B 763 -4.20 9.57 -33.15
CA ARG B 763 -3.32 10.55 -32.55
C ARG B 763 -4.05 11.36 -31.48
N LYS B 764 -3.25 11.97 -30.59
CA LYS B 764 -3.80 12.72 -29.47
C LYS B 764 -4.61 13.94 -29.91
N ASP B 765 -4.32 14.50 -31.09
CA ASP B 765 -5.03 15.68 -31.57
C ASP B 765 -6.09 15.33 -32.61
N SER B 766 -6.44 14.06 -32.76
CA SER B 766 -7.45 13.68 -33.73
C SER B 766 -8.83 14.12 -33.24
N PRO B 767 -9.57 14.89 -34.04
CA PRO B 767 -10.90 15.35 -33.64
C PRO B 767 -12.02 14.35 -33.88
N TRP B 768 -11.70 13.12 -34.29
CA TRP B 768 -12.71 12.11 -34.59
C TRP B 768 -13.00 11.19 -33.42
N LYS B 769 -12.38 11.44 -32.26
CA LYS B 769 -12.49 10.50 -31.14
C LYS B 769 -13.94 10.34 -30.70
N GLN B 770 -14.63 11.46 -30.45
CA GLN B 770 -16.00 11.38 -29.94
C GLN B 770 -16.94 10.76 -30.97
N ASN B 771 -16.82 11.14 -32.24
CA ASN B 771 -17.71 10.59 -33.26
C ASN B 771 -17.45 9.11 -33.48
N VAL B 772 -16.18 8.70 -33.49
CA VAL B 772 -15.85 7.28 -33.64
C VAL B 772 -16.41 6.50 -32.46
N SER B 773 -16.24 7.02 -31.24
CA SER B 773 -16.76 6.33 -30.07
C SER B 773 -18.28 6.19 -30.13
N LEU B 774 -18.98 7.27 -30.51
CA LEU B 774 -20.43 7.22 -30.61
C LEU B 774 -20.88 6.23 -31.67
N SER B 775 -20.22 6.22 -32.84
CA SER B 775 -20.59 5.27 -33.88
C SER B 775 -20.34 3.83 -33.46
N ILE B 776 -19.23 3.57 -32.79
CA ILE B 776 -18.93 2.22 -32.32
C ILE B 776 -19.95 1.77 -31.29
N LEU B 777 -20.31 2.66 -30.36
CA LEU B 777 -21.33 2.32 -29.37
C LEU B 777 -22.67 2.04 -30.03
N LYS B 778 -23.06 2.86 -31.02
CA LYS B 778 -24.32 2.65 -31.71
C LYS B 778 -24.33 1.31 -32.44
N SER B 779 -23.24 0.99 -33.13
CA SER B 779 -23.16 -0.29 -33.83
C SER B 779 -23.17 -1.45 -32.85
N HIS B 780 -22.51 -1.32 -31.71
CA HIS B 780 -22.51 -2.38 -30.71
C HIS B 780 -23.91 -2.60 -30.13
N GLU B 781 -24.65 -1.52 -29.88
CA GLU B 781 -25.99 -1.63 -29.36
C GLU B 781 -27.00 -2.10 -30.41
N ASN B 782 -26.72 -1.90 -31.69
CA ASN B 782 -27.62 -2.33 -32.75
C ASN B 782 -27.45 -3.80 -33.12
N GLY B 783 -26.49 -4.50 -32.52
CA GLY B 783 -26.28 -5.90 -32.82
C GLY B 783 -25.41 -6.19 -34.01
N PHE B 784 -24.80 -5.16 -34.62
CA PHE B 784 -23.91 -5.40 -35.75
C PHE B 784 -22.68 -6.19 -35.35
N MET B 785 -22.16 -5.96 -34.13
CA MET B 785 -20.96 -6.67 -33.68
C MET B 785 -21.22 -8.18 -33.60
N GLU B 786 -22.39 -8.57 -33.11
CA GLU B 786 -22.72 -9.99 -33.02
C GLU B 786 -22.83 -10.62 -34.40
N ASP B 787 -23.46 -9.94 -35.36
CA ASP B 787 -23.54 -10.47 -36.72
C ASP B 787 -22.16 -10.60 -37.35
N LEU B 788 -21.30 -9.60 -37.14
CA LEU B 788 -19.95 -9.67 -37.67
C LEU B 788 -19.15 -10.81 -37.03
N ASP B 789 -19.31 -11.02 -35.72
CA ASP B 789 -18.66 -12.13 -35.06
C ASP B 789 -19.15 -13.47 -35.61
N LYS B 790 -20.46 -13.59 -35.84
CA LYS B 790 -21.00 -14.82 -36.41
C LYS B 790 -20.47 -15.07 -37.81
N THR B 791 -20.37 -14.02 -38.63
CA THR B 791 -20.00 -14.17 -40.03
C THR B 791 -18.50 -14.08 -40.29
N TRP B 792 -17.68 -13.82 -39.26
CA TRP B 792 -16.25 -13.65 -39.48
C TRP B 792 -15.36 -14.35 -38.47
N VAL B 793 -15.88 -14.77 -37.32
CA VAL B 793 -15.04 -15.39 -36.29
C VAL B 793 -15.40 -16.85 -36.13
N ARG B 794 -16.67 -17.12 -35.81
CA ARG B 794 -17.14 -18.48 -35.53
C ARG B 794 -17.51 -19.14 -36.86
N TYR B 795 -16.65 -20.04 -37.34
CA TYR B 795 -16.87 -20.79 -38.56
C TYR B 795 -16.80 -22.28 -38.25
N GLN B 796 -17.76 -23.04 -38.80
CA GLN B 796 -17.85 -24.50 -38.66
C GLN B 796 -17.45 -24.96 -37.26
N GLU B 797 -18.31 -24.62 -36.30
CA GLU B 797 -18.10 -24.99 -34.91
C GLU B 797 -18.00 -26.51 -34.76
N CYS B 798 -17.02 -26.95 -33.99
CA CYS B 798 -16.79 -28.38 -33.78
C CYS B 798 -17.78 -28.96 -32.79
N THR B 809 -14.07 -49.83 -31.25
CA THR B 809 -13.65 -48.45 -31.43
C THR B 809 -12.16 -48.37 -31.75
N PHE B 810 -11.36 -48.07 -30.71
CA PHE B 810 -9.92 -47.91 -30.90
C PHE B 810 -9.19 -49.23 -30.66
N GLU B 811 -7.86 -49.15 -30.61
CA GLU B 811 -7.00 -50.34 -30.51
C GLU B 811 -7.17 -51.07 -29.18
N ASN B 812 -7.61 -50.37 -28.13
CA ASN B 812 -7.65 -50.94 -26.79
C ASN B 812 -8.52 -52.18 -26.70
N MET B 813 -9.82 -52.03 -26.88
CA MET B 813 -10.73 -53.15 -26.74
C MET B 813 -10.81 -54.00 -28.00
N ALA B 814 -10.26 -53.52 -29.12
CA ALA B 814 -10.06 -54.39 -30.27
C ALA B 814 -8.97 -55.41 -30.00
N GLY B 815 -7.82 -54.96 -29.47
CA GLY B 815 -6.73 -55.84 -29.12
C GLY B 815 -7.04 -56.75 -27.95
N VAL B 816 -7.68 -56.22 -26.91
CA VAL B 816 -8.02 -57.04 -25.76
C VAL B 816 -9.01 -58.14 -26.15
N PHE B 817 -9.73 -57.96 -27.26
CA PHE B 817 -10.62 -59.02 -27.74
C PHE B 817 -9.88 -59.95 -28.69
N MET B 818 -9.02 -59.40 -29.56
CA MET B 818 -8.36 -60.22 -30.56
C MET B 818 -7.34 -61.16 -29.93
N LEU B 819 -6.72 -60.78 -28.81
CA LEU B 819 -5.80 -61.70 -28.14
C LEU B 819 -6.52 -62.97 -27.69
N VAL B 820 -7.62 -62.81 -26.97
CA VAL B 820 -8.36 -63.98 -26.51
C VAL B 820 -9.03 -64.71 -27.67
N ALA B 821 -9.43 -63.99 -28.73
CA ALA B 821 -9.98 -64.67 -29.90
C ALA B 821 -8.95 -65.55 -30.58
N GLY B 822 -7.72 -65.05 -30.73
CA GLY B 822 -6.66 -65.87 -31.28
C GLY B 822 -6.34 -67.06 -30.40
N GLY B 823 -6.30 -66.85 -29.08
CA GLY B 823 -6.09 -67.96 -28.17
C GLY B 823 -7.17 -69.02 -28.31
N ILE B 824 -8.43 -68.60 -28.38
CA ILE B 824 -9.55 -69.54 -28.48
C ILE B 824 -9.49 -70.29 -29.80
N VAL B 825 -9.20 -69.60 -30.91
CA VAL B 825 -9.19 -70.27 -32.20
C VAL B 825 -8.01 -71.25 -32.28
N ALA B 826 -6.86 -70.88 -31.71
CA ALA B 826 -5.73 -71.80 -31.67
C ALA B 826 -6.06 -73.03 -30.82
N GLY B 827 -6.72 -72.82 -29.68
CA GLY B 827 -7.13 -73.95 -28.87
C GLY B 827 -8.12 -74.86 -29.57
N ILE B 828 -9.07 -74.27 -30.31
CA ILE B 828 -10.03 -75.06 -31.07
C ILE B 828 -9.32 -75.86 -32.15
N PHE B 829 -8.38 -75.24 -32.85
CA PHE B 829 -7.62 -75.95 -33.88
C PHE B 829 -6.77 -77.09 -33.32
N LEU B 830 -6.16 -76.89 -32.15
CA LEU B 830 -5.30 -77.91 -31.55
C LEU B 830 -6.10 -79.04 -30.92
N ILE B 831 -7.19 -78.71 -30.22
CA ILE B 831 -7.97 -79.72 -29.52
C ILE B 831 -8.66 -80.68 -30.47
N PHE B 832 -9.11 -80.20 -31.63
CA PHE B 832 -9.76 -81.08 -32.59
C PHE B 832 -8.82 -82.18 -33.06
N ILE B 833 -7.62 -81.81 -33.52
CA ILE B 833 -6.66 -82.82 -33.97
C ILE B 833 -6.18 -83.67 -32.82
N GLU B 834 -6.02 -83.09 -31.62
CA GLU B 834 -5.58 -83.88 -30.47
C GLU B 834 -6.60 -84.96 -30.13
N ILE B 835 -7.89 -84.60 -30.08
CA ILE B 835 -8.91 -85.59 -29.74
C ILE B 835 -9.10 -86.58 -30.87
N ALA B 836 -8.90 -86.15 -32.13
CA ALA B 836 -8.97 -87.09 -33.25
C ALA B 836 -7.86 -88.15 -33.14
N TYR B 837 -6.64 -87.71 -32.83
CA TYR B 837 -5.54 -88.66 -32.66
C TYR B 837 -5.78 -89.56 -31.46
N LYS B 838 -6.31 -89.00 -30.36
CA LYS B 838 -6.61 -89.81 -29.18
C LYS B 838 -7.65 -90.89 -29.49
N ARG B 839 -8.70 -90.51 -30.22
CA ARG B 839 -9.74 -91.47 -30.59
C ARG B 839 -9.17 -92.55 -31.53
N HIS B 840 -8.33 -92.14 -32.48
CA HIS B 840 -7.71 -93.11 -33.38
C HIS B 840 -6.83 -94.09 -32.63
N LYS B 841 -6.06 -93.59 -31.64
CA LYS B 841 -5.23 -94.47 -30.84
C LYS B 841 -6.08 -95.41 -29.99
N ASP B 842 -7.17 -94.90 -29.41
CA ASP B 842 -8.04 -95.76 -28.60
C ASP B 842 -8.71 -96.84 -29.44
N ALA B 843 -9.13 -96.50 -30.65
CA ALA B 843 -9.83 -97.43 -31.54
C ALA B 843 -8.92 -97.96 -32.64
N ARG B 844 -7.65 -98.18 -32.32
CA ARG B 844 -6.70 -98.72 -33.30
C ARG B 844 -7.04 -100.16 -33.66
N LEU C 34 52.21 23.03 -39.63
CA LEU C 34 53.65 23.19 -39.79
C LEU C 34 54.27 23.86 -38.58
N ASN C 35 53.53 24.80 -37.99
CA ASN C 35 53.99 25.52 -36.80
C ASN C 35 52.89 25.51 -35.75
N ILE C 36 53.27 25.22 -34.51
CA ILE C 36 52.34 25.14 -33.39
C ILE C 36 52.79 26.09 -32.31
N ALA C 37 51.85 26.88 -31.79
CA ALA C 37 52.13 27.84 -30.73
C ALA C 37 51.38 27.44 -29.47
N VAL C 38 52.11 27.37 -28.35
CA VAL C 38 51.54 26.99 -27.07
C VAL C 38 51.80 28.13 -26.09
N MET C 39 50.75 28.56 -25.40
CA MET C 39 50.84 29.64 -24.42
C MET C 39 50.74 29.07 -23.01
N LEU C 40 51.68 29.47 -22.15
CA LEU C 40 51.69 28.98 -20.78
C LEU C 40 51.70 30.14 -19.79
N GLY C 41 51.80 29.83 -18.49
CA GLY C 41 51.81 30.86 -17.47
C GLY C 41 52.98 30.76 -16.52
N HIS C 42 52.81 31.29 -15.30
CA HIS C 42 53.86 31.28 -14.29
C HIS C 42 53.74 30.10 -13.33
N SER C 43 52.85 29.14 -13.61
CA SER C 43 52.69 28.00 -12.71
C SER C 43 53.95 27.15 -12.64
N HIS C 44 54.62 26.95 -13.77
CA HIS C 44 55.83 26.14 -13.83
C HIS C 44 56.93 26.96 -14.48
N ASP C 45 58.07 26.34 -14.74
CA ASP C 45 59.22 27.01 -15.32
C ASP C 45 59.13 27.01 -16.84
N VAL C 46 59.63 28.09 -17.44
CA VAL C 46 59.50 28.26 -18.89
C VAL C 46 60.39 27.28 -19.64
N THR C 47 61.64 27.10 -19.18
CA THR C 47 62.59 26.27 -19.92
C THR C 47 62.16 24.81 -19.96
N GLU C 48 61.71 24.27 -18.83
CA GLU C 48 61.27 22.87 -18.83
C GLU C 48 60.02 22.68 -19.68
N ARG C 49 59.11 23.67 -19.66
CA ARG C 49 57.94 23.60 -20.52
C ARG C 49 58.34 23.60 -21.99
N GLU C 50 59.29 24.46 -22.37
CA GLU C 50 59.76 24.49 -23.74
C GLU C 50 60.40 23.16 -24.13
N LEU C 51 61.21 22.59 -23.25
CA LEU C 51 61.84 21.30 -23.53
C LEU C 51 60.80 20.20 -23.71
N ARG C 52 59.78 20.18 -22.84
CA ARG C 52 58.74 19.17 -22.95
C ARG C 52 57.92 19.34 -24.22
N THR C 53 57.62 20.58 -24.60
CA THR C 53 56.90 20.82 -25.84
C THR C 53 57.72 20.40 -27.05
N LEU C 54 59.04 20.64 -27.01
CA LEU C 54 59.91 20.16 -28.08
C LEU C 54 59.93 18.64 -28.14
N TRP C 55 59.97 17.98 -26.99
CA TRP C 55 60.03 16.52 -26.96
C TRP C 55 58.70 15.86 -27.31
N GLY C 56 57.59 16.59 -27.17
CA GLY C 56 56.28 16.05 -27.45
C GLY C 56 56.14 15.34 -28.78
N PRO C 57 56.24 16.09 -29.89
CA PRO C 57 56.14 15.44 -31.21
C PRO C 57 57.25 14.45 -31.51
N GLU C 58 58.37 14.53 -30.79
CA GLU C 58 59.50 13.63 -31.03
C GLU C 58 59.36 12.30 -30.30
N GLN C 59 58.29 12.09 -29.54
CA GLN C 59 58.11 10.83 -28.82
C GLN C 59 57.85 9.69 -29.79
N ALA C 60 56.78 9.79 -30.58
CA ALA C 60 56.43 8.74 -31.53
C ALA C 60 55.58 9.34 -32.64
N ALA C 61 55.45 8.59 -33.72
CA ALA C 61 54.66 8.97 -34.88
C ALA C 61 55.16 10.31 -35.46
N GLY C 62 56.40 10.30 -35.92
CA GLY C 62 56.97 11.50 -36.49
C GLY C 62 56.21 11.94 -37.73
N LEU C 63 55.85 13.23 -37.76
CA LEU C 63 55.12 13.77 -38.89
C LEU C 63 56.02 13.86 -40.12
N PRO C 64 55.45 13.77 -41.32
CA PRO C 64 56.25 14.04 -42.53
C PRO C 64 56.81 15.45 -42.56
N LEU C 65 56.09 16.42 -42.02
CA LEU C 65 56.55 17.80 -41.87
C LEU C 65 56.64 18.08 -40.37
N ASP C 66 57.85 18.31 -39.87
CA ASP C 66 58.04 18.53 -38.44
C ASP C 66 57.37 19.83 -38.01
N VAL C 67 56.70 19.78 -36.87
CA VAL C 67 56.02 20.94 -36.29
C VAL C 67 56.82 21.44 -35.10
N ASN C 68 57.02 22.76 -35.05
CA ASN C 68 57.76 23.39 -33.96
C ASN C 68 56.80 23.92 -32.91
N VAL C 69 57.36 24.25 -31.75
CA VAL C 69 56.60 24.76 -30.61
C VAL C 69 57.22 26.07 -30.16
N VAL C 70 56.37 27.06 -29.90
CA VAL C 70 56.80 28.37 -29.42
C VAL C 70 56.09 28.61 -28.10
N ALA C 71 56.77 28.30 -26.99
CA ALA C 71 56.21 28.46 -25.66
C ALA C 71 56.76 29.74 -25.04
N LEU C 72 55.87 30.70 -24.77
CA LEU C 72 56.23 31.97 -24.17
C LEU C 72 55.57 32.07 -22.78
N LEU C 73 56.39 32.33 -21.77
CA LEU C 73 55.89 32.49 -20.40
C LEU C 73 55.24 33.87 -20.28
N MET C 74 53.91 33.89 -20.30
CA MET C 74 53.16 35.13 -20.24
C MET C 74 51.89 34.92 -19.43
N ASN C 75 51.71 35.74 -18.39
CA ASN C 75 50.53 35.66 -17.54
C ASN C 75 49.57 36.82 -17.75
N ARG C 76 49.78 37.65 -18.78
CA ARG C 76 48.95 38.82 -19.02
C ARG C 76 47.74 38.41 -19.86
N THR C 77 46.64 38.11 -19.17
CA THR C 77 45.41 37.68 -19.81
C THR C 77 44.58 38.84 -20.35
N ASP C 78 45.16 40.04 -20.46
CA ASP C 78 44.43 41.18 -21.00
C ASP C 78 44.10 40.92 -22.47
N PRO C 79 42.90 41.30 -22.93
CA PRO C 79 42.53 41.02 -24.32
C PRO C 79 43.46 41.64 -25.34
N LYS C 80 43.94 42.86 -25.10
CA LYS C 80 44.82 43.51 -26.06
C LYS C 80 46.16 42.80 -26.16
N SER C 81 46.74 42.42 -25.01
CA SER C 81 47.98 41.66 -25.03
C SER C 81 47.79 40.32 -25.74
N LEU C 82 46.65 39.66 -25.47
CA LEU C 82 46.38 38.38 -26.10
C LEU C 82 46.27 38.51 -27.63
N ILE C 83 45.55 39.52 -28.10
CA ILE C 83 45.39 39.67 -29.55
C ILE C 83 46.69 40.08 -30.21
N THR C 84 47.49 40.92 -29.54
CA THR C 84 48.79 41.28 -30.10
C THR C 84 49.71 40.06 -30.18
N HIS C 85 49.69 39.21 -29.15
CA HIS C 85 50.49 37.99 -29.19
C HIS C 85 50.00 37.04 -30.28
N VAL C 86 48.68 36.94 -30.46
CA VAL C 86 48.12 36.09 -31.50
C VAL C 86 48.57 36.59 -32.88
N CYS C 87 48.52 37.91 -33.09
CA CYS C 87 49.03 38.50 -34.32
C CYS C 87 50.50 38.25 -34.54
N ASP C 88 51.33 38.40 -33.52
CA ASP C 88 52.77 38.13 -33.67
C ASP C 88 53.02 36.67 -34.01
N LEU C 89 52.31 35.76 -33.36
CA LEU C 89 52.47 34.34 -33.66
C LEU C 89 52.01 34.03 -35.08
N MET C 90 50.90 34.62 -35.51
CA MET C 90 50.42 34.41 -36.87
C MET C 90 51.42 34.91 -37.89
N SER C 91 52.04 36.06 -37.63
CA SER C 91 53.10 36.56 -38.50
C SER C 91 54.38 35.72 -38.38
N GLY C 92 54.46 34.83 -37.41
CA GLY C 92 55.65 34.02 -37.22
C GLY C 92 55.72 32.82 -38.13
N ALA C 93 56.00 33.06 -39.41
CA ALA C 93 56.15 32.01 -40.42
C ALA C 93 54.87 31.18 -40.55
N ARG C 94 53.73 31.86 -40.41
CA ARG C 94 52.40 31.26 -40.64
C ARG C 94 52.17 30.06 -39.72
N ILE C 95 51.98 30.38 -38.42
CA ILE C 95 51.61 29.35 -37.46
C ILE C 95 50.21 28.85 -37.78
N HIS C 96 50.08 27.54 -37.97
CA HIS C 96 48.80 26.95 -38.34
C HIS C 96 48.03 26.37 -37.16
N GLY C 97 48.55 26.49 -35.94
CA GLY C 97 47.86 25.98 -34.77
C GLY C 97 48.29 26.66 -33.49
N LEU C 98 47.33 27.08 -32.68
CA LEU C 98 47.60 27.81 -31.44
C LEU C 98 46.99 27.05 -30.28
N VAL C 99 47.82 26.73 -29.29
CA VAL C 99 47.34 26.11 -28.06
C VAL C 99 47.21 27.19 -27.00
N PHE C 100 46.00 27.35 -26.47
CA PHE C 100 45.69 28.42 -25.53
C PHE C 100 45.66 27.86 -24.11
N GLY C 101 46.61 28.30 -23.28
CA GLY C 101 46.66 27.94 -21.88
C GLY C 101 46.47 29.16 -20.99
N ASP C 102 46.01 28.89 -19.78
CA ASP C 102 45.74 29.96 -18.82
C ASP C 102 45.85 29.39 -17.41
N ASP C 103 46.01 30.29 -16.45
CA ASP C 103 46.09 29.92 -15.04
C ASP C 103 45.06 30.63 -14.16
N THR C 104 44.29 31.57 -14.71
CA THR C 104 43.28 32.28 -13.94
C THR C 104 41.93 31.58 -14.07
N ASP C 105 40.90 32.21 -13.50
CA ASP C 105 39.54 31.68 -13.53
C ASP C 105 38.57 32.54 -14.34
N GLN C 106 39.08 33.55 -15.05
CA GLN C 106 38.22 34.42 -15.84
C GLN C 106 37.85 33.73 -17.16
N GLU C 107 36.55 33.71 -17.47
CA GLU C 107 36.08 33.06 -18.69
C GLU C 107 36.10 34.00 -19.90
N ALA C 108 36.47 35.27 -19.71
CA ALA C 108 36.53 36.20 -20.83
C ALA C 108 37.64 35.88 -21.81
N VAL C 109 38.65 35.11 -21.39
CA VAL C 109 39.70 34.70 -22.32
C VAL C 109 39.12 33.83 -23.43
N ALA C 110 38.21 32.92 -23.07
CA ALA C 110 37.53 32.13 -24.09
C ALA C 110 36.64 33.01 -24.96
N GLN C 111 36.04 34.06 -24.38
CA GLN C 111 35.22 34.97 -25.16
C GLN C 111 36.04 35.68 -26.23
N MET C 112 37.24 36.14 -25.86
CA MET C 112 38.12 36.74 -26.86
C MET C 112 38.63 35.71 -27.85
N LEU C 113 38.86 34.48 -27.38
CA LEU C 113 39.30 33.41 -28.28
C LEU C 113 38.24 33.11 -29.32
N ASP C 114 36.95 33.27 -28.98
CA ASP C 114 35.89 33.10 -29.96
C ASP C 114 36.09 34.04 -31.15
N PHE C 115 36.28 35.33 -30.87
CA PHE C 115 36.49 36.31 -31.94
C PHE C 115 37.79 36.04 -32.68
N ILE C 116 38.84 35.64 -31.95
CA ILE C 116 40.12 35.35 -32.57
C ILE C 116 39.98 34.21 -33.57
N SER C 117 39.29 33.14 -33.18
CA SER C 117 39.10 32.00 -34.08
C SER C 117 38.19 32.38 -35.24
N SER C 118 37.18 33.22 -35.00
CA SER C 118 36.29 33.62 -36.07
C SER C 118 37.00 34.48 -37.11
N HIS C 119 37.95 35.32 -36.70
CA HIS C 119 38.66 36.20 -37.62
C HIS C 119 39.97 35.63 -38.13
N THR C 120 40.45 34.53 -37.57
CA THR C 120 41.70 33.94 -38.04
C THR C 120 41.52 32.56 -38.67
N PHE C 121 40.43 31.86 -38.36
CA PHE C 121 40.15 30.54 -38.93
C PHE C 121 41.29 29.55 -38.69
N VAL C 122 41.73 29.47 -37.43
CA VAL C 122 42.82 28.57 -37.05
C VAL C 122 42.31 27.59 -36.01
N PRO C 123 42.61 26.30 -36.12
CA PRO C 123 42.16 25.34 -35.11
C PRO C 123 42.86 25.60 -33.78
N ILE C 124 42.06 25.90 -32.76
CA ILE C 124 42.56 26.22 -31.43
C ILE C 124 41.90 25.29 -30.41
N LEU C 125 42.72 24.72 -29.54
CA LEU C 125 42.26 23.78 -28.52
C LEU C 125 42.33 24.44 -27.15
N GLY C 126 41.38 24.10 -26.28
CA GLY C 126 41.28 24.66 -24.95
C GLY C 126 41.95 23.74 -23.93
N ILE C 127 42.70 24.33 -23.01
CA ILE C 127 43.41 23.59 -21.98
C ILE C 127 42.93 24.09 -20.62
N HIS C 128 43.46 23.50 -19.54
CA HIS C 128 43.05 23.89 -18.20
C HIS C 128 43.38 25.37 -17.95
N GLY C 129 42.44 26.06 -17.30
CA GLY C 129 42.62 27.47 -17.02
C GLY C 129 41.32 28.25 -17.06
N GLY C 130 41.41 29.52 -17.49
CA GLY C 130 40.22 30.35 -17.57
C GLY C 130 39.22 29.87 -18.60
N ALA C 131 39.71 29.28 -19.70
CA ALA C 131 38.84 28.80 -20.76
C ALA C 131 38.35 27.38 -20.54
N SER C 132 38.62 26.79 -19.38
CA SER C 132 38.19 25.42 -19.13
C SER C 132 36.67 25.29 -19.16
N MET C 133 35.97 26.22 -18.53
CA MET C 133 34.51 26.18 -18.51
C MET C 133 33.96 26.56 -19.87
N ILE C 134 33.00 25.79 -20.35
CA ILE C 134 32.37 26.01 -21.65
C ILE C 134 30.90 26.35 -21.42
N MET C 135 30.47 27.53 -21.87
CA MET C 135 29.07 27.93 -21.75
C MET C 135 28.50 28.56 -23.01
N ALA C 136 29.32 28.91 -24.00
CA ALA C 136 28.82 29.58 -25.20
C ALA C 136 28.72 28.58 -26.35
N ASP C 137 27.65 28.70 -27.13
CA ASP C 137 27.45 27.85 -28.30
C ASP C 137 28.54 28.14 -29.33
N LYS C 138 29.03 27.09 -29.98
CA LYS C 138 30.11 27.24 -30.94
C LYS C 138 29.62 27.97 -32.19
N ASP C 139 30.36 28.99 -32.62
CA ASP C 139 30.00 29.72 -33.82
C ASP C 139 30.27 28.86 -35.05
N PRO C 140 29.43 28.96 -36.09
CA PRO C 140 29.68 28.17 -37.31
C PRO C 140 31.02 28.46 -37.96
N THR C 141 31.53 29.68 -37.85
CA THR C 141 32.81 30.03 -38.43
C THR C 141 33.98 29.74 -37.50
N SER C 142 33.72 29.24 -36.30
CA SER C 142 34.77 28.91 -35.35
C SER C 142 35.23 27.47 -35.55
N THR C 143 36.46 27.20 -35.09
CA THR C 143 37.06 25.89 -35.22
C THR C 143 37.37 25.30 -33.84
N PHE C 144 36.41 25.39 -32.92
CA PHE C 144 36.63 25.03 -31.53
C PHE C 144 36.29 23.57 -31.28
N PHE C 145 37.20 22.88 -30.59
CA PHE C 145 36.97 21.51 -30.12
C PHE C 145 37.60 21.46 -28.72
N GLN C 146 36.79 21.74 -27.70
CA GLN C 146 37.28 21.90 -26.34
C GLN C 146 37.20 20.58 -25.58
N PHE C 147 38.03 20.48 -24.54
CA PHE C 147 38.05 19.30 -23.69
C PHE C 147 36.91 19.26 -22.68
N GLY C 148 36.27 20.40 -22.43
CA GLY C 148 35.17 20.42 -21.48
C GLY C 148 33.92 19.77 -22.06
N ALA C 149 33.04 19.33 -21.17
CA ALA C 149 31.79 18.71 -21.56
C ALA C 149 30.63 19.69 -21.38
N SER C 150 29.68 19.63 -22.30
CA SER C 150 28.51 20.50 -22.23
C SER C 150 27.54 20.03 -21.14
N ILE C 151 26.55 20.88 -20.86
CA ILE C 151 25.56 20.54 -19.84
C ILE C 151 24.72 19.35 -20.27
N GLN C 152 24.40 19.25 -21.56
CA GLN C 152 23.68 18.08 -22.04
C GLN C 152 24.51 16.81 -21.85
N GLN C 153 25.82 16.91 -22.04
CA GLN C 153 26.72 15.78 -21.84
C GLN C 153 26.88 15.42 -20.37
N GLN C 154 26.45 16.28 -19.46
CA GLN C 154 26.45 15.97 -18.03
C GLN C 154 25.15 15.37 -17.55
N ALA C 155 24.05 15.57 -18.30
CA ALA C 155 22.78 14.98 -17.92
C ALA C 155 22.83 13.46 -17.96
N THR C 156 23.49 12.88 -18.97
CA THR C 156 23.62 11.43 -19.02
C THR C 156 24.45 10.90 -17.85
N VAL C 157 25.51 11.63 -17.48
CA VAL C 157 26.32 11.23 -16.33
C VAL C 157 25.50 11.29 -15.05
N MET C 158 24.69 12.34 -14.89
CA MET C 158 23.84 12.45 -13.72
C MET C 158 22.82 11.30 -13.67
N LEU C 159 22.24 10.96 -14.83
CA LEU C 159 21.30 9.85 -14.89
C LEU C 159 21.98 8.52 -14.55
N LYS C 160 23.21 8.32 -15.03
CA LYS C 160 23.94 7.10 -14.68
C LYS C 160 24.23 7.05 -13.18
N ILE C 161 24.58 8.18 -12.57
CA ILE C 161 24.79 8.22 -11.13
C ILE C 161 23.50 7.88 -10.40
N MET C 162 22.37 8.41 -10.87
CA MET C 162 21.08 8.09 -10.26
C MET C 162 20.77 6.60 -10.38
N GLN C 163 21.07 6.02 -11.54
CA GLN C 163 20.87 4.58 -11.72
C GLN C 163 21.73 3.78 -10.76
N ASP C 164 22.99 4.19 -10.59
CA ASP C 164 23.89 3.49 -9.67
C ASP C 164 23.43 3.61 -8.23
N TYR C 165 22.92 4.78 -7.83
CA TYR C 165 22.47 4.99 -6.46
C TYR C 165 21.04 4.56 -6.22
N ASP C 166 20.31 4.14 -7.27
CA ASP C 166 18.95 3.63 -7.15
C ASP C 166 18.01 4.65 -6.51
N TRP C 167 18.16 5.92 -6.90
CA TRP C 167 17.28 6.99 -6.43
C TRP C 167 16.32 7.33 -7.57
N HIS C 168 15.02 7.21 -7.31
CA HIS C 168 14.00 7.35 -8.34
C HIS C 168 13.06 8.54 -8.08
N VAL C 169 13.55 9.59 -7.44
CA VAL C 169 12.75 10.78 -7.16
C VAL C 169 13.54 12.01 -7.61
N PHE C 170 12.86 12.92 -8.29
CA PHE C 170 13.47 14.14 -8.81
C PHE C 170 12.83 15.38 -8.17
N SER C 171 13.64 16.43 -8.05
CA SER C 171 13.18 17.72 -7.52
C SER C 171 14.08 18.80 -8.13
N LEU C 172 13.55 19.50 -9.13
CA LEU C 172 14.32 20.47 -9.91
C LEU C 172 14.15 21.84 -9.28
N VAL C 173 15.20 22.31 -8.61
CA VAL C 173 15.25 23.67 -8.08
C VAL C 173 16.28 24.43 -8.90
N THR C 174 15.81 25.30 -9.79
CA THR C 174 16.65 26.03 -10.72
C THR C 174 16.52 27.54 -10.48
N THR C 175 17.19 28.30 -11.34
CA THR C 175 17.13 29.76 -11.30
C THR C 175 17.19 30.27 -12.73
N ILE C 176 16.69 31.49 -12.94
CA ILE C 176 16.69 32.07 -14.28
C ILE C 176 18.13 32.38 -14.66
N PHE C 177 18.69 31.57 -15.55
CA PHE C 177 20.05 31.71 -16.05
C PHE C 177 20.04 31.52 -17.56
N PRO C 178 21.00 32.12 -18.26
CA PRO C 178 21.05 31.96 -19.72
C PRO C 178 21.30 30.53 -20.15
N GLY C 179 20.44 30.00 -21.02
CA GLY C 179 20.62 28.69 -21.59
C GLY C 179 20.16 27.52 -20.75
N TYR C 180 19.61 27.77 -19.56
CA TYR C 180 19.16 26.66 -18.73
C TYR C 180 17.80 26.11 -19.16
N ARG C 181 17.03 26.88 -19.91
CA ARG C 181 15.72 26.39 -20.35
C ARG C 181 15.86 25.19 -21.28
N GLU C 182 16.77 25.27 -22.25
CA GLU C 182 17.00 24.13 -23.12
C GLU C 182 17.61 22.96 -22.38
N PHE C 183 18.43 23.21 -21.35
CA PHE C 183 18.94 22.12 -20.52
C PHE C 183 17.81 21.41 -19.79
N ILE C 184 16.86 22.18 -19.25
CA ILE C 184 15.71 21.59 -18.58
C ILE C 184 14.88 20.79 -19.57
N SER C 185 14.67 21.33 -20.77
CA SER C 185 13.92 20.58 -21.79
C SER C 185 14.64 19.28 -22.15
N PHE C 186 15.96 19.34 -22.28
CA PHE C 186 16.73 18.14 -22.61
C PHE C 186 16.65 17.09 -21.52
N VAL C 187 16.75 17.51 -20.25
CA VAL C 187 16.67 16.53 -19.17
C VAL C 187 15.27 15.97 -19.06
N LYS C 188 14.24 16.78 -19.33
CA LYS C 188 12.87 16.26 -19.35
C LYS C 188 12.67 15.24 -20.46
N THR C 189 13.22 15.50 -21.65
CA THR C 189 13.14 14.51 -22.73
C THR C 189 13.90 13.25 -22.37
N THR C 190 15.06 13.39 -21.72
CA THR C 190 15.84 12.21 -21.34
C THR C 190 15.10 11.36 -20.31
N VAL C 191 14.52 11.99 -19.29
CA VAL C 191 13.79 11.21 -18.29
C VAL C 191 12.52 10.61 -18.89
N ASP C 192 11.87 11.32 -19.80
CA ASP C 192 10.71 10.75 -20.49
C ASP C 192 11.10 9.55 -21.33
N ASN C 193 12.26 9.62 -21.99
CA ASN C 193 12.76 8.50 -22.79
C ASN C 193 13.49 7.46 -21.97
N SER C 194 13.67 7.68 -20.68
CA SER C 194 14.32 6.69 -19.83
C SER C 194 13.39 5.51 -19.58
N PHE C 195 13.92 4.30 -19.73
CA PHE C 195 13.13 3.08 -19.54
C PHE C 195 12.85 2.79 -18.07
N VAL C 196 13.58 3.40 -17.15
CA VAL C 196 13.35 3.15 -15.73
C VAL C 196 12.01 3.73 -15.28
N GLY C 197 11.70 4.94 -15.75
CA GLY C 197 10.45 5.59 -15.39
C GLY C 197 10.57 6.41 -14.11
N TRP C 198 11.52 7.34 -14.09
CA TRP C 198 11.74 8.15 -12.91
C TRP C 198 10.58 9.13 -12.71
N ASP C 199 10.25 9.38 -11.45
CA ASP C 199 9.26 10.39 -11.12
C ASP C 199 9.79 11.77 -11.46
N MET C 200 8.92 12.61 -12.02
CA MET C 200 9.28 13.96 -12.48
C MET C 200 8.29 14.96 -11.91
N GLN C 201 8.69 15.63 -10.83
CA GLN C 201 7.87 16.70 -10.25
C GLN C 201 8.10 18.00 -11.01
N ASN C 202 7.24 18.98 -10.76
CA ASN C 202 7.37 20.27 -11.40
C ASN C 202 8.64 20.99 -10.92
N VAL C 203 9.22 21.79 -11.80
CA VAL C 203 10.44 22.52 -11.49
C VAL C 203 10.08 23.83 -10.78
N ILE C 204 10.73 24.09 -9.65
CA ILE C 204 10.52 25.31 -8.89
C ILE C 204 11.75 26.18 -9.12
N THR C 205 11.55 27.32 -9.77
CA THR C 205 12.65 28.22 -10.10
C THR C 205 12.66 29.43 -9.17
N LEU C 206 13.85 29.97 -8.94
CA LEU C 206 14.01 31.16 -8.11
C LEU C 206 13.87 32.39 -9.00
N ASP C 207 12.76 33.11 -8.86
CA ASP C 207 12.48 34.25 -9.74
C ASP C 207 13.53 35.35 -9.58
N THR C 208 13.61 35.93 -8.39
CA THR C 208 14.51 37.05 -8.11
C THR C 208 15.33 36.75 -6.87
N SER C 209 16.61 37.09 -6.91
CA SER C 209 17.47 36.92 -5.75
C SER C 209 17.18 37.98 -4.70
N PHE C 210 17.48 37.66 -3.44
CA PHE C 210 17.31 38.60 -2.31
C PHE C 210 15.86 39.04 -2.15
N GLU C 211 14.93 38.15 -2.50
CA GLU C 211 13.52 38.44 -2.26
C GLU C 211 13.20 38.40 -0.77
N ASP C 212 13.66 37.36 -0.08
CA ASP C 212 13.52 37.20 1.37
C ASP C 212 12.06 37.00 1.77
N ALA C 213 11.14 37.11 0.82
CA ALA C 213 9.72 36.90 1.07
C ALA C 213 9.16 35.75 0.25
N LYS C 214 9.45 35.70 -1.05
CA LYS C 214 8.96 34.62 -1.90
C LYS C 214 9.86 33.39 -1.86
N THR C 215 11.08 33.52 -1.31
CA THR C 215 11.99 32.38 -1.27
C THR C 215 11.42 31.24 -0.44
N GLN C 216 10.84 31.56 0.73
CA GLN C 216 10.23 30.53 1.56
C GLN C 216 9.04 29.88 0.86
N VAL C 217 8.23 30.67 0.16
CA VAL C 217 7.10 30.12 -0.57
C VAL C 217 7.58 29.16 -1.66
N GLN C 218 8.65 29.54 -2.36
CA GLN C 218 9.19 28.66 -3.40
C GLN C 218 9.75 27.38 -2.79
N LEU C 219 10.46 27.49 -1.66
CA LEU C 219 11.09 26.33 -1.05
C LEU C 219 10.09 25.41 -0.34
N LYS C 220 8.91 25.91 0.01
CA LYS C 220 7.93 25.09 0.71
C LYS C 220 7.45 23.91 -0.13
N LYS C 221 7.55 23.99 -1.45
CA LYS C 221 7.03 22.93 -2.32
C LYS C 221 8.01 21.79 -2.53
N ILE C 222 9.23 21.89 -1.98
CA ILE C 222 10.24 20.85 -2.15
C ILE C 222 10.01 19.81 -1.05
N HIS C 223 9.59 18.61 -1.46
CA HIS C 223 9.40 17.48 -0.55
C HIS C 223 9.92 16.24 -1.27
N SER C 224 11.21 15.94 -1.11
CA SER C 224 11.84 14.81 -1.78
C SER C 224 13.16 14.52 -1.07
N SER C 225 13.93 13.60 -1.63
CA SER C 225 15.25 13.25 -1.11
C SER C 225 16.39 13.61 -2.03
N VAL C 226 16.14 13.74 -3.34
CA VAL C 226 17.15 14.15 -4.31
C VAL C 226 16.71 15.47 -4.93
N ILE C 227 17.58 16.46 -4.89
CA ILE C 227 17.27 17.81 -5.36
C ILE C 227 18.30 18.21 -6.39
N LEU C 228 17.84 18.74 -7.52
CA LEU C 228 18.70 19.22 -8.59
C LEU C 228 18.86 20.73 -8.48
N LEU C 229 20.10 21.20 -8.58
CA LEU C 229 20.43 22.61 -8.43
C LEU C 229 21.15 23.10 -9.68
N TYR C 230 20.41 23.80 -10.54
CA TYR C 230 21.00 24.46 -11.72
C TYR C 230 21.16 25.95 -11.43
N CYS C 231 22.26 26.27 -10.75
CA CYS C 231 22.55 27.63 -10.34
C CYS C 231 24.05 27.87 -10.48
N SER C 232 24.51 29.02 -9.98
CA SER C 232 25.92 29.37 -9.93
C SER C 232 26.43 29.21 -8.50
N LYS C 233 27.74 29.40 -8.34
CA LYS C 233 28.37 29.22 -7.03
C LYS C 233 27.85 30.24 -6.02
N ASP C 234 27.81 31.51 -6.40
CA ASP C 234 27.48 32.57 -5.44
C ASP C 234 26.05 32.42 -4.93
N GLU C 235 25.09 32.22 -5.82
CA GLU C 235 23.71 32.05 -5.38
C GLU C 235 23.46 30.67 -4.80
N ALA C 236 24.23 29.66 -5.22
CA ALA C 236 24.08 28.33 -4.65
C ALA C 236 24.52 28.30 -3.18
N VAL C 237 25.53 29.09 -2.83
CA VAL C 237 25.91 29.19 -1.42
C VAL C 237 24.74 29.71 -0.59
N LEU C 238 24.08 30.76 -1.07
CA LEU C 238 22.95 31.32 -0.35
C LEU C 238 21.78 30.34 -0.30
N ILE C 239 21.53 29.62 -1.40
CA ILE C 239 20.44 28.65 -1.44
C ILE C 239 20.69 27.53 -0.42
N LEU C 240 21.93 27.03 -0.35
CA LEU C 240 22.25 26.00 0.62
C LEU C 240 22.21 26.52 2.05
N SER C 241 22.58 27.79 2.26
CA SER C 241 22.45 28.38 3.59
C SER C 241 20.98 28.45 4.00
N GLU C 242 20.10 28.84 3.07
CA GLU C 242 18.67 28.86 3.36
C GLU C 242 18.14 27.46 3.62
N ALA C 243 18.62 26.46 2.86
CA ALA C 243 18.22 25.07 3.11
C ALA C 243 18.66 24.61 4.49
N ARG C 244 19.87 24.97 4.90
CA ARG C 244 20.34 24.65 6.24
C ARG C 244 19.47 25.31 7.29
N SER C 245 19.10 26.57 7.07
CA SER C 245 18.17 27.24 7.99
C SER C 245 16.83 26.53 8.03
N LEU C 246 16.41 25.96 6.91
CA LEU C 246 15.17 25.19 6.83
C LEU C 246 15.38 23.71 7.15
N GLY C 247 16.62 23.31 7.46
CA GLY C 247 16.89 21.92 7.79
C GLY C 247 16.72 20.95 6.65
N LEU C 248 17.21 21.29 5.46
CA LEU C 248 17.12 20.43 4.29
C LEU C 248 18.39 19.62 4.05
N THR C 249 19.32 19.62 5.01
CA THR C 249 20.58 18.90 4.89
C THR C 249 20.58 17.62 5.73
N GLY C 250 19.45 16.93 5.78
CA GLY C 250 19.31 15.74 6.58
C GLY C 250 20.00 14.53 5.96
N TYR C 251 19.90 13.41 6.67
CA TYR C 251 20.52 12.17 6.22
C TYR C 251 19.93 11.70 4.90
N ASP C 252 18.60 11.75 4.77
CA ASP C 252 17.94 11.27 3.57
C ASP C 252 18.03 12.24 2.40
N PHE C 253 18.36 13.50 2.66
CA PHE C 253 18.43 14.50 1.59
C PHE C 253 19.71 14.32 0.78
N PHE C 254 19.60 14.47 -0.53
CA PHE C 254 20.74 14.40 -1.44
C PHE C 254 20.65 15.56 -2.42
N TRP C 255 21.81 15.98 -2.92
CA TRP C 255 21.91 17.13 -3.82
C TRP C 255 22.79 16.76 -5.01
N ILE C 256 22.53 17.42 -6.14
CA ILE C 256 23.31 17.25 -7.36
C ILE C 256 23.89 18.60 -7.75
N VAL C 257 25.19 18.64 -7.99
CA VAL C 257 25.89 19.90 -8.27
C VAL C 257 26.54 19.82 -9.66
N PRO C 258 26.34 20.82 -10.51
CA PRO C 258 26.99 20.81 -11.83
C PRO C 258 28.47 21.14 -11.77
N SER C 259 29.12 21.24 -12.92
CA SER C 259 30.56 21.48 -12.96
C SER C 259 30.91 22.91 -12.58
N LEU C 260 30.07 23.87 -13.01
CA LEU C 260 30.39 25.29 -12.78
C LEU C 260 30.42 25.65 -11.30
N VAL C 261 29.49 25.12 -10.51
CA VAL C 261 29.44 25.45 -9.09
C VAL C 261 30.69 24.94 -8.38
N SER C 262 31.10 23.71 -8.69
CA SER C 262 32.28 23.10 -8.08
C SER C 262 33.55 23.32 -8.89
N GLY C 263 33.63 24.40 -9.66
CA GLY C 263 34.82 24.66 -10.45
C GLY C 263 36.05 24.93 -9.59
N ASN C 264 35.87 25.71 -8.53
CA ASN C 264 36.97 26.04 -7.62
C ASN C 264 37.00 25.01 -6.50
N THR C 265 37.80 23.96 -6.68
CA THR C 265 37.90 22.90 -5.69
C THR C 265 38.58 23.37 -4.41
N GLU C 266 39.44 24.38 -4.49
CA GLU C 266 40.15 24.90 -3.32
C GLU C 266 39.42 26.06 -2.66
N LEU C 267 38.26 26.45 -3.17
CA LEU C 267 37.42 27.49 -2.56
C LEU C 267 36.15 26.81 -2.08
N ILE C 268 36.19 26.29 -0.86
CA ILE C 268 35.08 25.58 -0.26
C ILE C 268 34.50 26.46 0.86
N PRO C 269 33.32 27.05 0.67
CA PRO C 269 32.74 27.88 1.73
C PRO C 269 32.31 27.04 2.93
N LYS C 270 32.28 27.71 4.09
CA LYS C 270 31.86 27.03 5.32
C LYS C 270 30.37 26.69 5.31
N GLU C 271 29.60 27.26 4.40
CA GLU C 271 28.17 27.02 4.33
C GLU C 271 27.81 25.90 3.36
N PHE C 272 28.80 25.19 2.81
CA PHE C 272 28.54 24.11 1.87
C PHE C 272 28.49 22.78 2.61
N PRO C 273 27.34 22.13 2.71
CA PRO C 273 27.31 20.78 3.29
C PRO C 273 27.97 19.78 2.36
N SER C 274 28.49 18.71 2.97
CA SER C 274 29.13 17.66 2.19
C SER C 274 28.08 16.75 1.58
N GLY C 275 28.54 15.80 0.77
CA GLY C 275 27.62 14.93 0.06
C GLY C 275 27.09 15.47 -1.23
N LEU C 276 27.76 16.47 -1.81
CA LEU C 276 27.31 17.08 -3.07
C LEU C 276 27.92 16.29 -4.23
N ILE C 277 27.05 15.67 -5.02
CA ILE C 277 27.50 14.91 -6.18
C ILE C 277 27.80 15.89 -7.31
N SER C 278 29.04 15.92 -7.77
CA SER C 278 29.47 16.83 -8.82
C SER C 278 30.38 16.10 -9.81
N VAL C 279 30.44 16.64 -11.03
CA VAL C 279 31.26 16.08 -12.10
C VAL C 279 32.16 17.19 -12.63
N SER C 280 33.43 16.85 -12.86
CA SER C 280 34.41 17.81 -13.34
C SER C 280 35.54 17.05 -14.00
N TYR C 281 36.54 17.79 -14.48
CA TYR C 281 37.73 17.22 -15.11
C TYR C 281 38.97 17.95 -14.61
N ASP C 282 39.11 18.02 -13.28
CA ASP C 282 40.20 18.74 -12.65
C ASP C 282 41.53 18.04 -12.95
N ASP C 283 42.62 18.69 -12.53
CA ASP C 283 43.97 18.23 -12.81
C ASP C 283 44.49 17.24 -11.75
N TRP C 284 43.58 16.57 -11.05
CA TRP C 284 44.02 15.57 -10.07
C TRP C 284 44.50 14.29 -10.75
N ASP C 285 43.97 13.98 -11.94
CA ASP C 285 44.38 12.81 -12.70
C ASP C 285 45.03 13.17 -14.03
N TYR C 286 45.24 14.45 -14.30
CA TYR C 286 45.86 14.90 -15.54
C TYR C 286 46.68 16.15 -15.25
N SER C 287 47.55 16.49 -16.19
CA SER C 287 48.43 17.64 -16.05
C SER C 287 48.35 18.48 -17.31
N LEU C 288 48.93 19.69 -17.24
CA LEU C 288 49.00 20.55 -18.40
C LEU C 288 49.80 19.91 -19.52
N GLU C 289 50.91 19.26 -19.17
CA GLU C 289 51.69 18.54 -20.18
C GLU C 289 50.89 17.40 -20.79
N ALA C 290 50.16 16.65 -19.95
CA ALA C 290 49.33 15.56 -20.47
C ALA C 290 48.24 16.07 -21.41
N ARG C 291 47.64 17.22 -21.10
CA ARG C 291 46.61 17.77 -21.98
C ARG C 291 47.18 18.34 -23.26
N VAL C 292 48.33 19.01 -23.22
CA VAL C 292 48.91 19.51 -24.45
C VAL C 292 49.43 18.37 -25.32
N ARG C 293 49.80 17.24 -24.71
CA ARG C 293 50.13 16.06 -25.50
C ARG C 293 48.92 15.58 -26.30
N ASP C 294 47.76 15.53 -25.66
CA ASP C 294 46.54 15.15 -26.38
C ASP C 294 46.19 16.17 -27.45
N GLY C 295 46.37 17.46 -27.15
CA GLY C 295 46.10 18.49 -28.14
C GLY C 295 46.99 18.38 -29.37
N ILE C 296 48.29 18.19 -29.15
CA ILE C 296 49.20 18.06 -30.29
C ILE C 296 48.95 16.75 -31.03
N GLY C 297 48.52 15.70 -30.33
CA GLY C 297 48.14 14.49 -31.03
C GLY C 297 46.92 14.69 -31.92
N ILE C 298 45.92 15.41 -31.43
CA ILE C 298 44.76 15.73 -32.25
C ILE C 298 45.16 16.58 -33.45
N LEU C 299 46.08 17.53 -33.23
CA LEU C 299 46.56 18.35 -34.34
C LEU C 299 47.28 17.50 -35.38
N THR C 300 48.10 16.54 -34.93
CA THR C 300 48.79 15.66 -35.87
C THR C 300 47.80 14.81 -36.65
N THR C 301 46.77 14.29 -35.98
CA THR C 301 45.75 13.51 -36.68
C THR C 301 45.02 14.36 -37.72
N ALA C 302 44.69 15.61 -37.37
CA ALA C 302 44.04 16.49 -38.32
C ALA C 302 44.94 16.79 -39.51
N ALA C 303 46.24 17.01 -39.25
CA ALA C 303 47.18 17.24 -40.34
C ALA C 303 47.30 16.02 -41.25
N SER C 304 47.33 14.83 -40.65
CA SER C 304 47.39 13.61 -41.45
C SER C 304 46.14 13.45 -42.30
N SER C 305 44.97 13.75 -41.74
CA SER C 305 43.74 13.69 -42.51
C SER C 305 43.75 14.68 -43.66
N MET C 306 44.23 15.91 -43.41
CA MET C 306 44.31 16.91 -44.46
C MET C 306 45.26 16.47 -45.56
N LEU C 307 46.41 15.90 -45.20
CA LEU C 307 47.34 15.41 -46.20
C LEU C 307 46.76 14.23 -46.99
N GLU C 308 45.99 13.38 -46.32
CA GLU C 308 45.32 12.29 -47.03
C GLU C 308 44.30 12.82 -48.03
N LYS C 309 43.55 13.86 -47.65
CA LYS C 309 42.53 14.42 -48.52
C LYS C 309 43.11 15.44 -49.51
N PHE C 310 43.74 16.48 -49.00
CA PHE C 310 44.30 17.54 -49.83
C PHE C 310 45.81 17.40 -49.91
N SER C 311 46.43 18.19 -50.79
CA SER C 311 47.87 18.15 -50.96
C SER C 311 48.50 19.55 -50.92
N TYR C 312 47.76 20.55 -50.45
CA TYR C 312 48.26 21.92 -50.36
C TYR C 312 48.33 22.34 -48.91
N ILE C 313 49.48 22.89 -48.52
CA ILE C 313 49.70 23.35 -47.15
C ILE C 313 48.82 24.56 -46.89
N PRO C 314 48.01 24.56 -45.84
CA PRO C 314 47.14 25.72 -45.58
C PRO C 314 47.95 26.96 -45.24
N GLU C 315 47.42 28.10 -45.67
CA GLU C 315 48.03 29.39 -45.43
C GLU C 315 47.02 30.34 -44.79
N ALA C 316 47.53 31.24 -43.95
CA ALA C 316 46.70 32.19 -43.24
C ALA C 316 46.50 33.44 -44.11
N LYS C 317 45.79 34.42 -43.56
CA LYS C 317 45.54 35.66 -44.26
C LYS C 317 46.83 36.46 -44.41
N ALA C 318 46.83 37.36 -45.40
CA ALA C 318 48.00 38.22 -45.61
C ALA C 318 48.28 39.07 -44.38
N SER C 319 47.24 39.64 -43.78
CA SER C 319 47.38 40.36 -42.53
C SER C 319 47.08 39.42 -41.36
N CYS C 320 47.47 39.84 -40.16
CA CYS C 320 47.25 39.05 -38.96
C CYS C 320 45.91 39.30 -38.32
N TYR C 321 45.45 40.55 -38.28
CA TYR C 321 44.18 40.88 -37.65
C TYR C 321 43.38 41.90 -38.48
N GLY C 322 43.87 42.30 -39.65
CA GLY C 322 43.21 43.27 -40.48
C GLY C 322 42.18 42.63 -41.39
N GLN C 323 41.33 43.49 -41.96
CA GLN C 323 40.28 43.06 -42.88
C GLN C 323 40.21 43.99 -44.08
N MET C 324 41.39 44.35 -44.62
CA MET C 324 41.42 45.15 -45.84
C MET C 324 40.80 44.40 -47.01
N GLU C 325 41.09 43.11 -47.13
CA GLU C 325 40.49 42.27 -48.14
C GLU C 325 39.27 41.56 -47.57
N ARG C 326 38.49 40.95 -48.45
CA ARG C 326 37.26 40.27 -48.03
C ARG C 326 37.61 39.03 -47.21
N PRO C 327 36.89 38.76 -46.12
CA PRO C 327 37.14 37.54 -45.33
C PRO C 327 36.55 36.32 -46.01
N GLU C 328 37.42 35.48 -46.58
CA GLU C 328 36.98 34.26 -47.24
C GLU C 328 37.96 33.15 -46.92
N VAL C 329 37.45 31.92 -46.92
CA VAL C 329 38.25 30.73 -46.67
C VAL C 329 38.06 29.76 -47.82
N PRO C 330 38.81 29.89 -48.92
CA PRO C 330 38.64 28.97 -50.05
C PRO C 330 38.90 27.52 -49.69
N MET C 331 39.85 27.24 -48.80
CA MET C 331 40.12 25.88 -48.40
C MET C 331 39.02 25.35 -47.48
N HIS C 332 38.72 24.07 -47.62
CA HIS C 332 37.70 23.44 -46.79
C HIS C 332 38.12 23.46 -45.32
N THR C 333 37.15 23.63 -44.44
CA THR C 333 37.44 23.72 -43.01
C THR C 333 37.85 22.35 -42.48
N LEU C 334 38.47 22.35 -41.30
CA LEU C 334 39.00 21.14 -40.68
C LEU C 334 37.96 20.40 -39.86
N HIS C 335 36.73 20.91 -39.77
CA HIS C 335 35.70 20.23 -38.97
C HIS C 335 35.42 18.81 -39.44
N PRO C 336 35.20 18.53 -40.73
CA PRO C 336 35.02 17.12 -41.14
C PRO C 336 36.25 16.25 -40.93
N PHE C 337 37.44 16.84 -40.91
CA PHE C 337 38.67 16.08 -40.75
C PHE C 337 39.02 15.80 -39.30
N MET C 338 38.33 16.42 -38.35
CA MET C 338 38.59 16.23 -36.92
C MET C 338 37.47 15.46 -36.23
N VAL C 339 36.83 14.53 -36.95
CA VAL C 339 35.76 13.71 -36.39
C VAL C 339 36.29 12.35 -35.93
N ASN C 340 37.06 11.68 -36.78
CA ASN C 340 37.62 10.38 -36.44
C ASN C 340 39.02 10.53 -35.86
N VAL C 341 39.12 11.23 -34.72
CA VAL C 341 40.41 11.49 -34.09
C VAL C 341 40.72 10.33 -33.16
N THR C 342 41.76 9.55 -33.49
CA THR C 342 42.23 8.46 -32.64
C THR C 342 43.71 8.64 -32.40
N TRP C 343 44.13 8.55 -31.14
CA TRP C 343 45.54 8.75 -30.75
C TRP C 343 45.94 7.61 -29.82
N ASP C 344 46.69 6.65 -30.38
CA ASP C 344 47.21 5.51 -29.61
C ASP C 344 46.08 4.75 -28.90
N GLY C 345 44.96 4.58 -29.60
CA GLY C 345 43.81 3.88 -29.06
C GLY C 345 42.86 4.73 -28.25
N LYS C 346 43.20 5.99 -28.01
CA LYS C 346 42.35 6.92 -27.26
C LYS C 346 41.51 7.69 -28.26
N ASP C 347 40.22 7.37 -28.30
CA ASP C 347 39.31 8.01 -29.25
C ASP C 347 38.93 9.41 -28.79
N LEU C 348 39.74 10.40 -29.15
CA LEU C 348 39.46 11.79 -28.81
C LEU C 348 38.59 12.45 -29.89
N SER C 349 37.45 11.83 -30.18
CA SER C 349 36.55 12.33 -31.21
C SER C 349 35.76 13.52 -30.69
N PHE C 350 35.14 14.24 -31.63
CA PHE C 350 34.33 15.40 -31.31
C PHE C 350 33.03 15.35 -32.09
N THR C 351 32.00 15.99 -31.55
CA THR C 351 30.71 16.07 -32.21
C THR C 351 30.74 17.16 -33.28
N GLU C 352 29.59 17.38 -33.93
CA GLU C 352 29.49 18.40 -34.94
C GLU C 352 29.68 19.80 -34.37
N GLU C 353 29.13 20.06 -33.18
CA GLU C 353 29.33 21.36 -32.53
C GLU C 353 30.78 21.54 -32.12
N GLY C 354 31.41 20.49 -31.59
CA GLY C 354 32.79 20.58 -31.14
C GLY C 354 32.99 19.93 -29.78
N TYR C 355 31.90 19.51 -29.16
CA TYR C 355 31.97 18.88 -27.86
C TYR C 355 32.58 17.48 -27.97
N GLN C 356 33.26 17.06 -26.90
CA GLN C 356 33.87 15.75 -26.87
C GLN C 356 32.82 14.65 -26.79
N VAL C 357 33.20 13.47 -27.27
CA VAL C 357 32.33 12.30 -27.23
C VAL C 357 32.73 11.42 -26.05
N HIS C 358 34.01 11.40 -25.73
CA HIS C 358 34.55 10.60 -24.63
C HIS C 358 35.40 11.49 -23.73
N PRO C 359 34.77 12.31 -22.90
CA PRO C 359 35.51 13.20 -22.00
C PRO C 359 35.90 12.48 -20.71
N ARG C 360 36.46 13.24 -19.77
CA ARG C 360 36.84 12.67 -18.48
C ARG C 360 35.63 12.59 -17.55
N LEU C 361 35.16 13.75 -17.08
CA LEU C 361 33.97 13.85 -16.23
C LEU C 361 34.05 12.92 -15.02
N VAL C 362 35.10 13.09 -14.22
CA VAL C 362 35.22 12.32 -12.99
C VAL C 362 34.19 12.79 -11.98
N VAL C 363 33.75 11.88 -11.14
CA VAL C 363 32.72 12.14 -10.14
C VAL C 363 33.40 12.52 -8.83
N ILE C 364 33.01 13.66 -8.26
CA ILE C 364 33.59 14.15 -7.02
C ILE C 364 32.46 14.40 -6.03
N VAL C 365 32.81 14.34 -4.75
CA VAL C 365 31.87 14.55 -3.66
C VAL C 365 32.63 15.08 -2.46
N LEU C 366 32.01 16.00 -1.72
CA LEU C 366 32.67 16.61 -0.57
C LEU C 366 32.77 15.60 0.57
N ASN C 367 33.95 15.50 1.17
CA ASN C 367 34.22 14.53 2.21
C ASN C 367 33.83 15.09 3.58
N LYS C 368 34.11 14.31 4.63
CA LYS C 368 33.78 14.73 5.99
C LYS C 368 34.56 15.99 6.38
N ASP C 369 35.85 16.04 6.05
CA ASP C 369 36.69 17.17 6.38
C ASP C 369 36.70 18.24 5.28
N ARG C 370 35.65 18.31 4.46
CA ARG C 370 35.50 19.31 3.41
C ARG C 370 36.62 19.21 2.38
N GLU C 371 36.69 18.04 1.73
CA GLU C 371 37.57 17.84 0.58
C GLU C 371 36.80 17.08 -0.49
N TRP C 372 37.23 17.27 -1.74
CA TRP C 372 36.63 16.59 -2.88
C TRP C 372 37.56 15.47 -3.35
N GLU C 373 36.99 14.29 -3.54
CA GLU C 373 37.75 13.12 -3.98
C GLU C 373 37.10 12.53 -5.23
N LYS C 374 37.94 12.05 -6.13
CA LYS C 374 37.48 11.44 -7.38
C LYS C 374 36.86 10.08 -7.06
N VAL C 375 35.53 10.04 -7.03
CA VAL C 375 34.80 8.83 -6.69
C VAL C 375 34.12 8.23 -7.93
N GLY C 376 34.60 8.54 -9.11
CA GLY C 376 34.02 7.99 -10.31
C GLY C 376 34.79 8.41 -11.55
N LYS C 377 34.59 7.64 -12.62
CA LYS C 377 35.20 7.90 -13.91
C LYS C 377 34.16 7.65 -15.00
N TRP C 378 34.37 8.25 -16.17
CA TRP C 378 33.41 8.13 -17.26
C TRP C 378 34.07 7.93 -18.61
N GLU C 379 35.40 7.75 -18.66
CA GLU C 379 36.09 7.62 -19.94
C GLU C 379 35.86 6.25 -20.58
N ASN C 380 35.48 5.23 -19.82
CA ASN C 380 35.38 3.87 -20.33
C ASN C 380 34.06 3.71 -21.08
N HIS C 381 34.11 3.94 -22.39
CA HIS C 381 32.98 3.70 -23.29
C HIS C 381 31.73 4.46 -22.85
N THR C 382 31.93 5.70 -22.39
CA THR C 382 30.84 6.56 -21.92
C THR C 382 29.99 5.87 -20.86
N LEU C 383 30.66 5.16 -19.96
CA LEU C 383 30.00 4.46 -18.86
C LEU C 383 30.53 4.98 -17.53
N SER C 384 29.64 5.10 -16.56
CA SER C 384 29.96 5.65 -15.25
C SER C 384 30.20 4.52 -14.27
N LEU C 385 31.42 4.46 -13.72
CA LEU C 385 31.77 3.51 -12.68
C LEU C 385 32.32 4.28 -11.48
N ARG C 386 32.02 3.79 -10.28
CA ARG C 386 32.39 4.46 -9.05
C ARG C 386 33.31 3.55 -8.22
N HIS C 387 33.64 4.01 -7.02
CA HIS C 387 34.45 3.26 -6.08
C HIS C 387 33.60 2.38 -5.16
N ALA C 388 32.28 2.40 -5.32
CA ALA C 388 31.35 1.58 -4.54
C ALA C 388 31.50 1.84 -3.04
N VAL C 389 31.72 3.10 -2.69
CA VAL C 389 31.87 3.53 -1.29
C VAL C 389 31.10 4.83 -1.14
N TRP C 390 29.91 4.78 -0.51
CA TRP C 390 29.13 5.98 -0.28
C TRP C 390 28.65 6.06 1.16
N PRO C 391 29.54 6.25 2.13
CA PRO C 391 29.14 6.29 3.54
C PRO C 391 28.84 7.69 4.08
N ARG C 392 28.89 8.72 3.24
CA ARG C 392 28.75 10.10 3.71
C ARG C 392 27.28 10.38 4.00
N TYR C 393 26.87 10.18 5.26
CA TYR C 393 25.50 10.43 5.69
C TYR C 393 25.40 11.39 6.87
N LYS C 394 26.48 11.62 7.61
CA LYS C 394 26.42 12.46 8.79
C LYS C 394 26.04 13.89 8.42
N SER C 395 25.24 14.52 9.28
CA SER C 395 24.82 15.90 9.05
C SER C 395 26.05 16.81 9.11
N PHE C 396 26.26 17.58 8.04
CA PHE C 396 27.43 18.44 7.92
C PHE C 396 27.11 19.88 8.31
N SER C 397 25.97 20.40 7.84
CA SER C 397 25.60 21.78 8.14
C SER C 397 25.39 21.99 9.64
N ASP C 398 24.72 21.05 10.29
CA ASP C 398 24.45 21.11 11.72
C ASP C 398 25.01 19.86 12.40
N CYS C 399 24.76 19.74 13.70
CA CYS C 399 25.22 18.61 14.50
C CYS C 399 23.98 17.87 15.02
N GLU C 400 23.63 16.77 14.36
CA GLU C 400 22.48 15.96 14.77
C GLU C 400 22.68 14.53 14.30
N PRO C 401 23.20 13.64 15.15
CA PRO C 401 23.37 12.24 14.75
C PRO C 401 22.03 11.55 14.54
N ASP C 402 22.02 10.60 13.62
CA ASP C 402 20.82 9.83 13.32
C ASP C 402 21.24 8.47 12.75
N ASP C 403 20.33 7.51 12.87
CA ASP C 403 20.54 6.14 12.38
C ASP C 403 19.33 5.74 11.54
N ASN C 404 19.45 5.90 10.22
CA ASN C 404 18.37 5.57 9.30
C ASN C 404 18.66 4.34 8.45
N HIS C 405 19.89 4.17 7.99
CA HIS C 405 20.26 3.04 7.12
C HIS C 405 20.49 1.81 8.00
N LEU C 406 19.43 1.05 8.22
CA LEU C 406 19.48 -0.16 9.04
C LEU C 406 19.88 -1.34 8.16
N SER C 407 21.13 -1.75 8.24
CA SER C 407 21.61 -2.88 7.45
C SER C 407 20.93 -4.17 7.89
N ILE C 408 20.53 -4.98 6.93
CA ILE C 408 19.82 -6.23 7.17
C ILE C 408 20.62 -7.38 6.56
N VAL C 409 20.90 -8.40 7.36
CA VAL C 409 21.63 -9.58 6.91
C VAL C 409 20.64 -10.69 6.59
N THR C 410 20.79 -11.29 5.42
CA THR C 410 19.88 -12.34 4.97
C THR C 410 20.67 -13.38 4.18
N LEU C 411 20.31 -14.65 4.38
CA LEU C 411 20.89 -15.77 3.67
C LEU C 411 19.86 -16.36 2.72
N GLU C 412 20.34 -16.89 1.59
CA GLU C 412 19.46 -17.47 0.56
C GLU C 412 19.63 -19.00 0.64
N GLU C 413 18.87 -19.62 1.55
CA GLU C 413 18.89 -21.07 1.69
C GLU C 413 17.50 -21.69 1.79
N ALA C 414 16.45 -20.91 2.00
CA ALA C 414 15.09 -21.42 2.15
C ALA C 414 14.17 -20.73 1.15
N PRO C 415 13.00 -21.31 0.83
CA PRO C 415 12.11 -20.65 -0.12
C PRO C 415 11.39 -19.44 0.46
N PHE C 416 12.17 -18.54 1.08
CA PHE C 416 11.66 -17.25 1.52
C PHE C 416 12.39 -16.07 0.88
N VAL C 417 13.52 -16.30 0.23
CA VAL C 417 14.22 -15.28 -0.55
C VAL C 417 14.57 -15.87 -1.91
N ILE C 418 14.10 -15.24 -2.97
CA ILE C 418 14.26 -15.75 -4.32
C ILE C 418 15.09 -14.79 -5.15
N VAL C 419 16.04 -14.10 -4.48
CA VAL C 419 16.88 -13.11 -5.15
C VAL C 419 17.61 -13.76 -6.32
N GLU C 420 17.56 -13.09 -7.47
CA GLU C 420 18.23 -13.54 -8.69
C GLU C 420 19.02 -12.38 -9.28
N ASP C 421 19.51 -12.57 -10.50
CA ASP C 421 20.26 -11.55 -11.20
C ASP C 421 19.30 -10.48 -11.73
N ILE C 422 19.84 -9.45 -12.36
CA ILE C 422 19.06 -8.36 -12.90
C ILE C 422 19.07 -8.44 -14.42
N ASP C 423 18.03 -7.89 -15.03
CA ASP C 423 17.90 -7.91 -16.48
C ASP C 423 18.69 -6.76 -17.09
N PRO C 424 19.64 -7.01 -17.98
CA PRO C 424 20.43 -5.92 -18.60
C PRO C 424 19.63 -5.18 -19.66
N LEU C 425 18.64 -4.41 -19.21
CA LEU C 425 17.79 -3.63 -20.09
C LEU C 425 17.77 -2.16 -19.72
N THR C 426 18.93 -1.58 -19.38
CA THR C 426 19.09 -0.19 -18.99
C THR C 426 18.19 0.20 -17.82
N GLU C 427 17.94 -0.74 -16.90
CA GLU C 427 17.13 -0.48 -15.72
C GLU C 427 17.73 -1.26 -14.56
N THR C 428 17.41 -0.86 -13.34
CA THR C 428 17.93 -1.51 -12.14
C THR C 428 17.50 -2.97 -12.09
N CYS C 429 16.19 -3.20 -12.02
CA CYS C 429 15.62 -4.54 -11.97
C CYS C 429 14.11 -4.44 -12.17
N VAL C 430 13.41 -5.47 -11.71
CA VAL C 430 11.95 -5.55 -11.80
C VAL C 430 11.31 -4.49 -10.91
N ARG C 431 10.01 -4.29 -11.08
CA ARG C 431 9.25 -3.35 -10.27
C ARG C 431 9.02 -3.95 -8.87
N ASN C 432 8.62 -3.06 -7.94
CA ASN C 432 8.23 -3.42 -6.57
C ASN C 432 9.20 -4.39 -5.91
N THR C 433 10.49 -4.05 -5.90
CA THR C 433 11.50 -4.89 -5.27
C THR C 433 12.62 -4.01 -4.74
N VAL C 434 13.05 -4.27 -3.52
CA VAL C 434 14.13 -3.49 -2.90
C VAL C 434 15.46 -4.04 -3.40
N PRO C 435 16.49 -3.20 -3.52
CA PRO C 435 17.80 -3.68 -3.98
C PRO C 435 18.61 -4.26 -2.84
N CYS C 436 19.59 -5.09 -3.21
CA CYS C 436 20.53 -5.68 -2.27
C CYS C 436 21.89 -5.85 -2.95
N ARG C 437 22.82 -6.50 -2.24
CA ARG C 437 24.17 -6.66 -2.73
C ARG C 437 24.77 -7.93 -2.13
N LYS C 438 25.82 -8.44 -2.78
CA LYS C 438 26.49 -9.65 -2.32
C LYS C 438 27.89 -9.70 -2.90
N PHE C 439 28.85 -10.10 -2.08
CA PHE C 439 30.23 -10.26 -2.55
C PHE C 439 30.33 -11.45 -3.49
N VAL C 440 31.17 -11.31 -4.52
CA VAL C 440 31.42 -12.36 -5.50
C VAL C 440 32.90 -12.69 -5.48
N LYS C 441 33.20 -13.99 -5.34
CA LYS C 441 34.58 -14.44 -5.26
C LYS C 441 35.15 -14.68 -6.66
N ILE C 442 36.34 -14.12 -6.90
CA ILE C 442 36.98 -14.24 -8.21
C ILE C 442 37.85 -15.49 -8.28
N ASN C 443 38.79 -15.63 -7.36
CA ASN C 443 39.70 -16.77 -7.34
C ASN C 443 39.71 -17.37 -5.94
N ASN C 444 40.08 -18.65 -5.88
CA ASN C 444 40.10 -19.36 -4.60
C ASN C 444 41.11 -18.74 -3.63
N SER C 445 42.14 -18.07 -4.14
CA SER C 445 43.15 -17.43 -3.31
C SER C 445 42.86 -15.97 -3.03
N THR C 446 42.45 -15.20 -4.03
CA THR C 446 42.14 -13.80 -3.83
C THR C 446 40.81 -13.63 -3.12
N ASN C 447 40.80 -12.78 -2.10
CA ASN C 447 39.60 -12.49 -1.33
C ASN C 447 38.88 -11.23 -1.81
N GLU C 448 39.37 -10.59 -2.87
CA GLU C 448 38.74 -9.38 -3.38
C GLU C 448 37.41 -9.71 -4.04
N GLY C 449 36.37 -8.95 -3.70
CA GLY C 449 35.06 -9.16 -4.26
C GLY C 449 34.29 -7.88 -4.53
N MET C 450 33.81 -7.72 -5.75
CA MET C 450 33.02 -6.55 -6.09
C MET C 450 31.62 -6.64 -5.51
N ASN C 451 31.08 -5.50 -5.10
CA ASN C 451 29.73 -5.42 -4.53
C ASN C 451 28.70 -5.26 -5.65
N VAL C 452 28.40 -6.38 -6.30
CA VAL C 452 27.41 -6.37 -7.38
C VAL C 452 26.03 -6.12 -6.80
N LYS C 453 25.30 -5.18 -7.38
CA LYS C 453 23.99 -4.81 -6.87
C LYS C 453 22.90 -5.63 -7.55
N LYS C 454 22.09 -6.32 -6.75
CA LYS C 454 20.96 -7.10 -7.22
C LYS C 454 19.71 -6.68 -6.44
N CYS C 455 18.57 -7.23 -6.84
CA CYS C 455 17.30 -6.96 -6.19
C CYS C 455 16.79 -8.24 -5.53
N CYS C 456 16.50 -8.15 -4.23
CA CYS C 456 16.11 -9.32 -3.45
C CYS C 456 14.59 -9.41 -3.37
N LYS C 457 14.05 -10.57 -3.72
CA LYS C 457 12.61 -10.81 -3.70
C LYS C 457 12.31 -11.99 -2.77
N GLY C 458 11.11 -12.00 -2.21
CA GLY C 458 10.69 -13.11 -1.38
C GLY C 458 9.68 -12.77 -0.29
N PHE C 459 9.33 -13.76 0.52
CA PHE C 459 8.39 -13.55 1.62
C PHE C 459 8.96 -12.59 2.66
N CYS C 460 10.24 -12.76 3.00
CA CYS C 460 10.88 -11.85 3.93
C CYS C 460 10.93 -10.43 3.38
N ILE C 461 11.11 -10.28 2.06
CA ILE C 461 11.10 -8.97 1.45
C ILE C 461 9.74 -8.31 1.61
N ASP C 462 8.66 -9.09 1.40
CA ASP C 462 7.32 -8.56 1.61
C ASP C 462 7.07 -8.18 3.06
N ILE C 463 7.57 -8.99 4.00
CA ILE C 463 7.42 -8.66 5.42
C ILE C 463 8.14 -7.36 5.74
N LEU C 464 9.35 -7.19 5.20
CA LEU C 464 10.09 -5.95 5.43
C LEU C 464 9.38 -4.76 4.81
N LYS C 465 8.80 -4.94 3.61
CA LYS C 465 8.05 -3.85 2.99
C LYS C 465 6.85 -3.46 3.84
N LYS C 466 6.13 -4.45 4.38
CA LYS C 466 4.99 -4.14 5.24
C LYS C 466 5.44 -3.45 6.52
N LEU C 467 6.56 -3.88 7.10
CA LEU C 467 7.07 -3.23 8.30
C LEU C 467 7.50 -1.80 8.04
N SER C 468 8.03 -1.53 6.83
CA SER C 468 8.46 -0.18 6.48
C SER C 468 7.30 0.81 6.44
N ARG C 469 6.06 0.33 6.32
CA ARG C 469 4.92 1.23 6.34
C ARG C 469 4.74 1.89 7.70
N THR C 470 5.11 1.19 8.78
CA THR C 470 5.01 1.73 10.13
C THR C 470 6.34 2.30 10.61
N VAL C 471 7.44 1.58 10.36
CA VAL C 471 8.75 2.05 10.80
C VAL C 471 9.14 3.32 10.05
N LYS C 472 8.92 3.34 8.73
CA LYS C 472 9.25 4.49 7.89
C LYS C 472 10.75 4.82 7.95
N PHE C 473 11.58 3.80 7.71
CA PHE C 473 13.02 3.95 7.68
C PHE C 473 13.57 3.25 6.45
N THR C 474 14.74 3.71 6.00
CA THR C 474 15.39 3.13 4.83
C THR C 474 16.03 1.81 5.20
N TYR C 475 15.77 0.78 4.40
CA TYR C 475 16.30 -0.56 4.64
C TYR C 475 17.24 -0.93 3.50
N ASP C 476 18.52 -1.12 3.82
CA ASP C 476 19.50 -1.62 2.88
C ASP C 476 19.85 -3.06 3.26
N LEU C 477 19.78 -3.96 2.28
CA LEU C 477 19.97 -5.38 2.51
C LEU C 477 21.22 -5.88 1.79
N TYR C 478 21.82 -6.94 2.35
CA TYR C 478 22.97 -7.57 1.73
C TYR C 478 23.00 -9.03 2.14
N LEU C 479 23.55 -9.86 1.26
CA LEU C 479 23.65 -11.29 1.51
C LEU C 479 24.90 -11.60 2.35
N VAL C 480 24.93 -12.80 2.89
CA VAL C 480 26.03 -13.23 3.76
C VAL C 480 27.18 -13.73 2.89
N THR C 481 28.36 -13.82 3.50
CA THR C 481 29.54 -14.35 2.84
C THR C 481 30.20 -15.51 3.59
N ASN C 482 29.88 -15.71 4.85
CA ASN C 482 30.51 -16.76 5.67
C ASN C 482 29.67 -18.03 5.63
N GLY C 483 29.46 -18.54 4.42
CA GLY C 483 28.74 -19.80 4.26
C GLY C 483 27.30 -19.70 4.75
N LYS C 484 26.91 -20.66 5.58
CA LYS C 484 25.55 -20.76 6.08
C LYS C 484 25.33 -19.83 7.28
N HIS C 485 24.25 -20.07 8.02
CA HIS C 485 23.93 -19.24 9.19
C HIS C 485 25.05 -19.24 10.21
N GLY C 486 25.80 -20.34 10.30
CA GLY C 486 26.91 -20.45 11.22
C GLY C 486 26.49 -20.85 12.62
N LYS C 487 27.49 -20.97 13.49
CA LYS C 487 27.27 -21.35 14.87
C LYS C 487 28.45 -20.88 15.70
N LYS C 488 28.41 -21.17 16.99
CA LYS C 488 29.50 -20.82 17.90
C LYS C 488 30.64 -21.81 17.71
N VAL C 489 31.71 -21.38 17.05
CA VAL C 489 32.90 -22.19 16.83
C VAL C 489 34.06 -21.49 17.53
N ASN C 490 34.68 -22.19 18.48
CA ASN C 490 35.80 -21.66 19.26
C ASN C 490 35.42 -20.32 19.92
N ASN C 491 34.20 -20.28 20.46
CA ASN C 491 33.63 -19.11 21.12
C ASN C 491 33.55 -17.91 20.18
N VAL C 492 33.52 -18.15 18.87
CA VAL C 492 33.42 -17.09 17.86
C VAL C 492 32.19 -17.38 17.01
N TRP C 493 31.30 -16.39 16.91
CA TRP C 493 30.11 -16.53 16.11
C TRP C 493 30.42 -16.29 14.63
N ASN C 494 29.53 -16.79 13.77
CA ASN C 494 29.70 -16.68 12.33
C ASN C 494 28.32 -16.56 11.68
N GLY C 495 28.32 -16.04 10.45
CA GLY C 495 27.07 -15.92 9.73
C GLY C 495 26.23 -14.76 10.23
N MET C 496 24.92 -15.00 10.34
CA MET C 496 24.00 -13.96 10.80
C MET C 496 24.37 -13.49 12.20
N ILE C 497 24.59 -14.44 13.12
CA ILE C 497 24.95 -14.08 14.49
C ILE C 497 26.32 -13.42 14.51
N GLY C 498 27.27 -13.94 13.74
CA GLY C 498 28.59 -13.34 13.66
C GLY C 498 28.62 -11.95 13.08
N GLU C 499 27.61 -11.57 12.30
CA GLU C 499 27.51 -10.22 11.78
C GLU C 499 26.62 -9.31 12.62
N VAL C 500 25.74 -9.87 13.44
CA VAL C 500 24.89 -9.06 14.32
C VAL C 500 25.61 -8.73 15.61
N VAL C 501 26.33 -9.69 16.20
CA VAL C 501 27.02 -9.46 17.46
C VAL C 501 28.12 -8.40 17.29
N TYR C 502 28.88 -8.49 16.19
CA TYR C 502 29.99 -7.59 15.94
C TYR C 502 29.55 -6.27 15.30
N GLN C 503 28.27 -5.90 15.44
CA GLN C 503 27.72 -4.63 14.98
C GLN C 503 27.85 -4.44 13.47
N ARG C 504 28.04 -5.53 12.72
CA ARG C 504 28.08 -5.44 11.27
C ARG C 504 26.69 -5.42 10.65
N ALA C 505 25.65 -5.75 11.42
CA ALA C 505 24.28 -5.74 10.92
C ALA C 505 23.34 -5.52 12.11
N VAL C 506 22.61 -4.41 12.11
CA VAL C 506 21.72 -4.11 13.23
C VAL C 506 20.53 -5.06 13.28
N MET C 507 19.97 -5.46 12.14
CA MET C 507 18.81 -6.32 12.10
C MET C 507 19.11 -7.57 11.27
N ALA C 508 18.57 -8.70 11.70
CA ALA C 508 18.71 -9.96 11.00
C ALA C 508 17.33 -10.48 10.64
N VAL C 509 17.05 -10.58 9.33
CA VAL C 509 15.77 -11.03 8.83
C VAL C 509 16.00 -12.20 7.88
N GLY C 510 15.28 -13.29 8.10
CA GLY C 510 15.43 -14.46 7.26
C GLY C 510 14.73 -15.66 7.90
N SER C 511 15.09 -16.84 7.39
CA SER C 511 14.52 -18.10 7.88
C SER C 511 15.42 -18.72 8.95
N LEU C 512 15.64 -17.94 10.01
CA LEU C 512 16.46 -18.39 11.13
C LEU C 512 15.61 -19.10 12.16
N THR C 513 16.00 -20.33 12.51
CA THR C 513 15.28 -21.14 13.46
C THR C 513 15.67 -20.76 14.89
N ILE C 514 14.67 -20.65 15.76
CA ILE C 514 14.92 -20.29 17.15
C ILE C 514 15.64 -21.45 17.85
N ASN C 515 16.76 -21.15 18.50
CA ASN C 515 17.55 -22.16 19.16
C ASN C 515 18.06 -21.61 20.49
N GLU C 516 18.50 -22.53 21.35
CA GLU C 516 18.97 -22.15 22.68
C GLU C 516 20.25 -21.33 22.63
N GLU C 517 20.97 -21.31 21.51
CA GLU C 517 22.22 -20.58 21.39
C GLU C 517 22.05 -19.18 20.84
N ARG C 518 20.83 -18.77 20.49
CA ARG C 518 20.60 -17.44 19.94
C ARG C 518 20.01 -16.47 20.94
N SER C 519 19.12 -16.95 21.81
CA SER C 519 18.39 -16.06 22.71
C SER C 519 19.29 -15.41 23.75
N GLU C 520 20.31 -16.10 24.24
CA GLU C 520 21.18 -15.55 25.26
C GLU C 520 22.25 -14.62 24.71
N VAL C 521 22.49 -14.64 23.40
CA VAL C 521 23.49 -13.77 22.82
C VAL C 521 22.84 -12.56 22.16
N VAL C 522 21.78 -12.78 21.39
CA VAL C 522 21.06 -11.72 20.71
C VAL C 522 19.59 -11.82 21.06
N ASP C 523 18.84 -10.75 20.77
CA ASP C 523 17.43 -10.66 21.06
C ASP C 523 16.63 -10.65 19.76
N PHE C 524 15.63 -11.53 19.69
CA PHE C 524 14.80 -11.65 18.50
C PHE C 524 13.37 -11.26 18.84
N SER C 525 12.59 -10.96 17.80
CA SER C 525 11.24 -10.45 17.95
C SER C 525 10.26 -11.62 18.04
N VAL C 526 8.97 -11.31 18.01
CA VAL C 526 7.93 -12.35 18.09
C VAL C 526 7.92 -13.15 16.81
N PRO C 527 7.94 -14.49 16.88
CA PRO C 527 7.92 -15.29 15.65
C PRO C 527 6.62 -15.12 14.89
N PHE C 528 6.71 -15.26 13.57
CA PHE C 528 5.54 -15.13 12.70
C PHE C 528 5.37 -16.26 11.70
N VAL C 529 6.39 -17.08 11.46
CA VAL C 529 6.30 -18.23 10.57
C VAL C 529 6.62 -19.49 11.37
N GLU C 530 5.71 -20.46 11.33
CA GLU C 530 5.89 -21.69 12.08
C GLU C 530 6.99 -22.54 11.46
N THR C 531 7.74 -23.22 12.31
CA THR C 531 8.82 -24.10 11.89
C THR C 531 9.08 -25.12 12.99
N GLY C 532 10.21 -25.81 12.89
CA GLY C 532 10.58 -26.80 13.88
C GLY C 532 11.41 -27.90 13.23
N ILE C 533 11.38 -29.07 13.87
CA ILE C 533 12.08 -30.25 13.40
C ILE C 533 11.08 -31.16 12.70
N SER C 534 11.31 -31.42 11.42
CA SER C 534 10.44 -32.26 10.61
C SER C 534 11.27 -33.31 9.89
N VAL C 535 10.62 -34.41 9.52
CA VAL C 535 11.25 -35.52 8.83
C VAL C 535 10.58 -35.69 7.48
N MET C 536 11.40 -35.82 6.44
CA MET C 536 10.92 -36.01 5.08
C MET C 536 11.10 -37.46 4.65
N VAL C 537 10.03 -38.07 4.17
CA VAL C 537 10.04 -39.46 3.74
C VAL C 537 9.31 -39.58 2.40
N SER C 538 9.87 -40.37 1.51
CA SER C 538 9.26 -40.59 0.20
C SER C 538 8.02 -41.46 0.33
N ARG C 539 7.12 -41.32 -0.64
CA ARG C 539 5.90 -42.11 -0.65
C ARG C 539 6.20 -43.59 -0.86
N SER C 540 5.42 -44.43 -0.19
CA SER C 540 5.58 -45.88 -0.29
C SER C 540 4.77 -46.44 -1.45
N LEU C 550 -13.79 -59.01 1.63
CA LEU C 550 -13.58 -59.24 3.06
C LEU C 550 -14.56 -58.42 3.88
N GLU C 551 -14.30 -58.34 5.20
CA GLU C 551 -15.16 -57.57 6.08
C GLU C 551 -15.23 -56.09 5.70
N PRO C 552 -14.13 -55.38 5.43
CA PRO C 552 -14.24 -53.99 4.99
C PRO C 552 -15.02 -53.79 3.70
N PHE C 553 -15.00 -54.76 2.79
CA PHE C 553 -15.70 -54.65 1.52
C PHE C 553 -17.18 -55.03 1.60
N SER C 554 -17.53 -55.95 2.50
CA SER C 554 -18.92 -56.36 2.66
C SER C 554 -19.07 -57.01 4.03
N ALA C 555 -20.28 -56.93 4.58
CA ALA C 555 -20.62 -57.50 5.89
C ALA C 555 -19.70 -56.92 6.97
N SER C 556 -19.84 -55.61 7.18
CA SER C 556 -19.00 -54.92 8.16
C SER C 556 -19.23 -55.47 9.56
N VAL C 557 -20.49 -55.73 9.93
CA VAL C 557 -20.77 -56.35 11.22
C VAL C 557 -20.23 -57.78 11.25
N TRP C 558 -20.29 -58.48 10.13
CA TRP C 558 -19.76 -59.83 9.92
C TRP C 558 -20.51 -60.89 10.74
N VAL C 559 -21.56 -60.51 11.47
CA VAL C 559 -22.27 -61.45 12.31
C VAL C 559 -23.77 -61.49 12.02
N MET C 560 -24.32 -60.54 11.26
CA MET C 560 -25.77 -60.47 11.04
C MET C 560 -26.19 -61.24 9.80
N MET C 561 -25.66 -60.86 8.64
CA MET C 561 -26.09 -61.48 7.38
C MET C 561 -25.60 -62.92 7.27
N PHE C 562 -24.41 -63.22 7.81
CA PHE C 562 -23.87 -64.57 7.72
C PHE C 562 -24.66 -65.59 8.52
N VAL C 563 -25.38 -65.16 9.56
CA VAL C 563 -26.31 -66.03 10.26
C VAL C 563 -27.73 -65.91 9.74
N MET C 564 -28.10 -64.76 9.15
CA MET C 564 -29.39 -64.64 8.50
C MET C 564 -29.49 -65.61 7.32
N LEU C 565 -28.42 -65.74 6.54
CA LEU C 565 -28.42 -66.70 5.45
C LEU C 565 -28.60 -68.12 5.96
N LEU C 566 -27.91 -68.47 7.05
CA LEU C 566 -28.04 -69.81 7.61
C LEU C 566 -29.46 -70.07 8.10
N ILE C 567 -30.07 -69.11 8.81
CA ILE C 567 -31.40 -69.35 9.36
C ILE C 567 -32.44 -69.38 8.23
N VAL C 568 -32.28 -68.56 7.19
CA VAL C 568 -33.23 -68.61 6.10
C VAL C 568 -33.09 -69.90 5.31
N SER C 569 -31.86 -70.41 5.15
CA SER C 569 -31.69 -71.72 4.53
C SER C 569 -32.33 -72.81 5.37
N ALA C 570 -32.18 -72.73 6.69
CA ALA C 570 -32.76 -73.73 7.58
C ALA C 570 -34.28 -73.72 7.48
N ILE C 571 -34.90 -72.54 7.49
CA ILE C 571 -36.35 -72.48 7.41
C ILE C 571 -36.84 -72.88 6.02
N ALA C 572 -36.05 -72.61 4.97
CA ALA C 572 -36.41 -73.08 3.64
C ALA C 572 -36.39 -74.61 3.59
N VAL C 573 -35.38 -75.23 4.19
CA VAL C 573 -35.34 -76.69 4.26
C VAL C 573 -36.52 -77.22 5.06
N PHE C 574 -36.86 -76.56 6.16
CA PHE C 574 -37.98 -76.99 6.98
C PHE C 574 -39.29 -76.94 6.22
N VAL C 575 -39.54 -75.84 5.50
CA VAL C 575 -40.80 -75.72 4.77
C VAL C 575 -40.81 -76.68 3.57
N PHE C 576 -39.65 -76.93 2.96
CA PHE C 576 -39.59 -77.91 1.89
C PHE C 576 -39.93 -79.31 2.41
N GLU C 577 -39.44 -79.66 3.59
CA GLU C 577 -39.82 -80.92 4.22
C GLU C 577 -41.32 -80.94 4.53
N TYR C 578 -41.85 -79.83 5.03
CA TYR C 578 -43.27 -79.74 5.35
C TYR C 578 -44.16 -79.83 4.13
N PHE C 579 -43.64 -79.49 2.95
CA PHE C 579 -44.42 -79.54 1.71
C PHE C 579 -44.55 -80.96 1.15
N SER C 580 -44.23 -81.98 1.93
CA SER C 580 -44.35 -83.36 1.44
C SER C 580 -45.78 -83.72 1.05
N PRO C 581 -46.82 -83.44 1.86
CA PRO C 581 -48.16 -83.78 1.38
C PRO C 581 -48.67 -82.80 0.33
N SER C 598 -36.29 -83.10 -4.89
CA SER C 598 -37.10 -84.17 -4.33
C SER C 598 -36.72 -84.44 -2.88
N PHE C 599 -35.49 -84.90 -2.66
CA PHE C 599 -35.02 -85.18 -1.32
C PHE C 599 -34.77 -83.89 -0.56
N THR C 600 -35.31 -83.81 0.67
CA THR C 600 -35.15 -82.61 1.46
C THR C 600 -33.70 -82.46 1.95
N ILE C 601 -33.08 -83.56 2.36
CA ILE C 601 -31.73 -83.48 2.91
C ILE C 601 -30.69 -83.12 1.86
N GLY C 602 -30.75 -83.71 0.67
CA GLY C 602 -29.73 -83.49 -0.34
C GLY C 602 -30.08 -82.50 -1.42
N LYS C 603 -31.27 -82.63 -2.01
CA LYS C 603 -31.61 -81.82 -3.18
C LYS C 603 -31.93 -80.38 -2.81
N ALA C 604 -32.53 -80.15 -1.63
CA ALA C 604 -32.92 -78.79 -1.25
C ALA C 604 -31.71 -77.88 -1.10
N ILE C 605 -30.66 -78.37 -0.43
CA ILE C 605 -29.46 -77.57 -0.24
C ILE C 605 -28.80 -77.28 -1.59
N TRP C 606 -28.72 -78.30 -2.45
CA TRP C 606 -28.10 -78.11 -3.76
C TRP C 606 -28.86 -77.08 -4.60
N LEU C 607 -30.19 -77.16 -4.60
CA LEU C 607 -30.96 -76.21 -5.39
C LEU C 607 -30.89 -74.80 -4.78
N LEU C 608 -30.86 -74.70 -3.46
CA LEU C 608 -30.74 -73.38 -2.83
C LEU C 608 -29.40 -72.74 -3.15
N TRP C 609 -28.31 -73.52 -3.14
CA TRP C 609 -27.00 -72.98 -3.44
C TRP C 609 -26.73 -72.83 -4.93
N GLY C 610 -27.52 -73.48 -5.79
CA GLY C 610 -27.34 -73.31 -7.22
C GLY C 610 -28.30 -72.31 -7.82
N LEU C 611 -29.28 -71.87 -7.03
CA LEU C 611 -30.23 -70.85 -7.46
C LEU C 611 -29.73 -69.44 -7.17
N VAL C 612 -29.16 -69.21 -5.98
CA VAL C 612 -28.63 -67.89 -5.65
C VAL C 612 -27.40 -67.56 -6.49
N PHE C 613 -26.56 -68.57 -6.76
CA PHE C 613 -25.30 -68.36 -7.48
C PHE C 613 -25.40 -68.98 -8.86
N ASN C 614 -24.61 -68.43 -9.79
CA ASN C 614 -24.58 -68.97 -11.14
C ASN C 614 -24.01 -70.38 -11.16
N ASN C 615 -22.98 -70.64 -10.34
CA ASN C 615 -22.37 -71.96 -10.27
C ASN C 615 -23.36 -72.97 -9.71
N SER C 616 -23.37 -74.15 -10.30
CA SER C 616 -24.27 -75.22 -9.87
C SER C 616 -23.69 -76.59 -10.19
N THR C 625 -41.95 -80.77 -8.11
CA THR C 625 -41.93 -79.86 -9.25
C THR C 625 -42.75 -78.60 -8.96
N THR C 626 -44.02 -78.80 -8.62
CA THR C 626 -44.89 -77.67 -8.30
C THR C 626 -44.40 -76.93 -7.07
N SER C 627 -43.93 -77.66 -6.06
CA SER C 627 -43.44 -77.03 -4.83
C SER C 627 -42.21 -76.16 -5.11
N LYS C 628 -41.32 -76.64 -5.99
CA LYS C 628 -40.13 -75.87 -6.31
C LYS C 628 -40.48 -74.56 -7.01
N ILE C 629 -41.45 -74.60 -7.92
CA ILE C 629 -41.83 -73.40 -8.67
C ILE C 629 -42.39 -72.33 -7.74
N MET C 630 -43.26 -72.72 -6.81
CA MET C 630 -43.88 -71.75 -5.92
C MET C 630 -42.90 -71.18 -4.90
N VAL C 631 -41.82 -71.89 -4.59
CA VAL C 631 -40.79 -71.39 -3.69
C VAL C 631 -39.62 -70.76 -4.44
N SER C 632 -39.64 -70.78 -5.78
CA SER C 632 -38.60 -70.14 -6.58
C SER C 632 -38.64 -68.61 -6.50
N VAL C 633 -39.57 -68.03 -5.72
CA VAL C 633 -39.65 -66.59 -5.57
C VAL C 633 -38.44 -66.03 -4.83
N TRP C 634 -37.64 -66.88 -4.19
CA TRP C 634 -36.42 -66.47 -3.51
C TRP C 634 -35.36 -65.94 -4.47
N ALA C 635 -35.53 -66.16 -5.77
CA ALA C 635 -34.60 -65.62 -6.76
C ALA C 635 -34.54 -64.09 -6.75
N PHE C 636 -35.63 -63.43 -6.34
CA PHE C 636 -35.59 -61.98 -6.19
C PHE C 636 -34.54 -61.57 -5.16
N PHE C 637 -34.62 -62.15 -3.96
CA PHE C 637 -33.64 -61.86 -2.92
C PHE C 637 -32.25 -62.29 -3.36
N ALA C 638 -32.16 -63.40 -4.08
CA ALA C 638 -30.86 -63.89 -4.55
C ALA C 638 -30.19 -62.88 -5.48
N VAL C 639 -30.93 -62.39 -6.48
CA VAL C 639 -30.35 -61.45 -7.44
C VAL C 639 -30.09 -60.10 -6.77
N ILE C 640 -30.94 -59.70 -5.82
CA ILE C 640 -30.69 -58.46 -5.10
C ILE C 640 -29.40 -58.56 -4.30
N PHE C 641 -29.20 -59.68 -3.60
CA PHE C 641 -27.97 -59.88 -2.83
C PHE C 641 -26.75 -59.92 -3.73
N LEU C 642 -26.85 -60.58 -4.89
CA LEU C 642 -25.72 -60.64 -5.81
C LEU C 642 -25.37 -59.26 -6.34
N ALA C 643 -26.39 -58.48 -6.71
CA ALA C 643 -26.14 -57.13 -7.21
C ALA C 643 -25.52 -56.25 -6.13
N SER C 644 -26.03 -56.34 -4.90
CA SER C 644 -25.46 -55.56 -3.81
C SER C 644 -24.01 -55.96 -3.55
N TYR C 645 -23.72 -57.26 -3.57
CA TYR C 645 -22.37 -57.72 -3.32
C TYR C 645 -21.40 -57.23 -4.39
N THR C 646 -21.78 -57.36 -5.67
CA THR C 646 -20.87 -56.92 -6.73
C THR C 646 -20.71 -55.41 -6.73
N ALA C 647 -21.79 -54.66 -6.44
CA ALA C 647 -21.67 -53.21 -6.36
C ALA C 647 -20.75 -52.80 -5.22
N ASN C 648 -20.87 -53.45 -4.06
CA ASN C 648 -20.01 -53.13 -2.92
C ASN C 648 -18.56 -53.45 -3.24
N LEU C 649 -18.31 -54.61 -3.85
CA LEU C 649 -16.95 -54.98 -4.21
C LEU C 649 -16.35 -54.06 -5.27
N ALA C 650 -17.18 -53.50 -6.14
CA ALA C 650 -16.66 -52.60 -7.17
C ALA C 650 -16.50 -51.18 -6.65
N ALA C 651 -17.25 -50.79 -5.62
CA ALA C 651 -17.25 -49.41 -5.15
C ALA C 651 -16.47 -49.22 -3.85
N PHE C 652 -15.98 -50.28 -3.23
CA PHE C 652 -15.18 -50.16 -2.02
C PHE C 652 -13.68 -50.36 -2.29
N MET C 653 -13.20 -49.85 -3.43
CA MET C 653 -11.78 -49.91 -3.75
C MET C 653 -11.28 -48.58 -4.31
N ILE C 654 -11.96 -47.50 -3.99
CA ILE C 654 -11.58 -46.18 -4.49
C ILE C 654 -10.62 -45.55 -3.47
N GLN C 655 -9.47 -45.07 -3.96
CA GLN C 655 -8.49 -44.44 -3.09
C GLN C 655 -7.63 -43.46 -3.87
N ASP C 660 3.20 -42.14 10.12
CA ASP C 660 2.96 -43.06 9.01
C ASP C 660 3.70 -44.38 9.25
N GLN C 661 5.02 -44.31 9.31
CA GLN C 661 5.86 -45.48 9.60
C GLN C 661 6.75 -45.28 10.82
N VAL C 662 7.30 -44.08 11.01
CA VAL C 662 8.19 -43.81 12.13
C VAL C 662 7.44 -43.02 13.19
N THR C 663 6.58 -42.10 12.74
CA THR C 663 5.75 -41.26 13.62
C THR C 663 6.62 -40.46 14.60
N GLY C 664 7.44 -39.58 14.04
CA GLY C 664 8.24 -38.67 14.84
C GLY C 664 9.56 -39.26 15.27
N LEU C 665 10.34 -38.42 15.97
CA LEU C 665 11.65 -38.80 16.45
C LEU C 665 11.60 -39.71 17.68
N SER C 666 10.41 -39.91 18.27
CA SER C 666 10.26 -40.70 19.47
C SER C 666 10.23 -42.21 19.21
N ASP C 667 10.65 -42.64 18.03
CA ASP C 667 10.68 -44.05 17.68
C ASP C 667 12.09 -44.61 17.82
N LYS C 668 12.16 -45.93 18.01
CA LYS C 668 13.45 -46.60 18.19
C LYS C 668 14.23 -46.71 16.89
N LYS C 669 13.62 -46.39 15.75
CA LYS C 669 14.31 -46.52 14.47
C LYS C 669 15.52 -45.59 14.40
N PHE C 670 15.37 -44.35 14.87
CA PHE C 670 16.49 -43.42 14.87
C PHE C 670 17.62 -43.89 15.79
N GLN C 671 17.27 -44.39 16.97
CA GLN C 671 18.27 -44.78 17.96
C GLN C 671 18.80 -46.18 17.77
N ARG C 672 18.15 -47.02 16.95
CA ARG C 672 18.57 -48.40 16.73
C ARG C 672 18.63 -48.68 15.24
N PRO C 673 19.69 -48.23 14.57
CA PRO C 673 19.83 -48.49 13.13
C PRO C 673 20.30 -49.91 12.80
N HIS C 674 20.76 -50.67 13.80
CA HIS C 674 21.27 -52.02 13.56
C HIS C 674 20.22 -53.11 13.71
N ASP C 675 18.98 -52.75 14.07
CA ASP C 675 17.92 -53.75 14.21
C ASP C 675 17.24 -54.09 12.89
N TYR C 676 17.61 -53.42 11.81
CA TYR C 676 17.02 -53.68 10.50
C TYR C 676 18.13 -53.93 9.49
N SER C 677 17.87 -54.85 8.56
CA SER C 677 18.88 -55.17 7.55
C SER C 677 19.28 -53.97 6.68
N PRO C 678 18.37 -53.15 6.16
CA PRO C 678 18.80 -51.95 5.44
C PRO C 678 19.20 -50.85 6.40
N PRO C 679 20.47 -50.45 6.39
CA PRO C 679 20.90 -49.38 7.30
C PRO C 679 20.20 -48.07 7.00
N PHE C 680 19.89 -47.33 8.06
CA PHE C 680 19.24 -46.04 7.89
C PHE C 680 20.25 -44.99 7.41
N ARG C 681 19.79 -44.13 6.49
CA ARG C 681 20.63 -43.08 5.92
C ARG C 681 19.85 -41.77 6.03
N PHE C 682 19.99 -41.09 7.16
CA PHE C 682 19.33 -39.81 7.38
C PHE C 682 20.19 -38.68 6.81
N GLY C 683 19.58 -37.51 6.70
CA GLY C 683 20.25 -36.36 6.13
C GLY C 683 20.14 -35.13 7.01
N THR C 684 21.19 -34.31 6.97
CA THR C 684 21.23 -33.07 7.73
C THR C 684 22.18 -32.11 7.03
N VAL C 685 22.04 -30.83 7.35
CA VAL C 685 22.85 -29.77 6.77
C VAL C 685 23.83 -29.30 7.84
N PRO C 686 25.13 -29.43 7.63
CA PRO C 686 26.10 -28.97 8.63
C PRO C 686 26.05 -27.45 8.78
N ASN C 687 26.57 -27.00 9.92
CA ASN C 687 26.58 -25.58 10.27
C ASN C 687 25.17 -25.00 10.28
N GLY C 688 24.22 -25.78 10.80
CA GLY C 688 22.84 -25.36 10.91
C GLY C 688 22.35 -25.40 12.35
N SER C 689 21.07 -25.04 12.52
CA SER C 689 20.47 -25.01 13.83
C SER C 689 20.00 -26.37 14.31
N THR C 690 19.95 -27.36 13.43
CA THR C 690 19.46 -28.69 13.79
C THR C 690 20.56 -29.59 14.36
N GLU C 691 21.80 -29.44 13.88
CA GLU C 691 22.87 -30.31 14.36
C GLU C 691 23.14 -30.09 15.85
N ARG C 692 23.21 -28.83 16.29
CA ARG C 692 23.43 -28.57 17.70
C ARG C 692 22.21 -28.95 18.53
N ASN C 693 21.00 -28.78 17.96
CA ASN C 693 19.79 -29.17 18.68
C ASN C 693 19.76 -30.67 18.94
N ILE C 694 20.15 -31.47 17.94
CA ILE C 694 20.19 -32.92 18.16
C ILE C 694 21.42 -33.34 18.97
N ARG C 695 22.48 -32.53 18.98
CA ARG C 695 23.59 -32.79 19.89
C ARG C 695 23.15 -32.62 21.33
N ASN C 696 22.38 -31.58 21.62
CA ASN C 696 21.94 -31.30 22.99
C ASN C 696 20.89 -32.29 23.49
N ASN C 697 20.32 -33.11 22.61
CA ASN C 697 19.31 -34.08 23.02
C ASN C 697 19.70 -35.53 22.76
N TYR C 698 20.41 -35.79 21.66
CA TYR C 698 20.86 -37.14 21.31
C TYR C 698 22.35 -37.09 21.01
N PRO C 699 23.20 -36.98 22.05
CA PRO C 699 24.65 -36.92 21.80
C PRO C 699 25.19 -38.17 21.11
N TYR C 700 24.65 -39.35 21.42
CA TYR C 700 25.14 -40.57 20.82
C TYR C 700 24.67 -40.73 19.38
N MET C 701 23.47 -40.23 19.06
CA MET C 701 22.94 -40.35 17.70
C MET C 701 23.69 -39.47 16.71
N HIS C 702 24.28 -38.37 17.17
CA HIS C 702 24.98 -37.47 16.26
C HIS C 702 26.20 -38.15 15.64
N GLN C 703 26.82 -39.09 16.35
CA GLN C 703 27.97 -39.80 15.80
C GLN C 703 27.58 -40.57 14.54
N TYR C 704 26.43 -41.24 14.57
CA TYR C 704 25.94 -41.93 13.38
C TYR C 704 25.38 -40.95 12.35
N MET C 705 24.82 -39.84 12.82
CA MET C 705 24.26 -38.84 11.92
C MET C 705 25.33 -38.19 11.06
N THR C 706 26.51 -37.94 11.63
CA THR C 706 27.58 -37.29 10.87
C THR C 706 28.10 -38.14 9.73
N LYS C 707 27.80 -39.45 9.72
CA LYS C 707 28.26 -40.32 8.66
C LYS C 707 27.63 -39.98 7.31
N PHE C 708 26.52 -39.24 7.30
CA PHE C 708 25.83 -38.83 6.08
C PHE C 708 25.67 -37.32 6.11
N ASN C 709 26.61 -36.61 5.51
CA ASN C 709 26.60 -35.15 5.45
C ASN C 709 26.16 -34.68 4.08
N GLN C 710 25.76 -33.42 4.01
CA GLN C 710 25.26 -32.82 2.78
C GLN C 710 25.91 -31.45 2.59
N LYS C 711 25.59 -30.82 1.45
CA LYS C 711 26.05 -29.48 1.14
C LYS C 711 24.92 -28.49 0.90
N GLY C 712 23.70 -28.97 0.69
CA GLY C 712 22.57 -28.08 0.44
C GLY C 712 21.27 -28.85 0.45
N VAL C 713 20.18 -28.09 0.38
CA VAL C 713 18.85 -28.68 0.37
C VAL C 713 18.61 -29.47 -0.92
N GLU C 714 19.13 -28.95 -2.04
CA GLU C 714 18.94 -29.64 -3.31
C GLU C 714 19.60 -31.01 -3.32
N ASP C 715 20.73 -31.16 -2.63
CA ASP C 715 21.35 -32.47 -2.51
C ASP C 715 20.44 -33.46 -1.79
N ALA C 716 19.81 -33.01 -0.69
CA ALA C 716 18.86 -33.87 0.00
C ALA C 716 17.67 -34.20 -0.88
N LEU C 717 17.18 -33.23 -1.64
CA LEU C 717 16.03 -33.47 -2.52
C LEU C 717 16.37 -34.52 -3.59
N VAL C 718 17.53 -34.38 -4.24
CA VAL C 718 17.89 -35.33 -5.29
C VAL C 718 18.19 -36.70 -4.68
N SER C 719 18.76 -36.74 -3.48
CA SER C 719 18.99 -38.02 -2.82
C SER C 719 17.67 -38.73 -2.50
N LEU C 720 16.68 -37.98 -2.01
CA LEU C 720 15.38 -38.57 -1.72
C LEU C 720 14.69 -39.02 -3.00
N LYS C 721 14.80 -38.23 -4.08
CA LYS C 721 14.20 -38.63 -5.35
C LYS C 721 14.85 -39.89 -5.90
N THR C 722 16.17 -40.01 -5.81
CA THR C 722 16.88 -41.18 -6.28
C THR C 722 16.91 -42.31 -5.26
N GLY C 723 16.44 -42.08 -4.04
CA GLY C 723 16.42 -43.12 -3.03
C GLY C 723 17.73 -43.35 -2.31
N LYS C 724 18.72 -42.47 -2.50
CA LYS C 724 20.01 -42.64 -1.83
C LYS C 724 19.90 -42.51 -0.32
N LEU C 725 19.09 -41.58 0.18
CA LEU C 725 18.92 -41.37 1.61
C LEU C 725 17.49 -41.71 2.00
N ASP C 726 17.35 -42.49 3.07
CA ASP C 726 16.03 -42.94 3.51
C ASP C 726 15.16 -41.80 4.00
N ALA C 727 15.72 -40.86 4.75
CA ALA C 727 14.95 -39.76 5.32
C ALA C 727 15.83 -38.53 5.42
N PHE C 728 15.19 -37.37 5.53
CA PHE C 728 15.88 -36.09 5.65
C PHE C 728 15.22 -35.26 6.72
N ILE C 729 16.04 -34.65 7.58
CA ILE C 729 15.57 -33.83 8.68
C ILE C 729 16.16 -32.43 8.53
N TYR C 730 15.30 -31.41 8.55
CA TYR C 730 15.72 -30.03 8.39
C TYR C 730 14.61 -29.13 8.92
N ASP C 731 14.70 -27.84 8.62
CA ASP C 731 13.69 -26.89 9.05
C ASP C 731 12.31 -27.30 8.53
N ALA C 732 11.30 -27.17 9.40
CA ALA C 732 9.97 -27.68 9.07
C ALA C 732 9.33 -26.90 7.93
N ALA C 733 9.53 -25.58 7.90
CA ALA C 733 8.85 -24.74 6.91
C ALA C 733 9.29 -25.09 5.50
N VAL C 734 10.60 -25.16 5.26
CA VAL C 734 11.09 -25.48 3.92
C VAL C 734 10.68 -26.88 3.50
N LEU C 735 10.77 -27.85 4.42
CA LEU C 735 10.36 -29.22 4.08
C LEU C 735 8.89 -29.28 3.73
N ASN C 736 8.04 -28.60 4.50
CA ASN C 736 6.61 -28.58 4.19
C ASN C 736 6.34 -27.91 2.86
N TYR C 737 7.02 -26.80 2.58
CA TYR C 737 6.80 -26.10 1.31
C TYR C 737 7.22 -26.96 0.13
N LYS C 738 8.37 -27.63 0.24
CA LYS C 738 8.83 -28.46 -0.87
C LYS C 738 8.02 -29.75 -1.00
N ALA C 739 7.42 -30.22 0.10
CA ALA C 739 6.51 -31.35 -0.02
C ALA C 739 5.20 -30.95 -0.67
N GLY C 740 4.73 -29.73 -0.40
CA GLY C 740 3.54 -29.23 -1.05
C GLY C 740 3.73 -28.70 -2.46
N ARG C 741 4.99 -28.49 -2.87
CA ARG C 741 5.30 -27.99 -4.20
C ARG C 741 6.13 -28.99 -5.01
N ASP C 742 6.17 -30.25 -4.58
CA ASP C 742 6.96 -31.25 -5.29
C ASP C 742 6.26 -31.71 -6.56
N GLU C 743 7.01 -32.36 -7.43
CA GLU C 743 6.48 -32.90 -8.68
C GLU C 743 6.19 -34.38 -8.48
N GLY C 744 4.98 -34.81 -8.85
CA GLY C 744 4.56 -36.18 -8.73
C GLY C 744 3.99 -36.57 -7.38
N CYS C 745 3.96 -35.65 -6.41
CA CYS C 745 3.45 -35.92 -5.07
C CYS C 745 4.16 -37.11 -4.44
N LYS C 746 5.48 -37.19 -4.63
CA LYS C 746 6.27 -38.30 -4.14
C LYS C 746 6.88 -38.06 -2.76
N LEU C 747 6.72 -36.87 -2.20
CA LEU C 747 7.27 -36.54 -0.89
C LEU C 747 6.16 -35.99 0.00
N VAL C 748 6.02 -36.59 1.19
CA VAL C 748 5.03 -36.16 2.17
C VAL C 748 5.67 -36.17 3.55
N THR C 749 5.08 -35.42 4.46
CA THR C 749 5.55 -35.37 5.85
C THR C 749 4.86 -36.49 6.64
N ILE C 750 5.04 -36.49 7.96
CA ILE C 750 4.44 -37.48 8.85
C ILE C 750 3.48 -36.74 9.76
N GLY C 751 2.22 -36.66 9.33
CA GLY C 751 1.15 -36.08 10.13
C GLY C 751 1.40 -34.65 10.59
N SER C 752 0.71 -34.25 11.66
CA SER C 752 0.87 -32.94 12.26
C SER C 752 0.97 -33.08 13.77
N GLY C 753 1.70 -32.15 14.38
CA GLY C 753 1.90 -32.16 15.82
C GLY C 753 3.06 -33.01 16.29
N TYR C 754 3.76 -33.70 15.39
CA TYR C 754 4.89 -34.53 15.74
C TYR C 754 6.21 -33.77 15.71
N ILE C 755 6.17 -32.45 15.54
CA ILE C 755 7.40 -31.65 15.52
C ILE C 755 8.09 -31.75 16.86
N PHE C 756 9.41 -31.98 16.83
CA PHE C 756 10.17 -32.12 18.06
C PHE C 756 10.17 -30.83 18.87
N ALA C 757 10.26 -29.68 18.20
CA ALA C 757 10.27 -28.39 18.90
C ALA C 757 9.63 -27.36 17.97
N THR C 758 8.34 -27.10 18.20
CA THR C 758 7.62 -26.10 17.42
C THR C 758 8.14 -24.71 17.77
N THR C 759 8.90 -24.12 16.86
CA THR C 759 9.47 -22.78 17.05
C THR C 759 9.03 -21.88 15.90
N GLY C 760 9.60 -20.68 15.86
CA GLY C 760 9.32 -19.74 14.80
C GLY C 760 10.57 -19.19 14.14
N TYR C 761 10.45 -18.06 13.46
CA TYR C 761 11.58 -17.41 12.81
C TYR C 761 11.95 -16.10 13.50
N GLY C 762 11.00 -15.18 13.66
CA GLY C 762 11.27 -13.93 14.33
C GLY C 762 12.20 -13.04 13.53
N ILE C 763 12.65 -11.98 14.19
CA ILE C 763 13.61 -11.04 13.61
C ILE C 763 14.68 -10.77 14.66
N ALA C 764 15.89 -11.27 14.45
CA ALA C 764 16.98 -11.11 15.40
C ALA C 764 17.49 -9.68 15.38
N LEU C 765 17.34 -8.97 16.50
CA LEU C 765 17.75 -7.58 16.60
C LEU C 765 19.06 -7.47 17.36
N GLN C 766 19.47 -6.24 17.66
CA GLN C 766 20.68 -5.97 18.43
C GLN C 766 20.33 -5.77 19.90
N LYS C 767 21.26 -6.15 20.78
CA LYS C 767 21.06 -6.01 22.21
C LYS C 767 20.90 -4.54 22.59
N GLY C 768 19.74 -4.19 23.13
CA GLY C 768 19.47 -2.81 23.50
C GLY C 768 19.06 -1.92 22.36
N SER C 769 18.81 -2.49 21.18
CA SER C 769 18.40 -1.69 20.04
C SER C 769 16.99 -1.14 20.27
N PRO C 770 16.74 0.13 19.90
CA PRO C 770 15.43 0.75 20.12
C PRO C 770 14.39 0.40 19.05
N TRP C 771 14.27 -0.90 18.77
CA TRP C 771 13.27 -1.38 17.81
C TRP C 771 12.48 -2.59 18.30
N LYS C 772 12.85 -3.19 19.43
CA LYS C 772 12.11 -4.33 19.96
C LYS C 772 10.70 -3.96 20.40
N ARG C 773 10.47 -2.72 20.83
CA ARG C 773 9.16 -2.29 21.29
C ARG C 773 8.22 -1.91 20.14
N GLN C 774 8.70 -1.90 18.90
CA GLN C 774 7.88 -1.55 17.76
C GLN C 774 7.78 -2.65 16.72
N ILE C 775 8.87 -3.38 16.45
CA ILE C 775 8.83 -4.43 15.45
C ILE C 775 7.90 -5.56 15.88
N ASP C 776 7.97 -5.95 17.16
CA ASP C 776 7.09 -7.01 17.65
C ASP C 776 5.62 -6.60 17.58
N LEU C 777 5.33 -5.35 17.94
CA LEU C 777 3.96 -4.86 17.86
C LEU C 777 3.47 -4.85 16.41
N ALA C 778 4.32 -4.40 15.49
CA ALA C 778 3.92 -4.39 14.08
C ALA C 778 3.66 -5.80 13.57
N LEU C 779 4.54 -6.75 13.93
CA LEU C 779 4.34 -8.14 13.49
C LEU C 779 3.06 -8.72 14.08
N LEU C 780 2.79 -8.48 15.36
CA LEU C 780 1.57 -8.98 15.97
C LEU C 780 0.34 -8.36 15.34
N GLN C 781 0.39 -7.06 15.03
CA GLN C 781 -0.74 -6.42 14.36
C GLN C 781 -0.96 -7.02 12.98
N PHE C 782 0.11 -7.27 12.23
CA PHE C 782 -0.03 -7.89 10.91
C PHE C 782 -0.62 -9.29 11.02
N VAL C 783 -0.19 -10.06 12.02
CA VAL C 783 -0.68 -11.43 12.17
C VAL C 783 -2.15 -11.44 12.56
N GLY C 784 -2.52 -10.63 13.56
CA GLY C 784 -3.85 -10.67 14.12
C GLY C 784 -4.87 -9.75 13.51
N ASP C 785 -4.49 -8.91 12.55
CA ASP C 785 -5.42 -7.96 11.94
C ASP C 785 -5.76 -8.29 10.50
N GLY C 786 -5.15 -9.32 9.91
CA GLY C 786 -5.45 -9.71 8.56
C GLY C 786 -4.47 -9.17 7.53
N GLU C 787 -3.17 -9.32 7.80
CA GLU C 787 -2.13 -8.90 6.86
C GLU C 787 -1.17 -10.03 6.52
N MET C 788 -1.50 -11.27 6.89
CA MET C 788 -0.62 -12.40 6.65
C MET C 788 -1.25 -13.48 5.78
N GLU C 789 -2.59 -13.59 5.76
CA GLU C 789 -3.23 -14.66 5.02
C GLU C 789 -3.01 -14.55 3.52
N GLU C 790 -3.03 -13.33 2.97
CA GLU C 790 -2.83 -13.17 1.53
C GLU C 790 -1.42 -13.58 1.13
N LEU C 791 -0.43 -13.31 1.99
CA LEU C 791 0.93 -13.76 1.71
C LEU C 791 1.05 -15.27 1.86
N GLU C 792 0.39 -15.84 2.88
CA GLU C 792 0.46 -17.29 3.09
C GLU C 792 -0.20 -18.05 1.95
N THR C 793 -1.23 -17.47 1.33
CA THR C 793 -1.94 -18.17 0.26
C THR C 793 -1.05 -18.41 -0.95
N CYS C 794 -0.20 -17.44 -1.29
CA CYS C 794 0.61 -17.54 -2.50
C CYS C 794 2.06 -17.92 -2.24
N TRP C 795 2.54 -17.80 -0.99
CA TRP C 795 3.93 -18.09 -0.68
C TRP C 795 4.15 -19.41 0.07
N LEU C 796 3.12 -19.95 0.72
CA LEU C 796 3.30 -21.15 1.53
C LEU C 796 2.33 -22.29 1.20
N THR C 797 1.18 -22.02 0.58
CA THR C 797 0.24 -23.09 0.28
C THR C 797 0.80 -24.01 -0.81
N GLY C 798 0.43 -25.29 -0.71
CA GLY C 798 0.92 -26.27 -1.66
C GLY C 798 -0.17 -27.21 -2.17
N ILE C 799 0.24 -28.34 -2.74
CA ILE C 799 -0.69 -29.31 -3.30
C ILE C 799 -0.37 -30.69 -2.72
N CYS C 800 -1.05 -31.71 -3.24
CA CYS C 800 -0.91 -33.12 -2.84
C CYS C 800 -1.52 -33.40 -1.47
N HIS C 801 -2.46 -32.58 -1.02
CA HIS C 801 -3.14 -32.83 0.24
C HIS C 801 -4.14 -33.97 0.10
N ASN C 802 -4.38 -34.66 1.20
CA ASN C 802 -5.31 -35.79 1.22
C ASN C 802 -6.68 -35.35 1.73
N ASP C 813 -4.69 -57.90 -5.43
CA ASP C 813 -4.42 -57.22 -4.18
C ASP C 813 -3.88 -58.20 -3.14
N ILE C 814 -3.26 -57.68 -2.09
CA ILE C 814 -2.69 -58.53 -1.06
C ILE C 814 -3.80 -59.27 -0.30
N ASP C 815 -4.93 -58.59 -0.07
CA ASP C 815 -6.03 -59.21 0.66
C ASP C 815 -6.64 -60.40 -0.08
N ASN C 816 -6.55 -60.42 -1.41
CA ASN C 816 -7.10 -61.54 -2.18
C ASN C 816 -6.38 -62.84 -1.84
N MET C 817 -5.06 -62.81 -1.73
CA MET C 817 -4.31 -64.01 -1.38
C MET C 817 -4.65 -64.48 0.02
N ALA C 818 -4.78 -63.56 0.97
CA ALA C 818 -5.16 -63.94 2.32
C ALA C 818 -6.56 -64.57 2.35
N GLY C 819 -7.50 -63.98 1.60
CA GLY C 819 -8.84 -64.53 1.56
C GLY C 819 -8.89 -65.91 0.93
N VAL C 820 -8.17 -66.11 -0.18
CA VAL C 820 -8.20 -67.40 -0.84
C VAL C 820 -7.49 -68.45 0.03
N PHE C 821 -6.42 -68.06 0.72
CA PHE C 821 -5.78 -68.99 1.65
C PHE C 821 -6.70 -69.37 2.80
N TYR C 822 -7.43 -68.39 3.35
CA TYR C 822 -8.39 -68.69 4.41
C TYR C 822 -9.50 -69.62 3.94
N MET C 823 -10.01 -69.41 2.73
CA MET C 823 -11.00 -70.30 2.15
C MET C 823 -10.45 -71.71 1.92
N LEU C 824 -9.23 -71.81 1.40
CA LEU C 824 -8.64 -73.13 1.17
C LEU C 824 -8.37 -73.87 2.47
N ALA C 825 -7.98 -73.14 3.52
CA ALA C 825 -7.78 -73.78 4.81
C ALA C 825 -9.08 -74.38 5.34
N ALA C 826 -10.18 -73.63 5.24
CA ALA C 826 -11.47 -74.15 5.67
C ALA C 826 -11.90 -75.34 4.83
N ALA C 827 -11.66 -75.27 3.51
CA ALA C 827 -12.00 -76.39 2.63
C ALA C 827 -11.23 -77.64 3.01
N MET C 828 -9.92 -77.49 3.27
CA MET C 828 -9.11 -78.64 3.68
C MET C 828 -9.55 -79.19 5.02
N ALA C 829 -9.91 -78.30 5.96
CA ALA C 829 -10.39 -78.76 7.25
C ALA C 829 -11.69 -79.55 7.12
N LEU C 830 -12.62 -79.06 6.30
CA LEU C 830 -13.87 -79.77 6.08
C LEU C 830 -13.62 -81.11 5.38
N SER C 831 -12.71 -81.15 4.42
CA SER C 831 -12.38 -82.40 3.74
C SER C 831 -11.78 -83.41 4.72
N LEU C 832 -10.89 -82.95 5.59
CA LEU C 832 -10.31 -83.84 6.59
C LEU C 832 -11.37 -84.36 7.55
N ILE C 833 -12.30 -83.48 7.97
CA ILE C 833 -13.35 -83.89 8.89
C ILE C 833 -14.25 -84.95 8.25
N THR C 834 -14.68 -84.70 7.01
CA THR C 834 -15.56 -85.66 6.35
C THR C 834 -14.84 -86.94 5.96
N PHE C 835 -13.51 -86.89 5.80
CA PHE C 835 -12.76 -88.12 5.56
C PHE C 835 -12.62 -88.93 6.84
N ILE C 836 -12.36 -88.27 7.98
CA ILE C 836 -12.19 -88.99 9.23
C ILE C 836 -13.53 -89.45 9.78
N TRP C 837 -14.64 -88.86 9.34
CA TRP C 837 -15.96 -89.33 9.76
C TRP C 837 -16.25 -90.72 9.18
N LYS D 25 13.47 61.45 34.17
CA LYS D 25 14.01 60.12 34.39
C LYS D 25 14.12 59.84 35.89
N ILE D 26 13.02 60.03 36.60
CA ILE D 26 12.98 59.83 38.04
C ILE D 26 12.17 58.57 38.33
N VAL D 27 12.82 57.57 38.90
CA VAL D 27 12.20 56.30 39.26
C VAL D 27 12.18 56.16 40.77
N ASN D 28 11.05 55.71 41.31
CA ASN D 28 10.87 55.52 42.75
C ASN D 28 10.53 54.06 42.99
N ILE D 29 11.55 53.23 43.20
CA ILE D 29 11.36 51.80 43.41
C ILE D 29 10.88 51.56 44.83
N GLY D 30 9.75 50.87 44.98
CA GLY D 30 9.22 50.54 46.28
C GLY D 30 9.72 49.19 46.78
N ALA D 31 9.35 48.89 48.04
CA ALA D 31 9.73 47.64 48.67
C ALA D 31 8.75 47.31 49.78
N VAL D 32 8.70 46.04 50.15
CA VAL D 32 7.86 45.54 51.24
C VAL D 32 8.76 44.73 52.15
N LEU D 33 9.15 45.31 53.27
CA LEU D 33 10.11 44.70 54.20
C LEU D 33 9.40 44.32 55.50
N SER D 34 10.13 43.59 56.35
CA SER D 34 9.51 43.00 57.53
C SER D 34 9.42 44.00 58.68
N THR D 35 10.56 44.49 59.16
CA THR D 35 10.60 45.34 60.34
C THR D 35 11.38 46.62 60.06
N ARG D 36 11.33 47.54 61.03
CA ARG D 36 11.98 48.83 60.88
C ARG D 36 13.49 48.69 60.76
N LYS D 37 14.08 47.75 61.53
CA LYS D 37 15.51 47.51 61.41
C LYS D 37 15.86 47.03 60.00
N HIS D 38 15.05 46.14 59.44
CA HIS D 38 15.23 45.75 58.04
C HIS D 38 15.05 46.94 57.11
N GLU D 39 14.03 47.77 57.37
CA GLU D 39 13.80 48.95 56.55
C GLU D 39 14.97 49.90 56.55
N GLN D 40 15.73 49.96 57.64
CA GLN D 40 16.91 50.81 57.71
C GLN D 40 18.13 50.16 57.07
N MET D 41 18.39 48.89 57.39
CA MET D 41 19.58 48.23 56.85
C MET D 41 19.49 48.08 55.34
N PHE D 42 18.32 47.71 54.81
CA PHE D 42 18.18 47.55 53.37
C PHE D 42 18.17 48.90 52.65
N ARG D 43 17.64 49.94 53.29
CA ARG D 43 17.74 51.28 52.72
C ARG D 43 19.19 51.73 52.63
N GLU D 44 19.98 51.46 53.68
CA GLU D 44 21.40 51.77 53.62
C GLU D 44 22.09 50.95 52.53
N ALA D 45 21.71 49.68 52.38
CA ALA D 45 22.30 48.83 51.36
C ALA D 45 22.01 49.37 49.96
N VAL D 46 20.76 49.77 49.70
CA VAL D 46 20.43 50.28 48.38
C VAL D 46 21.08 51.64 48.14
N ASN D 47 21.20 52.47 49.19
CA ASN D 47 21.90 53.74 49.03
C ASN D 47 23.37 53.52 48.68
N GLN D 48 24.00 52.53 49.31
CA GLN D 48 25.38 52.18 48.96
C GLN D 48 25.47 51.65 47.53
N ALA D 49 24.52 50.79 47.14
CA ALA D 49 24.54 50.21 45.80
C ALA D 49 24.23 51.24 44.72
N ASN D 50 23.63 52.37 45.08
CA ASN D 50 23.34 53.42 44.10
C ASN D 50 24.61 53.89 43.41
N LYS D 51 25.71 53.99 44.15
CA LYS D 51 26.99 54.46 43.62
C LYS D 51 27.89 53.31 43.19
N ARG D 52 27.44 52.06 43.30
CA ARG D 52 28.23 50.90 42.89
C ARG D 52 28.01 50.61 41.41
N HIS D 53 28.46 51.54 40.57
CA HIS D 53 28.37 51.45 39.11
C HIS D 53 26.89 51.30 38.76
N GLY D 54 26.51 50.36 37.90
CA GLY D 54 25.12 50.15 37.56
C GLY D 54 24.53 51.27 36.72
N SER D 55 23.64 52.06 37.33
CA SER D 55 22.98 53.14 36.60
C SER D 55 23.92 54.34 36.44
N TRP D 56 23.38 55.39 35.84
CA TRP D 56 24.14 56.60 35.55
C TRP D 56 23.31 57.82 35.92
N LYS D 57 24.00 58.92 36.21
CA LYS D 57 23.38 60.21 36.56
C LYS D 57 22.60 60.03 37.85
N ILE D 58 21.30 60.33 37.89
CA ILE D 58 20.54 60.18 39.12
C ILE D 58 20.16 58.71 39.32
N GLN D 59 19.68 58.41 40.53
CA GLN D 59 19.32 57.05 40.91
C GLN D 59 17.88 57.03 41.39
N LEU D 60 17.47 55.89 41.95
CA LEU D 60 16.09 55.66 42.36
C LEU D 60 15.86 56.07 43.80
N ASN D 61 14.63 56.51 44.08
CA ASN D 61 14.20 56.83 45.43
C ASN D 61 13.54 55.60 46.04
N ALA D 62 14.14 55.05 47.10
CA ALA D 62 13.65 53.83 47.72
C ALA D 62 12.63 54.13 48.80
N THR D 63 11.70 53.19 48.99
CA THR D 63 10.72 53.27 50.06
C THR D 63 10.33 51.85 50.45
N SER D 64 9.80 51.71 51.66
CA SER D 64 9.50 50.40 52.20
C SER D 64 8.16 50.41 52.92
N VAL D 65 7.55 49.24 52.99
CA VAL D 65 6.30 49.04 53.74
C VAL D 65 6.51 47.89 54.70
N THR D 66 6.19 48.11 55.97
CA THR D 66 6.37 47.09 56.99
C THR D 66 5.37 45.94 56.78
N HIS D 67 5.82 44.73 57.13
CA HIS D 67 4.96 43.56 57.04
C HIS D 67 3.90 43.60 58.13
N LYS D 68 2.65 43.33 57.74
CA LYS D 68 1.54 43.34 58.67
C LYS D 68 0.70 42.06 58.53
N PRO D 69 0.32 41.42 59.62
CA PRO D 69 -0.53 40.23 59.54
C PRO D 69 -1.96 40.50 59.09
N ASN D 70 -2.31 41.74 58.79
CA ASN D 70 -3.62 42.11 58.29
C ASN D 70 -3.53 42.41 56.80
N ALA D 71 -4.67 42.36 56.13
CA ALA D 71 -4.73 42.50 54.68
C ALA D 71 -5.14 43.89 54.21
N ILE D 72 -6.21 44.45 54.76
CA ILE D 72 -6.74 45.72 54.25
C ILE D 72 -5.74 46.86 54.47
N GLN D 73 -5.22 46.98 55.69
CA GLN D 73 -4.28 48.07 55.97
C GLN D 73 -2.98 47.88 55.23
N MET D 74 -2.52 46.63 55.07
CA MET D 74 -1.30 46.37 54.30
C MET D 74 -1.50 46.77 52.84
N ALA D 75 -2.66 46.43 52.27
CA ALA D 75 -2.93 46.81 50.88
C ALA D 75 -3.02 48.32 50.73
N LEU D 76 -3.66 49.00 51.68
CA LEU D 76 -3.75 50.46 51.62
C LEU D 76 -2.37 51.09 51.71
N SER D 77 -1.52 50.57 52.61
CA SER D 77 -0.16 51.10 52.72
C SER D 77 0.63 50.86 51.44
N VAL D 78 0.50 49.68 50.85
CA VAL D 78 1.19 49.40 49.59
C VAL D 78 0.73 50.36 48.51
N CYS D 79 -0.59 50.58 48.41
CA CYS D 79 -1.11 51.51 47.40
C CYS D 79 -0.59 52.93 47.63
N GLU D 80 -0.57 53.39 48.88
CA GLU D 80 -0.15 54.76 49.17
C GLU D 80 1.36 54.94 49.15
N ASP D 81 2.14 53.86 49.16
CA ASP D 81 3.60 53.98 49.17
C ASP D 81 4.28 53.56 47.89
N LEU D 82 3.65 52.76 47.03
CA LEU D 82 4.26 52.29 45.80
C LEU D 82 3.54 52.80 44.56
N ILE D 83 2.22 52.62 44.49
CA ILE D 83 1.47 53.02 43.30
C ILE D 83 1.60 54.52 43.06
N SER D 84 1.52 55.32 44.12
CA SER D 84 1.68 56.77 43.97
C SER D 84 3.07 57.13 43.46
N SER D 85 4.05 56.26 43.67
CA SER D 85 5.42 56.50 43.23
C SER D 85 5.66 55.85 41.87
N GLN D 86 6.89 56.04 41.37
CA GLN D 86 7.28 55.49 40.08
C GLN D 86 7.94 54.12 40.27
N VAL D 87 7.11 53.14 40.57
CA VAL D 87 7.59 51.79 40.88
C VAL D 87 7.75 50.99 39.60
N TYR D 88 8.94 50.43 39.39
CA TYR D 88 9.19 49.48 38.32
C TYR D 88 9.51 48.09 38.83
N ALA D 89 9.78 47.93 40.13
CA ALA D 89 10.04 46.63 40.72
C ALA D 89 9.63 46.69 42.18
N ILE D 90 9.24 45.54 42.72
CA ILE D 90 8.75 45.42 44.08
C ILE D 90 9.58 44.37 44.81
N LEU D 91 10.05 44.72 46.01
CA LEU D 91 10.82 43.81 46.85
C LEU D 91 9.88 43.28 47.94
N VAL D 92 9.59 41.98 47.89
CA VAL D 92 8.73 41.32 48.87
C VAL D 92 9.57 40.33 49.67
N SER D 93 9.48 40.42 50.99
CA SER D 93 10.27 39.60 51.89
C SER D 93 9.38 38.54 52.56
N HIS D 94 10.03 37.63 53.27
CA HIS D 94 9.32 36.58 53.99
C HIS D 94 8.61 37.15 55.21
N PRO D 95 7.54 36.49 55.66
CA PRO D 95 6.85 36.93 56.88
C PRO D 95 7.79 36.89 58.08
N PRO D 96 7.65 37.85 59.01
CA PRO D 96 8.55 37.85 60.18
C PRO D 96 8.47 36.59 61.02
N THR D 97 7.29 35.98 61.12
CA THR D 97 7.12 34.78 61.92
C THR D 97 7.06 33.55 61.02
N PRO D 98 8.09 32.69 61.05
CA PRO D 98 8.07 31.50 60.18
C PRO D 98 6.99 30.49 60.52
N ASN D 99 6.41 30.54 61.72
CA ASN D 99 5.43 29.54 62.12
C ASN D 99 4.21 29.57 61.22
N ASP D 100 3.70 30.75 60.90
CA ASP D 100 2.57 30.88 59.99
C ASP D 100 3.04 30.82 58.54
N HIS D 101 2.12 30.53 57.64
CA HIS D 101 2.46 30.45 56.23
C HIS D 101 2.51 31.84 55.60
N PHE D 102 1.40 32.57 55.63
CA PHE D 102 1.30 33.95 55.18
C PHE D 102 1.95 34.14 53.81
N THR D 103 1.38 33.43 52.84
CA THR D 103 1.90 33.50 51.49
C THR D 103 1.72 34.90 50.92
N PRO D 104 2.74 35.44 50.24
CA PRO D 104 2.61 36.80 49.68
C PRO D 104 1.79 36.83 48.40
N THR D 105 0.60 36.25 48.43
CA THR D 105 -0.30 36.33 47.30
C THR D 105 -0.79 37.76 46.99
N PRO D 106 -1.25 38.56 47.95
CA PRO D 106 -1.89 39.84 47.57
C PRO D 106 -0.99 40.80 46.81
N VAL D 107 0.30 40.85 47.12
CA VAL D 107 1.20 41.76 46.41
C VAL D 107 1.30 41.38 44.94
N SER D 108 1.46 40.08 44.67
CA SER D 108 1.49 39.62 43.28
C SER D 108 0.15 39.86 42.60
N TYR D 109 -0.95 39.65 43.30
CA TYR D 109 -2.27 39.88 42.72
C TYR D 109 -2.45 41.34 42.32
N THR D 110 -2.03 42.26 43.20
CA THR D 110 -2.10 43.68 42.87
C THR D 110 -1.16 44.04 41.71
N ALA D 111 0.05 43.46 41.71
CA ALA D 111 0.99 43.75 40.64
C ALA D 111 0.56 43.14 39.30
N GLY D 112 -0.37 42.19 39.32
CA GLY D 112 -0.82 41.59 38.07
C GLY D 112 -1.58 42.54 37.17
N PHE D 113 -2.16 43.60 37.75
CA PHE D 113 -2.92 44.56 36.95
C PHE D 113 -2.02 45.28 35.95
N TYR D 114 -0.83 45.69 36.38
CA TYR D 114 0.09 46.45 35.53
C TYR D 114 1.34 45.65 35.18
N ARG D 115 1.33 44.34 35.39
CA ARG D 115 2.47 43.48 35.08
C ARG D 115 3.75 43.95 35.78
N ILE D 116 3.59 44.37 37.04
CA ILE D 116 4.72 44.87 37.82
C ILE D 116 5.58 43.70 38.27
N PRO D 117 6.86 43.65 37.91
CA PRO D 117 7.71 42.53 38.33
C PRO D 117 8.11 42.62 39.79
N VAL D 118 7.54 41.77 40.63
CA VAL D 118 7.90 41.68 42.03
C VAL D 118 9.11 40.77 42.17
N LEU D 119 9.86 40.94 43.26
CA LEU D 119 11.09 40.19 43.49
C LEU D 119 10.95 39.45 44.83
N GLY D 120 10.58 38.17 44.74
CA GLY D 120 10.54 37.35 45.94
C GLY D 120 11.93 36.99 46.43
N LEU D 121 12.07 36.88 47.74
CA LEU D 121 13.36 36.60 48.37
C LEU D 121 13.50 35.14 48.77
N THR D 122 12.59 34.64 49.62
CA THR D 122 12.65 33.27 50.11
C THR D 122 11.32 32.54 50.00
N THR D 123 10.40 33.03 49.17
CA THR D 123 9.12 32.36 48.97
C THR D 123 9.35 31.10 48.15
N ARG D 124 9.43 29.95 48.82
CA ARG D 124 9.76 28.69 48.19
C ARG D 124 8.55 27.87 47.77
N MET D 125 7.34 28.41 47.96
CA MET D 125 6.13 27.69 47.58
C MET D 125 6.06 27.49 46.07
N SER D 126 5.49 26.36 45.66
CA SER D 126 5.34 26.04 44.24
C SER D 126 4.14 26.70 43.60
N ILE D 127 3.32 27.42 44.37
CA ILE D 127 2.19 28.15 43.79
C ILE D 127 2.70 29.24 42.84
N TYR D 128 3.82 29.86 43.19
CA TYR D 128 4.38 30.98 42.44
C TYR D 128 5.27 30.54 41.29
N SER D 129 5.46 29.23 41.10
CA SER D 129 6.31 28.74 40.01
C SER D 129 5.71 29.11 38.65
N ASP D 130 4.50 28.64 38.38
CA ASP D 130 3.82 29.01 37.15
C ASP D 130 3.33 30.45 37.22
N LYS D 131 3.39 31.15 36.09
CA LYS D 131 2.90 32.52 36.00
C LYS D 131 1.40 32.59 35.73
N SER D 132 0.73 31.46 35.58
CA SER D 132 -0.72 31.47 35.44
C SER D 132 -1.40 31.91 36.74
N ILE D 133 -0.89 31.46 37.88
CA ILE D 133 -1.45 31.86 39.17
C ILE D 133 -1.18 33.33 39.43
N HIS D 134 0.06 33.77 39.23
CA HIS D 134 0.48 35.14 39.45
C HIS D 134 1.04 35.66 38.13
N LEU D 135 0.42 36.71 37.59
CA LEU D 135 0.76 37.17 36.24
C LEU D 135 2.20 37.64 36.16
N SER D 136 2.68 38.35 37.18
CA SER D 136 4.06 38.86 37.20
C SER D 136 4.64 38.60 38.59
N PHE D 137 5.29 37.45 38.75
CA PHE D 137 5.97 37.10 39.99
C PHE D 137 7.33 36.51 39.65
N LEU D 138 8.39 37.14 40.17
CA LEU D 138 9.75 36.67 39.99
C LEU D 138 10.43 36.56 41.35
N ARG D 139 11.22 35.51 41.54
CA ARG D 139 11.89 35.27 42.80
C ARG D 139 13.27 34.70 42.55
N THR D 140 14.17 34.92 43.52
CA THR D 140 15.52 34.41 43.48
C THR D 140 15.66 33.09 44.23
N VAL D 141 14.57 32.51 44.70
CA VAL D 141 14.58 31.26 45.46
C VAL D 141 13.96 30.18 44.59
N PRO D 142 14.61 29.03 44.41
CA PRO D 142 14.03 27.95 43.61
C PRO D 142 12.77 27.41 44.24
N PRO D 143 11.80 26.98 43.43
CA PRO D 143 10.56 26.42 43.98
C PRO D 143 10.80 25.06 44.61
N TYR D 144 9.76 24.57 45.32
CA TYR D 144 9.82 23.23 45.89
C TYR D 144 9.95 22.16 44.83
N SER D 145 9.39 22.40 43.64
CA SER D 145 9.47 21.42 42.56
C SER D 145 10.89 21.25 42.04
N HIS D 146 11.78 22.22 42.26
CA HIS D 146 13.15 22.13 41.79
C HIS D 146 13.97 21.08 42.54
N GLN D 147 13.47 20.56 43.66
CA GLN D 147 14.14 19.46 44.34
C GLN D 147 14.14 18.20 43.49
N SER D 148 13.27 18.12 42.49
CA SER D 148 13.26 16.97 41.59
C SER D 148 14.59 16.85 40.84
N SER D 149 15.19 17.98 40.46
CA SER D 149 16.49 17.93 39.80
C SER D 149 17.55 17.35 40.74
N VAL D 150 17.53 17.76 42.01
CA VAL D 150 18.50 17.23 42.98
C VAL D 150 18.29 15.73 43.16
N TRP D 151 17.03 15.31 43.27
CA TRP D 151 16.75 13.88 43.43
C TRP D 151 17.20 13.09 42.21
N PHE D 152 16.98 13.62 41.01
CA PHE D 152 17.41 12.94 39.79
C PHE D 152 18.92 12.84 39.72
N GLU D 153 19.62 13.92 40.10
CA GLU D 153 21.08 13.86 40.13
C GLU D 153 21.58 12.83 41.13
N MET D 154 20.97 12.78 42.31
CA MET D 154 21.37 11.79 43.31
C MET D 154 21.12 10.37 42.80
N MET D 155 19.98 10.13 42.14
CA MET D 155 19.70 8.81 41.60
C MET D 155 20.69 8.44 40.50
N ARG D 156 21.03 9.39 39.63
CA ARG D 156 21.93 9.09 38.53
C ARG D 156 23.38 8.91 38.99
N VAL D 157 23.77 9.52 40.11
CA VAL D 157 25.12 9.32 40.64
C VAL D 157 25.21 8.18 41.64
N TYR D 158 24.08 7.69 42.15
CA TYR D 158 24.06 6.57 43.08
C TYR D 158 23.43 5.32 42.47
N SER D 159 23.16 5.32 41.17
CA SER D 159 22.64 4.17 40.45
C SER D 159 21.31 3.69 41.05
N TRP D 160 20.30 4.55 40.98
CA TRP D 160 18.94 4.21 41.41
C TRP D 160 18.06 4.07 40.18
N ASN D 161 17.33 2.96 40.09
CA ASN D 161 16.47 2.67 38.96
C ASN D 161 14.99 2.65 39.30
N HIS D 162 14.60 1.98 40.38
CA HIS D 162 13.21 1.88 40.78
C HIS D 162 12.95 2.83 41.94
N ILE D 163 11.99 3.73 41.76
CA ILE D 163 11.67 4.75 42.75
C ILE D 163 10.14 4.90 42.83
N ILE D 164 9.64 4.99 44.06
CA ILE D 164 8.22 5.27 44.31
C ILE D 164 8.11 6.68 44.87
N LEU D 165 6.96 7.32 44.64
CA LEU D 165 6.75 8.69 45.03
C LEU D 165 5.58 8.79 45.99
N LEU D 166 5.76 9.57 47.06
CA LEU D 166 4.72 9.82 48.06
C LEU D 166 4.56 11.32 48.21
N VAL D 167 3.53 11.89 47.59
CA VAL D 167 3.27 13.32 47.61
C VAL D 167 1.83 13.55 48.07
N SER D 168 1.63 14.59 48.87
CA SER D 168 0.32 14.92 49.39
C SER D 168 -0.55 15.53 48.30
N ASP D 169 -1.85 15.59 48.57
CA ASP D 169 -2.83 16.15 47.62
C ASP D 169 -2.85 17.68 47.71
N ASP D 170 -1.72 18.28 47.34
CA ASP D 170 -1.57 19.72 47.29
C ASP D 170 -1.04 20.12 45.92
N HIS D 171 -1.21 21.40 45.59
CA HIS D 171 -0.72 21.89 44.30
C HIS D 171 0.80 21.76 44.20
N GLU D 172 1.51 22.07 45.29
CA GLU D 172 2.96 21.93 45.28
C GLU D 172 3.36 20.46 45.10
N GLY D 173 2.66 19.55 45.76
CA GLY D 173 2.96 18.13 45.60
C GLY D 173 2.70 17.65 44.19
N ARG D 174 1.59 18.08 43.59
CA ARG D 174 1.29 17.70 42.21
C ARG D 174 2.34 18.26 41.25
N ALA D 175 2.76 19.50 41.46
CA ALA D 175 3.80 20.09 40.62
C ALA D 175 5.12 19.34 40.77
N ALA D 176 5.48 18.96 42.00
CA ALA D 176 6.70 18.18 42.21
C ALA D 176 6.61 16.83 41.53
N GLN D 177 5.44 16.17 41.61
CA GLN D 177 5.27 14.88 40.95
C GLN D 177 5.39 15.01 39.44
N LYS D 178 4.76 16.04 38.86
CA LYS D 178 4.85 16.25 37.43
C LYS D 178 6.28 16.53 36.99
N ARG D 179 7.00 17.36 37.74
CA ARG D 179 8.40 17.65 37.42
C ARG D 179 9.25 16.40 37.51
N LEU D 180 9.03 15.59 38.54
CA LEU D 180 9.79 14.35 38.69
C LEU D 180 9.53 13.40 37.53
N GLU D 181 8.26 13.25 37.14
CA GLU D 181 7.94 12.37 36.02
C GLU D 181 8.57 12.87 34.73
N THR D 182 8.46 14.18 34.47
CA THR D 182 9.03 14.74 33.24
C THR D 182 10.54 14.57 33.20
N LEU D 183 11.22 14.79 34.32
CA LEU D 183 12.67 14.63 34.36
C LEU D 183 13.10 13.17 34.31
N LEU D 184 12.25 12.26 34.81
CA LEU D 184 12.55 10.84 34.75
C LEU D 184 12.25 10.23 33.39
N GLU D 185 11.45 10.91 32.55
CA GLU D 185 11.18 10.41 31.21
C GLU D 185 12.44 10.37 30.34
N GLU D 186 13.50 11.09 30.71
CA GLU D 186 14.73 11.06 29.93
C GLU D 186 15.34 9.67 29.91
N ARG D 187 15.33 8.98 31.05
CA ARG D 187 15.88 7.64 31.14
C ARG D 187 14.88 6.56 30.70
N GLU D 188 13.66 6.96 30.32
CA GLU D 188 12.61 6.04 29.89
C GLU D 188 12.28 5.00 30.97
N SER D 189 12.39 5.40 32.23
CA SER D 189 12.02 4.54 33.34
C SER D 189 10.57 4.80 33.70
N LYS D 190 10.10 4.20 34.81
CA LYS D 190 8.72 4.38 35.24
C LYS D 190 8.64 4.12 36.74
N ALA D 191 7.96 5.02 37.46
CA ALA D 191 7.76 4.84 38.89
C ALA D 191 6.82 3.66 39.15
N GLU D 192 7.08 2.95 40.25
CA GLU D 192 6.27 1.77 40.57
C GLU D 192 4.88 2.17 41.03
N LYS D 193 4.80 2.94 42.12
CA LYS D 193 3.51 3.35 42.68
C LYS D 193 3.60 4.79 43.15
N VAL D 194 2.45 5.48 43.13
CA VAL D 194 2.34 6.85 43.61
C VAL D 194 1.28 6.86 44.71
N LEU D 195 1.64 7.40 45.87
CA LEU D 195 0.75 7.44 47.02
C LEU D 195 0.40 8.89 47.34
N GLN D 196 -0.85 9.13 47.70
CA GLN D 196 -1.35 10.47 47.99
C GLN D 196 -1.72 10.61 49.46
N PHE D 197 -1.39 11.77 50.03
CA PHE D 197 -1.72 12.12 51.40
C PHE D 197 -2.84 13.15 51.40
N ASP D 198 -3.21 13.61 52.61
CA ASP D 198 -4.24 14.62 52.78
C ASP D 198 -3.73 15.71 53.70
N PRO D 199 -4.20 16.95 53.53
CA PRO D 199 -3.77 18.03 54.42
C PRO D 199 -4.40 17.96 55.79
N GLY D 200 -3.97 17.00 56.60
CA GLY D 200 -4.52 16.84 57.94
C GLY D 200 -4.74 15.39 58.34
N THR D 201 -4.45 14.47 57.43
CA THR D 201 -4.64 13.06 57.71
C THR D 201 -3.65 12.59 58.78
N LYS D 202 -4.06 11.58 59.53
CA LYS D 202 -3.25 11.02 60.61
C LYS D 202 -2.99 9.53 60.44
N ASN D 203 -3.96 8.78 59.91
CA ASN D 203 -3.82 7.33 59.75
C ASN D 203 -3.35 7.04 58.33
N VAL D 204 -2.06 6.75 58.21
CA VAL D 204 -1.44 6.43 56.93
C VAL D 204 -0.97 4.98 56.86
N THR D 205 -1.54 4.11 57.70
CA THR D 205 -1.09 2.72 57.75
C THR D 205 -1.36 1.98 56.44
N ALA D 206 -2.49 2.26 55.79
CA ALA D 206 -2.81 1.57 54.55
C ALA D 206 -1.78 1.88 53.46
N LEU D 207 -1.50 3.17 53.25
CA LEU D 207 -0.52 3.55 52.24
C LEU D 207 0.88 3.11 52.63
N LEU D 208 1.20 3.12 53.93
CA LEU D 208 2.51 2.63 54.37
C LEU D 208 2.67 1.14 54.06
N MET D 209 1.64 0.34 54.30
CA MET D 209 1.70 -1.08 53.97
C MET D 209 1.77 -1.29 52.46
N GLU D 210 1.05 -0.46 51.70
CA GLU D 210 1.14 -0.53 50.25
C GLU D 210 2.55 -0.25 49.75
N ALA D 211 3.22 0.75 50.35
CA ALA D 211 4.60 1.03 49.99
C ALA D 211 5.53 -0.11 50.42
N LYS D 212 5.26 -0.71 51.59
CA LYS D 212 6.08 -1.83 52.05
C LYS D 212 5.99 -3.01 51.10
N GLU D 213 4.78 -3.30 50.62
CA GLU D 213 4.58 -4.41 49.68
C GLU D 213 4.98 -4.00 48.26
N LEU D 214 6.22 -3.57 48.08
CA LEU D 214 6.72 -3.17 46.77
C LEU D 214 8.19 -3.57 46.68
N GLU D 215 8.66 -3.71 45.43
CA GLU D 215 10.05 -4.09 45.19
C GLU D 215 11.01 -2.98 45.63
N ALA D 216 10.68 -1.73 45.30
CA ALA D 216 11.55 -0.62 45.67
C ALA D 216 11.48 -0.36 47.18
N ARG D 217 12.60 0.08 47.73
CA ARG D 217 12.71 0.41 49.16
C ARG D 217 13.23 1.82 49.36
N VAL D 218 12.99 2.69 48.38
CA VAL D 218 13.39 4.09 48.45
C VAL D 218 12.13 4.95 48.29
N ILE D 219 11.93 5.88 49.21
CA ILE D 219 10.72 6.69 49.28
C ILE D 219 11.11 8.16 49.25
N ILE D 220 10.40 8.92 48.42
CA ILE D 220 10.58 10.37 48.33
C ILE D 220 9.40 11.03 49.03
N LEU D 221 9.70 11.89 50.00
CA LEU D 221 8.69 12.56 50.80
C LEU D 221 8.65 14.05 50.43
N SER D 222 7.44 14.54 50.14
CA SER D 222 7.25 15.96 49.80
C SER D 222 5.83 16.34 50.23
N ALA D 223 5.73 16.97 51.39
CA ALA D 223 4.44 17.39 51.94
C ALA D 223 4.71 18.46 53.01
N SER D 224 3.67 18.80 53.76
CA SER D 224 3.82 19.76 54.83
C SER D 224 4.62 19.16 55.99
N GLU D 225 5.09 20.04 56.87
CA GLU D 225 5.95 19.61 57.97
C GLU D 225 5.22 18.66 58.91
N ASP D 226 3.97 19.00 59.28
CA ASP D 226 3.22 18.16 60.20
C ASP D 226 2.91 16.80 59.59
N ASP D 227 2.49 16.78 58.32
CA ASP D 227 2.21 15.51 57.66
C ASP D 227 3.47 14.66 57.52
N ALA D 228 4.60 15.30 57.19
CA ALA D 228 5.85 14.57 57.10
C ALA D 228 6.25 13.98 58.45
N ALA D 229 6.10 14.75 59.52
CA ALA D 229 6.41 14.24 60.85
C ALA D 229 5.51 13.07 61.21
N THR D 230 4.21 13.19 60.93
CA THR D 230 3.29 12.10 61.25
C THR D 230 3.61 10.83 60.47
N VAL D 231 3.87 10.96 59.17
CA VAL D 231 4.17 9.77 58.38
C VAL D 231 5.52 9.18 58.78
N TYR D 232 6.49 10.01 59.16
CA TYR D 232 7.76 9.48 59.63
C TYR D 232 7.59 8.74 60.96
N ARG D 233 6.76 9.27 61.86
CA ARG D 233 6.49 8.57 63.11
C ARG D 233 5.80 7.23 62.84
N ALA D 234 4.85 7.20 61.91
CA ALA D 234 4.19 5.95 61.56
C ALA D 234 5.19 4.95 60.97
N ALA D 235 6.07 5.42 60.10
CA ALA D 235 7.09 4.55 59.51
C ALA D 235 8.03 3.99 60.57
N ALA D 236 8.45 4.83 61.51
CA ALA D 236 9.31 4.35 62.60
C ALA D 236 8.58 3.34 63.46
N MET D 237 7.28 3.56 63.72
CA MET D 237 6.51 2.61 64.51
C MET D 237 6.32 1.29 63.78
N LEU D 238 6.25 1.32 62.45
CA LEU D 238 6.01 0.12 61.65
C LEU D 238 7.29 -0.41 60.99
N ASN D 239 8.43 -0.29 61.65
CA ASN D 239 9.69 -0.88 61.23
C ASN D 239 10.12 -0.46 59.83
N MET D 240 9.92 0.81 59.46
CA MET D 240 10.38 1.30 58.18
C MET D 240 11.71 2.06 58.26
N THR D 241 12.30 2.15 59.45
CA THR D 241 13.57 2.84 59.65
C THR D 241 14.74 1.87 59.75
N GLY D 242 14.53 0.62 59.37
CA GLY D 242 15.56 -0.40 59.46
C GLY D 242 16.51 -0.37 58.29
N SER D 243 17.36 -1.40 58.23
CA SER D 243 18.38 -1.48 57.19
C SER D 243 17.74 -1.71 55.83
N GLY D 244 18.37 -1.16 54.79
CA GLY D 244 17.90 -1.35 53.43
C GLY D 244 16.76 -0.45 53.01
N TYR D 245 16.49 0.63 53.74
CA TYR D 245 15.41 1.57 53.43
C TYR D 245 15.98 2.98 53.43
N VAL D 246 16.37 3.45 52.25
CA VAL D 246 16.89 4.81 52.07
C VAL D 246 15.72 5.75 51.88
N TRP D 247 15.73 6.86 52.62
CA TRP D 247 14.67 7.85 52.57
C TRP D 247 15.19 9.15 51.97
N LEU D 248 14.41 9.71 51.05
CA LEU D 248 14.70 11.01 50.43
C LEU D 248 13.71 12.02 50.96
N VAL D 249 14.22 13.05 51.64
CA VAL D 249 13.40 14.02 52.36
C VAL D 249 13.76 15.42 51.89
N GLY D 250 12.75 16.25 51.68
CA GLY D 250 12.95 17.60 51.20
C GLY D 250 13.47 18.53 52.28
N GLU D 251 13.63 19.80 51.90
CA GLU D 251 14.22 20.79 52.79
C GLU D 251 13.29 21.12 53.96
N ARG D 252 12.02 21.36 53.68
CA ARG D 252 11.09 21.80 54.72
C ARG D 252 10.58 20.66 55.59
N GLU D 253 10.90 19.41 55.25
CA GLU D 253 10.44 18.26 56.02
C GLU D 253 11.48 17.73 56.99
N ILE D 254 12.59 18.45 57.18
CA ILE D 254 13.63 18.05 58.13
C ILE D 254 13.70 18.95 59.34
N SER D 255 13.02 20.10 59.33
CA SER D 255 13.04 21.02 60.45
C SER D 255 11.82 20.78 61.35
N GLY D 256 11.65 21.63 62.34
CA GLY D 256 10.53 21.48 63.26
C GLY D 256 10.69 20.24 64.12
N ASN D 257 9.67 19.39 64.13
CA ASN D 257 9.69 18.18 64.94
C ASN D 257 10.42 17.03 64.26
N ALA D 258 10.80 17.19 62.98
CA ALA D 258 11.51 16.11 62.29
C ALA D 258 12.89 15.89 62.90
N LEU D 259 13.62 16.96 63.19
CA LEU D 259 14.95 16.83 63.79
C LEU D 259 14.89 16.29 65.21
N ARG D 260 13.72 16.32 65.84
CA ARG D 260 13.55 15.80 67.19
C ARG D 260 13.05 14.36 67.22
N TYR D 261 12.19 13.97 66.29
CA TYR D 261 11.61 12.64 66.25
C TYR D 261 12.13 11.81 65.07
N ALA D 262 13.28 12.20 64.53
CA ALA D 262 13.85 11.46 63.41
C ALA D 262 15.26 10.99 63.73
N PRO D 263 15.52 9.68 63.72
CA PRO D 263 16.89 9.19 63.95
C PRO D 263 17.79 9.40 62.75
N ASP D 264 19.00 8.86 62.81
CA ASP D 264 19.98 9.03 61.73
C ASP D 264 19.52 8.29 60.48
N GLY D 265 20.29 8.47 59.41
CA GLY D 265 19.99 7.81 58.15
C GLY D 265 19.09 8.58 57.21
N ILE D 266 18.92 9.89 57.42
CA ILE D 266 18.06 10.72 56.59
C ILE D 266 18.93 11.65 55.75
N LEU D 267 18.68 11.66 54.44
CA LEU D 267 19.43 12.51 53.50
C LEU D 267 18.56 13.73 53.19
N GLY D 268 18.76 14.79 53.97
CA GLY D 268 18.04 16.03 53.77
C GLY D 268 18.71 16.94 52.76
N LEU D 269 18.05 18.07 52.51
CA LEU D 269 18.54 19.06 51.57
C LEU D 269 18.43 20.45 52.18
N GLN D 270 19.40 21.31 51.87
CA GLN D 270 19.40 22.69 52.34
C GLN D 270 20.03 23.57 51.27
N LEU D 271 19.50 24.79 51.12
CA LEU D 271 20.02 25.74 50.16
C LEU D 271 21.20 26.50 50.77
N ILE D 272 22.28 26.62 50.00
CA ILE D 272 23.45 27.35 50.48
C ILE D 272 23.20 28.85 50.34
N ASN D 273 23.29 29.57 51.45
CA ASN D 273 23.11 31.02 51.49
C ASN D 273 21.71 31.43 51.00
N GLY D 274 20.76 30.49 51.06
CA GLY D 274 19.41 30.75 50.61
C GLY D 274 18.57 31.54 51.60
N LYS D 275 18.89 31.40 52.88
CA LYS D 275 18.14 32.05 53.94
C LYS D 275 18.70 33.42 54.32
N ASN D 276 19.74 33.88 53.62
CA ASN D 276 20.36 35.18 53.91
C ASN D 276 19.57 36.25 53.16
N GLU D 277 18.59 36.85 53.84
CA GLU D 277 17.77 37.88 53.22
C GLU D 277 18.60 39.08 52.79
N SER D 278 19.54 39.50 53.64
CA SER D 278 20.39 40.63 53.30
C SER D 278 21.25 40.34 52.07
N ALA D 279 21.82 39.14 51.99
CA ALA D 279 22.62 38.76 50.83
C ALA D 279 21.77 38.70 49.56
N HIS D 280 20.56 38.15 49.65
CA HIS D 280 19.68 38.12 48.49
C HIS D 280 19.29 39.53 48.04
N ILE D 281 18.99 40.42 48.99
CA ILE D 281 18.58 41.78 48.63
C ILE D 281 19.75 42.55 48.02
N SER D 282 20.95 42.36 48.57
CA SER D 282 22.12 43.07 48.05
C SER D 282 22.39 42.76 46.58
N ASP D 283 21.90 41.63 46.08
CA ASP D 283 22.01 41.30 44.67
C ASP D 283 20.76 41.69 43.89
N ALA D 284 19.58 41.50 44.49
CA ALA D 284 18.33 41.79 43.79
C ALA D 284 18.20 43.28 43.50
N VAL D 285 18.58 44.14 44.45
CA VAL D 285 18.45 45.57 44.22
C VAL D 285 19.40 46.04 43.12
N GLY D 286 20.62 45.48 43.08
CA GLY D 286 21.52 45.79 41.99
C GLY D 286 21.00 45.32 40.65
N VAL D 287 20.42 44.11 40.63
CA VAL D 287 19.87 43.57 39.39
C VAL D 287 18.76 44.47 38.87
N VAL D 288 17.83 44.87 39.75
CA VAL D 288 16.71 45.69 39.30
C VAL D 288 17.18 47.09 38.93
N ALA D 289 18.18 47.63 39.64
CA ALA D 289 18.71 48.94 39.29
C ALA D 289 19.35 48.93 37.92
N GLN D 290 20.11 47.89 37.60
CA GLN D 290 20.70 47.78 36.27
C GLN D 290 19.63 47.55 35.21
N ALA D 291 18.60 46.75 35.53
CA ALA D 291 17.54 46.48 34.57
C ALA D 291 16.73 47.74 34.25
N VAL D 292 16.58 48.64 35.23
CA VAL D 292 15.87 49.89 34.97
C VAL D 292 16.57 50.69 33.88
N HIS D 293 17.90 50.83 33.99
CA HIS D 293 18.64 51.55 32.96
C HIS D 293 18.71 50.77 31.66
N GLU D 294 18.72 49.43 31.72
CA GLU D 294 18.65 48.64 30.49
C GLU D 294 17.36 48.91 29.74
N LEU D 295 16.24 49.02 30.46
CA LEU D 295 14.98 49.35 29.81
C LEU D 295 14.96 50.80 29.34
N LEU D 296 15.59 51.69 30.11
CA LEU D 296 15.67 53.10 29.69
C LEU D 296 16.44 53.25 28.38
N GLU D 297 17.48 52.44 28.19
CA GLU D 297 18.21 52.45 26.92
C GLU D 297 17.34 52.04 25.75
N LYS D 298 16.21 51.38 26.01
CA LYS D 298 15.27 50.96 24.98
C LYS D 298 14.34 52.13 24.64
N GLU D 299 13.20 51.85 24.01
CA GLU D 299 12.27 52.89 23.59
C GLU D 299 11.49 53.40 24.80
N ASN D 300 10.49 54.24 24.55
CA ASN D 300 9.75 54.91 25.62
C ASN D 300 9.03 53.88 26.50
N ILE D 301 8.82 54.27 27.75
CA ILE D 301 8.19 53.41 28.75
C ILE D 301 6.91 54.08 29.24
N THR D 302 6.12 53.32 29.99
CA THR D 302 4.84 53.79 30.52
C THR D 302 4.96 53.92 32.03
N ASP D 303 4.59 55.10 32.55
CA ASP D 303 4.63 55.41 33.98
C ASP D 303 3.43 54.80 34.69
N PRO D 304 3.60 54.40 35.95
CA PRO D 304 2.47 53.88 36.71
C PRO D 304 1.47 54.98 37.00
N PRO D 305 0.18 54.65 37.16
CA PRO D 305 -0.80 55.68 37.51
C PRO D 305 -0.51 56.28 38.88
N ARG D 306 -0.81 57.58 39.00
CA ARG D 306 -0.57 58.28 40.26
C ARG D 306 -1.52 57.81 41.35
N GLY D 307 -2.82 57.97 41.13
CA GLY D 307 -3.79 57.52 42.11
C GLY D 307 -4.07 56.02 41.96
N CYS D 308 -4.28 55.37 43.11
CA CYS D 308 -4.59 53.95 43.11
C CYS D 308 -5.92 53.64 42.43
N VAL D 309 -6.85 54.58 42.40
CA VAL D 309 -8.08 54.47 41.65
C VAL D 309 -8.19 55.66 40.71
N GLY D 310 -8.43 55.38 39.43
CA GLY D 310 -8.51 56.44 38.44
C GLY D 310 -7.90 56.08 37.10
N ASN D 311 -7.26 54.92 37.02
CA ASN D 311 -6.67 54.47 35.76
C ASN D 311 -6.70 52.95 35.74
N THR D 312 -7.53 52.38 34.87
CA THR D 312 -7.69 50.94 34.75
C THR D 312 -6.93 50.36 33.58
N ASN D 313 -6.01 51.12 32.98
CA ASN D 313 -5.26 50.66 31.82
C ASN D 313 -4.19 49.66 32.26
N ILE D 314 -3.42 49.16 31.30
CA ILE D 314 -2.39 48.17 31.57
C ILE D 314 -1.08 48.64 30.95
N TRP D 315 0.03 48.25 31.55
CA TRP D 315 1.34 48.63 31.05
C TRP D 315 1.64 47.96 29.71
N LYS D 316 2.37 48.67 28.86
CA LYS D 316 2.87 48.12 27.62
C LYS D 316 4.30 47.60 27.74
N THR D 317 5.01 47.96 28.82
CA THR D 317 6.36 47.50 29.06
C THR D 317 6.41 46.25 29.94
N GLY D 318 5.26 45.69 30.28
CA GLY D 318 5.21 44.49 31.09
C GLY D 318 5.95 43.31 30.47
N PRO D 319 5.58 42.93 29.25
CA PRO D 319 6.37 41.90 28.55
C PRO D 319 7.81 42.31 28.32
N LEU D 320 8.08 43.61 28.14
CA LEU D 320 9.45 44.06 27.96
C LEU D 320 10.30 43.79 29.19
N PHE D 321 9.74 43.97 30.39
CA PHE D 321 10.47 43.66 31.61
C PHE D 321 10.87 42.20 31.64
N LYS D 322 9.94 41.30 31.31
CA LYS D 322 10.25 39.87 31.29
C LYS D 322 11.31 39.56 30.24
N ARG D 323 11.20 40.19 29.06
CA ARG D 323 12.16 39.93 28.00
C ARG D 323 13.57 40.37 28.39
N VAL D 324 13.69 41.51 29.07
CA VAL D 324 15.02 42.03 29.40
C VAL D 324 15.53 41.39 30.68
N LEU D 325 14.66 40.73 31.43
CA LEU D 325 15.10 40.08 32.66
C LEU D 325 15.43 38.60 32.48
N MET D 326 14.76 37.89 31.57
CA MET D 326 15.05 36.48 31.38
C MET D 326 16.46 36.27 30.85
N SER D 327 16.89 37.10 29.90
CA SER D 327 18.21 36.99 29.30
C SER D 327 19.30 37.71 30.10
N SER D 328 18.93 38.41 31.17
CA SER D 328 19.91 39.13 31.96
C SER D 328 20.77 38.17 32.78
N LYS D 329 22.06 38.50 32.90
CA LYS D 329 23.00 37.70 33.65
C LYS D 329 23.83 38.62 34.54
N TYR D 330 23.98 38.26 35.80
CA TYR D 330 24.71 39.07 36.78
C TYR D 330 25.66 38.16 37.56
N ALA D 331 26.96 38.32 37.31
CA ALA D 331 27.98 37.54 38.01
C ALA D 331 28.52 38.24 39.24
N ASP D 332 28.02 39.43 39.56
CA ASP D 332 28.49 40.20 40.72
C ASP D 332 27.76 39.84 42.01
N GLY D 333 26.81 38.91 41.95
CA GLY D 333 26.06 38.54 43.14
C GLY D 333 26.88 37.74 44.14
N VAL D 334 26.37 37.70 45.38
CA VAL D 334 27.02 36.94 46.43
C VAL D 334 27.02 35.45 46.10
N THR D 335 25.88 34.94 45.61
CA THR D 335 25.74 33.53 45.28
C THR D 335 26.20 33.21 43.86
N GLY D 336 27.04 34.07 43.27
CA GLY D 336 27.51 33.85 41.91
C GLY D 336 26.55 34.36 40.87
N ARG D 337 26.46 33.67 39.73
CA ARG D 337 25.57 34.08 38.67
C ARG D 337 24.11 33.92 39.10
N VAL D 338 23.29 34.88 38.70
CA VAL D 338 21.86 34.89 39.01
C VAL D 338 21.12 34.80 37.68
N GLU D 339 20.67 33.59 37.33
CA GLU D 339 19.97 33.36 36.08
C GLU D 339 18.52 32.96 36.36
N PHE D 340 17.64 33.37 35.46
CA PHE D 340 16.22 33.09 35.57
C PHE D 340 15.80 32.06 34.52
N ASN D 341 15.04 31.06 34.96
CA ASN D 341 14.58 30.00 34.08
C ASN D 341 13.37 30.48 33.28
N GLU D 342 12.72 29.54 32.59
CA GLU D 342 11.54 29.87 31.80
C GLU D 342 10.39 30.37 32.68
N ASP D 343 10.32 29.93 33.93
CA ASP D 343 9.30 30.38 34.86
C ASP D 343 9.71 31.65 35.61
N GLY D 344 10.90 32.18 35.36
CA GLY D 344 11.37 33.38 36.02
C GLY D 344 11.96 33.17 37.40
N ASP D 345 12.14 31.92 37.82
CA ASP D 345 12.69 31.62 39.14
C ASP D 345 14.19 31.37 39.05
N ARG D 346 14.79 31.09 40.21
CA ARG D 346 16.23 30.90 40.28
C ARG D 346 16.65 29.65 39.51
N LYS D 347 17.75 29.78 38.76
CA LYS D 347 18.32 28.68 38.01
C LYS D 347 19.70 28.35 38.57
N PHE D 348 19.99 27.06 38.68
CA PHE D 348 21.28 26.56 39.17
C PHE D 348 21.54 27.08 40.60
N ALA D 349 20.58 26.81 41.48
CA ALA D 349 20.68 27.22 42.87
C ALA D 349 21.63 26.31 43.63
N ASN D 350 22.35 26.88 44.58
CA ASN D 350 23.33 26.13 45.36
C ASN D 350 22.62 25.29 46.42
N TYR D 351 22.54 23.98 46.18
CA TYR D 351 21.96 23.03 47.12
C TYR D 351 23.05 22.35 47.91
N SER D 352 22.68 21.90 49.11
CA SER D 352 23.59 21.19 50.01
C SER D 352 22.88 19.96 50.56
N ILE D 353 23.35 18.77 50.20
CA ILE D 353 22.74 17.55 50.69
C ILE D 353 23.10 17.36 52.16
N MET D 354 22.09 17.17 53.00
CA MET D 354 22.27 17.02 54.43
C MET D 354 22.25 15.55 54.83
N ASN D 355 22.85 15.27 55.99
CA ASN D 355 22.86 13.94 56.56
C ASN D 355 22.86 14.07 58.07
N LEU D 356 22.05 13.25 58.72
CA LEU D 356 21.88 13.30 60.17
C LEU D 356 22.75 12.25 60.82
N GLN D 357 23.66 12.69 61.70
CA GLN D 357 24.56 11.80 62.41
C GLN D 357 24.50 12.16 63.89
N ASN D 358 23.97 11.23 64.71
CA ASN D 358 23.78 11.45 66.14
C ASN D 358 22.97 12.71 66.40
N ARG D 359 21.87 12.84 65.65
CA ARG D 359 20.97 14.00 65.72
C ARG D 359 21.66 15.31 65.39
N LYS D 360 22.72 15.25 64.58
CA LYS D 360 23.44 16.43 64.14
C LYS D 360 23.51 16.43 62.62
N LEU D 361 23.20 17.57 62.00
CA LEU D 361 23.23 17.68 60.55
C LEU D 361 24.67 17.84 60.08
N VAL D 362 25.09 17.00 59.14
CA VAL D 362 26.44 17.01 58.60
C VAL D 362 26.36 17.24 57.10
N GLN D 363 27.12 18.22 56.61
CA GLN D 363 27.15 18.48 55.17
C GLN D 363 27.92 17.39 54.45
N VAL D 364 27.31 16.84 53.40
CA VAL D 364 27.92 15.76 52.63
C VAL D 364 28.04 16.15 51.16
N GLY D 365 26.91 16.42 50.52
CA GLY D 365 26.88 16.73 49.11
C GLY D 365 26.69 18.22 48.87
N ILE D 366 27.42 18.73 47.88
CA ILE D 366 27.33 20.13 47.47
C ILE D 366 26.83 20.16 46.04
N TYR D 367 25.72 20.85 45.81
CA TYR D 367 25.08 20.91 44.49
C TYR D 367 24.93 22.38 44.10
N ASN D 368 25.89 22.88 43.32
CA ASN D 368 25.78 24.25 42.82
C ASN D 368 24.91 24.28 41.56
N GLY D 369 25.30 23.54 40.52
CA GLY D 369 24.46 23.37 39.36
C GLY D 369 24.75 22.08 38.63
N THR D 370 23.71 21.25 38.44
CA THR D 370 23.78 19.99 37.70
C THR D 370 24.97 19.12 38.10
N HIS D 371 25.49 19.30 39.30
CA HIS D 371 26.67 18.55 39.77
C HIS D 371 26.60 18.41 41.27
N VAL D 372 26.85 17.19 41.76
CA VAL D 372 26.87 16.90 43.19
C VAL D 372 28.31 16.63 43.60
N ILE D 373 28.75 17.26 44.69
CA ILE D 373 30.11 17.10 45.17
C ILE D 373 30.10 16.42 46.54
N PRO D 374 30.40 15.13 46.62
CA PRO D 374 30.46 14.47 47.92
C PRO D 374 31.67 14.95 48.72
N ASN D 375 31.56 14.82 50.03
CA ASN D 375 32.61 15.24 50.96
C ASN D 375 33.27 14.01 51.57
N ASP D 376 34.31 14.25 52.36
CA ASP D 376 35.07 13.16 52.95
C ASP D 376 34.28 12.40 54.01
N ARG D 377 33.22 12.99 54.55
CA ARG D 377 32.42 12.29 55.56
C ARG D 377 31.69 11.11 54.93
N LYS D 378 31.65 10.00 55.65
CA LYS D 378 30.98 8.80 55.16
C LYS D 378 29.48 9.00 55.18
N ILE D 379 28.80 8.48 54.15
CA ILE D 379 27.35 8.58 54.04
C ILE D 379 26.74 7.40 54.78
N ILE D 380 26.23 7.64 55.98
CA ILE D 380 25.62 6.58 56.77
C ILE D 380 24.22 6.28 56.23
N TRP D 381 23.69 5.13 56.63
CA TRP D 381 22.39 4.65 56.19
C TRP D 381 21.61 4.13 57.40
N PRO D 382 20.29 4.08 57.31
CA PRO D 382 19.49 3.53 58.41
C PRO D 382 19.88 2.08 58.70
N GLY D 383 19.84 1.73 59.97
CA GLY D 383 20.26 0.40 60.40
C GLY D 383 21.76 0.24 60.59
N GLY D 384 22.51 1.33 60.63
CA GLY D 384 23.95 1.25 60.81
C GLY D 384 24.70 0.62 59.65
N GLU D 385 24.30 0.95 58.42
CA GLU D 385 24.97 0.42 57.24
C GLU D 385 26.00 1.42 56.71
N THR D 386 27.20 0.92 56.41
CA THR D 386 28.27 1.74 55.86
C THR D 386 28.40 1.57 54.35
N GLU D 387 27.46 0.86 53.71
CA GLU D 387 27.48 0.64 52.28
C GLU D 387 26.12 1.02 51.69
N LYS D 388 26.12 1.37 50.41
CA LYS D 388 24.89 1.80 49.75
C LYS D 388 23.99 0.60 49.51
N PRO D 389 22.76 0.60 50.02
CA PRO D 389 21.84 -0.52 49.76
C PRO D 389 21.15 -0.38 48.41
N ARG D 390 20.25 -1.31 48.10
CA ARG D 390 19.51 -1.25 46.85
C ARG D 390 18.19 -2.01 47.04
N GLY D 391 17.20 -1.64 46.23
CA GLY D 391 15.91 -2.30 46.27
C GLY D 391 15.62 -3.08 45.00
N TYR D 392 16.62 -3.77 44.47
CA TYR D 392 16.50 -4.50 43.23
C TYR D 392 16.08 -5.96 43.44
N GLN D 393 15.82 -6.37 44.67
CA GLN D 393 15.41 -7.74 44.93
C GLN D 393 13.91 -7.91 44.74
N MET D 394 13.53 -9.01 44.11
CA MET D 394 12.13 -9.32 43.86
C MET D 394 11.46 -10.05 45.02
N SER D 395 12.24 -10.54 46.00
CA SER D 395 11.79 -11.24 47.19
C SER D 395 11.09 -12.57 46.89
N THR D 396 11.03 -12.99 45.62
CA THR D 396 10.40 -14.24 45.23
C THR D 396 8.97 -14.35 45.77
N ARG D 397 8.22 -13.25 45.63
CA ARG D 397 6.84 -13.16 46.12
C ARG D 397 5.91 -12.72 45.00
N LEU D 398 6.04 -13.37 43.84
CA LEU D 398 5.24 -13.02 42.68
C LEU D 398 3.89 -13.71 42.76
N LYS D 399 2.82 -12.93 42.95
CA LYS D 399 1.48 -13.49 42.97
C LYS D 399 1.05 -13.89 41.57
N ILE D 400 0.41 -15.05 41.46
CA ILE D 400 0.03 -15.63 40.17
C ILE D 400 -1.46 -15.91 40.17
N VAL D 401 -2.13 -15.53 39.09
CA VAL D 401 -3.56 -15.73 38.93
C VAL D 401 -3.80 -16.64 37.72
N THR D 402 -4.74 -17.58 37.89
CA THR D 402 -5.05 -18.54 36.83
C THR D 402 -6.56 -18.59 36.64
N ILE D 403 -6.97 -18.92 35.41
CA ILE D 403 -8.38 -19.01 35.05
C ILE D 403 -8.74 -20.47 34.88
N HIS D 404 -9.99 -20.79 35.23
CA HIS D 404 -10.49 -22.16 35.14
C HIS D 404 -10.74 -22.51 33.68
N GLN D 405 -9.78 -23.16 33.04
CA GLN D 405 -9.91 -23.62 31.66
C GLN D 405 -9.77 -25.13 31.67
N GLU D 406 -10.87 -25.83 31.35
CA GLU D 406 -10.91 -27.29 31.49
C GLU D 406 -9.79 -28.01 30.74
N PRO D 407 -9.49 -27.71 29.47
CA PRO D 407 -8.41 -28.44 28.80
C PRO D 407 -7.03 -28.20 29.41
N PHE D 408 -6.84 -27.12 30.18
CA PHE D 408 -5.54 -26.78 30.73
C PHE D 408 -5.51 -26.72 32.24
N VAL D 409 -6.59 -26.28 32.89
CA VAL D 409 -6.64 -26.12 34.33
C VAL D 409 -7.79 -26.97 34.85
N TYR D 410 -7.48 -27.88 35.78
CA TYR D 410 -8.51 -28.74 36.39
C TYR D 410 -8.75 -28.26 37.82
N VAL D 411 -9.69 -27.33 37.97
CA VAL D 411 -10.03 -26.80 39.29
C VAL D 411 -11.04 -27.71 39.94
N LYS D 412 -10.67 -28.29 41.08
CA LYS D 412 -11.52 -29.19 41.84
C LYS D 412 -11.47 -28.81 43.31
N PRO D 413 -12.57 -29.00 44.03
CA PRO D 413 -12.55 -28.67 45.47
C PRO D 413 -11.68 -29.62 46.26
N THR D 414 -11.15 -29.12 47.37
CA THR D 414 -10.31 -29.93 48.25
C THR D 414 -11.16 -30.83 49.13
N LEU D 415 -10.50 -31.66 49.92
CA LEU D 415 -11.18 -32.58 50.83
C LEU D 415 -11.43 -31.88 52.17
N SER D 416 -11.86 -32.65 53.16
CA SER D 416 -12.16 -32.06 54.48
C SER D 416 -10.89 -31.67 55.23
N ASP D 417 -9.73 -32.18 54.84
CA ASP D 417 -8.47 -31.87 55.50
C ASP D 417 -7.80 -30.63 54.93
N GLY D 418 -8.36 -30.02 53.88
CA GLY D 418 -7.79 -28.86 53.25
C GLY D 418 -6.94 -29.16 52.03
N THR D 419 -6.55 -30.40 51.83
CA THR D 419 -5.75 -30.81 50.69
C THR D 419 -6.54 -31.79 49.83
N CYS D 420 -6.11 -31.92 48.57
CA CYS D 420 -6.77 -32.80 47.63
C CYS D 420 -6.08 -34.15 47.55
N LYS D 421 -6.83 -35.16 47.10
CA LYS D 421 -6.30 -36.50 47.00
C LYS D 421 -5.25 -36.58 45.89
N GLU D 422 -4.31 -37.50 46.06
CA GLU D 422 -3.21 -37.69 45.13
C GLU D 422 -3.54 -38.84 44.19
N GLU D 423 -3.54 -38.55 42.89
CA GLU D 423 -3.80 -39.54 41.86
C GLU D 423 -2.52 -39.86 41.11
N PHE D 424 -2.61 -40.78 40.15
CA PHE D 424 -1.48 -41.19 39.34
C PHE D 424 -1.90 -41.23 37.88
N THR D 425 -0.93 -41.03 36.99
CA THR D 425 -1.18 -41.02 35.56
C THR D 425 -1.13 -42.46 35.02
N VAL D 426 -1.14 -42.60 33.70
CA VAL D 426 -1.07 -43.92 33.09
C VAL D 426 0.28 -44.58 33.34
N ASN D 427 1.33 -43.77 33.47
CA ASN D 427 2.67 -44.28 33.71
C ASN D 427 2.98 -44.46 35.19
N GLY D 428 2.02 -44.17 36.07
CA GLY D 428 2.23 -44.31 37.50
C GLY D 428 2.87 -43.13 38.19
N ASP D 429 3.26 -42.10 37.45
CA ASP D 429 3.86 -40.93 38.07
C ASP D 429 2.80 -40.14 38.83
N PRO D 430 3.14 -39.60 40.00
CA PRO D 430 2.16 -38.81 40.75
C PRO D 430 1.78 -37.54 40.00
N VAL D 431 0.53 -37.12 40.20
CA VAL D 431 0.00 -35.93 39.56
C VAL D 431 0.35 -34.72 40.43
N LYS D 432 1.07 -33.77 39.85
CA LYS D 432 1.45 -32.58 40.61
C LYS D 432 0.25 -31.67 40.81
N LYS D 433 0.04 -31.23 42.04
CA LYS D 433 -1.06 -30.35 42.38
C LYS D 433 -0.56 -29.22 43.27
N VAL D 434 -1.19 -28.05 43.12
CA VAL D 434 -0.86 -26.86 43.90
C VAL D 434 -2.15 -26.36 44.54
N ILE D 435 -2.06 -25.95 45.81
CA ILE D 435 -3.22 -25.43 46.52
C ILE D 435 -3.73 -24.20 45.80
N CYS D 436 -5.01 -24.21 45.42
CA CYS D 436 -5.62 -23.16 44.62
C CYS D 436 -6.44 -22.25 45.52
N THR D 437 -6.28 -20.94 45.37
CA THR D 437 -7.02 -19.95 46.12
C THR D 437 -7.87 -19.11 45.16
N GLY D 438 -9.15 -18.95 45.49
CA GLY D 438 -10.04 -18.17 44.65
C GLY D 438 -11.47 -18.18 45.16
N PRO D 439 -12.35 -17.48 44.45
CA PRO D 439 -13.75 -17.45 44.85
C PRO D 439 -14.42 -18.81 44.73
N ASN D 440 -15.37 -19.06 45.64
CA ASN D 440 -16.10 -20.33 45.62
C ASN D 440 -17.04 -20.42 44.44
N ASP D 441 -17.70 -19.31 44.09
CA ASP D 441 -18.65 -19.26 42.99
C ASP D 441 -18.10 -18.36 41.89
N THR D 442 -18.01 -18.90 40.67
CA THR D 442 -17.50 -18.11 39.56
C THR D 442 -18.51 -17.06 39.09
N SER D 443 -19.80 -17.40 39.13
CA SER D 443 -20.82 -16.49 38.65
C SER D 443 -20.92 -15.28 39.58
N PRO D 444 -21.24 -14.10 39.04
CA PRO D 444 -21.38 -12.90 39.89
C PRO D 444 -22.67 -12.91 40.69
N GLY D 445 -22.83 -11.94 41.59
CA GLY D 445 -24.01 -11.88 42.43
C GLY D 445 -24.14 -13.03 43.39
N SER D 446 -23.04 -13.47 43.96
CA SER D 446 -23.00 -14.59 44.90
C SER D 446 -22.11 -14.22 46.07
N PRO D 447 -22.36 -14.80 47.25
CA PRO D 447 -21.47 -14.53 48.38
C PRO D 447 -20.09 -15.13 48.18
N ARG D 448 -19.24 -14.42 47.44
CA ARG D 448 -17.91 -14.90 47.11
C ARG D 448 -17.09 -15.13 48.37
N HIS D 449 -16.42 -16.28 48.45
CA HIS D 449 -15.54 -16.62 49.55
C HIS D 449 -14.25 -17.18 49.00
N THR D 450 -13.12 -16.77 49.57
CA THR D 450 -11.80 -17.22 49.12
C THR D 450 -11.46 -18.55 49.77
N VAL D 451 -12.27 -19.56 49.43
CA VAL D 451 -12.06 -20.92 49.92
C VAL D 451 -10.88 -21.53 49.19
N PRO D 452 -10.14 -22.45 49.81
CA PRO D 452 -8.99 -23.08 49.13
C PRO D 452 -9.45 -24.17 48.18
N GLN D 453 -9.24 -23.95 46.89
CA GLN D 453 -9.52 -24.94 45.87
C GLN D 453 -8.26 -25.77 45.61
N CYS D 454 -8.29 -26.57 44.54
CA CYS D 454 -7.15 -27.40 44.16
C CYS D 454 -7.15 -27.53 42.64
N CYS D 455 -6.24 -26.82 41.99
CA CYS D 455 -6.13 -26.78 40.54
C CYS D 455 -4.84 -27.45 40.08
N TYR D 456 -4.91 -28.12 38.94
CA TYR D 456 -3.75 -28.77 38.35
C TYR D 456 -3.94 -28.84 36.84
N GLY D 457 -2.84 -29.00 36.13
CA GLY D 457 -2.89 -29.13 34.69
C GLY D 457 -1.52 -28.89 34.07
N PHE D 458 -1.52 -28.79 32.74
CA PHE D 458 -0.28 -28.61 31.98
C PHE D 458 0.39 -27.29 32.31
N CYS D 459 -0.38 -26.20 32.36
CA CYS D 459 0.19 -24.90 32.69
C CYS D 459 0.75 -24.89 34.11
N ILE D 460 0.06 -25.53 35.05
CA ILE D 460 0.55 -25.57 36.43
C ILE D 460 1.81 -26.41 36.52
N ASP D 461 1.88 -27.51 35.75
CA ASP D 461 3.11 -28.29 35.71
C ASP D 461 4.27 -27.48 35.15
N LEU D 462 4.00 -26.69 34.10
CA LEU D 462 5.03 -25.81 33.55
C LEU D 462 5.47 -24.77 34.58
N LEU D 463 4.51 -24.24 35.35
CA LEU D 463 4.84 -23.30 36.41
C LEU D 463 5.69 -23.95 37.49
N ILE D 464 5.40 -25.20 37.83
CA ILE D 464 6.21 -25.92 38.80
C ILE D 464 7.62 -26.10 38.29
N LYS D 465 7.76 -26.46 37.01
CA LYS D 465 9.10 -26.59 36.42
C LYS D 465 9.86 -25.26 36.46
N LEU D 466 9.17 -24.17 36.13
CA LEU D 466 9.80 -22.85 36.17
C LEU D 466 10.23 -22.50 37.59
N ALA D 467 9.38 -22.79 38.58
CA ALA D 467 9.73 -22.50 39.97
C ALA D 467 10.93 -23.32 40.42
N ARG D 468 10.97 -24.59 40.04
CA ARG D 468 12.12 -25.43 40.41
C ARG D 468 13.40 -24.96 39.75
N THR D 469 13.34 -24.52 38.50
CA THR D 469 14.53 -24.15 37.76
C THR D 469 14.88 -22.67 37.86
N MET D 470 14.08 -21.86 38.58
CA MET D 470 14.34 -20.43 38.61
C MET D 470 14.20 -19.81 40.00
N ASN D 471 14.17 -20.62 41.06
CA ASN D 471 14.10 -20.14 42.44
C ASN D 471 12.86 -19.27 42.66
N PHE D 472 11.70 -19.90 42.52
CA PHE D 472 10.43 -19.22 42.69
C PHE D 472 9.58 -19.89 43.76
N THR D 473 8.90 -19.06 44.54
CA THR D 473 7.93 -19.51 45.54
C THR D 473 6.65 -18.71 45.32
N TYR D 474 5.58 -19.38 44.91
CA TYR D 474 4.38 -18.72 44.42
C TYR D 474 3.14 -19.23 45.15
N GLU D 475 2.10 -18.40 45.12
CA GLU D 475 0.76 -18.78 45.57
C GLU D 475 -0.21 -18.44 44.45
N VAL D 476 -0.83 -19.47 43.87
CA VAL D 476 -1.69 -19.29 42.70
C VAL D 476 -3.04 -18.74 43.15
N HIS D 477 -3.60 -17.84 42.35
CA HIS D 477 -4.91 -17.24 42.60
C HIS D 477 -5.86 -17.60 41.47
N LEU D 478 -7.09 -17.09 41.56
CA LEU D 478 -8.11 -17.32 40.55
C LEU D 478 -8.71 -15.99 40.12
N VAL D 479 -9.16 -15.94 38.86
CA VAL D 479 -9.73 -14.71 38.32
C VAL D 479 -11.12 -14.50 38.90
N ALA D 480 -11.35 -13.30 39.46
CA ALA D 480 -12.68 -12.99 40.00
C ALA D 480 -13.68 -12.72 38.89
N ASP D 481 -13.27 -12.01 37.84
CA ASP D 481 -14.15 -11.69 36.72
C ASP D 481 -14.49 -12.93 35.89
N GLY D 482 -13.51 -13.80 35.67
CA GLY D 482 -13.72 -15.00 34.88
C GLY D 482 -13.47 -14.83 33.39
N LYS D 483 -12.80 -13.77 32.96
CA LYS D 483 -12.53 -13.52 31.56
C LYS D 483 -11.05 -13.25 31.36
N PHE D 484 -10.61 -13.44 30.10
CA PHE D 484 -9.20 -13.17 29.78
C PHE D 484 -8.86 -11.71 29.98
N GLY D 485 -9.76 -10.81 29.59
CA GLY D 485 -9.55 -9.39 29.79
C GLY D 485 -9.51 -8.60 28.50
N THR D 486 -10.46 -7.68 28.34
CA THR D 486 -10.55 -6.82 27.17
C THR D 486 -10.89 -5.41 27.65
N GLN D 487 -11.36 -4.59 26.72
CA GLN D 487 -11.79 -3.23 27.03
C GLN D 487 -13.27 -3.23 27.37
N GLU D 488 -13.59 -2.83 28.60
CA GLU D 488 -14.96 -2.69 29.06
C GLU D 488 -15.33 -1.21 29.12
N ARG D 489 -16.61 -0.94 29.25
CA ARG D 489 -17.12 0.42 29.28
C ARG D 489 -17.62 0.75 30.68
N VAL D 490 -17.04 1.78 31.29
CA VAL D 490 -17.41 2.22 32.63
C VAL D 490 -17.60 3.74 32.59
N ASN D 491 -17.94 4.34 33.73
CA ASN D 491 -18.12 5.79 33.79
C ASN D 491 -16.85 6.48 33.32
N ASN D 492 -17.03 7.52 32.51
CA ASN D 492 -15.96 8.07 31.68
C ASN D 492 -15.39 6.97 30.77
N SER D 493 -16.22 6.59 29.80
CA SER D 493 -15.91 5.49 28.90
C SER D 493 -14.72 5.78 28.01
N ASN D 494 -14.29 7.04 27.94
CA ASN D 494 -13.17 7.43 27.10
C ASN D 494 -11.83 6.99 27.68
N LYS D 495 -11.82 6.25 28.77
CA LYS D 495 -10.60 5.78 29.41
C LYS D 495 -10.47 4.28 29.19
N LYS D 496 -9.30 3.84 28.73
CA LYS D 496 -9.04 2.42 28.47
C LYS D 496 -8.64 1.77 29.79
N GLU D 497 -9.58 1.04 30.39
CA GLU D 497 -9.34 0.31 31.63
C GLU D 497 -9.42 -1.18 31.34
N TRP D 498 -8.47 -1.93 31.89
CA TRP D 498 -8.42 -3.37 31.67
C TRP D 498 -9.10 -4.11 32.82
N ASN D 499 -9.75 -5.22 32.47
CA ASN D 499 -10.39 -6.11 33.45
C ASN D 499 -9.66 -7.44 33.45
N GLY D 500 -10.18 -8.37 34.26
CA GLY D 500 -9.67 -9.72 34.26
C GLY D 500 -8.19 -9.80 34.60
N MET D 501 -7.51 -10.72 33.90
CA MET D 501 -6.09 -10.96 34.16
C MET D 501 -5.25 -9.73 33.84
N MET D 502 -5.54 -9.08 32.71
CA MET D 502 -4.75 -7.90 32.32
C MET D 502 -4.91 -6.79 33.34
N GLY D 503 -6.14 -6.55 33.80
CA GLY D 503 -6.36 -5.53 34.80
C GLY D 503 -5.70 -5.86 36.13
N GLU D 504 -5.76 -7.13 36.54
CA GLU D 504 -5.10 -7.54 37.77
C GLU D 504 -3.58 -7.37 37.66
N LEU D 505 -3.00 -7.71 36.52
CA LEU D 505 -1.56 -7.54 36.32
C LEU D 505 -1.17 -6.07 36.35
N LEU D 506 -1.96 -5.23 35.69
CA LEU D 506 -1.64 -3.80 35.66
C LEU D 506 -1.89 -3.11 36.99
N SER D 507 -2.78 -3.66 37.82
CA SER D 507 -3.07 -3.07 39.13
C SER D 507 -2.12 -3.53 40.21
N GLY D 508 -1.18 -4.43 39.90
CA GLY D 508 -0.25 -4.94 40.88
C GLY D 508 -0.72 -6.11 41.69
N GLN D 509 -1.95 -6.59 41.45
CA GLN D 509 -2.44 -7.75 42.20
C GLN D 509 -1.64 -9.00 41.89
N ALA D 510 -1.25 -9.17 40.63
CA ALA D 510 -0.46 -10.32 40.21
C ALA D 510 0.78 -9.85 39.46
N ASP D 511 1.82 -10.69 39.48
CA ASP D 511 3.07 -10.39 38.80
C ASP D 511 3.41 -11.34 37.67
N MET D 512 2.80 -12.52 37.62
CA MET D 512 3.03 -13.47 36.54
C MET D 512 1.74 -14.24 36.30
N ILE D 513 1.43 -14.46 35.02
CA ILE D 513 0.19 -15.11 34.62
C ILE D 513 0.56 -16.30 33.74
N VAL D 514 0.48 -17.51 34.29
CA VAL D 514 0.72 -18.72 33.52
C VAL D 514 -0.61 -19.40 33.23
N ALA D 515 -1.21 -19.00 32.11
CA ALA D 515 -2.49 -19.54 31.68
C ALA D 515 -2.59 -19.45 30.16
N PRO D 516 -3.58 -20.12 29.57
CA PRO D 516 -3.76 -20.09 28.12
C PRO D 516 -4.24 -18.82 27.44
N LEU D 517 -3.55 -17.71 27.68
CA LEU D 517 -3.92 -16.44 27.08
C LEU D 517 -3.37 -16.13 25.69
N THR D 518 -4.27 -15.84 24.75
CA THR D 518 -3.89 -15.53 23.37
C THR D 518 -3.05 -14.27 23.29
N ILE D 519 -2.15 -14.22 22.31
CA ILE D 519 -1.29 -13.06 22.16
C ILE D 519 -1.81 -12.20 21.02
N ASN D 520 -2.19 -10.95 21.34
CA ASN D 520 -2.67 -9.99 20.38
C ASN D 520 -1.86 -8.71 20.49
N ASN D 521 -1.83 -7.94 19.40
CA ASN D 521 -1.10 -6.68 19.41
C ASN D 521 -1.68 -5.71 20.42
N GLU D 522 -3.01 -5.65 20.51
CA GLU D 522 -3.65 -4.72 21.44
C GLU D 522 -3.28 -5.05 22.88
N ARG D 523 -3.26 -6.34 23.23
CA ARG D 523 -2.81 -6.74 24.56
C ARG D 523 -1.33 -6.46 24.76
N ALA D 524 -0.53 -6.70 23.73
CA ALA D 524 0.91 -6.51 23.82
C ALA D 524 1.33 -5.05 23.84
N GLN D 525 0.42 -4.12 23.54
CA GLN D 525 0.76 -2.70 23.61
C GLN D 525 1.13 -2.28 25.02
N TYR D 526 0.40 -2.77 26.02
CA TYR D 526 0.63 -2.40 27.41
C TYR D 526 1.23 -3.51 28.26
N ILE D 527 1.07 -4.77 27.86
CA ILE D 527 1.54 -5.90 28.65
C ILE D 527 2.54 -6.69 27.82
N GLU D 528 3.74 -6.89 28.35
CA GLU D 528 4.75 -7.67 27.66
C GLU D 528 4.41 -9.16 27.73
N PHE D 529 4.67 -9.86 26.62
CA PHE D 529 4.42 -11.28 26.51
C PHE D 529 5.73 -12.03 26.29
N SER D 530 5.78 -13.25 26.82
CA SER D 530 6.96 -14.10 26.69
C SER D 530 6.82 -14.98 25.45
N LYS D 531 7.75 -15.91 25.30
CA LYS D 531 7.73 -16.82 24.16
C LYS D 531 6.52 -17.75 24.27
N PRO D 532 5.80 -17.99 23.18
CA PRO D 532 4.62 -18.86 23.25
C PRO D 532 4.98 -20.29 23.60
N PHE D 533 4.05 -20.94 24.30
CA PHE D 533 4.23 -22.35 24.67
C PHE D 533 3.98 -23.26 23.47
N LYS D 534 2.77 -23.21 22.92
CA LYS D 534 2.39 -24.05 21.80
C LYS D 534 1.40 -23.29 20.93
N TYR D 535 1.57 -23.39 19.62
CA TYR D 535 0.79 -22.63 18.66
C TYR D 535 -0.41 -23.45 18.20
N GLN D 536 -1.61 -22.99 18.53
CA GLN D 536 -2.86 -23.63 18.12
C GLN D 536 -3.82 -22.55 17.66
N GLY D 537 -4.07 -22.50 16.35
CA GLY D 537 -5.03 -21.58 15.78
C GLY D 537 -6.41 -22.18 15.72
N LEU D 538 -7.41 -21.32 15.56
CA LEU D 538 -8.79 -21.77 15.54
C LEU D 538 -9.05 -22.66 14.32
N THR D 539 -9.87 -23.70 14.52
CA THR D 539 -10.19 -24.64 13.45
C THR D 539 -11.70 -24.77 13.31
N ILE D 540 -12.14 -25.75 12.51
CA ILE D 540 -13.55 -26.00 12.27
C ILE D 540 -13.92 -27.32 12.95
N LEU D 541 -14.97 -27.29 13.76
CA LEU D 541 -15.45 -28.47 14.47
C LEU D 541 -16.76 -28.94 13.84
N VAL D 542 -16.78 -30.19 13.41
CA VAL D 542 -17.96 -30.80 12.80
C VAL D 542 -18.19 -32.16 13.46
N LYS D 543 -19.40 -32.68 13.28
CA LYS D 543 -19.78 -33.98 13.83
C LYS D 543 -19.51 -35.06 12.80
N LYS D 544 -18.79 -36.10 13.21
CA LYS D 544 -18.50 -37.25 12.34
C LYS D 544 -19.38 -38.42 12.77
N GLU D 545 -20.13 -38.97 11.82
CA GLU D 545 -21.04 -40.06 12.07
C GLU D 545 -20.60 -41.30 11.31
N ILE D 546 -20.95 -42.47 11.85
CA ILE D 546 -20.54 -43.73 11.22
C ILE D 546 -21.14 -43.81 9.83
N PRO D 547 -20.34 -44.10 8.79
CA PRO D 547 -20.89 -44.13 7.43
C PRO D 547 -21.99 -45.17 7.28
N ARG D 548 -23.00 -44.83 6.49
CA ARG D 548 -24.13 -45.71 6.23
C ARG D 548 -24.70 -45.39 4.87
N SER D 549 -25.23 -46.41 4.19
CA SER D 549 -25.80 -46.20 2.86
C SER D 549 -27.04 -45.32 2.93
N THR D 550 -27.15 -44.39 1.98
CA THR D 550 -28.28 -43.49 1.90
C THR D 550 -29.31 -43.92 0.86
N LEU D 551 -29.18 -45.13 0.32
CA LEU D 551 -30.05 -45.63 -0.73
C LEU D 551 -31.26 -46.41 -0.19
N ASP D 552 -31.72 -46.09 1.01
CA ASP D 552 -32.85 -46.78 1.62
C ASP D 552 -34.12 -46.41 0.88
N SER D 553 -34.58 -47.28 -0.01
CA SER D 553 -35.79 -47.04 -0.78
C SER D 553 -36.44 -48.36 -1.12
N PHE D 554 -37.73 -48.31 -1.43
CA PHE D 554 -38.50 -49.47 -1.83
C PHE D 554 -39.25 -49.18 -3.12
N MET D 555 -39.55 -50.24 -3.87
CA MET D 555 -40.25 -50.15 -5.15
C MET D 555 -39.48 -49.25 -6.12
N GLN D 556 -38.26 -49.71 -6.47
CA GLN D 556 -37.34 -49.07 -7.40
C GLN D 556 -36.79 -47.76 -6.81
N PRO D 557 -35.64 -47.28 -7.29
CA PRO D 557 -35.09 -46.04 -6.72
C PRO D 557 -35.99 -44.83 -6.93
N PHE D 558 -36.37 -44.54 -8.17
CA PHE D 558 -37.18 -43.36 -8.47
C PHE D 558 -38.37 -43.62 -9.38
N GLN D 559 -38.37 -44.69 -10.16
CA GLN D 559 -39.50 -45.01 -11.05
C GLN D 559 -40.24 -46.20 -10.44
N SER D 560 -41.19 -45.91 -9.55
CA SER D 560 -41.95 -46.97 -8.90
C SER D 560 -42.82 -47.73 -9.90
N THR D 561 -43.14 -47.12 -11.04
CA THR D 561 -43.94 -47.78 -12.06
C THR D 561 -43.17 -48.83 -12.84
N LEU D 562 -41.85 -48.95 -12.61
CA LEU D 562 -41.06 -49.94 -13.33
C LEU D 562 -41.49 -51.36 -13.00
N TRP D 563 -41.81 -51.64 -11.73
CA TRP D 563 -42.26 -52.96 -11.34
C TRP D 563 -43.58 -53.32 -12.02
N LEU D 564 -44.51 -52.37 -12.07
CA LEU D 564 -45.77 -52.59 -12.77
C LEU D 564 -45.53 -52.80 -14.26
N LEU D 565 -44.61 -52.04 -14.84
CA LEU D 565 -44.31 -52.17 -16.27
C LEU D 565 -43.75 -53.55 -16.57
N VAL D 566 -42.81 -54.03 -15.76
CA VAL D 566 -42.23 -55.35 -16.02
C VAL D 566 -43.25 -56.44 -15.75
N GLY D 567 -44.15 -56.24 -14.77
CA GLY D 567 -45.20 -57.21 -14.54
C GLY D 567 -46.15 -57.33 -15.72
N LEU D 568 -46.60 -56.18 -16.25
CA LEU D 568 -47.47 -56.23 -17.42
C LEU D 568 -46.74 -56.77 -18.64
N SER D 569 -45.44 -56.50 -18.75
CA SER D 569 -44.66 -57.05 -19.86
C SER D 569 -44.57 -58.57 -19.77
N VAL D 570 -44.30 -59.10 -18.57
CA VAL D 570 -44.21 -60.55 -18.42
C VAL D 570 -45.57 -61.20 -18.55
N HIS D 571 -46.66 -60.47 -18.27
CA HIS D 571 -47.99 -61.01 -18.52
C HIS D 571 -48.30 -61.06 -20.02
N VAL D 572 -48.01 -59.98 -20.74
CA VAL D 572 -48.35 -59.93 -22.16
C VAL D 572 -47.46 -60.89 -22.96
N VAL D 573 -46.18 -61.03 -22.60
CA VAL D 573 -45.34 -61.96 -23.32
C VAL D 573 -45.81 -63.39 -23.09
N ALA D 574 -46.27 -63.69 -21.87
CA ALA D 574 -46.78 -65.02 -21.59
C ALA D 574 -48.07 -65.30 -22.35
N VAL D 575 -48.98 -64.33 -22.40
CA VAL D 575 -50.23 -64.56 -23.11
C VAL D 575 -49.99 -64.66 -24.62
N MET D 576 -49.05 -63.90 -25.16
CA MET D 576 -48.77 -64.02 -26.59
C MET D 576 -48.02 -65.32 -26.90
N LEU D 577 -47.19 -65.81 -25.98
CA LEU D 577 -46.59 -67.13 -26.15
C LEU D 577 -47.66 -68.21 -26.15
N TYR D 578 -48.64 -68.10 -25.25
CA TYR D 578 -49.75 -69.05 -25.25
C TYR D 578 -50.54 -68.98 -26.55
N LEU D 579 -50.77 -67.77 -27.07
CA LEU D 579 -51.47 -67.63 -28.34
C LEU D 579 -50.69 -68.26 -29.48
N LEU D 580 -49.37 -68.06 -29.51
CA LEU D 580 -48.54 -68.59 -30.58
C LEU D 580 -48.29 -70.09 -30.44
N ASP D 581 -48.54 -70.66 -29.26
CA ASP D 581 -48.36 -72.11 -29.10
C ASP D 581 -49.28 -72.90 -30.02
N ARG D 582 -50.49 -72.41 -30.26
CA ARG D 582 -51.45 -73.09 -31.14
C ARG D 582 -51.15 -72.71 -32.59
N PHE D 583 -50.03 -73.24 -33.08
CA PHE D 583 -49.59 -72.99 -34.44
C PHE D 583 -48.87 -74.23 -34.96
N SER D 584 -48.91 -74.41 -36.28
CA SER D 584 -48.28 -75.55 -36.92
C SER D 584 -46.77 -75.33 -37.05
N LEU D 601 -48.76 -76.76 -21.44
CA LEU D 601 -48.76 -75.53 -22.24
C LEU D 601 -50.16 -74.92 -22.30
N THR D 602 -50.94 -75.12 -21.25
CA THR D 602 -52.33 -74.68 -21.26
C THR D 602 -52.69 -73.77 -20.09
N LEU D 603 -52.10 -73.97 -18.91
CA LEU D 603 -52.53 -73.25 -17.72
C LEU D 603 -51.46 -72.28 -17.21
N SER D 604 -50.27 -72.77 -16.84
CA SER D 604 -49.28 -71.91 -16.20
C SER D 604 -47.84 -72.18 -16.65
N SER D 605 -47.62 -73.05 -17.63
CA SER D 605 -46.26 -73.37 -18.04
C SER D 605 -45.56 -72.16 -18.64
N ALA D 606 -46.29 -71.36 -19.42
CA ALA D 606 -45.69 -70.17 -20.01
C ALA D 606 -45.24 -69.18 -18.95
N MET D 607 -46.08 -68.94 -17.93
CA MET D 607 -45.69 -68.04 -16.86
C MET D 607 -44.52 -68.61 -16.06
N TRP D 608 -44.52 -69.92 -15.80
CA TRP D 608 -43.41 -70.52 -15.07
C TRP D 608 -42.11 -70.39 -15.84
N PHE D 609 -42.15 -70.63 -17.16
CA PHE D 609 -40.96 -70.49 -17.98
C PHE D 609 -40.49 -69.04 -18.04
N SER D 610 -41.43 -68.10 -18.14
CA SER D 610 -41.07 -66.68 -18.16
C SER D 610 -40.39 -66.28 -16.87
N TRP D 611 -40.93 -66.72 -15.73
CA TRP D 611 -40.30 -66.42 -14.45
C TRP D 611 -38.92 -67.06 -14.34
N GLY D 612 -38.79 -68.33 -14.76
CA GLY D 612 -37.52 -69.02 -14.69
C GLY D 612 -36.45 -68.51 -15.63
N VAL D 613 -36.84 -67.86 -16.72
CA VAL D 613 -35.86 -67.23 -17.61
C VAL D 613 -35.59 -65.78 -17.23
N LEU D 614 -36.54 -65.08 -16.61
CA LEU D 614 -36.28 -63.73 -16.13
C LEU D 614 -35.37 -63.77 -14.90
N LEU D 615 -35.54 -64.77 -14.04
CA LEU D 615 -34.75 -64.92 -12.82
C LEU D 615 -33.75 -66.05 -13.00
N ASN D 616 -32.89 -66.20 -11.99
CA ASN D 616 -31.88 -67.25 -11.98
C ASN D 616 -32.47 -68.49 -11.30
N SER D 617 -33.24 -69.25 -12.07
CA SER D 617 -33.89 -70.44 -11.55
C SER D 617 -34.18 -71.39 -12.70
N GLY D 618 -34.44 -72.65 -12.37
CA GLY D 618 -34.73 -73.66 -13.35
C GLY D 618 -36.19 -73.70 -13.76
N SER D 626 -42.45 -73.25 -33.22
CA SER D 626 -41.18 -73.63 -33.83
C SER D 626 -40.17 -72.49 -33.75
N PHE D 627 -40.02 -71.75 -34.84
CA PHE D 627 -39.09 -70.63 -34.87
C PHE D 627 -39.55 -69.46 -34.00
N SER D 628 -40.85 -69.38 -33.69
CA SER D 628 -41.34 -68.31 -32.85
C SER D 628 -40.79 -68.42 -31.44
N ALA D 629 -40.68 -69.64 -30.91
CA ALA D 629 -40.19 -69.82 -29.55
C ALA D 629 -38.76 -69.35 -29.40
N ARG D 630 -37.91 -69.62 -30.40
CA ARG D 630 -36.51 -69.24 -30.31
C ARG D 630 -36.34 -67.72 -30.25
N ILE D 631 -36.98 -67.01 -31.18
CA ILE D 631 -36.86 -65.55 -31.18
C ILE D 631 -37.55 -64.96 -29.96
N LEU D 632 -38.64 -65.56 -29.49
CA LEU D 632 -39.30 -65.09 -28.27
C LEU D 632 -38.35 -65.19 -27.08
N GLY D 633 -37.67 -66.33 -26.95
CA GLY D 633 -36.70 -66.49 -25.88
C GLY D 633 -35.51 -65.56 -26.00
N MET D 634 -35.07 -65.28 -27.24
CA MET D 634 -33.97 -64.34 -27.43
C MET D 634 -34.36 -62.94 -27.00
N VAL D 635 -35.52 -62.46 -27.45
CA VAL D 635 -35.95 -61.10 -27.12
C VAL D 635 -36.25 -60.98 -25.64
N TRP D 636 -36.83 -62.02 -25.03
CA TRP D 636 -37.12 -61.95 -23.61
C TRP D 636 -35.84 -62.00 -22.78
N ALA D 637 -34.85 -62.77 -23.23
CA ALA D 637 -33.54 -62.76 -22.58
C ALA D 637 -32.89 -61.39 -22.68
N GLY D 638 -33.00 -60.75 -23.84
CA GLY D 638 -32.48 -59.40 -23.99
C GLY D 638 -33.19 -58.41 -23.07
N PHE D 639 -34.50 -58.55 -22.93
CA PHE D 639 -35.26 -57.71 -22.01
C PHE D 639 -34.83 -57.95 -20.56
N ALA D 640 -34.57 -59.21 -20.20
CA ALA D 640 -34.13 -59.53 -18.85
C ALA D 640 -32.74 -59.01 -18.55
N MET D 641 -31.83 -59.01 -19.53
CA MET D 641 -30.47 -58.58 -19.29
C MET D 641 -30.41 -57.11 -18.88
N ILE D 642 -31.14 -56.26 -19.60
CA ILE D 642 -31.09 -54.82 -19.32
C ILE D 642 -31.68 -54.47 -17.97
N ILE D 643 -32.66 -55.23 -17.48
CA ILE D 643 -33.26 -54.96 -16.18
C ILE D 643 -32.20 -55.13 -15.07
N VAL D 644 -31.50 -56.26 -15.08
CA VAL D 644 -30.48 -56.49 -14.06
C VAL D 644 -29.29 -55.56 -14.28
N ALA D 645 -28.99 -55.22 -15.54
CA ALA D 645 -27.91 -54.26 -15.79
C ALA D 645 -28.21 -52.91 -15.16
N SER D 646 -29.44 -52.42 -15.35
CA SER D 646 -29.83 -51.16 -14.74
C SER D 646 -29.90 -51.26 -13.22
N TYR D 647 -30.36 -52.41 -12.70
CA TYR D 647 -30.42 -52.59 -11.26
C TYR D 647 -29.03 -52.54 -10.64
N THR D 648 -28.03 -53.12 -11.30
CA THR D 648 -26.66 -53.02 -10.80
C THR D 648 -26.10 -51.61 -10.98
N ALA D 649 -26.41 -50.98 -12.12
CA ALA D 649 -25.84 -49.67 -12.43
C ALA D 649 -26.32 -48.60 -11.46
N ASN D 650 -27.62 -48.58 -11.16
CA ASN D 650 -28.14 -47.58 -10.23
C ASN D 650 -27.58 -47.78 -8.83
N LEU D 651 -27.44 -49.03 -8.38
CA LEU D 651 -26.84 -49.29 -7.07
C LEU D 651 -25.38 -48.84 -7.05
N ALA D 652 -24.63 -49.10 -8.13
CA ALA D 652 -23.24 -48.67 -8.18
C ALA D 652 -23.14 -47.15 -8.16
N ALA D 653 -24.03 -46.46 -8.89
CA ALA D 653 -24.02 -45.00 -8.89
C ALA D 653 -24.34 -44.46 -7.50
N PHE D 654 -25.34 -45.04 -6.83
CA PHE D 654 -25.69 -44.61 -5.48
C PHE D 654 -24.52 -44.84 -4.52
N LEU D 655 -23.83 -45.98 -4.65
CA LEU D 655 -22.71 -46.27 -3.78
C LEU D 655 -21.56 -45.29 -4.01
N VAL D 656 -21.27 -44.95 -5.26
CA VAL D 656 -20.19 -44.01 -5.54
C VAL D 656 -20.58 -42.57 -5.22
N LEU D 657 -21.87 -42.27 -5.11
CA LEU D 657 -22.31 -40.97 -4.62
C LEU D 657 -22.77 -41.03 -3.17
N ASP D 658 -22.55 -42.16 -2.50
CA ASP D 658 -23.01 -42.35 -1.13
C ASP D 658 -22.22 -41.53 -0.11
N ARG D 659 -21.13 -40.89 -0.52
CA ARG D 659 -20.35 -40.06 0.39
C ARG D 659 -21.20 -38.88 0.87
N PRO D 660 -21.37 -38.70 2.18
CA PRO D 660 -22.21 -37.59 2.66
C PRO D 660 -21.60 -36.22 2.36
N GLU D 661 -20.35 -36.01 2.78
CA GLU D 661 -19.67 -34.75 2.57
C GLU D 661 -18.18 -34.97 2.73
N GLU D 662 -17.41 -34.01 2.23
CA GLU D 662 -15.95 -34.04 2.32
C GLU D 662 -15.50 -33.05 3.38
N ARG D 663 -14.58 -33.47 4.25
CA ARG D 663 -14.15 -32.65 5.36
C ARG D 663 -13.49 -31.36 4.86
N ILE D 664 -13.82 -30.25 5.53
CA ILE D 664 -13.29 -28.95 5.12
C ILE D 664 -11.80 -28.90 5.39
N THR D 665 -11.04 -28.51 4.37
CA THR D 665 -9.58 -28.44 4.48
C THR D 665 -9.08 -27.12 5.04
N GLY D 666 -9.95 -26.13 5.20
CA GLY D 666 -9.52 -24.85 5.75
C GLY D 666 -10.47 -23.74 5.30
N ILE D 667 -10.00 -22.50 5.52
CA ILE D 667 -10.80 -21.33 5.16
C ILE D 667 -10.96 -21.17 3.66
N ASN D 668 -10.10 -21.81 2.87
CA ASN D 668 -10.15 -21.72 1.42
C ASN D 668 -11.13 -22.70 0.80
N ASP D 669 -11.84 -23.48 1.61
CA ASP D 669 -12.80 -24.43 1.09
C ASP D 669 -13.96 -23.67 0.45
N PRO D 670 -14.33 -23.99 -0.80
CA PRO D 670 -15.43 -23.26 -1.45
C PRO D 670 -16.76 -23.41 -0.74
N ARG D 671 -16.96 -24.50 0.01
CA ARG D 671 -18.23 -24.68 0.72
C ARG D 671 -18.43 -23.60 1.77
N LEU D 672 -17.38 -23.25 2.51
CA LEU D 672 -17.50 -22.22 3.53
C LEU D 672 -17.67 -20.84 2.90
N ARG D 673 -17.02 -20.60 1.76
CA ARG D 673 -17.07 -19.28 1.13
C ARG D 673 -18.49 -18.89 0.70
N ASN D 674 -19.39 -19.86 0.53
CA ASN D 674 -20.77 -19.61 0.17
C ASN D 674 -21.67 -20.36 1.15
N PRO D 675 -21.84 -19.84 2.37
CA PRO D 675 -22.69 -20.53 3.34
C PRO D 675 -24.14 -20.57 2.87
N SER D 676 -24.80 -21.68 3.18
CA SER D 676 -26.19 -21.90 2.82
C SER D 676 -26.95 -22.48 4.02
N ASP D 677 -28.26 -22.70 3.82
CA ASP D 677 -29.09 -23.27 4.86
C ASP D 677 -28.78 -24.74 5.14
N LYS D 678 -28.22 -25.46 4.17
CA LYS D 678 -27.88 -26.86 4.38
C LYS D 678 -26.64 -27.02 5.25
N PHE D 679 -25.76 -26.03 5.30
CA PHE D 679 -24.54 -26.09 6.09
C PHE D 679 -24.39 -24.75 6.80
N ILE D 680 -24.80 -24.68 8.05
CA ILE D 680 -24.80 -23.45 8.83
C ILE D 680 -23.66 -23.49 9.83
N TYR D 681 -22.94 -22.37 9.95
CA TYR D 681 -21.83 -22.25 10.89
C TYR D 681 -21.72 -20.78 11.30
N ALA D 682 -21.37 -20.55 12.57
CA ALA D 682 -21.29 -19.19 13.07
C ALA D 682 -20.40 -19.17 14.31
N THR D 683 -19.97 -17.96 14.68
CA THR D 683 -19.21 -17.74 15.89
C THR D 683 -20.17 -17.56 17.07
N VAL D 684 -19.60 -17.13 18.20
CA VAL D 684 -20.37 -16.90 19.42
C VAL D 684 -20.94 -15.49 19.44
N LYS D 685 -20.07 -14.51 19.67
CA LYS D 685 -20.50 -13.12 19.72
C LYS D 685 -19.40 -12.18 19.23
N GLN D 686 -18.49 -11.84 20.13
CA GLN D 686 -17.38 -10.94 19.80
C GLN D 686 -16.02 -11.54 20.19
N SER D 687 -15.72 -12.73 19.68
CA SER D 687 -14.46 -13.38 19.96
C SER D 687 -13.37 -12.74 19.11
N SER D 688 -12.11 -12.89 19.53
CA SER D 688 -11.01 -12.30 18.77
C SER D 688 -11.29 -12.75 17.34
N VAL D 689 -12.21 -13.70 17.20
CA VAL D 689 -12.60 -14.23 15.89
C VAL D 689 -13.47 -13.22 15.15
N ASP D 690 -14.45 -12.64 15.85
CA ASP D 690 -15.31 -11.64 15.23
C ASP D 690 -14.51 -10.38 14.87
N ILE D 691 -13.57 -9.98 15.72
CA ILE D 691 -12.74 -8.81 15.44
C ILE D 691 -11.91 -9.06 14.17
N TYR D 692 -11.33 -10.25 14.04
CA TYR D 692 -10.57 -10.58 12.85
C TYR D 692 -11.47 -10.60 11.61
N PHE D 693 -12.68 -11.16 11.74
CA PHE D 693 -13.58 -11.21 10.60
C PHE D 693 -14.10 -9.83 10.20
N ARG D 694 -14.14 -8.88 11.14
CA ARG D 694 -14.60 -7.54 10.81
C ARG D 694 -13.69 -6.87 9.79
N ARG D 695 -12.37 -7.00 9.97
CA ARG D 695 -11.43 -6.36 9.07
C ARG D 695 -11.30 -7.06 7.72
N GLN D 696 -11.84 -8.27 7.59
CA GLN D 696 -11.79 -9.01 6.33
C GLN D 696 -12.97 -8.58 5.47
N VAL D 697 -12.71 -7.64 4.56
CA VAL D 697 -13.76 -7.15 3.67
C VAL D 697 -14.20 -8.21 2.68
N CYS D 698 -13.35 -9.19 2.39
CA CYS D 698 -13.69 -10.26 1.46
C CYS D 698 -14.64 -11.29 2.04
N LEU D 699 -14.92 -11.23 3.34
CA LEU D 699 -15.82 -12.17 4.00
C LEU D 699 -17.23 -11.60 4.16
N SER D 700 -17.68 -10.81 3.18
CA SER D 700 -19.03 -10.28 3.22
C SER D 700 -20.07 -11.40 3.18
N THR D 701 -19.84 -12.40 2.34
CA THR D 701 -20.73 -13.56 2.32
C THR D 701 -20.72 -14.29 3.65
N MET D 702 -19.56 -14.38 4.30
CA MET D 702 -19.48 -14.98 5.62
C MET D 702 -20.33 -14.21 6.63
N TYR D 703 -20.22 -12.88 6.61
CA TYR D 703 -20.95 -12.07 7.57
C TYR D 703 -22.44 -11.99 7.28
N ARG D 704 -22.85 -12.18 6.02
CA ARG D 704 -24.27 -12.17 5.70
C ARG D 704 -25.01 -13.39 6.22
N HIS D 705 -24.31 -14.39 6.72
CA HIS D 705 -24.96 -15.60 7.21
C HIS D 705 -24.56 -15.96 8.64
N MET D 706 -23.32 -15.69 9.04
CA MET D 706 -22.87 -16.09 10.37
C MET D 706 -23.48 -15.21 11.46
N GLU D 707 -23.80 -13.96 11.14
CA GLU D 707 -24.35 -13.05 12.14
C GLU D 707 -25.75 -13.45 12.60
N LYS D 708 -26.44 -14.30 11.86
CA LYS D 708 -27.80 -14.70 12.21
C LYS D 708 -27.86 -16.01 13.00
N HIS D 709 -26.71 -16.60 13.32
CA HIS D 709 -26.67 -17.86 14.06
C HIS D 709 -25.73 -17.83 15.25
N ASN D 710 -25.37 -16.64 15.74
CA ASN D 710 -24.48 -16.55 16.90
C ASN D 710 -25.21 -17.02 18.15
N TYR D 711 -24.47 -17.71 19.02
CA TYR D 711 -25.00 -18.22 20.28
C TYR D 711 -24.32 -17.53 21.46
N GLU D 712 -25.01 -17.53 22.61
CA GLU D 712 -24.54 -16.79 23.76
C GLU D 712 -23.22 -17.32 24.30
N SER D 713 -23.05 -18.64 24.36
CA SER D 713 -21.87 -19.21 24.98
C SER D 713 -21.33 -20.35 24.13
N ALA D 714 -20.03 -20.60 24.25
CA ALA D 714 -19.40 -21.69 23.51
C ALA D 714 -19.92 -23.05 23.96
N ALA D 715 -20.21 -23.20 25.25
CA ALA D 715 -20.79 -24.45 25.73
C ALA D 715 -22.16 -24.69 25.10
N GLU D 716 -22.99 -23.66 25.03
CA GLU D 716 -24.29 -23.79 24.36
C GLU D 716 -24.12 -24.11 22.88
N ALA D 717 -23.14 -23.47 22.24
CA ALA D 717 -22.92 -23.71 20.81
C ALA D 717 -22.49 -25.15 20.56
N ILE D 718 -21.57 -25.67 21.38
CA ILE D 718 -21.10 -27.03 21.17
C ILE D 718 -22.19 -28.04 21.53
N GLN D 719 -23.02 -27.72 22.53
CA GLN D 719 -24.15 -28.58 22.83
C GLN D 719 -25.14 -28.63 21.67
N ALA D 720 -25.40 -27.47 21.04
CA ALA D 720 -26.27 -27.44 19.87
C ALA D 720 -25.67 -28.23 18.72
N VAL D 721 -24.36 -28.10 18.50
CA VAL D 721 -23.69 -28.86 17.45
C VAL D 721 -23.83 -30.36 17.70
N ARG D 722 -23.65 -30.79 18.95
CA ARG D 722 -23.85 -32.19 19.30
C ARG D 722 -25.31 -32.60 19.11
N ASP D 723 -26.24 -31.67 19.28
CA ASP D 723 -27.66 -31.93 19.10
C ASP D 723 -28.12 -31.72 17.66
N ASN D 724 -27.20 -31.79 16.69
CA ASN D 724 -27.53 -31.67 15.27
C ASN D 724 -28.23 -30.36 14.94
N LYS D 725 -27.82 -29.26 15.59
CA LYS D 725 -28.38 -27.94 15.28
C LYS D 725 -27.49 -27.19 14.29
N LEU D 726 -26.20 -27.06 14.62
CA LEU D 726 -25.24 -26.40 13.73
C LEU D 726 -24.34 -27.45 13.10
N HIS D 727 -24.19 -27.39 11.78
CA HIS D 727 -23.33 -28.34 11.07
C HIS D 727 -21.86 -28.13 11.39
N ALA D 728 -21.45 -26.91 11.73
CA ALA D 728 -20.06 -26.63 12.04
C ALA D 728 -19.99 -25.55 13.11
N PHE D 729 -18.89 -25.58 13.86
CA PHE D 729 -18.63 -24.60 14.92
C PHE D 729 -17.21 -24.10 14.80
N ILE D 730 -17.02 -22.79 15.01
CA ILE D 730 -15.69 -22.19 14.88
C ILE D 730 -15.17 -21.66 16.20
N TRP D 731 -14.11 -22.29 16.71
CA TRP D 731 -13.50 -21.90 17.97
C TRP D 731 -12.04 -22.31 17.99
N ASP D 732 -11.27 -21.77 18.92
CA ASP D 732 -9.87 -22.12 19.02
C ASP D 732 -9.70 -23.62 19.15
N SER D 733 -8.66 -24.15 18.48
CA SER D 733 -8.44 -25.59 18.48
C SER D 733 -8.04 -26.10 19.87
N ALA D 734 -7.54 -25.22 20.73
CA ALA D 734 -7.13 -25.65 22.07
C ALA D 734 -8.29 -26.21 22.88
N VAL D 735 -9.52 -25.87 22.52
CA VAL D 735 -10.71 -26.41 23.17
C VAL D 735 -11.39 -27.48 22.32
N LEU D 736 -11.46 -27.25 21.00
CA LEU D 736 -12.11 -28.20 20.11
C LEU D 736 -11.38 -29.54 20.09
N GLU D 737 -10.05 -29.51 20.03
CA GLU D 737 -9.27 -30.76 20.03
C GLU D 737 -9.45 -31.51 21.34
N PHE D 738 -9.47 -30.79 22.47
CA PHE D 738 -9.71 -31.43 23.76
C PHE D 738 -11.09 -32.06 23.82
N GLU D 739 -12.10 -31.36 23.31
CA GLU D 739 -13.46 -31.91 23.30
C GLU D 739 -13.53 -33.15 22.40
N ALA D 740 -12.84 -33.12 21.26
CA ALA D 740 -12.82 -34.28 20.38
C ALA D 740 -12.11 -35.46 21.04
N SER D 741 -11.02 -35.20 21.76
CA SER D 741 -10.33 -36.27 22.46
C SER D 741 -11.19 -36.87 23.57
N GLN D 742 -11.91 -36.01 24.30
CA GLN D 742 -12.74 -36.51 25.39
C GLN D 742 -13.96 -37.27 24.87
N LYS D 743 -14.62 -36.76 23.84
CA LYS D 743 -15.80 -37.38 23.26
C LYS D 743 -15.56 -37.56 21.77
N CYS D 744 -15.69 -38.80 21.29
CA CYS D 744 -15.43 -39.11 19.89
C CYS D 744 -16.57 -38.73 18.97
N ASP D 745 -17.69 -38.26 19.51
CA ASP D 745 -18.82 -37.87 18.66
C ASP D 745 -18.50 -36.68 17.76
N LEU D 746 -17.48 -35.90 18.10
CA LEU D 746 -17.07 -34.74 17.32
C LEU D 746 -15.62 -34.89 16.88
N VAL D 747 -15.34 -34.54 15.63
CA VAL D 747 -14.01 -34.60 15.06
C VAL D 747 -13.67 -33.24 14.46
N THR D 748 -12.51 -32.70 14.82
CA THR D 748 -12.08 -31.39 14.34
C THR D 748 -11.52 -31.52 12.92
N THR D 749 -11.92 -30.59 12.05
CA THR D 749 -11.42 -30.57 10.69
C THR D 749 -10.68 -29.28 10.40
N GLY D 750 -10.22 -29.11 9.16
CA GLY D 750 -9.45 -27.94 8.80
C GLY D 750 -7.99 -28.06 9.20
N GLU D 751 -7.08 -27.68 8.31
CA GLU D 751 -5.66 -27.80 8.60
C GLU D 751 -5.23 -26.75 9.62
N LEU D 752 -5.38 -25.47 9.26
CA LEU D 752 -5.08 -24.34 10.13
C LEU D 752 -5.43 -23.06 9.37
N PHE D 753 -5.80 -22.03 10.14
CA PHE D 753 -6.07 -20.71 9.58
C PHE D 753 -6.15 -19.71 10.73
N PHE D 754 -5.51 -18.56 10.52
CA PHE D 754 -5.40 -17.51 11.54
C PHE D 754 -4.85 -18.09 12.85
N ARG D 755 -3.61 -18.57 12.76
CA ARG D 755 -2.97 -19.22 13.89
C ARG D 755 -2.58 -18.21 14.95
N SER D 756 -2.68 -18.62 16.21
CA SER D 756 -2.31 -17.79 17.35
C SER D 756 -1.74 -18.69 18.45
N GLY D 757 -0.99 -18.08 19.37
CA GLY D 757 -0.38 -18.82 20.44
C GLY D 757 -0.62 -18.15 21.79
N PHE D 758 -0.38 -18.91 22.85
CA PHE D 758 -0.56 -18.42 24.20
C PHE D 758 0.75 -17.81 24.72
N GLY D 759 0.79 -17.48 26.00
CA GLY D 759 1.98 -16.88 26.56
C GLY D 759 1.79 -16.56 28.03
N ILE D 760 2.76 -15.83 28.57
CA ILE D 760 2.76 -15.43 29.97
C ILE D 760 2.61 -13.92 30.02
N GLY D 761 1.63 -13.45 30.79
CA GLY D 761 1.42 -12.02 30.97
C GLY D 761 2.29 -11.43 32.06
N MET D 762 3.24 -10.59 31.68
CA MET D 762 4.15 -9.96 32.63
C MET D 762 4.21 -8.46 32.38
N ARG D 763 4.49 -7.71 33.43
CA ARG D 763 4.60 -6.27 33.32
C ARG D 763 5.86 -5.87 32.55
N LYS D 764 5.84 -4.65 32.00
CA LYS D 764 6.93 -4.17 31.18
C LYS D 764 8.22 -3.98 31.95
N ASP D 765 8.16 -3.81 33.27
CA ASP D 765 9.34 -3.61 34.10
C ASP D 765 9.77 -4.87 34.82
N SER D 766 9.19 -6.03 34.48
CA SER D 766 9.58 -7.26 35.13
C SER D 766 10.95 -7.71 34.62
N PRO D 767 11.91 -7.93 35.52
CA PRO D 767 13.26 -8.35 35.10
C PRO D 767 13.39 -9.85 34.85
N TRP D 768 12.30 -10.59 34.82
CA TRP D 768 12.35 -12.04 34.62
C TRP D 768 12.11 -12.45 33.17
N LYS D 769 11.99 -11.48 32.26
CA LYS D 769 11.63 -11.79 30.88
C LYS D 769 12.66 -12.70 30.23
N GLN D 770 13.94 -12.30 30.29
CA GLN D 770 14.99 -13.07 29.61
C GLN D 770 15.14 -14.46 30.21
N ASN D 771 15.13 -14.57 31.53
CA ASN D 771 15.29 -15.88 32.17
C ASN D 771 14.10 -16.79 31.88
N VAL D 772 12.89 -16.23 31.93
CA VAL D 772 11.70 -17.02 31.61
C VAL D 772 11.76 -17.51 30.17
N SER D 773 12.15 -16.62 29.24
CA SER D 773 12.23 -17.01 27.84
C SER D 773 13.29 -18.10 27.64
N LEU D 774 14.45 -17.97 28.29
CA LEU D 774 15.48 -18.99 28.17
C LEU D 774 15.02 -20.32 28.74
N SER D 775 14.35 -20.30 29.88
CA SER D 775 13.85 -21.54 30.47
C SER D 775 12.81 -22.19 29.58
N ILE D 776 11.91 -21.40 29.00
CA ILE D 776 10.89 -21.95 28.12
C ILE D 776 11.52 -22.56 26.87
N LEU D 777 12.52 -21.88 26.30
CA LEU D 777 13.21 -22.43 25.13
C LEU D 777 13.93 -23.72 25.47
N LYS D 778 14.59 -23.77 26.64
CA LYS D 778 15.29 -24.98 27.05
C LYS D 778 14.32 -26.13 27.24
N SER D 779 13.19 -25.87 27.90
CA SER D 779 12.19 -26.91 28.09
C SER D 779 11.60 -27.38 26.76
N HIS D 780 11.37 -26.45 25.82
CA HIS D 780 10.85 -26.83 24.52
C HIS D 780 11.84 -27.70 23.76
N GLU D 781 13.13 -27.36 23.82
CA GLU D 781 14.14 -28.14 23.13
C GLU D 781 14.44 -29.47 23.82
N ASN D 782 14.18 -29.58 25.12
CA ASN D 782 14.43 -30.82 25.84
C ASN D 782 13.30 -31.84 25.69
N GLY D 783 12.22 -31.50 25.00
CA GLY D 783 11.12 -32.42 24.80
C GLY D 783 10.12 -32.48 25.95
N PHE D 784 10.26 -31.61 26.95
CA PHE D 784 9.31 -31.59 28.05
C PHE D 784 7.91 -31.20 27.58
N MET D 785 7.81 -30.28 26.62
CA MET D 785 6.52 -29.85 26.11
C MET D 785 5.77 -31.00 25.46
N GLU D 786 6.48 -31.84 24.70
CA GLU D 786 5.84 -32.99 24.09
C GLU D 786 5.33 -33.99 25.13
N ASP D 787 6.11 -34.24 26.18
CA ASP D 787 5.66 -35.14 27.24
C ASP D 787 4.44 -34.57 27.96
N LEU D 788 4.44 -33.26 28.22
CA LEU D 788 3.29 -32.63 28.85
C LEU D 788 2.05 -32.70 27.96
N ASP D 789 2.22 -32.50 26.65
CA ASP D 789 1.10 -32.62 25.73
C ASP D 789 0.56 -34.04 25.71
N LYS D 790 1.45 -35.04 25.72
CA LYS D 790 1.02 -36.43 25.74
C LYS D 790 0.26 -36.76 27.02
N THR D 791 0.74 -36.26 28.15
CA THR D 791 0.18 -36.62 29.45
C THR D 791 -0.92 -35.66 29.93
N TRP D 792 -1.27 -34.64 29.16
CA TRP D 792 -2.29 -33.67 29.58
C TRP D 792 -3.28 -33.28 28.51
N VAL D 793 -2.97 -33.43 27.22
CA VAL D 793 -3.85 -32.97 26.16
C VAL D 793 -4.45 -34.16 25.41
N ARG D 794 -3.58 -34.98 24.83
CA ARG D 794 -4.02 -36.12 24.01
C ARG D 794 -4.30 -37.30 24.92
N TYR D 795 -5.58 -37.53 25.23
CA TYR D 795 -6.02 -38.65 26.04
C TYR D 795 -7.02 -39.47 25.23
N GLN D 796 -6.87 -40.80 25.29
CA GLN D 796 -7.73 -41.78 24.61
C GLN D 796 -8.13 -41.28 23.21
N GLU D 797 -7.12 -41.24 22.34
CA GLU D 797 -7.33 -40.81 20.95
C GLU D 797 -8.35 -41.72 20.26
N CYS D 798 -9.29 -41.09 19.56
CA CYS D 798 -10.35 -41.83 18.89
C CYS D 798 -9.82 -42.54 17.64
N THR D 809 -25.65 -53.93 9.48
CA THR D 809 -25.10 -52.78 10.19
C THR D 809 -26.20 -51.86 10.68
N PHE D 810 -26.44 -50.77 9.95
CA PHE D 810 -27.43 -49.77 10.37
C PHE D 810 -28.80 -50.09 9.77
N GLU D 811 -29.74 -49.16 9.92
CA GLU D 811 -31.13 -49.38 9.53
C GLU D 811 -31.30 -49.52 8.02
N ASN D 812 -30.38 -48.95 7.24
CA ASN D 812 -30.53 -48.90 5.79
C ASN D 812 -30.68 -50.27 5.15
N MET D 813 -29.63 -51.08 5.20
CA MET D 813 -29.64 -52.38 4.56
C MET D 813 -30.32 -53.44 5.41
N ALA D 814 -30.59 -53.15 6.69
CA ALA D 814 -31.46 -54.03 7.47
C ALA D 814 -32.90 -53.90 7.00
N GLY D 815 -33.39 -52.66 6.83
CA GLY D 815 -34.73 -52.42 6.33
C GLY D 815 -34.92 -52.83 4.89
N VAL D 816 -33.95 -52.52 4.03
CA VAL D 816 -34.06 -52.89 2.62
C VAL D 816 -34.08 -54.40 2.46
N PHE D 817 -33.59 -55.15 3.45
CA PHE D 817 -33.68 -56.61 3.42
C PHE D 817 -34.97 -57.10 4.06
N MET D 818 -35.37 -56.48 5.18
CA MET D 818 -36.54 -56.95 5.89
C MET D 818 -37.83 -56.70 5.13
N LEU D 819 -37.89 -55.66 4.30
CA LEU D 819 -39.08 -55.43 3.49
C LEU D 819 -39.31 -56.59 2.53
N VAL D 820 -38.28 -56.95 1.75
CA VAL D 820 -38.42 -58.05 0.82
C VAL D 820 -38.55 -59.39 1.55
N ALA D 821 -37.93 -59.53 2.72
CA ALA D 821 -38.11 -60.77 3.49
C ALA D 821 -39.56 -60.93 3.95
N GLY D 822 -40.17 -59.86 4.43
CA GLY D 822 -41.58 -59.91 4.79
C GLY D 822 -42.47 -60.19 3.59
N GLY D 823 -42.18 -59.55 2.46
CA GLY D 823 -42.93 -59.85 1.26
C GLY D 823 -42.83 -61.31 0.86
N ILE D 824 -41.62 -61.87 0.89
CA ILE D 824 -41.41 -63.26 0.51
C ILE D 824 -42.13 -64.20 1.47
N VAL D 825 -42.04 -63.94 2.78
CA VAL D 825 -42.68 -64.84 3.74
C VAL D 825 -44.20 -64.75 3.64
N ALA D 826 -44.74 -63.55 3.39
CA ALA D 826 -46.18 -63.43 3.18
C ALA D 826 -46.61 -64.18 1.91
N GLY D 827 -45.82 -64.06 0.85
CA GLY D 827 -46.13 -64.80 -0.36
C GLY D 827 -46.09 -66.31 -0.14
N ILE D 828 -45.10 -66.78 0.62
CA ILE D 828 -45.01 -68.21 0.92
C ILE D 828 -46.22 -68.66 1.73
N PHE D 829 -46.61 -67.87 2.73
CA PHE D 829 -47.77 -68.22 3.54
C PHE D 829 -49.07 -68.21 2.77
N LEU D 830 -49.22 -67.32 1.79
CA LEU D 830 -50.45 -67.23 1.01
C LEU D 830 -50.52 -68.28 -0.09
N ILE D 831 -49.41 -68.48 -0.82
CA ILE D 831 -49.38 -69.42 -1.93
C ILE D 831 -49.61 -70.86 -1.48
N PHE D 832 -49.10 -71.22 -0.30
CA PHE D 832 -49.29 -72.59 0.19
C PHE D 832 -50.78 -72.90 0.37
N ILE D 833 -51.49 -72.05 1.10
CA ILE D 833 -52.92 -72.29 1.31
C ILE D 833 -53.69 -72.14 0.01
N GLU D 834 -53.29 -71.22 -0.87
CA GLU D 834 -53.98 -71.05 -2.14
C GLU D 834 -53.86 -72.32 -2.99
N ILE D 835 -52.66 -72.89 -3.10
CA ILE D 835 -52.48 -74.09 -3.90
C ILE D 835 -53.12 -75.29 -3.23
N ALA D 836 -53.15 -75.32 -1.89
CA ALA D 836 -53.85 -76.40 -1.20
C ALA D 836 -55.34 -76.37 -1.51
N TYR D 837 -55.96 -75.18 -1.48
CA TYR D 837 -57.37 -75.05 -1.82
C TYR D 837 -57.61 -75.39 -3.29
N LYS D 838 -56.70 -74.97 -4.17
CA LYS D 838 -56.84 -75.30 -5.59
C LYS D 838 -56.78 -76.80 -5.82
N ARG D 839 -55.85 -77.49 -5.17
CA ARG D 839 -55.75 -78.93 -5.30
C ARG D 839 -56.98 -79.62 -4.72
N HIS D 840 -57.48 -79.14 -3.59
CA HIS D 840 -58.69 -79.73 -3.01
C HIS D 840 -59.88 -79.55 -3.95
N LYS D 841 -60.02 -78.39 -4.57
CA LYS D 841 -61.09 -78.16 -5.53
C LYS D 841 -60.94 -79.06 -6.75
N ASP D 842 -59.71 -79.21 -7.25
CA ASP D 842 -59.49 -80.06 -8.42
C ASP D 842 -59.80 -81.52 -8.12
N ALA D 843 -59.43 -81.99 -6.92
CA ALA D 843 -59.63 -83.37 -6.52
C ALA D 843 -60.82 -83.53 -5.57
N ARG D 844 -61.87 -82.74 -5.76
CA ARG D 844 -63.06 -82.83 -4.92
C ARG D 844 -63.80 -84.14 -5.15
#